data_8SEZ
#
_entry.id   8SEZ
#
loop_
_entity.id
_entity.type
_entity.pdbx_description
1 polymer 'Ryanodine receptor 1'
2 non-polymer ADENINE
3 non-polymer 'ZINC ION'
#
_entity_poly.entity_id   1
_entity_poly.type   'polypeptide(L)'
_entity_poly.pdbx_seq_one_letter_code
;MGDGGEGEDEVQFLRTDDEVVLQCSATVLKEQLKLCLAAEGFGNRLCFLEPTSNAQNVPPDLAICCFTLEQSLSVRALQE
MLANTVEAGVESSQGGGHRTLLYGHAILLRHAHSRMYLSCLTTSRSMTDKLAFDVGLQEDATGEACWWTMHPASKQRSEG
EKVRVGDDLILVSVSSERYLHLSTASGELQVDASFMQTLWNMNPICSCCEEGYVTGGHVLRLFHGHMDECLTISAADSDD
QRRLVYYEGGAVCTHARSLWRLEPLRISWSGSHLRWGQPLRIRHVTTGRYLALTEDQGLVVVDACKAHTKATSFCFRVSK
EKLDTAPKRDVEGMGPPEIKYGESLCFVQHVASGLWLTYAAPDPKALRLGVLKKKAILHQEGHMDDALFLTRCQQEESQA
ARMIHSTAGLYNQFIKGLDSFSGKPRGSGPPAGPALPIEAVILSLQDLIGYFEPPSEELQHEEKQSKLRSLRNRQSLFQE
EGMLSLVLNCIDRLNVYTTAAHFAEYAGEEAAESWKEIVNLLYELLASLIRGNRANCALFSTNLDWVVSKLDRLEASSGI
LEVLYCVLIESPEVLNIIQENHIKSIISLLDKHGRNHKVLDVLCSLCVCNGVAVRSNQDLITENLLPGRELLLQTNLINY
VTSIRPNIFVGRAEGSTQYGKWYFEVMVDEVVPFLTAQATHLRVGWALTEGYSPYPGGGEGWGGNGVGDDLYSYGFDGLH
LWTGHVARPVTSPGQHLLAPEDVVSCCLDLSVPSISFRINGCPVQGVFEAFNLDGLFFPVVSFSAGVKVRFLLGGRHGEF
KFLPPPGYAPCHEAVLPRERLRLEPIKEYRREGPRGPHLVGPSRCLSHTDFVPCPVDTVQIVLPPHLERIREKLAENIHE
LWALTRIEQGWTYGPVRDDNKRLHPCLVNFHSLPEPERNYNLQMSGETLKTLLALGCHVGMADEKAEDNLKKTKLPKTYM
MSNGYKPAPLDLSHVRLTPAQTTLVDRLAENGHNVWARDRVAQGWSYSAVQDIPARRNPRLVPYRLLDEATKRSNRDSLC
QAVRTLLGYGYNIEPPDQEPSQVENQSRWDRVRIFRAEKSYTVQSGRWYFEFEAVTTGEMRVGWARPELRPDVELGADEL
AYVFNGHRGQRWHLGSEPFGRPWQSGDVVGCMIDLTENTIIFTLNGEVLMSDSGSETAFREIEIGDGFLPVCSLGPGQVG
HLNLGQDVSSLRFFAICGLQEGFEPFAINMQRPVTTWFSKSLPQFEPVPPEHPHYEVARMDGTVDTPPCLRLAHRTWGSQ
NSLVEMLFLRLSLPVQFHQHFRCTAGATPLAPPGLQPPAEDEARAAEPDPDYENLRRSAGGWGEAEGGKEGTAKEGTPGG
TPQPGVEAQPVRAENEKDATTEKNKKRGFLFKAKKAAMMTQPPATPALPRLPHDVVPADNRDDPEIILNTTTYYYSVRVF
AGQEPSCVWVGWVTPDYHQHDMNFDLSKVRAVTVTMGDEQGNVHSSLKCSNCYMVWGGDFVSPGQQGRISHTDLVIGCLV
DLATGLMTFTANGKESNTFFQVEPNTKLFPAVFVLPTHQNVIQFELGKQKNIMPLSAAMFLSERKNPAPQCPPRLEVQML
MPVSWSRMPNHFLQVETRRAGERLGWAVQCQDPLTMMALHIPEENRCMDILELSERLDLQRFHSHTLRLYRAVCALGNNR
VAHALCSHVDQAQLLHALEDAHLPGPLRAGYYDLLISIHLESACRSRRSMLSEYIVPLTPETRAITLFPPGRKGGNARRH
GLPGVGVTTSLRPPHHFSPPCFVAALPAAGVAEAPARLSPAIPLEALRDKALRMLGEAVRDGGQHARDPVGGSVEFQFVP
VLKLVSTLLVMGIFGDEDVKQILKMIEPEVFTEEEEEEEEEEEEEEEEEEDEEEKEEDEEEEEKEDAEKEEEEAPEGEKE
DLEEGLLQMKLPESVKLQMCNLLEYFCDQELQHRVESLAAFAERYVDKLQANQRSRYALLMRAFTMSAAETARRTREFRS
PPQEQINMLLHFKDEADEEDCPLPEDIRQDLQDFHQDLLAHCGIQLEGEEEEPEEETSLSSRLRSLLETVRLVKKKEEKP
EEELPAEEKKPQSLQELVSHMVVRWAQEDYVQSPELVRAMFSLLHRQYDGLGELLRALPRAYTISPSSVEDTMSLLECLG
QIRSLLIVQMGPQEENLMIQSIGNIMNNKVFYQHPNLMRALGMHETVMEVMVNVLGGGETKEIRFPKMVTSCCRFLCYFC
RISRQNQRSMFDHLSYLLENSGIGLGMQGSTPLDVAAASVIDNNELALALQEQDLEKVVSYLAGCGLQSCPMLLAKGYPD
IGWNPCGGERYLDFLRFAVFVNGESVEENANVVVRLLIRKPECFGPALRGEGGSGLLAAIEEAIRISEDPARDGPGVRRD
RRREHFGEEPPEENRVHLGHAIMSFYAALIDLLGRCAPEMHLIQAGKGEALRIRAILRSLVPLDDLVGIISLPLQIPTLG
KDGALVQPKMSASFVPDHKASMVLFLDRVYGIENQDFLLHVLDVGFLPDMRAAASLDTATFSTTEMALALNRYLCLAVLP
LITKCAPLFAGTEHRAIMVDSMLHTVYRLSRGRSLTKAQRDVIEDCLMALCRYIRPSMLQHLLRRLVFDVPILNEFAKMP
LKLLTNHYERCWKYYCLPTGWANFGVTSEEELHLTRKLFWGIFDSLAHKKYDQELYRMAMPCLCAIAGALPPDYVDASYS
SKAEKKATVDAEGNFDPRPVETLNVIIPEKLDSFINKFAEYTHEKWAFDKIQNNWSYGENVDEELKTHPMLRPYKTFSEK
DKEIYRWPIKESLKAMIAWEWTIEKAREGEEERTEKKKTRKISQTAQTYDPREGYNPQPPDLSGVTLSRELQAMAEQLAE
NYHNTWGRKKKQELEAKGGGTHPLLVPYDTLTAKEKARDREKAQELLKFLQMNGYAVTRGLKDMELDTSSIEKRFAFGFL
QQLLRWMDISQEFIAHLEAVVSSGRVEKSPHEQEIKFFAKILLPLINQYFTNHCLYFLSTPAKVLGSGGHASNKEKEMIT
SLFCKLAALVRHRVSLFGTDAPAVVNCLHILARSLDARTVMKSGPEIVKAGLRSFFESASEDIEKMVENLRLGKVSQART
QVKGVGQNLTYTTVALLPVLTTLFQHIAQHQFGDDVILDDVQVSCYRTLCSIYSLGTTKNTYVEKLRPALGECLARLAAA
MPVAFLEPQLNEYNACSVYTTKSPRERAILGLPNSVEEMCPDIPVLDRLMADIGGLAESGARYTEMPHVIEITLPMLCSY
LPRWWERGPEAPPPALPAGAPPPCTAVTSDHLNSLLGNILRIIVNNLGIDEATWMKRLAVFAQPIVSRARPELLHSHFIP
TIGRLRKRAGKVVAEEEQLRLEAKAEAEEGELLVRDEFSVLCRDLYALYPLLIRYVDNNRAHWLTEPNANAEELFRMVGE
IFIYWSKSHNFKREEQNFVVQNEINNMSFLTADSKSKMAKAGDAQSGGSDQERTKKKRRGDRYSVQTSLIVATLKKMLPI
GLNMCAPTDQDLIMLAKTRYALKDTDEEVREFLQNNLHLQGKVEGSPSLRWQMALYRGLPGREEDADDPEKIVRRVQEVS
AVLYHLEQTEHPYKSKKAVWHKLLSKQRRRAVVACFRMTPLYNLPTHRACNMFLESYKAAWILTEDHSFEDRMIDDLSKA
GEQEEEEEEVEEKKPDPLHQLVLHFSRTALTEKSKLDEDYLYMAYADIMAKSCHLEEGGENGEAEEEEVEVSFEEKEMEK
QRLLYQQSRLHTRGAAEMVLQMISACKGETGAMVSSTLKLGISILNGGNAEVQQKMLDYLKDKKEVGFFQSIQALMQTCS
VLDLNAFERQNKAEGLGMVNEDGTVINRQNGEKVMADDEFTQDLFRFLQLLCEGHNNDFQNYLRTQTGNTTTINIIICTV
DYLLRLQESISDFYWYYSGKDVIEEQGKRNFSKAMSVAKQVFNSLTEYIQGPCTGNQQSLAHSRLWDAVVGFLHVFAHMM
MKLAQDSSQIELLKELLDLQKDMVVMLLSLLEGNVVNGMIARQMVDMLVESSSNVEMILKFFDMFLKLKDIVGSEAFQDY
VTDPRGLISKKDFQKAMDSQKQFTGPEIQFLLSCSEADENEMINFEEFANRFQEPARDIGFNVAVLLTNLSEHVPHDPRL
RNFLELAESILEYFRPYLGRIEIMGASRRIERIYFEISETNRAQWEMPQVKESKRQFIFDVVNEGGEAEKMELFVSFCED
TIFEMQIAAQISEPEGEPEADEDEGMGEAAAEGAEEGAAGAEGAAGTVAAGATARLAAAAARALRGLSYRSLRRRVRRLR
RLTAREAATALAALLWAVVARAGAAGAGAAAGALRLLWGSLFGGGLVEGAKKVTVTELLAGMPDPTSDEVHGEQPAGPGG
DADGAGEGEGEGDAAEGDGDEEVAGHEAGPGGAEGVVAVADGGPFRPEGAGGLGDMGDTTPAEPPTPEGSPILKRKLGVD
GEEEELVPEPEPEPEPEPEKADEENGEKEEVPEAPPEPPKKAPPSPPAKKEEAGGAGMEFWGELEVQRVKFLNYLSRNFY
TLRFLALFLAFAINFILLFYKVSDSPPGEDDMEGSAAGDLAGAGSGGGSGWGSGAGEEAEGDEDENMVYYFLEESTGYME
PALWCLSLLHTLVAFLCIIGYNCLKVPLVIFKREKELARKLEFDGLYITEQPGDDDVKGQWDRLVLNTPSFPSNYWDKFV
KRKVLDKHGDIFGRERIAELLGMDLASLEITAHNERKPDPPPGLLTWLMSIDVKYQIWKFGVIFTDNSFLYLGWYMVMSL
LGHYNNFFFAAHLLDIAMGVKTLRTILSSVTHNGKQLVMTVGLLAVVVYLYTVVAFNFFRKFYNKSEDEDEPDMKCDDMM
TCYLFHMYVGVRAGGGIGDEIEDPAGDEYELYRVVFDITFFFFVIVILLAIIQGLIIDAFGELRDQQEQVKEDMETKCFI
CGIGSDYFDTTPHGFETHTLEEHNLANYMFFLMYLINKDETEHTGQESYVWKMYQERCWDFFPAGDCFRKQYEDQLS
;
_entity_poly.pdbx_strand_id   A,B,C,D
#
# COMPACT_ATOMS: atom_id res chain seq x y z
N ASN A 3950 26.84 -56.71 47.28
CA ASN A 3950 25.87 -56.13 48.21
C ASN A 3950 25.34 -54.81 47.69
N PHE A 3951 26.25 -53.93 47.27
CA PHE A 3951 25.83 -52.63 46.75
C PHE A 3951 25.04 -52.79 45.45
N SER A 3952 25.48 -53.68 44.56
CA SER A 3952 24.80 -53.86 43.29
C SER A 3952 23.37 -54.37 43.49
N LYS A 3953 23.18 -55.30 44.42
CA LYS A 3953 21.84 -55.84 44.65
C LYS A 3953 20.87 -54.77 45.14
N ALA A 3954 21.34 -53.89 46.04
CA ALA A 3954 20.48 -52.82 46.52
C ALA A 3954 20.14 -51.85 45.39
N MET A 3955 21.03 -51.70 44.41
CA MET A 3955 20.78 -50.80 43.29
C MET A 3955 19.57 -51.25 42.48
N SER A 3956 19.44 -52.56 42.25
CA SER A 3956 18.31 -53.07 41.48
C SER A 3956 16.99 -52.76 42.17
N VAL A 3957 16.97 -52.87 43.50
CA VAL A 3957 15.77 -52.51 44.26
C VAL A 3957 15.49 -51.02 44.13
N ALA A 3958 16.53 -50.19 44.22
CA ALA A 3958 16.35 -48.74 44.15
C ALA A 3958 15.80 -48.32 42.79
N LYS A 3959 16.32 -48.92 41.71
CA LYS A 3959 15.84 -48.58 40.38
C LYS A 3959 14.37 -48.92 40.23
N GLN A 3960 13.94 -50.08 40.72
CA GLN A 3960 12.53 -50.42 40.71
C GLN A 3960 11.73 -49.46 41.59
N VAL A 3961 12.28 -49.09 42.74
CA VAL A 3961 11.60 -48.12 43.60
C VAL A 3961 11.48 -46.78 42.89
N PHE A 3962 12.58 -46.31 42.30
CA PHE A 3962 12.54 -45.03 41.60
C PHE A 3962 11.59 -45.09 40.40
N ASN A 3963 11.57 -46.22 39.70
CA ASN A 3963 10.58 -46.39 38.63
C ASN A 3963 9.17 -46.49 39.20
N SER A 3964 9.04 -47.05 40.40
CA SER A 3964 7.72 -47.15 41.01
C SER A 3964 7.15 -45.77 41.35
N LEU A 3965 7.95 -44.93 42.01
CA LEU A 3965 7.50 -43.56 42.30
C LEU A 3965 7.32 -42.77 41.01
N THR A 3966 8.01 -43.17 39.94
CA THR A 3966 7.80 -42.53 38.65
C THR A 3966 6.38 -42.76 38.15
N GLU A 3967 5.87 -43.98 38.32
CA GLU A 3967 4.56 -44.32 37.77
C GLU A 3967 3.43 -43.61 38.51
N TYR A 3968 3.58 -43.43 39.83
CA TYR A 3968 2.51 -42.80 40.60
C TYR A 3968 2.26 -41.37 40.16
N ILE A 3969 3.24 -40.75 39.50
CA ILE A 3969 3.18 -39.34 39.16
C ILE A 3969 3.43 -39.11 37.67
N GLN A 3970 3.37 -40.15 36.85
CA GLN A 3970 3.65 -40.02 35.43
C GLN A 3970 2.42 -39.62 34.62
N GLY A 3971 1.25 -39.53 35.25
CA GLY A 3971 0.03 -39.20 34.57
C GLY A 3971 -0.49 -37.84 34.99
N PRO A 3972 0.41 -36.85 35.07
CA PRO A 3972 0.12 -35.62 35.82
C PRO A 3972 -0.91 -35.74 36.91
N CYS A 3973 -0.77 -36.75 37.76
CA CYS A 3973 -1.68 -36.98 38.88
C CYS A 3973 -1.37 -35.95 39.96
N THR A 3974 -2.11 -34.85 39.94
CA THR A 3974 -1.88 -33.76 40.87
C THR A 3974 -2.09 -34.23 42.31
N GLY A 3975 -2.94 -35.23 42.52
CA GLY A 3975 -3.14 -35.74 43.86
C GLY A 3975 -1.90 -36.37 44.44
N ASN A 3976 -1.23 -37.22 43.65
CA ASN A 3976 -0.02 -37.89 44.15
C ASN A 3976 1.17 -36.95 44.14
N GLN A 3977 1.19 -35.99 43.23
CA GLN A 3977 2.32 -35.05 43.17
C GLN A 3977 2.43 -34.24 44.45
N GLN A 3978 1.29 -33.78 44.97
CA GLN A 3978 1.32 -32.99 46.20
C GLN A 3978 1.65 -33.85 47.41
N SER A 3979 1.22 -35.12 47.38
CA SER A 3979 1.49 -36.02 48.50
C SER A 3979 2.99 -36.26 48.68
N LEU A 3980 3.71 -36.43 47.58
CA LEU A 3980 5.15 -36.65 47.67
C LEU A 3980 5.88 -35.40 48.13
N ALA A 3981 5.29 -34.22 47.95
CA ALA A 3981 5.95 -32.99 48.35
C ALA A 3981 6.16 -32.93 49.86
N HIS A 3982 5.14 -33.34 50.62
CA HIS A 3982 5.22 -33.29 52.08
C HIS A 3982 5.93 -34.49 52.68
N SER A 3983 6.25 -35.51 51.90
CA SER A 3983 6.89 -36.71 52.41
C SER A 3983 8.38 -36.44 52.63
N ARG A 3984 9.12 -37.50 53.00
CA ARG A 3984 10.55 -37.39 53.24
C ARG A 3984 11.37 -37.65 51.99
N LEU A 3985 10.79 -37.47 50.81
CA LEU A 3985 11.50 -37.75 49.57
C LEU A 3985 12.72 -36.85 49.41
N TRP A 3986 12.58 -35.56 49.75
CA TRP A 3986 13.71 -34.64 49.62
C TRP A 3986 14.86 -35.06 50.51
N ASP A 3987 14.55 -35.59 51.69
CA ASP A 3987 15.59 -36.16 52.54
C ASP A 3987 16.25 -37.35 51.86
N ALA A 3988 15.47 -38.13 51.12
CA ALA A 3988 16.03 -39.27 50.39
C ALA A 3988 16.82 -38.81 49.17
N VAL A 3989 16.36 -37.76 48.50
CA VAL A 3989 17.03 -37.29 47.28
C VAL A 3989 18.45 -36.84 47.57
N VAL A 3990 18.63 -36.06 48.65
CA VAL A 3990 19.96 -35.57 48.98
C VAL A 3990 20.87 -36.73 49.38
N GLY A 3991 20.29 -37.77 49.98
CA GLY A 3991 21.10 -38.90 50.40
C GLY A 3991 21.76 -39.63 49.25
N PHE A 3992 21.01 -39.92 48.19
CA PHE A 3992 21.59 -40.60 47.04
C PHE A 3992 22.55 -39.69 46.27
N LEU A 3993 22.25 -38.38 46.20
CA LEU A 3993 23.15 -37.47 45.51
C LEU A 3993 24.51 -37.42 46.16
N HIS A 3994 24.56 -37.39 47.50
CA HIS A 3994 25.83 -37.38 48.20
C HIS A 3994 26.61 -38.68 47.96
N VAL A 3995 25.90 -39.81 47.98
CA VAL A 3995 26.56 -41.08 47.70
C VAL A 3995 27.05 -41.13 46.26
N PHE A 3996 26.24 -40.64 45.32
CA PHE A 3996 26.62 -40.67 43.91
C PHE A 3996 27.85 -39.80 43.67
N ALA A 3997 27.91 -38.64 44.32
CA ALA A 3997 29.00 -37.69 44.05
C ALA A 3997 30.35 -38.26 44.46
N HIS A 3998 30.46 -38.76 45.69
CA HIS A 3998 31.77 -39.20 46.20
C HIS A 3998 32.19 -40.53 45.62
N MET A 3999 31.24 -41.44 45.37
CA MET A 3999 31.60 -42.80 45.01
C MET A 3999 32.18 -42.91 43.60
N MET A 4000 31.59 -42.24 42.62
CA MET A 4000 31.97 -42.50 41.23
C MET A 4000 33.39 -42.04 40.94
N MET A 4001 33.84 -40.96 41.60
CA MET A 4001 35.21 -40.51 41.40
C MET A 4001 36.20 -41.57 41.87
N LYS A 4002 35.89 -42.24 42.97
CA LYS A 4002 36.73 -43.35 43.41
C LYS A 4002 36.71 -44.48 42.39
N LEU A 4003 35.54 -44.78 41.83
CA LEU A 4003 35.42 -45.85 40.85
C LEU A 4003 35.96 -45.45 39.48
N ALA A 4004 35.90 -44.16 39.13
CA ALA A 4004 36.37 -43.73 37.82
C ALA A 4004 37.87 -43.96 37.66
N GLN A 4005 38.66 -43.63 38.68
CA GLN A 4005 40.10 -43.86 38.61
C GLN A 4005 40.43 -45.34 38.58
N ASP A 4006 39.70 -46.14 39.34
CA ASP A 4006 39.98 -47.57 39.42
C ASP A 4006 39.60 -48.25 38.11
N SER A 4007 40.51 -49.05 37.56
CA SER A 4007 40.22 -49.78 36.34
C SER A 4007 39.29 -50.96 36.61
N SER A 4008 39.51 -51.67 37.73
CA SER A 4008 38.66 -52.80 38.06
C SER A 4008 37.25 -52.36 38.43
N GLN A 4009 37.13 -51.21 39.12
CA GLN A 4009 35.84 -50.71 39.55
C GLN A 4009 35.16 -49.93 38.42
N ILE A 4010 34.97 -50.62 37.30
CA ILE A 4010 34.28 -50.05 36.15
C ILE A 4010 32.99 -50.76 35.81
N GLU A 4011 32.86 -52.07 36.07
CA GLU A 4011 31.62 -52.77 35.78
C GLU A 4011 30.46 -52.20 36.58
N LEU A 4012 30.68 -51.92 37.87
CA LEU A 4012 29.62 -51.36 38.70
C LEU A 4012 29.34 -49.90 38.36
N LEU A 4013 30.31 -49.20 37.78
CA LEU A 4013 30.17 -47.77 37.54
C LEU A 4013 29.05 -47.46 36.56
N LYS A 4014 28.90 -48.29 35.52
CA LYS A 4014 27.91 -47.99 34.49
C LYS A 4014 26.49 -48.02 35.05
N GLU A 4015 26.18 -48.98 35.94
CA GLU A 4015 24.86 -48.99 36.55
C GLU A 4015 24.72 -47.88 37.58
N LEU A 4016 25.84 -47.38 38.12
CA LEU A 4016 25.77 -46.29 39.10
C LEU A 4016 25.19 -45.04 38.47
N LEU A 4017 25.62 -44.71 37.25
CA LEU A 4017 25.04 -43.57 36.55
C LEU A 4017 23.68 -43.91 35.96
N ASP A 4018 23.45 -45.18 35.59
CA ASP A 4018 22.15 -45.57 35.06
C ASP A 4018 21.06 -45.41 36.11
N LEU A 4019 21.35 -45.78 37.36
CA LEU A 4019 20.36 -45.59 38.42
C LEU A 4019 20.08 -44.12 38.64
N GLN A 4020 21.13 -43.30 38.66
CA GLN A 4020 20.94 -41.86 38.80
C GLN A 4020 20.26 -41.28 37.57
N LYS A 4021 20.46 -41.88 36.40
CA LYS A 4021 19.71 -41.49 35.22
C LYS A 4021 18.21 -41.71 35.43
N ASP A 4022 17.86 -42.83 36.07
CA ASP A 4022 16.46 -43.04 36.45
C ASP A 4022 16.03 -42.18 37.61
N MET A 4023 16.99 -41.65 38.39
CA MET A 4023 16.63 -40.80 39.51
C MET A 4023 16.11 -39.45 39.04
N VAL A 4024 16.80 -38.83 38.07
CA VAL A 4024 16.39 -37.51 37.61
C VAL A 4024 15.09 -37.57 36.81
N VAL A 4025 14.76 -38.72 36.23
CA VAL A 4025 13.46 -38.85 35.57
C VAL A 4025 12.34 -38.72 36.59
N MET A 4026 12.52 -39.28 37.79
CA MET A 4026 11.56 -39.07 38.85
C MET A 4026 11.48 -37.59 39.23
N LEU A 4027 12.62 -36.91 39.28
CA LEU A 4027 12.61 -35.47 39.52
C LEU A 4027 11.91 -34.73 38.40
N LEU A 4028 12.18 -35.11 37.14
CA LEU A 4028 11.53 -34.45 36.02
C LEU A 4028 10.03 -34.73 36.01
N SER A 4029 9.64 -35.98 36.29
CA SER A 4029 8.21 -36.31 36.33
C SER A 4029 7.52 -35.61 37.50
N LEU A 4030 8.20 -35.48 38.63
CA LEU A 4030 7.61 -34.78 39.77
C LEU A 4030 7.42 -33.30 39.45
N LEU A 4031 8.31 -32.74 38.64
CA LEU A 4031 8.23 -31.35 38.21
C LEU A 4031 7.25 -31.14 37.07
N GLU A 4032 6.70 -32.22 36.51
CA GLU A 4032 5.80 -32.12 35.36
C GLU A 4032 4.58 -31.28 35.69
N GLY A 4033 4.21 -30.39 34.77
CA GLY A 4033 3.06 -29.53 34.96
C GLY A 4033 3.22 -28.55 36.10
N ASN A 4034 4.43 -28.04 36.31
CA ASN A 4034 4.67 -27.14 37.42
C ASN A 4034 4.09 -25.75 37.14
N VAL A 4035 3.79 -25.03 38.20
CA VAL A 4035 3.32 -23.66 38.13
C VAL A 4035 4.43 -22.75 38.65
N VAL A 4036 4.54 -21.55 38.07
CA VAL A 4036 5.57 -20.62 38.48
C VAL A 4036 5.41 -20.29 39.96
N ASN A 4037 6.53 -20.29 40.68
CA ASN A 4037 6.53 -20.03 42.12
C ASN A 4037 5.63 -21.03 42.86
N GLY A 4038 5.49 -22.22 42.29
CA GLY A 4038 4.66 -23.23 42.90
C GLY A 4038 5.37 -23.95 44.04
N MET A 4039 4.60 -24.72 44.79
CA MET A 4039 5.16 -25.45 45.93
C MET A 4039 6.20 -26.47 45.48
N ILE A 4040 5.95 -27.16 44.37
CA ILE A 4040 6.87 -28.19 43.91
C ILE A 4040 8.24 -27.59 43.57
N ALA A 4041 8.25 -26.47 42.86
CA ALA A 4041 9.52 -25.83 42.53
C ALA A 4041 10.21 -25.30 43.78
N ARG A 4042 9.45 -24.73 44.71
CA ARG A 4042 10.04 -24.21 45.94
C ARG A 4042 10.63 -25.33 46.78
N GLN A 4043 10.00 -26.49 46.79
CA GLN A 4043 10.56 -27.63 47.51
C GLN A 4043 11.87 -28.09 46.90
N MET A 4044 11.95 -28.08 45.56
CA MET A 4044 13.18 -28.54 44.91
C MET A 4044 14.33 -27.57 45.11
N VAL A 4045 14.10 -26.27 44.97
CA VAL A 4045 15.19 -25.30 45.08
C VAL A 4045 15.77 -25.33 46.49
N ASP A 4046 14.92 -25.56 47.50
CA ASP A 4046 15.43 -25.77 48.85
C ASP A 4046 16.31 -27.01 48.92
N MET A 4047 15.96 -28.05 48.16
CA MET A 4047 16.81 -29.24 48.11
C MET A 4047 18.13 -28.94 47.43
N LEU A 4048 18.12 -28.16 46.35
CA LEU A 4048 19.35 -27.86 45.63
C LEU A 4048 20.33 -27.04 46.47
N VAL A 4049 19.82 -26.03 47.19
CA VAL A 4049 20.72 -25.11 47.91
C VAL A 4049 21.50 -25.86 48.98
N GLU A 4050 20.84 -26.74 49.73
CA GLU A 4050 21.56 -27.57 50.68
C GLU A 4050 22.39 -28.64 50.00
N SER A 4051 22.01 -29.04 48.78
CA SER A 4051 22.77 -30.00 47.99
C SER A 4051 23.76 -29.33 47.05
N SER A 4052 23.88 -27.99 47.09
CA SER A 4052 24.69 -27.28 46.12
C SER A 4052 26.15 -27.74 46.16
N SER A 4053 26.65 -28.07 47.35
CA SER A 4053 28.00 -28.61 47.45
C SER A 4053 28.12 -29.92 46.70
N ASN A 4054 27.11 -30.79 46.82
CA ASN A 4054 27.11 -32.04 46.08
C ASN A 4054 26.77 -31.83 44.61
N VAL A 4055 26.02 -30.76 44.29
CA VAL A 4055 25.59 -30.55 42.91
C VAL A 4055 26.80 -30.32 42.00
N GLU A 4056 27.75 -29.50 42.44
CA GLU A 4056 28.94 -29.27 41.64
C GLU A 4056 29.95 -30.38 41.95
N MET A 4057 29.48 -31.62 41.90
CA MET A 4057 30.33 -32.80 41.97
C MET A 4057 29.97 -33.86 40.94
N ILE A 4058 28.73 -33.88 40.43
CA ILE A 4058 28.34 -34.83 39.39
C ILE A 4058 28.59 -34.25 38.00
N LEU A 4059 28.51 -32.92 37.86
CA LEU A 4059 28.63 -32.31 36.54
C LEU A 4059 29.99 -32.61 35.90
N LYS A 4060 31.06 -32.53 36.68
CA LYS A 4060 32.39 -32.87 36.18
C LYS A 4060 32.55 -34.39 36.09
N PRO A 4176 21.46 -25.37 23.06
CA PRO A 4176 22.24 -26.22 22.16
C PRO A 4176 21.42 -27.38 21.58
N TYR A 4177 21.19 -28.43 22.37
CA TYR A 4177 20.41 -29.58 21.96
C TYR A 4177 19.12 -29.70 22.78
N LEU A 4178 18.62 -28.56 23.28
CA LEU A 4178 17.44 -28.53 24.13
C LEU A 4178 16.35 -27.75 23.42
N GLY A 4179 15.15 -28.32 23.38
CA GLY A 4179 14.02 -27.73 22.69
C GLY A 4179 12.94 -27.30 23.66
N ARG A 4180 12.29 -26.18 23.36
CA ARG A 4180 11.24 -25.62 24.19
C ARG A 4180 9.97 -25.46 23.37
N ILE A 4181 8.83 -25.78 23.98
CA ILE A 4181 7.52 -25.59 23.35
C ILE A 4181 6.53 -25.15 24.43
N GLU A 4182 5.35 -24.75 23.97
CA GLU A 4182 4.24 -24.41 24.85
C GLU A 4182 2.98 -25.04 24.28
N ILE A 4183 2.22 -25.73 25.15
CA ILE A 4183 0.99 -26.38 24.72
C ILE A 4183 -0.14 -26.00 25.66
N MET A 4184 -1.37 -26.20 25.20
CA MET A 4184 -2.56 -26.10 26.05
C MET A 4184 -2.77 -27.47 26.68
N GLY A 4185 -2.21 -27.65 27.87
CA GLY A 4185 -2.18 -28.96 28.50
C GLY A 4185 -3.55 -29.39 29.00
N ALA A 4186 -3.55 -30.54 29.67
CA ALA A 4186 -4.79 -31.09 30.21
C ALA A 4186 -5.41 -30.16 31.25
N SER A 4187 -4.59 -29.40 31.97
CA SER A 4187 -5.09 -28.43 32.93
C SER A 4187 -5.61 -27.17 32.29
N ARG A 4188 -5.70 -27.13 30.96
CA ARG A 4188 -6.19 -25.97 30.20
C ARG A 4188 -5.34 -24.73 30.44
N ARG A 4189 -4.07 -24.90 30.76
CA ARG A 4189 -3.13 -23.80 30.93
C ARG A 4189 -1.90 -24.05 30.07
N ILE A 4190 -1.23 -22.97 29.68
CA ILE A 4190 -0.05 -23.09 28.85
C ILE A 4190 1.06 -23.73 29.66
N GLU A 4191 1.60 -24.84 29.15
CA GLU A 4191 2.63 -25.61 29.84
C GLU A 4191 3.84 -25.76 28.93
N ARG A 4192 5.02 -25.73 29.53
CA ARG A 4192 6.26 -25.85 28.79
C ARG A 4192 6.76 -27.29 28.83
N ILE A 4193 7.22 -27.79 27.69
CA ILE A 4193 7.74 -29.15 27.56
C ILE A 4193 9.16 -29.08 27.03
N TYR A 4194 10.05 -29.85 27.63
CA TYR A 4194 11.45 -29.91 27.24
C TYR A 4194 11.76 -31.29 26.68
N PHE A 4195 12.69 -31.34 25.72
CA PHE A 4195 13.09 -32.59 25.10
C PHE A 4195 14.49 -32.42 24.53
N GLU A 4196 14.95 -33.46 23.83
CA GLU A 4196 16.31 -33.52 23.31
C GLU A 4196 16.27 -33.48 21.78
N ILE A 4197 17.19 -32.71 21.19
CA ILE A 4197 17.29 -32.54 19.74
C ILE A 4197 18.61 -33.11 19.28
N SER A 4198 18.58 -33.94 18.24
CA SER A 4198 19.78 -34.60 17.75
C SER A 4198 20.59 -33.70 16.83
N GLU A 4199 21.91 -33.92 16.85
CA GLU A 4199 22.80 -33.14 15.99
C GLU A 4199 22.51 -33.40 14.51
N THR A 4200 22.26 -34.67 14.16
CA THR A 4200 21.97 -35.00 12.77
C THR A 4200 20.68 -34.32 12.31
N ASN A 4201 19.65 -34.35 13.15
CA ASN A 4201 18.39 -33.69 12.81
C ASN A 4201 18.57 -32.18 12.69
N ARG A 4202 19.35 -31.58 13.58
CA ARG A 4202 19.62 -30.15 13.47
C ARG A 4202 20.35 -29.82 12.17
N ALA A 4203 21.36 -30.61 11.81
CA ALA A 4203 22.06 -30.37 10.55
C ALA A 4203 21.12 -30.50 9.37
N GLN A 4204 20.23 -31.51 9.40
CA GLN A 4204 19.21 -31.63 8.38
C GLN A 4204 18.34 -30.37 8.34
N TRP A 4205 18.09 -29.77 9.50
CA TRP A 4205 17.26 -28.58 9.55
C TRP A 4205 17.93 -27.39 8.86
N GLU A 4206 19.20 -27.12 9.19
CA GLU A 4206 19.86 -26.04 8.45
C GLU A 4206 20.38 -26.46 7.07
N MET A 4207 20.06 -27.65 6.60
CA MET A 4207 20.30 -27.95 5.18
C MET A 4207 19.56 -26.94 4.31
N PRO A 4208 20.20 -26.41 3.26
CA PRO A 4208 19.55 -25.36 2.44
C PRO A 4208 18.29 -25.83 1.72
N GLN A 4209 18.22 -27.10 1.34
CA GLN A 4209 16.99 -27.60 0.71
C GLN A 4209 15.81 -27.50 1.66
N VAL A 4210 16.02 -27.90 2.92
CA VAL A 4210 14.96 -27.81 3.91
C VAL A 4210 14.64 -26.36 4.22
N LYS A 4211 15.67 -25.49 4.21
CA LYS A 4211 15.40 -24.06 4.41
C LYS A 4211 14.50 -23.51 3.30
N GLU A 4212 14.74 -23.95 2.07
CA GLU A 4212 13.95 -23.45 0.92
C GLU A 4212 12.53 -23.97 1.06
N SER A 4213 12.40 -25.24 1.41
CA SER A 4213 11.07 -25.82 1.59
C SER A 4213 10.30 -25.06 2.67
N LYS A 4214 10.97 -24.74 3.78
CA LYS A 4214 10.31 -23.97 4.84
C LYS A 4214 9.89 -22.59 4.34
N ARG A 4215 10.76 -21.91 3.58
CA ARG A 4215 10.41 -20.60 3.05
C ARG A 4215 9.16 -20.70 2.17
N GLN A 4216 9.12 -21.68 1.27
CA GLN A 4216 7.96 -21.84 0.40
C GLN A 4216 6.70 -22.14 1.21
N PHE A 4217 6.82 -23.00 2.24
CA PHE A 4217 5.65 -23.34 3.04
C PHE A 4217 5.11 -22.11 3.78
N ILE A 4218 6.02 -21.32 4.38
CA ILE A 4218 5.59 -20.10 5.07
C ILE A 4218 4.90 -19.16 4.10
N PHE A 4219 5.50 -18.93 2.93
CA PHE A 4219 4.90 -18.01 1.98
C PHE A 4219 3.52 -18.48 1.55
N ASP A 4220 3.39 -19.76 1.21
CA ASP A 4220 2.12 -20.29 0.74
C ASP A 4220 1.04 -20.19 1.81
N VAL A 4221 1.38 -20.58 3.04
CA VAL A 4221 0.37 -20.58 4.10
C VAL A 4221 -0.04 -19.16 4.46
N VAL A 4222 0.92 -18.25 4.60
CA VAL A 4222 0.57 -16.87 4.96
C VAL A 4222 -0.25 -16.23 3.83
N ASN A 4223 0.05 -16.56 2.58
CA ASN A 4223 -0.64 -15.87 1.49
C ASN A 4223 -2.04 -16.43 1.24
N GLU A 4224 -2.21 -17.75 1.30
CA GLU A 4224 -3.51 -18.37 1.00
C GLU A 4224 -3.90 -19.36 2.10
N GLY A 4225 -3.83 -18.94 3.35
CA GLY A 4225 -4.26 -19.82 4.43
C GLY A 4225 -4.98 -19.12 5.56
N GLY A 4226 -6.15 -19.64 5.93
CA GLY A 4226 -6.86 -19.13 7.09
C GLY A 4226 -6.31 -19.70 8.39
N GLU A 4227 -6.74 -19.10 9.50
CA GLU A 4227 -6.25 -19.53 10.80
C GLU A 4227 -6.84 -20.87 11.21
N ALA A 4228 -7.99 -21.25 10.64
CA ALA A 4228 -8.63 -22.51 11.02
C ALA A 4228 -7.80 -23.71 10.58
N GLU A 4229 -7.37 -23.72 9.31
CA GLU A 4229 -6.60 -24.84 8.77
C GLU A 4229 -5.10 -24.59 8.79
N LYS A 4230 -4.65 -23.47 9.39
CA LYS A 4230 -3.23 -23.17 9.41
C LYS A 4230 -2.45 -24.25 10.17
N MET A 4231 -3.00 -24.70 11.31
CA MET A 4231 -2.33 -25.76 12.06
C MET A 4231 -2.31 -27.06 11.29
N GLU A 4232 -3.38 -27.35 10.55
CA GLU A 4232 -3.41 -28.55 9.71
C GLU A 4232 -2.30 -28.50 8.66
N LEU A 4233 -2.18 -27.36 7.97
CA LEU A 4233 -1.13 -27.22 6.96
C LEU A 4233 0.26 -27.32 7.60
N PHE A 4234 0.42 -26.71 8.78
CA PHE A 4234 1.70 -26.76 9.46
C PHE A 4234 2.08 -28.20 9.84
N VAL A 4235 1.11 -28.96 10.35
CA VAL A 4235 1.39 -30.34 10.72
C VAL A 4235 1.71 -31.19 9.49
N SER A 4236 0.98 -30.97 8.39
CA SER A 4236 1.29 -31.69 7.16
C SER A 4236 2.69 -31.37 6.67
N PHE A 4237 3.08 -30.10 6.72
CA PHE A 4237 4.43 -29.72 6.31
C PHE A 4237 5.47 -30.33 7.23
N CYS A 4238 5.19 -30.38 8.54
CA CYS A 4238 6.12 -31.00 9.47
C CYS A 4238 6.30 -32.48 9.16
N GLU A 4239 5.22 -33.19 8.86
CA GLU A 4239 5.33 -34.60 8.50
C GLU A 4239 6.13 -34.79 7.22
N ASP A 4240 5.87 -33.95 6.22
CA ASP A 4240 6.63 -34.04 4.98
C ASP A 4240 8.12 -33.80 5.23
N THR A 4241 8.44 -32.80 6.05
CA THR A 4241 9.84 -32.51 6.36
C THR A 4241 10.49 -33.67 7.11
N ILE A 4242 9.75 -34.28 8.05
CA ILE A 4242 10.29 -35.43 8.77
C ILE A 4242 10.62 -36.56 7.81
N PHE A 4243 9.72 -36.83 6.86
CA PHE A 4243 10.00 -37.88 5.89
C PHE A 4243 11.22 -37.52 5.03
N GLU A 4244 11.34 -36.25 4.65
CA GLU A 4244 12.50 -35.82 3.86
C GLU A 4244 13.80 -36.04 4.62
N MET A 4245 13.85 -35.67 5.89
CA MET A 4245 15.08 -35.85 6.66
C MET A 4245 15.36 -37.33 6.91
N GLN A 4246 14.32 -38.15 7.06
CA GLN A 4246 14.55 -39.58 7.18
C GLN A 4246 15.16 -40.16 5.90
N ILE A 4247 14.64 -39.74 4.74
CA ILE A 4247 15.20 -40.21 3.47
C ILE A 4247 16.63 -39.71 3.30
N ALA A 4248 16.90 -38.46 3.69
CA ALA A 4248 18.26 -37.93 3.58
C ALA A 4248 19.23 -38.70 4.47
N ALA A 4249 18.81 -39.02 5.70
CA ALA A 4249 19.66 -39.81 6.58
C ALA A 4249 19.88 -41.21 6.01
N GLN A 4250 18.85 -41.80 5.41
CA GLN A 4250 18.99 -43.12 4.83
C GLN A 4250 19.99 -43.12 3.68
N ILE A 4251 19.89 -42.14 2.78
CA ILE A 4251 20.75 -42.14 1.61
C ILE A 4251 22.17 -41.68 1.97
N SER A 4252 22.31 -40.87 3.00
CA SER A 4252 23.62 -40.37 3.38
C SER A 4252 24.49 -41.50 3.93
N GLU A 4253 25.77 -41.48 3.58
CA GLU A 4253 26.73 -42.48 4.04
C GLU A 4253 27.87 -41.78 4.76
N PRO A 4254 28.17 -42.13 6.02
CA PRO A 4254 29.25 -41.52 6.79
C PRO A 4254 30.63 -42.07 6.41
N PHE A 4540 27.79 -63.96 -4.01
CA PHE A 4540 27.97 -62.85 -4.94
C PHE A 4540 26.74 -61.95 -4.94
N TRP A 4541 25.61 -62.50 -4.50
CA TRP A 4541 24.37 -61.73 -4.44
C TRP A 4541 24.46 -60.56 -3.47
N GLY A 4542 25.03 -60.79 -2.29
CA GLY A 4542 25.14 -59.73 -1.30
C GLY A 4542 26.02 -58.58 -1.77
N GLU A 4543 27.16 -58.91 -2.39
CA GLU A 4543 28.07 -57.87 -2.86
C GLU A 4543 27.42 -57.04 -3.97
N LEU A 4544 26.73 -57.69 -4.91
CA LEU A 4544 26.07 -56.94 -5.98
C LEU A 4544 24.94 -56.09 -5.42
N GLU A 4545 24.20 -56.60 -4.44
CA GLU A 4545 23.13 -55.82 -3.82
C GLU A 4545 23.71 -54.59 -3.12
N VAL A 4546 24.84 -54.76 -2.41
CA VAL A 4546 25.47 -53.63 -1.74
C VAL A 4546 25.94 -52.60 -2.76
N GLN A 4547 26.55 -53.06 -3.85
CA GLN A 4547 26.98 -52.13 -4.89
C GLN A 4547 25.80 -51.39 -5.51
N ARG A 4548 24.70 -52.11 -5.75
CA ARG A 4548 23.52 -51.49 -6.35
C ARG A 4548 22.92 -50.43 -5.43
N VAL A 4549 22.80 -50.74 -4.14
CA VAL A 4549 22.21 -49.77 -3.23
C VAL A 4549 23.13 -48.57 -3.04
N LYS A 4550 24.45 -48.80 -3.04
CA LYS A 4550 25.39 -47.68 -2.97
C LYS A 4550 25.26 -46.79 -4.20
N PHE A 4551 25.15 -47.40 -5.39
CA PHE A 4551 24.99 -46.62 -6.61
C PHE A 4551 23.69 -45.82 -6.60
N LEU A 4552 22.60 -46.45 -6.13
CA LEU A 4552 21.33 -45.75 -6.04
C LEU A 4552 21.41 -44.58 -5.07
N ASN A 4553 22.07 -44.78 -3.93
CA ASN A 4553 22.22 -43.69 -2.97
C ASN A 4553 23.07 -42.57 -3.56
N TYR A 4554 24.10 -42.90 -4.32
CA TYR A 4554 24.91 -41.88 -4.98
C TYR A 4554 24.07 -41.08 -5.96
N LEU A 4555 23.24 -41.76 -6.75
CA LEU A 4555 22.36 -41.05 -7.67
C LEU A 4555 21.39 -40.15 -6.93
N SER A 4556 20.81 -40.65 -5.83
CA SER A 4556 19.88 -39.85 -5.06
C SER A 4556 20.55 -38.60 -4.47
N ARG A 4557 21.78 -38.75 -3.99
CA ARG A 4557 22.46 -37.63 -3.36
C ARG A 4557 22.94 -36.63 -4.40
N ASN A 4558 23.26 -37.09 -5.62
CA ASN A 4558 23.79 -36.23 -6.66
C ASN A 4558 22.78 -35.93 -7.77
N PHE A 4559 21.49 -36.12 -7.50
CA PHE A 4559 20.46 -35.75 -8.47
C PHE A 4559 20.62 -34.32 -8.96
N TYR A 4560 20.80 -33.36 -8.04
CA TYR A 4560 20.86 -31.96 -8.44
C TYR A 4560 22.12 -31.66 -9.25
N THR A 4561 23.26 -32.24 -8.85
CA THR A 4561 24.48 -32.06 -9.62
C THR A 4561 24.34 -32.66 -11.01
N LEU A 4562 23.67 -33.82 -11.12
CA LEU A 4562 23.44 -34.41 -12.43
C LEU A 4562 22.54 -33.54 -13.28
N ARG A 4563 21.53 -32.91 -12.67
CA ARG A 4563 20.67 -32.00 -13.43
C ARG A 4563 21.44 -30.80 -13.94
N PHE A 4564 22.29 -30.22 -13.09
CA PHE A 4564 23.13 -29.10 -13.54
C PHE A 4564 24.07 -29.52 -14.67
N LEU A 4565 24.64 -30.73 -14.55
CA LEU A 4565 25.48 -31.26 -15.62
C LEU A 4565 24.69 -31.43 -16.91
N ALA A 4566 23.43 -31.88 -16.80
CA ALA A 4566 22.59 -32.02 -17.98
C ALA A 4566 22.34 -30.67 -18.63
N LEU A 4567 22.12 -29.64 -17.84
CA LEU A 4567 21.94 -28.30 -18.40
C LEU A 4567 23.22 -27.84 -19.11
N PHE A 4568 24.37 -28.08 -18.50
CA PHE A 4568 25.63 -27.72 -19.15
C PHE A 4568 25.81 -28.48 -20.46
N LEU A 4569 25.44 -29.77 -20.48
CA LEU A 4569 25.53 -30.56 -21.70
C LEU A 4569 24.60 -30.02 -22.77
N ALA A 4570 23.39 -29.62 -22.39
CA ALA A 4570 22.48 -29.03 -23.35
C ALA A 4570 23.05 -27.76 -23.96
N PHE A 4571 23.63 -26.89 -23.13
CA PHE A 4571 24.25 -25.68 -23.66
C PHE A 4571 25.41 -26.00 -24.59
N ALA A 4572 26.25 -26.98 -24.20
CA ALA A 4572 27.39 -27.34 -25.04
C ALA A 4572 26.95 -27.90 -26.37
N ILE A 4573 25.95 -28.78 -26.36
CA ILE A 4573 25.45 -29.35 -27.61
C ILE A 4573 24.84 -28.28 -28.49
N ASN A 4574 24.08 -27.36 -27.91
CA ASN A 4574 23.49 -26.29 -28.71
C ASN A 4574 24.57 -25.39 -29.29
N PHE A 4575 25.60 -25.07 -28.52
CA PHE A 4575 26.69 -24.24 -29.03
C PHE A 4575 27.40 -24.93 -30.19
N ILE A 4576 27.65 -26.23 -30.07
CA ILE A 4576 28.28 -26.96 -31.17
C ILE A 4576 27.36 -26.98 -32.38
N LEU A 4577 26.04 -27.14 -32.15
CA LEU A 4577 25.08 -27.14 -33.24
C LEU A 4577 24.97 -25.78 -33.90
N LEU A 4578 25.43 -24.73 -33.23
CA LEU A 4578 25.37 -23.41 -33.84
C LEU A 4578 26.32 -23.25 -35.02
N PHE A 4579 27.07 -24.29 -35.40
CA PHE A 4579 27.88 -24.31 -36.60
C PHE A 4579 27.25 -25.18 -37.69
N TYR A 4580 25.94 -25.37 -37.62
CA TYR A 4580 25.19 -26.03 -38.68
C TYR A 4580 25.26 -25.24 -39.99
N LYS A 4581 25.33 -25.97 -41.09
CA LYS A 4581 25.25 -25.38 -42.42
C LYS A 4581 24.53 -26.35 -43.35
N VAL A 4582 24.01 -25.82 -44.45
CA VAL A 4582 23.25 -26.60 -45.42
C VAL A 4582 23.98 -26.54 -46.75
N SER A 4583 24.12 -27.70 -47.39
CA SER A 4583 24.78 -27.81 -48.69
C SER A 4583 24.11 -28.91 -49.49
N ASP A 4584 23.60 -28.57 -50.67
CA ASP A 4584 22.92 -29.55 -51.51
C ASP A 4584 23.87 -30.66 -51.94
N SER A 4585 25.09 -30.31 -52.33
CA SER A 4585 26.07 -31.32 -52.67
C SER A 4585 26.55 -32.05 -51.42
N PRO A 4586 26.86 -33.33 -51.53
CA PRO A 4586 27.37 -34.07 -50.37
C PRO A 4586 28.66 -33.47 -49.86
N PRO A 4587 28.87 -33.44 -48.54
CA PRO A 4587 30.08 -32.86 -47.95
C PRO A 4587 31.35 -33.63 -48.33
N ASN A 4626 16.16 -34.32 -54.55
CA ASN A 4626 16.69 -33.01 -54.18
C ASN A 4626 16.91 -32.90 -52.67
N MET A 4627 16.82 -34.04 -51.98
CA MET A 4627 16.97 -34.04 -50.53
C MET A 4627 18.42 -33.69 -50.17
N VAL A 4628 18.58 -32.76 -49.24
CA VAL A 4628 19.87 -32.16 -48.92
C VAL A 4628 20.56 -32.97 -47.84
N TYR A 4629 21.86 -33.20 -48.06
CA TYR A 4629 22.70 -33.94 -47.10
C TYR A 4629 23.24 -32.93 -46.09
N TYR A 4630 22.69 -32.96 -44.87
CA TYR A 4630 23.10 -32.01 -43.86
C TYR A 4630 24.49 -32.34 -43.33
N PHE A 4631 25.33 -31.32 -43.20
CA PHE A 4631 26.68 -31.50 -42.71
C PHE A 4631 27.05 -30.32 -41.82
N LEU A 4632 27.93 -30.57 -40.87
CA LEU A 4632 28.42 -29.54 -39.95
C LEU A 4632 29.78 -29.07 -40.43
N GLU A 4633 29.93 -27.76 -40.59
CA GLU A 4633 31.12 -27.17 -41.21
C GLU A 4633 32.05 -26.63 -40.12
N GLU A 4634 33.30 -27.08 -40.14
CA GLU A 4634 34.30 -26.66 -39.18
C GLU A 4634 35.66 -27.17 -39.61
N SER A 4635 36.69 -26.37 -39.34
CA SER A 4635 38.04 -26.69 -39.81
C SER A 4635 38.79 -27.56 -38.80
N THR A 4636 38.44 -27.45 -37.52
CA THR A 4636 39.23 -28.13 -36.48
C THR A 4636 39.21 -29.63 -36.65
N GLY A 4637 38.02 -30.21 -36.86
CA GLY A 4637 37.89 -31.62 -37.15
C GLY A 4637 37.47 -32.50 -35.99
N TYR A 4638 37.64 -32.05 -34.74
CA TYR A 4638 37.32 -32.90 -33.60
C TYR A 4638 35.91 -32.68 -33.08
N MET A 4639 35.20 -31.67 -33.59
CA MET A 4639 33.93 -31.30 -32.98
C MET A 4639 32.82 -32.30 -33.31
N GLU A 4640 32.92 -33.02 -34.43
CA GLU A 4640 31.94 -34.08 -34.68
C GLU A 4640 32.06 -35.22 -33.67
N PRO A 4641 33.25 -35.80 -33.43
CA PRO A 4641 33.34 -36.77 -32.32
C PRO A 4641 32.99 -36.16 -30.98
N ALA A 4642 33.32 -34.89 -30.77
CA ALA A 4642 32.92 -34.23 -29.53
C ALA A 4642 31.41 -34.22 -29.37
N LEU A 4643 30.69 -33.91 -30.45
CA LEU A 4643 29.23 -33.91 -30.41
C LEU A 4643 28.69 -35.31 -30.16
N TRP A 4644 29.26 -36.31 -30.82
CA TRP A 4644 28.77 -37.68 -30.61
C TRP A 4644 28.94 -38.12 -29.16
N CYS A 4645 30.13 -37.89 -28.60
CA CYS A 4645 30.38 -38.24 -27.22
C CYS A 4645 29.48 -37.45 -26.28
N LEU A 4646 29.28 -36.16 -26.55
CA LEU A 4646 28.43 -35.34 -25.71
C LEU A 4646 26.97 -35.80 -25.75
N SER A 4647 26.47 -36.20 -26.93
CA SER A 4647 25.11 -36.69 -27.01
C SER A 4647 24.95 -38.00 -26.24
N LEU A 4648 25.90 -38.92 -26.39
CA LEU A 4648 25.82 -40.16 -25.62
C LEU A 4648 25.86 -39.89 -24.13
N LEU A 4649 26.75 -39.00 -23.70
CA LEU A 4649 26.90 -38.72 -22.28
C LEU A 4649 25.67 -37.99 -21.74
N HIS A 4650 25.04 -37.15 -22.57
CA HIS A 4650 23.84 -36.46 -22.15
C HIS A 4650 22.67 -37.43 -21.98
N THR A 4651 22.51 -38.38 -22.91
CA THR A 4651 21.47 -39.38 -22.75
C THR A 4651 21.72 -40.20 -21.48
N LEU A 4652 22.97 -40.55 -21.22
CA LEU A 4652 23.31 -41.26 -20.00
C LEU A 4652 22.94 -40.42 -18.77
N VAL A 4653 23.27 -39.14 -18.79
CA VAL A 4653 22.98 -38.27 -17.65
C VAL A 4653 21.48 -38.17 -17.43
N ALA A 4654 20.70 -38.10 -18.51
CA ALA A 4654 19.25 -38.07 -18.37
C ALA A 4654 18.72 -39.35 -17.74
N PHE A 4655 19.26 -40.50 -18.16
CA PHE A 4655 18.83 -41.76 -17.57
C PHE A 4655 19.14 -41.81 -16.07
N LEU A 4656 20.35 -41.41 -15.69
CA LEU A 4656 20.69 -41.38 -14.27
C LEU A 4656 19.85 -40.35 -13.51
N CYS A 4657 19.49 -39.24 -14.15
CA CYS A 4657 18.63 -38.26 -13.50
C CYS A 4657 17.26 -38.85 -13.20
N ILE A 4658 16.68 -39.57 -14.16
CA ILE A 4658 15.37 -40.18 -13.92
C ILE A 4658 15.46 -41.24 -12.84
N ILE A 4659 16.51 -42.06 -12.86
CA ILE A 4659 16.66 -43.10 -11.83
C ILE A 4659 16.81 -42.46 -10.46
N GLY A 4660 17.63 -41.39 -10.36
CA GLY A 4660 17.80 -40.72 -9.09
C GLY A 4660 16.51 -40.09 -8.59
N TYR A 4661 15.72 -39.49 -9.49
CA TYR A 4661 14.44 -38.95 -9.08
C TYR A 4661 13.53 -40.04 -8.55
N ASN A 4662 13.46 -41.17 -9.25
CA ASN A 4662 12.63 -42.27 -8.80
C ASN A 4662 13.07 -42.78 -7.43
N CYS A 4663 14.38 -42.81 -7.19
CA CYS A 4663 14.88 -43.31 -5.91
C CYS A 4663 14.85 -42.28 -4.79
N LEU A 4664 14.64 -41.00 -5.10
CA LEU A 4664 14.70 -39.94 -4.09
C LEU A 4664 13.35 -39.29 -3.83
N LYS A 4665 12.70 -38.73 -4.86
CA LYS A 4665 11.52 -37.92 -4.63
C LYS A 4665 10.21 -38.69 -4.76
N VAL A 4666 10.21 -39.83 -5.46
CA VAL A 4666 9.02 -40.66 -5.50
C VAL A 4666 8.55 -41.07 -4.12
N PRO A 4667 9.41 -41.46 -3.18
CA PRO A 4667 8.91 -41.78 -1.83
C PRO A 4667 8.11 -40.66 -1.19
N LEU A 4668 8.46 -39.40 -1.41
CA LEU A 4668 7.65 -38.31 -0.88
C LEU A 4668 6.24 -38.35 -1.44
N VAL A 4669 6.10 -38.51 -2.76
CA VAL A 4669 4.78 -38.53 -3.37
C VAL A 4669 3.97 -39.71 -2.88
N ILE A 4670 4.62 -40.88 -2.80
CA ILE A 4670 3.91 -42.08 -2.31
C ILE A 4670 3.46 -41.88 -0.88
N PHE A 4671 4.34 -41.34 -0.03
CA PHE A 4671 3.99 -41.11 1.37
C PHE A 4671 2.84 -40.13 1.50
N LYS A 4672 2.89 -39.03 0.73
CA LYS A 4672 1.82 -38.05 0.81
C LYS A 4672 0.48 -38.64 0.37
N ARG A 4673 0.48 -39.38 -0.74
CA ARG A 4673 -0.76 -39.96 -1.23
C ARG A 4673 -1.31 -41.00 -0.25
N GLU A 4674 -0.45 -41.85 0.29
CA GLU A 4674 -0.91 -42.85 1.26
C GLU A 4674 -1.42 -42.19 2.52
N LYS A 4675 -0.75 -41.14 2.99
CA LYS A 4675 -1.20 -40.44 4.19
C LYS A 4675 -2.57 -39.82 3.97
N GLU A 4676 -2.76 -39.16 2.83
CA GLU A 4676 -4.05 -38.55 2.54
C GLU A 4676 -5.14 -39.60 2.42
N LEU A 4677 -4.84 -40.74 1.78
CA LEU A 4677 -5.82 -41.81 1.69
C LEU A 4677 -6.18 -42.35 3.06
N ALA A 4678 -5.19 -42.50 3.94
CA ALA A 4678 -5.47 -42.99 5.29
C ALA A 4678 -6.34 -42.00 6.06
N ARG A 4679 -6.05 -40.70 5.95
CA ARG A 4679 -6.87 -39.70 6.63
C ARG A 4679 -8.31 -39.74 6.12
N LYS A 4680 -8.48 -39.80 4.80
CA LYS A 4680 -9.83 -39.80 4.24
C LYS A 4680 -10.57 -41.11 4.52
N LEU A 4681 -9.84 -42.21 4.71
CA LEU A 4681 -10.49 -43.47 5.07
C LEU A 4681 -10.92 -43.46 6.54
N GLU A 4682 -10.07 -42.95 7.42
CA GLU A 4682 -10.35 -43.04 8.86
C GLU A 4682 -11.27 -41.92 9.33
N PHE A 4683 -10.85 -40.67 9.15
CA PHE A 4683 -11.58 -39.53 9.70
C PHE A 4683 -12.68 -39.03 8.78
N ASP A 4684 -12.82 -39.57 7.58
CA ASP A 4684 -13.86 -39.14 6.66
C ASP A 4684 -14.72 -40.27 6.11
N GLY A 4685 -14.21 -41.50 6.04
CA GLY A 4685 -14.95 -42.61 5.48
C GLY A 4685 -15.29 -42.40 4.02
N LEU A 4686 -14.28 -41.97 3.24
CA LEU A 4686 -14.50 -41.65 1.83
C LEU A 4686 -14.94 -42.89 1.05
N TYR A 4687 -14.28 -44.02 1.29
CA TYR A 4687 -14.63 -45.28 0.65
C TYR A 4687 -15.59 -46.12 1.48
N ILE A 4688 -16.00 -45.64 2.65
CA ILE A 4688 -16.93 -46.38 3.49
C ILE A 4688 -18.36 -45.89 3.29
N THR A 4689 -18.56 -44.58 3.31
CA THR A 4689 -19.90 -44.00 3.19
C THR A 4689 -20.01 -43.06 1.99
N GLU A 4690 -18.99 -42.25 1.73
CA GLU A 4690 -19.14 -41.18 0.73
C GLU A 4690 -19.22 -41.72 -0.68
N GLN A 4691 -18.33 -42.66 -1.06
CA GLN A 4691 -18.36 -43.30 -2.37
C GLN A 4691 -18.34 -42.27 -3.50
N PRO A 4692 -17.18 -41.69 -3.81
CA PRO A 4692 -17.13 -40.56 -4.75
C PRO A 4692 -17.82 -40.89 -6.07
N GLY A 4693 -18.53 -39.90 -6.60
CA GLY A 4693 -19.36 -40.10 -7.79
C GLY A 4693 -18.61 -40.11 -9.09
N ASP A 4694 -17.53 -40.88 -9.17
CA ASP A 4694 -16.80 -41.14 -10.40
C ASP A 4694 -16.20 -39.88 -11.02
N ASP A 4695 -16.24 -38.76 -10.29
CA ASP A 4695 -15.64 -37.52 -10.73
C ASP A 4695 -14.24 -37.29 -10.16
N ASP A 4696 -13.72 -38.26 -9.40
CA ASP A 4696 -12.39 -38.18 -8.81
C ASP A 4696 -11.57 -39.34 -9.37
N VAL A 4697 -10.80 -39.08 -10.42
CA VAL A 4697 -9.97 -40.11 -11.01
C VAL A 4697 -8.90 -40.56 -10.02
N LYS A 4698 -8.40 -39.63 -9.20
CA LYS A 4698 -7.45 -39.99 -8.16
C LYS A 4698 -8.07 -40.96 -7.16
N GLY A 4699 -9.30 -40.68 -6.74
CA GLY A 4699 -9.98 -41.59 -5.82
C GLY A 4699 -10.23 -42.94 -6.45
N GLN A 4700 -10.64 -42.95 -7.72
CA GLN A 4700 -10.87 -44.22 -8.40
C GLN A 4700 -9.59 -45.03 -8.49
N TRP A 4701 -8.46 -44.37 -8.73
CA TRP A 4701 -7.18 -45.09 -8.81
C TRP A 4701 -6.75 -45.60 -7.44
N ASP A 4702 -6.93 -44.80 -6.39
CA ASP A 4702 -6.58 -45.26 -5.05
C ASP A 4702 -7.53 -46.32 -4.53
N ARG A 4703 -8.70 -46.48 -5.16
CA ARG A 4703 -9.59 -47.57 -4.76
C ARG A 4703 -8.93 -48.93 -4.91
N LEU A 4704 -7.98 -49.07 -5.85
CA LEU A 4704 -7.37 -50.36 -6.11
C LEU A 4704 -6.52 -50.84 -4.93
N VAL A 4705 -5.79 -49.92 -4.28
CA VAL A 4705 -4.78 -50.30 -3.30
C VAL A 4705 -5.37 -50.68 -1.95
N LEU A 4706 -6.71 -50.67 -1.82
CA LEU A 4706 -7.33 -50.92 -0.52
C LEU A 4706 -7.00 -52.31 0.01
N ASN A 4707 -7.09 -53.33 -0.85
CA ASN A 4707 -6.92 -54.71 -0.41
C ASN A 4707 -5.48 -55.18 -0.46
N THR A 4708 -4.54 -54.29 -0.81
CA THR A 4708 -3.14 -54.67 -0.84
C THR A 4708 -2.65 -54.97 0.57
N PRO A 4709 -1.76 -55.97 0.73
CA PRO A 4709 -1.23 -56.28 2.06
C PRO A 4709 -0.42 -55.14 2.65
N SER A 4710 0.57 -54.67 1.91
CA SER A 4710 1.47 -53.61 2.41
C SER A 4710 1.00 -52.24 1.93
N PHE A 4711 -0.22 -51.89 2.34
CA PHE A 4711 -0.73 -50.55 2.03
C PHE A 4711 0.09 -49.44 2.66
N PRO A 4712 0.42 -49.47 3.96
CA PRO A 4712 1.27 -48.38 4.51
C PRO A 4712 2.75 -48.70 4.38
N SER A 4713 3.26 -48.60 3.15
CA SER A 4713 4.66 -48.92 2.89
C SER A 4713 5.59 -47.88 3.52
N ASN A 4714 5.31 -46.60 3.30
CA ASN A 4714 6.14 -45.53 3.82
C ASN A 4714 5.51 -44.78 4.99
N TYR A 4715 4.19 -44.61 4.98
CA TYR A 4715 3.52 -43.90 6.07
C TYR A 4715 3.65 -44.68 7.37
N TRP A 4716 3.98 -43.96 8.45
CA TRP A 4716 4.36 -44.60 9.70
C TRP A 4716 3.20 -45.36 10.36
N ASP A 4717 1.99 -44.84 10.29
CA ASP A 4717 0.85 -45.44 10.99
C ASP A 4717 0.45 -46.72 10.26
N LYS A 4718 1.06 -47.83 10.64
CA LYS A 4718 0.74 -49.12 10.05
C LYS A 4718 -0.61 -49.65 10.51
N PHE A 4719 -1.17 -49.10 11.59
CA PHE A 4719 -2.42 -49.57 12.16
C PHE A 4719 -3.63 -48.83 11.60
N VAL A 4720 -3.52 -48.26 10.40
CA VAL A 4720 -4.65 -47.55 9.82
C VAL A 4720 -5.82 -48.50 9.57
N LYS A 4721 -5.54 -49.71 9.11
CA LYS A 4721 -6.59 -50.68 8.87
C LYS A 4721 -7.33 -51.03 10.16
N ARG A 4722 -6.57 -51.31 11.22
CA ARG A 4722 -7.20 -51.64 12.51
C ARG A 4722 -7.99 -50.46 13.06
N LYS A 4723 -7.45 -49.25 12.94
CA LYS A 4723 -8.16 -48.08 13.45
C LYS A 4723 -9.47 -47.84 12.71
N VAL A 4724 -9.44 -47.92 11.37
CA VAL A 4724 -10.67 -47.68 10.61
C VAL A 4724 -11.67 -48.81 10.86
N LEU A 4725 -11.18 -50.04 11.05
CA LEU A 4725 -12.06 -51.14 11.38
C LEU A 4725 -12.76 -50.88 12.72
N ASP A 4726 -11.99 -50.50 13.74
CA ASP A 4726 -12.59 -50.24 15.04
C ASP A 4726 -13.55 -49.06 14.99
N LYS A 4727 -13.27 -48.08 14.14
CA LYS A 4727 -14.14 -46.91 14.07
C LYS A 4727 -15.44 -47.18 13.32
N HIS A 4728 -15.39 -47.99 12.26
CA HIS A 4728 -16.54 -48.16 11.38
C HIS A 4728 -17.14 -49.56 11.42
N GLY A 4729 -16.77 -50.39 12.41
CA GLY A 4729 -17.32 -51.73 12.47
C GLY A 4729 -18.83 -51.76 12.61
N ASP A 4730 -19.35 -51.10 13.66
CA ASP A 4730 -20.77 -51.21 13.96
C ASP A 4730 -21.66 -50.66 12.84
N ILE A 4731 -21.10 -49.87 11.93
CA ILE A 4731 -21.86 -49.34 10.80
C ILE A 4731 -21.70 -50.21 9.57
N PHE A 4732 -20.47 -50.63 9.26
CA PHE A 4732 -20.25 -51.31 7.98
C PHE A 4732 -20.39 -52.82 8.09
N GLY A 4733 -19.79 -53.42 9.12
CA GLY A 4733 -19.74 -54.89 9.18
C GLY A 4733 -18.28 -55.29 9.22
N ARG A 4734 -17.94 -56.09 10.24
CA ARG A 4734 -16.55 -56.48 10.44
C ARG A 4734 -16.03 -57.31 9.27
N GLU A 4735 -16.83 -58.30 8.84
CA GLU A 4735 -16.40 -59.15 7.74
C GLU A 4735 -16.28 -58.36 6.43
N ARG A 4736 -17.19 -57.41 6.20
CA ARG A 4736 -17.14 -56.65 4.96
C ARG A 4736 -15.99 -55.65 4.97
N ILE A 4737 -15.69 -55.07 6.13
CA ILE A 4737 -14.47 -54.26 6.25
C ILE A 4737 -13.23 -55.10 6.00
N ALA A 4738 -13.20 -56.31 6.56
CA ALA A 4738 -12.05 -57.18 6.38
C ALA A 4738 -11.85 -57.55 4.91
N GLU A 4739 -12.94 -57.86 4.20
CA GLU A 4739 -12.80 -58.21 2.79
C GLU A 4739 -12.47 -56.98 1.95
N LEU A 4740 -12.93 -55.80 2.36
CA LEU A 4740 -12.58 -54.58 1.65
C LEU A 4740 -11.10 -54.27 1.79
N LEU A 4741 -10.56 -54.38 3.00
CA LEU A 4741 -9.18 -54.00 3.27
C LEU A 4741 -8.19 -55.13 3.08
N GLY A 4742 -8.66 -56.35 2.80
CA GLY A 4742 -7.75 -57.49 2.70
C GLY A 4742 -7.30 -58.04 4.03
N MET A 4743 -7.87 -57.58 5.13
CA MET A 4743 -7.47 -58.05 6.46
C MET A 4743 -7.96 -59.47 6.69
N ASP A 4744 -7.16 -60.23 7.44
CA ASP A 4744 -7.53 -61.58 7.85
C ASP A 4744 -8.31 -61.47 9.16
N LEU A 4745 -9.64 -61.40 9.04
CA LEU A 4745 -10.47 -61.22 10.21
C LEU A 4745 -10.37 -62.39 11.18
N ALA A 4746 -10.35 -63.62 10.64
CA ALA A 4746 -10.29 -64.80 11.50
C ALA A 4746 -8.98 -64.90 12.27
N SER A 4747 -7.93 -64.24 11.77
CA SER A 4747 -6.63 -64.29 12.41
C SER A 4747 -6.41 -63.17 13.43
N LEU A 4748 -7.42 -62.33 13.66
CA LEU A 4748 -7.29 -61.26 14.65
C LEU A 4748 -7.40 -61.82 16.07
N ASP A 4772 3.78 -57.57 -3.99
CA ASP A 4772 2.39 -57.15 -4.15
C ASP A 4772 2.17 -56.54 -5.52
N VAL A 4773 1.60 -57.33 -6.43
CA VAL A 4773 1.43 -56.88 -7.81
C VAL A 4773 0.47 -55.70 -7.89
N LYS A 4774 -0.62 -55.75 -7.11
CA LYS A 4774 -1.58 -54.66 -7.12
C LYS A 4774 -0.97 -53.37 -6.60
N TYR A 4775 -0.21 -53.46 -5.50
CA TYR A 4775 0.44 -52.27 -4.97
C TYR A 4775 1.46 -51.72 -5.94
N GLN A 4776 2.22 -52.60 -6.60
CA GLN A 4776 3.19 -52.13 -7.59
C GLN A 4776 2.50 -51.44 -8.75
N ILE A 4777 1.37 -51.98 -9.22
CA ILE A 4777 0.63 -51.36 -10.31
C ILE A 4777 0.13 -49.97 -9.88
N TRP A 4778 -0.40 -49.88 -8.66
CA TRP A 4778 -0.89 -48.59 -8.17
C TRP A 4778 0.25 -47.58 -8.06
N LYS A 4779 1.40 -48.01 -7.56
CA LYS A 4779 2.55 -47.12 -7.43
C LYS A 4779 3.03 -46.65 -8.80
N PHE A 4780 3.07 -47.57 -9.77
CA PHE A 4780 3.47 -47.19 -11.12
C PHE A 4780 2.48 -46.20 -11.73
N GLY A 4781 1.19 -46.39 -11.50
CA GLY A 4781 0.22 -45.42 -11.97
C GLY A 4781 0.42 -44.06 -11.36
N VAL A 4782 0.69 -44.02 -10.05
CA VAL A 4782 0.90 -42.76 -9.36
C VAL A 4782 2.12 -42.04 -9.91
N ILE A 4783 3.24 -42.75 -10.06
CA ILE A 4783 4.47 -42.11 -10.51
C ILE A 4783 4.34 -41.69 -11.96
N PHE A 4784 3.62 -42.47 -12.78
CA PHE A 4784 3.41 -42.08 -14.16
C PHE A 4784 2.52 -40.85 -14.27
N THR A 4785 1.56 -40.70 -13.35
CA THR A 4785 0.77 -39.48 -13.31
C THR A 4785 1.56 -38.29 -12.79
N ASP A 4786 2.58 -38.52 -11.96
CA ASP A 4786 3.35 -37.44 -11.36
C ASP A 4786 3.96 -36.52 -12.42
N ASN A 4787 3.79 -35.22 -12.21
CA ASN A 4787 4.18 -34.22 -13.22
C ASN A 4787 5.70 -34.17 -13.40
N SER A 4788 6.45 -34.19 -12.30
CA SER A 4788 7.90 -34.11 -12.40
C SER A 4788 8.47 -35.34 -13.10
N PHE A 4789 7.94 -36.52 -12.78
CA PHE A 4789 8.37 -37.72 -13.47
C PHE A 4789 8.02 -37.67 -14.95
N LEU A 4790 6.83 -37.13 -15.27
CA LEU A 4790 6.46 -36.98 -16.68
C LEU A 4790 7.42 -36.03 -17.40
N TYR A 4791 7.81 -34.94 -16.75
CA TYR A 4791 8.72 -34.00 -17.37
C TYR A 4791 10.09 -34.63 -17.60
N LEU A 4792 10.57 -35.40 -16.62
CA LEU A 4792 11.86 -36.08 -16.80
C LEU A 4792 11.78 -37.14 -17.91
N GLY A 4793 10.64 -37.84 -17.99
CA GLY A 4793 10.46 -38.78 -19.09
C GLY A 4793 10.46 -38.10 -20.44
N TRP A 4794 9.82 -36.93 -20.53
CA TRP A 4794 9.83 -36.17 -21.79
C TRP A 4794 11.25 -35.69 -22.11
N TYR A 4795 12.00 -35.29 -21.09
CA TYR A 4795 13.39 -34.92 -21.29
C TYR A 4795 14.18 -36.07 -21.90
N MET A 4796 14.00 -37.28 -21.34
CA MET A 4796 14.68 -38.44 -21.88
C MET A 4796 14.21 -38.78 -23.29
N VAL A 4797 12.91 -38.65 -23.57
CA VAL A 4797 12.41 -38.95 -24.90
C VAL A 4797 13.02 -38.02 -25.94
N MET A 4798 13.07 -36.72 -25.65
CA MET A 4798 13.71 -35.80 -26.57
C MET A 4798 15.22 -36.05 -26.67
N SER A 4799 15.86 -36.45 -25.57
CA SER A 4799 17.27 -36.80 -25.65
C SER A 4799 17.50 -37.97 -26.58
N LEU A 4800 16.63 -38.98 -26.51
CA LEU A 4800 16.74 -40.12 -27.42
C LEU A 4800 16.48 -39.69 -28.86
N LEU A 4801 15.44 -38.89 -29.09
CA LEU A 4801 15.12 -38.44 -30.44
C LEU A 4801 16.18 -37.50 -30.99
N GLY A 4802 17.04 -36.94 -30.15
CA GLY A 4802 18.19 -36.21 -30.65
C GLY A 4802 19.10 -37.08 -31.50
N HIS A 4803 19.29 -38.34 -31.08
CA HIS A 4803 20.09 -39.27 -31.86
C HIS A 4803 19.52 -39.45 -33.26
N TYR A 4804 18.21 -39.37 -33.40
CA TYR A 4804 17.58 -39.47 -34.71
C TYR A 4804 17.75 -38.17 -35.48
N ASN A 4805 17.35 -37.04 -34.88
CA ASN A 4805 17.47 -35.72 -35.49
C ASN A 4805 18.06 -34.76 -34.46
N ASN A 4806 19.37 -34.57 -34.53
CA ASN A 4806 20.18 -33.72 -33.67
C ASN A 4806 19.50 -32.42 -33.23
N PHE A 4807 18.73 -31.78 -34.10
CA PHE A 4807 18.06 -30.54 -33.70
C PHE A 4807 17.05 -30.75 -32.57
N PHE A 4808 16.65 -31.99 -32.28
CA PHE A 4808 15.81 -32.21 -31.11
C PHE A 4808 16.53 -31.84 -29.82
N PHE A 4809 17.87 -31.82 -29.84
CA PHE A 4809 18.61 -31.36 -28.68
C PHE A 4809 18.49 -29.86 -28.46
N ALA A 4810 17.97 -29.12 -29.43
CA ALA A 4810 17.76 -27.69 -29.25
C ALA A 4810 16.48 -27.38 -28.49
N ALA A 4811 15.65 -28.39 -28.20
CA ALA A 4811 14.47 -28.19 -27.38
C ALA A 4811 14.74 -28.35 -25.89
N HIS A 4812 15.93 -28.81 -25.52
CA HIS A 4812 16.31 -28.90 -24.13
C HIS A 4812 16.80 -27.59 -23.56
N LEU A 4813 17.07 -26.59 -24.41
CA LEU A 4813 17.56 -25.31 -23.93
C LEU A 4813 16.51 -24.57 -23.12
N LEU A 4814 15.23 -24.90 -23.29
CA LEU A 4814 14.16 -24.30 -22.50
C LEU A 4814 14.05 -24.89 -21.10
N ASP A 4815 14.91 -25.84 -20.75
CA ASP A 4815 14.98 -26.32 -19.38
C ASP A 4815 15.52 -25.27 -18.42
N ILE A 4816 16.09 -24.18 -18.94
CA ILE A 4816 16.54 -23.10 -18.07
C ILE A 4816 15.37 -22.50 -17.29
N ALA A 4817 14.17 -22.55 -17.86
CA ALA A 4817 12.99 -22.03 -17.18
C ALA A 4817 12.74 -22.77 -15.87
N MET A 4818 12.86 -24.10 -15.89
CA MET A 4818 12.71 -24.89 -14.68
C MET A 4818 13.98 -24.93 -13.85
N GLY A 4819 15.12 -24.57 -14.44
CA GLY A 4819 16.38 -24.63 -13.73
C GLY A 4819 16.73 -23.42 -12.89
N VAL A 4820 16.69 -22.23 -13.49
CA VAL A 4820 17.18 -21.02 -12.85
C VAL A 4820 16.05 -20.39 -12.05
N LYS A 4821 16.32 -20.07 -10.78
CA LYS A 4821 15.28 -19.54 -9.90
C LYS A 4821 14.78 -18.18 -10.36
N THR A 4822 15.69 -17.28 -10.75
CA THR A 4822 15.25 -15.95 -11.18
C THR A 4822 14.46 -16.04 -12.49
N LEU A 4823 14.88 -16.91 -13.40
CA LEU A 4823 14.09 -17.12 -14.62
C LEU A 4823 12.72 -17.68 -14.29
N ARG A 4824 12.65 -18.60 -13.33
CA ARG A 4824 11.35 -19.15 -12.94
C ARG A 4824 10.45 -18.07 -12.35
N THR A 4825 11.02 -17.17 -11.54
CA THR A 4825 10.22 -16.08 -10.99
C THR A 4825 9.74 -15.13 -12.08
N ILE A 4826 10.62 -14.78 -13.02
CA ILE A 4826 10.22 -13.89 -14.11
C ILE A 4826 9.12 -14.53 -14.95
N LEU A 4827 9.23 -15.82 -15.24
CA LEU A 4827 8.19 -16.48 -16.01
C LEU A 4827 6.91 -16.65 -15.21
N SER A 4828 7.01 -16.80 -13.89
CA SER A 4828 5.82 -16.80 -13.06
C SER A 4828 5.12 -15.46 -13.11
N SER A 4829 5.89 -14.38 -13.25
CA SER A 4829 5.30 -13.06 -13.39
C SER A 4829 4.36 -12.95 -14.59
N VAL A 4830 4.58 -13.72 -15.64
CA VAL A 4830 3.69 -13.67 -16.80
C VAL A 4830 2.67 -14.80 -16.78
N THR A 4831 3.02 -15.95 -16.20
CA THR A 4831 2.04 -17.03 -16.08
C THR A 4831 1.04 -16.78 -14.96
N HIS A 4832 1.24 -15.76 -14.14
CA HIS A 4832 0.26 -15.41 -13.11
C HIS A 4832 -1.08 -15.06 -13.74
N ASN A 4833 -1.06 -14.38 -14.88
CA ASN A 4833 -2.26 -13.94 -15.57
C ASN A 4833 -2.40 -14.60 -16.93
N GLY A 4834 -2.09 -15.89 -17.01
CA GLY A 4834 -2.27 -16.61 -18.27
C GLY A 4834 -3.72 -16.65 -18.71
N LYS A 4835 -4.64 -16.84 -17.77
CA LYS A 4835 -6.06 -16.84 -18.11
C LYS A 4835 -6.49 -15.49 -18.67
N GLN A 4836 -6.05 -14.41 -18.03
CA GLN A 4836 -6.40 -13.07 -18.52
C GLN A 4836 -5.78 -12.79 -19.89
N LEU A 4837 -4.55 -13.24 -20.10
CA LEU A 4837 -3.91 -13.06 -21.40
C LEU A 4837 -4.65 -13.82 -22.49
N VAL A 4838 -5.08 -15.05 -22.20
CA VAL A 4838 -5.88 -15.80 -23.17
C VAL A 4838 -7.19 -15.07 -23.46
N MET A 4839 -7.84 -14.55 -22.42
CA MET A 4839 -9.09 -13.85 -22.60
C MET A 4839 -8.91 -12.60 -23.47
N THR A 4840 -7.85 -11.84 -23.24
CA THR A 4840 -7.66 -10.62 -24.02
C THR A 4840 -7.20 -10.94 -25.45
N VAL A 4841 -6.47 -12.04 -25.65
CA VAL A 4841 -6.15 -12.45 -27.02
C VAL A 4841 -7.41 -12.88 -27.76
N GLY A 4842 -8.31 -13.58 -27.07
CA GLY A 4842 -9.59 -13.90 -27.68
C GLY A 4842 -10.40 -12.67 -28.01
N LEU A 4843 -10.35 -11.66 -27.13
CA LEU A 4843 -11.02 -10.39 -27.42
C LEU A 4843 -10.41 -9.71 -28.63
N LEU A 4844 -9.09 -9.75 -28.75
CA LEU A 4844 -8.43 -9.19 -29.93
C LEU A 4844 -8.86 -9.92 -31.20
N ALA A 4845 -8.94 -11.26 -31.13
CA ALA A 4845 -9.42 -12.02 -32.28
C ALA A 4845 -10.85 -11.65 -32.64
N VAL A 4846 -11.70 -11.47 -31.62
CA VAL A 4846 -13.09 -11.11 -31.88
C VAL A 4846 -13.20 -9.75 -32.55
N VAL A 4847 -12.47 -8.76 -32.03
CA VAL A 4847 -12.58 -7.42 -32.60
C VAL A 4847 -11.98 -7.36 -33.99
N VAL A 4848 -10.88 -8.10 -34.22
CA VAL A 4848 -10.31 -8.13 -35.56
C VAL A 4848 -11.26 -8.84 -36.53
N TYR A 4849 -11.98 -9.86 -36.06
CA TYR A 4849 -12.99 -10.47 -36.91
C TYR A 4849 -14.11 -9.50 -37.23
N LEU A 4850 -14.53 -8.69 -36.25
CA LEU A 4850 -15.57 -7.70 -36.51
C LEU A 4850 -15.11 -6.68 -37.54
N TYR A 4851 -13.87 -6.20 -37.41
CA TYR A 4851 -13.32 -5.30 -38.40
C TYR A 4851 -13.19 -5.97 -39.76
N THR A 4852 -12.88 -7.27 -39.78
CA THR A 4852 -12.81 -8.01 -41.03
C THR A 4852 -14.16 -8.06 -41.73
N VAL A 4853 -15.22 -8.29 -40.96
CA VAL A 4853 -16.57 -8.28 -41.52
C VAL A 4853 -16.89 -6.89 -42.07
N VAL A 4854 -16.57 -5.85 -41.29
CA VAL A 4854 -16.81 -4.48 -41.73
C VAL A 4854 -16.09 -4.19 -43.04
N ALA A 4855 -14.84 -4.65 -43.15
CA ALA A 4855 -14.08 -4.43 -44.38
C ALA A 4855 -14.63 -5.26 -45.53
N PHE A 4856 -14.96 -6.53 -45.28
CA PHE A 4856 -15.43 -7.40 -46.35
C PHE A 4856 -16.73 -6.87 -46.95
N ASN A 4857 -17.57 -6.24 -46.15
CA ASN A 4857 -18.84 -5.76 -46.70
C ASN A 4857 -18.72 -4.45 -47.49
N PHE A 4858 -17.65 -3.67 -47.30
CA PHE A 4858 -17.63 -2.34 -47.92
C PHE A 4858 -16.34 -1.97 -48.65
N PHE A 4859 -15.19 -2.49 -48.27
CA PHE A 4859 -13.90 -1.95 -48.67
C PHE A 4859 -13.07 -2.99 -49.42
N ARG A 4860 -13.70 -3.71 -50.35
CA ARG A 4860 -13.00 -4.77 -51.07
C ARG A 4860 -11.94 -4.23 -52.01
N LYS A 4861 -12.09 -2.98 -52.46
CA LYS A 4861 -11.17 -2.43 -53.45
C LYS A 4861 -9.76 -2.30 -52.90
N PHE A 4862 -9.63 -1.84 -51.66
CA PHE A 4862 -8.34 -1.35 -51.16
C PHE A 4862 -7.35 -2.47 -50.84
N TYR A 4863 -7.82 -3.62 -50.37
CA TYR A 4863 -6.93 -4.69 -49.97
C TYR A 4863 -6.31 -5.39 -51.18
N ASN A 4864 -5.48 -4.68 -51.93
CA ASN A 4864 -4.78 -5.25 -53.09
C ASN A 4864 -3.28 -5.09 -52.89
N LYS A 4865 -2.55 -6.19 -53.01
CA LYS A 4865 -1.11 -6.21 -52.78
C LYS A 4865 -0.31 -6.50 -54.05
N SER A 4866 -0.95 -6.51 -55.22
CA SER A 4866 -0.28 -6.84 -56.47
C SER A 4866 -0.13 -5.57 -57.30
N GLU A 4867 1.10 -5.19 -57.61
CA GLU A 4867 1.33 -4.05 -58.48
C GLU A 4867 0.98 -4.38 -59.93
N ASP A 4868 1.14 -5.65 -60.31
CA ASP A 4868 0.86 -6.08 -61.68
C ASP A 4868 -0.62 -5.92 -61.99
N GLU A 4869 -0.91 -5.27 -63.13
CA GLU A 4869 -2.29 -5.04 -63.52
C GLU A 4869 -2.93 -6.29 -64.13
N ASP A 4870 -2.13 -7.15 -64.76
CA ASP A 4870 -2.67 -8.33 -65.42
C ASP A 4870 -3.35 -9.27 -64.43
N GLU A 4871 -2.71 -9.49 -63.28
CA GLU A 4871 -3.23 -10.40 -62.26
C GLU A 4871 -3.24 -9.65 -60.92
N PRO A 4872 -4.30 -8.88 -60.67
CA PRO A 4872 -4.43 -8.23 -59.36
C PRO A 4872 -4.69 -9.26 -58.27
N ASP A 4873 -4.21 -8.96 -57.07
CA ASP A 4873 -4.38 -9.83 -55.91
C ASP A 4873 -5.17 -9.09 -54.85
N MET A 4874 -6.47 -9.35 -54.80
CA MET A 4874 -7.34 -8.78 -53.77
C MET A 4874 -7.35 -9.70 -52.56
N LYS A 4875 -7.04 -9.16 -51.40
CA LYS A 4875 -6.89 -9.96 -50.18
C LYS A 4875 -8.08 -9.83 -49.24
N CYS A 4876 -9.26 -9.46 -49.77
CA CYS A 4876 -10.45 -9.41 -48.94
C CYS A 4876 -11.69 -9.96 -49.64
N ASP A 4877 -11.55 -10.55 -50.83
CA ASP A 4877 -12.72 -11.14 -51.49
C ASP A 4877 -13.27 -12.32 -50.69
N ASP A 4878 -12.38 -13.15 -50.13
CA ASP A 4878 -12.79 -14.25 -49.28
C ASP A 4878 -12.76 -13.82 -47.82
N MET A 4879 -13.76 -14.24 -47.05
CA MET A 4879 -13.82 -13.87 -45.65
C MET A 4879 -12.64 -14.48 -44.87
N MET A 4880 -12.34 -15.75 -45.12
CA MET A 4880 -11.20 -16.37 -44.44
C MET A 4880 -9.90 -15.68 -44.82
N THR A 4881 -9.75 -15.35 -46.11
CA THR A 4881 -8.53 -14.68 -46.55
C THR A 4881 -8.38 -13.30 -45.94
N CYS A 4882 -9.47 -12.52 -45.87
CA CYS A 4882 -9.39 -11.20 -45.28
C CYS A 4882 -9.11 -11.26 -43.78
N TYR A 4883 -9.73 -12.22 -43.08
CA TYR A 4883 -9.45 -12.40 -41.66
C TYR A 4883 -7.99 -12.79 -41.45
N LEU A 4884 -7.47 -13.70 -42.28
CA LEU A 4884 -6.07 -14.08 -42.16
C LEU A 4884 -5.15 -12.89 -42.44
N PHE A 4885 -5.49 -12.08 -43.45
CA PHE A 4885 -4.69 -10.90 -43.75
C PHE A 4885 -4.69 -9.93 -42.57
N HIS A 4886 -5.86 -9.69 -41.97
CA HIS A 4886 -5.91 -8.79 -40.83
C HIS A 4886 -5.07 -9.33 -39.68
N MET A 4887 -5.34 -10.58 -39.27
CA MET A 4887 -4.61 -11.18 -38.15
C MET A 4887 -3.11 -11.23 -38.42
N TYR A 4888 -2.70 -11.30 -39.69
CA TYR A 4888 -1.29 -11.44 -39.99
C TYR A 4888 -0.58 -10.09 -40.01
N VAL A 4889 -1.12 -9.10 -40.71
CA VAL A 4889 -0.39 -7.87 -40.99
C VAL A 4889 -0.98 -6.67 -40.28
N GLY A 4890 -2.30 -6.62 -40.07
CA GLY A 4890 -2.89 -5.44 -39.46
C GLY A 4890 -2.45 -5.25 -38.03
N VAL A 4891 -2.41 -6.33 -37.25
CA VAL A 4891 -1.96 -6.26 -35.87
C VAL A 4891 -0.45 -5.99 -35.82
N ARG A 4892 0.32 -6.67 -36.66
CA ARG A 4892 1.76 -6.52 -36.66
C ARG A 4892 2.23 -5.22 -37.29
N ALA A 4893 1.34 -4.44 -37.89
CA ALA A 4893 1.71 -3.12 -38.36
C ALA A 4893 1.70 -2.13 -37.21
N GLY A 4894 2.57 -1.13 -37.30
CA GLY A 4894 2.64 -0.11 -36.28
C GLY A 4894 1.67 1.04 -36.45
N GLY A 4895 0.96 1.09 -37.57
CA GLY A 4895 0.05 2.17 -37.85
C GLY A 4895 -1.31 1.72 -38.34
N GLY A 4896 -1.79 0.60 -37.82
CA GLY A 4896 -3.08 0.08 -38.25
C GLY A 4896 -3.02 -0.60 -39.60
N ILE A 4897 -4.19 -0.72 -40.21
CA ILE A 4897 -4.28 -1.36 -41.52
C ILE A 4897 -4.31 -0.35 -42.67
N GLY A 4898 -4.73 0.89 -42.39
CA GLY A 4898 -4.76 1.90 -43.43
C GLY A 4898 -3.40 2.23 -44.00
N ASP A 4899 -2.37 2.22 -43.15
CA ASP A 4899 -1.02 2.43 -43.62
C ASP A 4899 -0.51 1.22 -44.40
N GLU A 4900 -1.12 0.06 -44.19
CA GLU A 4900 -0.66 -1.15 -44.84
C GLU A 4900 -1.33 -1.38 -46.18
N ILE A 4901 -2.54 -0.88 -46.39
CA ILE A 4901 -3.27 -1.15 -47.62
C ILE A 4901 -3.48 0.15 -48.41
N GLU A 4902 -4.21 0.05 -49.52
CA GLU A 4902 -4.31 1.13 -50.49
C GLU A 4902 -4.73 2.44 -49.85
N ASP A 4903 -4.16 3.53 -50.37
CA ASP A 4903 -4.44 4.86 -49.83
C ASP A 4903 -5.91 5.23 -50.05
N PRO A 4904 -6.55 5.85 -49.06
CA PRO A 4904 -7.97 6.20 -49.20
C PRO A 4904 -8.25 7.52 -49.89
N ALA A 4905 -7.24 8.32 -50.20
CA ALA A 4905 -7.49 9.64 -50.79
C ALA A 4905 -8.09 9.51 -52.18
N GLY A 4906 -8.81 10.55 -52.58
CA GLY A 4906 -9.47 10.58 -53.88
C GLY A 4906 -10.58 9.55 -54.03
N ASP A 4907 -11.44 9.45 -53.02
CA ASP A 4907 -12.54 8.50 -53.04
C ASP A 4907 -13.73 9.10 -52.32
N GLU A 4908 -14.92 8.57 -52.63
CA GLU A 4908 -16.14 9.04 -51.97
C GLU A 4908 -16.24 8.54 -50.54
N TYR A 4909 -15.62 7.41 -50.22
CA TYR A 4909 -15.64 6.84 -48.88
C TYR A 4909 -14.48 7.32 -48.02
N GLU A 4910 -13.97 8.53 -48.27
CA GLU A 4910 -12.83 9.04 -47.53
C GLU A 4910 -13.09 9.07 -46.03
N LEU A 4911 -14.20 9.68 -45.63
CA LEU A 4911 -14.49 9.82 -44.20
C LEU A 4911 -14.72 8.46 -43.56
N TYR A 4912 -15.48 7.60 -44.22
CA TYR A 4912 -15.74 6.27 -43.65
C TYR A 4912 -14.45 5.50 -43.46
N ARG A 4913 -13.57 5.53 -44.45
CA ARG A 4913 -12.35 4.72 -44.38
C ARG A 4913 -11.34 5.31 -43.40
N VAL A 4914 -11.26 6.64 -43.29
CA VAL A 4914 -10.35 7.22 -42.31
C VAL A 4914 -10.85 6.94 -40.89
N VAL A 4915 -12.17 6.98 -40.69
CA VAL A 4915 -12.72 6.58 -39.39
C VAL A 4915 -12.40 5.12 -39.10
N PHE A 4916 -12.55 4.26 -40.12
CA PHE A 4916 -12.20 2.85 -39.98
C PHE A 4916 -10.76 2.67 -39.54
N ASP A 4917 -9.83 3.33 -40.25
CA ASP A 4917 -8.41 3.17 -39.97
C ASP A 4917 -8.07 3.69 -38.58
N ILE A 4918 -8.58 4.87 -38.22
CA ILE A 4918 -8.26 5.45 -36.91
C ILE A 4918 -8.82 4.61 -35.78
N THR A 4919 -10.06 4.12 -35.92
CA THR A 4919 -10.62 3.25 -34.89
C THR A 4919 -9.82 1.96 -34.79
N PHE A 4920 -9.37 1.42 -35.93
CA PHE A 4920 -8.50 0.25 -35.89
C PHE A 4920 -7.23 0.55 -35.10
N PHE A 4921 -6.60 1.69 -35.38
CA PHE A 4921 -5.34 2.04 -34.73
C PHE A 4921 -5.52 2.16 -33.22
N PHE A 4922 -6.56 2.85 -32.78
CA PHE A 4922 -6.78 3.02 -31.35
C PHE A 4922 -7.19 1.71 -30.69
N PHE A 4923 -8.30 1.13 -31.13
CA PHE A 4923 -8.90 0.03 -30.39
C PHE A 4923 -8.12 -1.27 -30.54
N VAL A 4924 -7.36 -1.45 -31.63
CA VAL A 4924 -6.76 -2.74 -31.94
C VAL A 4924 -5.26 -2.78 -31.68
N ILE A 4925 -4.55 -1.68 -31.86
CA ILE A 4925 -3.10 -1.69 -31.69
C ILE A 4925 -2.71 -1.07 -30.36
N VAL A 4926 -3.17 0.15 -30.10
CA VAL A 4926 -2.76 0.84 -28.88
C VAL A 4926 -3.32 0.14 -27.65
N ILE A 4927 -4.65 0.08 -27.54
CA ILE A 4927 -5.28 -0.42 -26.33
C ILE A 4927 -5.04 -1.91 -26.15
N LEU A 4928 -5.21 -2.68 -27.21
CA LEU A 4928 -5.19 -4.14 -27.11
C LEU A 4928 -3.80 -4.73 -27.21
N LEU A 4929 -2.75 -3.90 -27.30
CA LEU A 4929 -1.39 -4.33 -27.03
C LEU A 4929 -0.79 -3.60 -25.83
N ALA A 4930 -1.50 -2.61 -25.29
CA ALA A 4930 -1.15 -2.05 -24.00
C ALA A 4930 -1.79 -2.79 -22.84
N ILE A 4931 -2.88 -3.52 -23.10
CA ILE A 4931 -3.50 -4.33 -22.05
C ILE A 4931 -2.55 -5.43 -21.58
N ILE A 4932 -1.81 -6.04 -22.51
CA ILE A 4932 -0.85 -7.08 -22.13
C ILE A 4932 0.27 -6.49 -21.27
N GLN A 4933 0.79 -5.32 -21.67
CA GLN A 4933 1.84 -4.67 -20.87
C GLN A 4933 1.32 -4.30 -19.50
N GLY A 4934 0.10 -3.78 -19.43
CA GLY A 4934 -0.50 -3.47 -18.13
C GLY A 4934 -0.68 -4.70 -17.27
N LEU A 4935 -1.09 -5.82 -17.89
CA LEU A 4935 -1.26 -7.06 -17.15
C LEU A 4935 0.07 -7.54 -16.58
N ILE A 4936 1.14 -7.47 -17.37
CA ILE A 4936 2.44 -7.91 -16.89
C ILE A 4936 2.94 -7.00 -15.77
N ILE A 4937 2.80 -5.68 -15.93
CA ILE A 4937 3.23 -4.75 -14.89
C ILE A 4937 2.43 -4.97 -13.62
N ASP A 4938 1.12 -5.15 -13.74
CA ASP A 4938 0.28 -5.41 -12.58
C ASP A 4938 0.64 -6.72 -11.92
N ALA A 4939 1.00 -7.74 -12.70
CA ALA A 4939 1.41 -9.00 -12.09
C ALA A 4939 2.70 -8.84 -11.30
N PHE A 4940 3.68 -8.12 -11.86
CA PHE A 4940 4.89 -7.81 -11.10
C PHE A 4940 4.55 -7.10 -9.80
N GLY A 4941 3.66 -6.11 -9.87
CA GLY A 4941 3.28 -5.38 -8.67
C GLY A 4941 2.60 -6.27 -7.64
N GLU A 4942 1.65 -7.10 -8.07
CA GLU A 4942 0.92 -7.95 -7.14
C GLU A 4942 1.85 -8.96 -6.48
N LEU A 4943 2.80 -9.50 -7.24
CA LEU A 4943 3.78 -10.40 -6.64
C LEU A 4943 4.65 -9.68 -5.62
N ARG A 4944 5.06 -8.45 -5.92
CA ARG A 4944 5.87 -7.70 -4.97
C ARG A 4944 5.08 -7.43 -3.68
N ASP A 4945 3.81 -7.05 -3.81
CA ASP A 4945 3.01 -6.85 -2.60
C ASP A 4945 2.77 -8.16 -1.85
N GLN A 4946 2.66 -9.28 -2.56
CA GLN A 4946 2.54 -10.55 -1.86
C GLN A 4946 3.78 -10.83 -1.00
N GLN A 4947 4.97 -10.62 -1.57
CA GLN A 4947 6.19 -10.83 -0.81
C GLN A 4947 6.29 -9.86 0.36
N GLU A 4948 5.97 -8.59 0.12
CA GLU A 4948 6.01 -7.60 1.19
C GLU A 4948 5.04 -7.96 2.30
N GLN A 4949 3.84 -8.39 1.94
CA GLN A 4949 2.82 -8.72 2.95
C GLN A 4949 3.24 -9.93 3.78
N VAL A 4950 3.78 -10.96 3.15
CA VAL A 4950 4.20 -12.13 3.92
C VAL A 4950 5.35 -11.77 4.85
N LYS A 4951 6.31 -10.98 4.35
CA LYS A 4951 7.42 -10.57 5.21
C LYS A 4951 6.94 -9.73 6.39
N GLU A 4952 6.05 -8.78 6.14
CA GLU A 4952 5.56 -7.92 7.21
C GLU A 4952 4.74 -8.71 8.22
N ASP A 4953 3.90 -9.64 7.75
CA ASP A 4953 3.13 -10.46 8.67
C ASP A 4953 4.03 -11.31 9.55
N MET A 4954 5.07 -11.92 8.97
CA MET A 4954 5.99 -12.69 9.77
C MET A 4954 6.73 -11.82 10.77
N GLU A 4955 7.08 -10.59 10.38
CA GLU A 4955 7.77 -9.69 11.28
C GLU A 4955 6.88 -9.24 12.43
N THR A 4956 5.59 -9.01 12.15
CA THR A 4956 4.72 -8.36 13.12
C THR A 4956 3.91 -9.33 13.98
N LYS A 4957 3.79 -10.60 13.60
CA LYS A 4957 2.99 -11.53 14.36
C LYS A 4957 3.76 -12.83 14.61
N CYS A 4958 3.41 -13.50 15.71
CA CYS A 4958 3.96 -14.81 16.01
C CYS A 4958 3.17 -15.86 15.24
N PHE A 4959 3.89 -16.74 14.54
CA PHE A 4959 3.24 -17.68 13.64
C PHE A 4959 2.35 -18.67 14.40
N ILE A 4960 2.86 -19.21 15.51
CA ILE A 4960 2.14 -20.27 16.20
C ILE A 4960 0.92 -19.71 16.93
N CYS A 4961 1.11 -18.64 17.71
CA CYS A 4961 0.05 -18.17 18.59
C CYS A 4961 -0.79 -17.06 17.98
N GLY A 4962 -0.19 -16.18 17.17
CA GLY A 4962 -0.92 -15.09 16.55
C GLY A 4962 -0.93 -13.81 17.35
N ILE A 4963 -0.35 -13.78 18.55
CA ILE A 4963 -0.28 -12.56 19.32
C ILE A 4963 0.63 -11.56 18.62
N GLY A 4964 0.20 -10.30 18.58
CA GLY A 4964 0.99 -9.29 17.91
C GLY A 4964 2.31 -9.02 18.61
N SER A 4965 3.26 -8.48 17.85
CA SER A 4965 4.59 -8.18 18.38
C SER A 4965 4.57 -7.02 19.36
N ASP A 4966 3.52 -6.18 19.32
CA ASP A 4966 3.48 -5.01 20.19
C ASP A 4966 3.51 -5.40 21.66
N TYR A 4967 2.84 -6.49 22.02
CA TYR A 4967 2.91 -6.99 23.39
C TYR A 4967 4.34 -7.40 23.74
N PHE A 4968 5.00 -8.15 22.86
CA PHE A 4968 6.30 -8.70 23.19
C PHE A 4968 7.37 -7.62 23.25
N ASP A 4969 7.22 -6.54 22.49
CA ASP A 4969 8.23 -5.48 22.54
C ASP A 4969 8.16 -4.65 23.82
N THR A 4970 7.35 -5.05 24.80
CA THR A 4970 7.36 -4.37 26.10
C THR A 4970 8.73 -4.48 26.75
N THR A 4971 9.31 -5.67 26.73
CA THR A 4971 10.67 -5.90 27.16
C THR A 4971 11.61 -5.89 25.95
N PRO A 4972 12.86 -5.44 26.12
CA PRO A 4972 13.78 -5.40 24.99
C PRO A 4972 14.02 -6.80 24.42
N HIS A 4973 14.07 -6.86 23.08
CA HIS A 4973 14.25 -8.11 22.34
C HIS A 4973 13.16 -9.13 22.68
N GLY A 4974 11.99 -8.64 23.12
CA GLY A 4974 10.95 -9.55 23.58
C GLY A 4974 10.42 -10.43 22.47
N PHE A 4975 10.12 -9.84 21.31
CA PHE A 4975 9.58 -10.63 20.22
C PHE A 4975 10.61 -11.63 19.70
N GLU A 4976 11.87 -11.21 19.59
CA GLU A 4976 12.91 -12.12 19.15
C GLU A 4976 13.06 -13.29 20.11
N THR A 4977 13.07 -13.02 21.42
CA THR A 4977 13.17 -14.09 22.40
C THR A 4977 11.96 -15.02 22.32
N HIS A 4978 10.76 -14.46 22.15
CA HIS A 4978 9.57 -15.29 22.08
C HIS A 4978 9.59 -16.19 20.85
N THR A 4979 10.03 -15.66 19.70
CA THR A 4979 10.02 -16.44 18.48
C THR A 4979 11.23 -17.35 18.33
N LEU A 4980 12.26 -17.17 19.15
CA LEU A 4980 13.42 -18.06 19.09
C LEU A 4980 13.51 -19.02 20.28
N GLU A 4981 12.70 -18.84 21.31
CA GLU A 4981 12.75 -19.73 22.47
C GLU A 4981 11.40 -20.31 22.86
N GLU A 4982 10.32 -19.56 22.71
CA GLU A 4982 9.02 -20.00 23.22
C GLU A 4982 8.15 -20.66 22.17
N HIS A 4983 7.94 -19.99 21.04
CA HIS A 4983 7.00 -20.49 20.04
C HIS A 4983 7.67 -20.76 18.70
N ASN A 4984 8.83 -21.42 18.71
CA ASN A 4984 9.56 -21.68 17.49
C ASN A 4984 8.92 -22.85 16.74
N LEU A 4985 8.52 -22.61 15.49
CA LEU A 4985 7.94 -23.67 14.67
C LEU A 4985 8.93 -24.80 14.43
N ALA A 4986 10.21 -24.46 14.33
CA ALA A 4986 11.24 -25.50 14.24
C ALA A 4986 11.23 -26.38 15.48
N ASN A 4987 11.10 -25.77 16.65
CA ASN A 4987 11.03 -26.55 17.88
C ASN A 4987 9.78 -27.42 17.91
N TYR A 4988 8.65 -26.90 17.41
CA TYR A 4988 7.43 -27.70 17.36
C TYR A 4988 7.61 -28.91 16.44
N MET A 4989 8.22 -28.71 15.28
CA MET A 4989 8.46 -29.83 14.37
C MET A 4989 9.41 -30.84 14.99
N PHE A 4990 10.45 -30.37 15.68
CA PHE A 4990 11.39 -31.28 16.34
C PHE A 4990 10.69 -32.08 17.42
N PHE A 4991 9.78 -31.45 18.16
CA PHE A 4991 9.02 -32.18 19.16
C PHE A 4991 8.12 -33.23 18.53
N LEU A 4992 7.49 -32.90 17.41
CA LEU A 4992 6.63 -33.87 16.73
C LEU A 4992 7.43 -35.07 16.26
N MET A 4993 8.58 -34.83 15.63
CA MET A 4993 9.40 -35.95 15.17
C MET A 4993 9.96 -36.73 16.35
N TYR A 4994 10.21 -36.05 17.47
CA TYR A 4994 10.67 -36.73 18.68
C TYR A 4994 9.60 -37.68 19.20
N LEU A 4995 8.34 -37.24 19.21
CA LEU A 4995 7.26 -38.12 19.60
C LEU A 4995 7.14 -39.31 18.65
N ILE A 4996 7.25 -39.06 17.35
CA ILE A 4996 7.14 -40.16 16.38
C ILE A 4996 8.26 -41.16 16.60
N ASN A 4997 9.50 -40.68 16.82
CA ASN A 4997 10.63 -41.58 16.95
C ASN A 4997 10.59 -42.35 18.27
N LYS A 4998 10.26 -41.69 19.37
CA LYS A 4998 10.30 -42.32 20.68
C LYS A 4998 9.26 -43.43 20.77
N ASP A 4999 9.69 -44.58 21.31
CA ASP A 4999 8.80 -45.72 21.45
C ASP A 4999 7.66 -45.39 22.40
N GLU A 5000 6.48 -45.94 22.11
CA GLU A 5000 5.33 -45.74 22.98
C GLU A 5000 5.57 -46.44 24.32
N THR A 5001 4.70 -46.12 25.29
CA THR A 5001 4.78 -46.57 26.67
C THR A 5001 6.02 -46.01 27.37
N GLU A 5002 6.80 -45.22 26.64
CA GLU A 5002 7.91 -44.47 27.22
C GLU A 5002 7.61 -42.98 27.28
N HIS A 5003 6.45 -42.55 26.77
CA HIS A 5003 6.07 -41.15 26.81
C HIS A 5003 5.80 -40.69 28.24
N THR A 5004 6.09 -39.43 28.51
CA THR A 5004 5.63 -38.81 29.74
C THR A 5004 4.13 -38.52 29.63
N GLY A 5005 3.58 -37.93 30.69
CA GLY A 5005 2.15 -37.62 30.65
C GLY A 5005 1.81 -36.60 29.57
N GLN A 5006 2.59 -35.52 29.50
CA GLN A 5006 2.35 -34.51 28.48
C GLN A 5006 2.61 -35.06 27.08
N GLU A 5007 3.65 -35.89 26.93
CA GLU A 5007 3.92 -36.50 25.64
C GLU A 5007 2.78 -37.42 25.21
N SER A 5008 2.24 -38.20 26.14
CA SER A 5008 1.09 -39.04 25.82
C SER A 5008 -0.13 -38.21 25.45
N TYR A 5009 -0.33 -37.09 26.15
CA TYR A 5009 -1.44 -36.20 25.83
C TYR A 5009 -1.32 -35.68 24.40
N VAL A 5010 -0.13 -35.19 24.05
CA VAL A 5010 0.08 -34.63 22.71
C VAL A 5010 -0.01 -35.73 21.65
N TRP A 5011 0.50 -36.93 21.97
CA TRP A 5011 0.42 -38.04 21.01
C TRP A 5011 -1.03 -38.45 20.77
N LYS A 5012 -1.84 -38.50 21.83
CA LYS A 5012 -3.25 -38.83 21.67
C LYS A 5012 -3.96 -37.77 20.85
N MET A 5013 -3.67 -36.49 21.12
CA MET A 5013 -4.27 -35.42 20.33
C MET A 5013 -3.87 -35.53 18.87
N TYR A 5014 -2.61 -35.84 18.60
CA TYR A 5014 -2.14 -35.98 17.22
C TYR A 5014 -2.82 -37.15 16.51
N GLN A 5015 -2.94 -38.28 17.21
CA GLN A 5015 -3.63 -39.43 16.62
C GLN A 5015 -5.10 -39.14 16.38
N GLU A 5016 -5.74 -38.35 17.22
CA GLU A 5016 -7.12 -37.94 17.00
C GLU A 5016 -7.23 -36.74 16.07
N ARG A 5017 -6.09 -36.18 15.64
CA ARG A 5017 -6.06 -35.03 14.73
C ARG A 5017 -6.87 -33.86 15.28
N CYS A 5018 -6.60 -33.51 16.54
CA CYS A 5018 -7.18 -32.34 17.18
C CYS A 5018 -6.05 -31.40 17.55
N TRP A 5019 -6.08 -30.18 17.02
CA TRP A 5019 -5.00 -29.21 17.19
C TRP A 5019 -5.31 -28.19 18.26
N ASP A 5020 -6.01 -28.60 19.32
CA ASP A 5020 -6.30 -27.68 20.41
C ASP A 5020 -5.07 -27.41 21.26
N PHE A 5021 -4.11 -28.34 21.28
CA PHE A 5021 -2.94 -28.16 22.13
C PHE A 5021 -2.03 -27.03 21.64
N PHE A 5022 -2.13 -26.65 20.38
CA PHE A 5022 -1.36 -25.51 19.90
C PHE A 5022 -1.88 -24.23 20.53
N PRO A 5023 -1.02 -23.40 21.13
CA PRO A 5023 -1.50 -22.17 21.77
C PRO A 5023 -2.02 -21.18 20.74
N ALA A 5024 -3.25 -20.72 20.94
CA ALA A 5024 -3.89 -19.75 20.06
C ALA A 5024 -4.34 -18.56 20.87
N GLY A 5025 -3.76 -17.39 20.59
CA GLY A 5025 -4.11 -16.19 21.31
C GLY A 5025 -3.70 -16.19 22.77
N ASP A 5026 -2.75 -17.05 23.16
CA ASP A 5026 -2.30 -17.12 24.53
C ASP A 5026 -0.87 -17.62 24.55
N CYS A 5027 -0.17 -17.33 25.65
CA CYS A 5027 1.22 -17.72 25.80
C CYS A 5027 1.55 -17.75 27.29
N PHE A 5028 2.77 -18.22 27.58
CA PHE A 5028 3.20 -18.33 28.96
C PHE A 5028 3.27 -16.95 29.63
N ARG A 5029 3.77 -15.95 28.91
CA ARG A 5029 3.86 -14.60 29.47
C ARG A 5029 2.47 -14.02 29.74
N LYS A 5030 1.57 -14.14 28.77
CA LYS A 5030 0.19 -13.68 29.00
C LYS A 5030 -0.45 -14.42 30.15
N GLN A 5031 -0.11 -15.69 30.36
CA GLN A 5031 -0.75 -16.47 31.40
C GLN A 5031 -0.22 -16.10 32.78
N TYR A 5032 1.09 -15.85 32.91
CA TYR A 5032 1.70 -15.73 34.22
C TYR A 5032 2.42 -14.39 34.41
N GLU A 5033 1.96 -13.34 33.71
CA GLU A 5033 2.57 -12.02 33.90
C GLU A 5033 2.42 -11.54 35.34
N ASP A 5034 1.40 -12.02 36.05
CA ASP A 5034 1.19 -11.60 37.43
C ASP A 5034 2.38 -11.97 38.31
N GLN A 5035 2.93 -13.17 38.12
CA GLN A 5035 4.10 -13.57 38.87
C GLN A 5035 5.40 -13.19 38.19
N LEU A 5036 5.40 -13.04 36.86
CA LEU A 5036 6.63 -12.69 36.17
C LEU A 5036 7.00 -11.23 36.36
N SER A 5037 6.01 -10.35 36.51
CA SER A 5037 6.27 -8.93 36.69
C SER A 5037 6.90 -8.64 38.05
N ASN B 3950 46.12 34.70 53.30
CA ASN B 3950 45.32 33.91 54.23
C ASN B 3950 44.12 33.29 53.53
N PHE B 3951 43.39 34.12 52.78
CA PHE B 3951 42.21 33.62 52.06
C PHE B 3951 42.62 32.60 50.99
N SER B 3952 43.70 32.89 50.25
CA SER B 3952 44.12 31.99 49.19
C SER B 3952 44.52 30.62 49.74
N LYS B 3953 45.22 30.59 50.87
CA LYS B 3953 45.65 29.31 51.44
C LYS B 3953 44.46 28.45 51.84
N ALA B 3954 43.43 29.06 52.43
CA ALA B 3954 42.24 28.31 52.80
C ALA B 3954 41.53 27.77 51.56
N MET B 3955 41.63 28.48 50.44
CA MET B 3955 40.99 28.03 49.21
C MET B 3955 41.55 26.70 48.73
N SER B 3956 42.88 26.54 48.82
CA SER B 3956 43.49 25.29 48.38
C SER B 3956 42.98 24.11 49.21
N VAL B 3957 42.80 24.32 50.52
CA VAL B 3957 42.24 23.27 51.37
C VAL B 3957 40.80 22.97 50.96
N ALA B 3958 40.01 24.02 50.69
CA ALA B 3958 38.62 23.82 50.33
C ALA B 3958 38.48 23.05 49.03
N LYS B 3959 39.31 23.37 48.04
CA LYS B 3959 39.25 22.66 46.76
C LYS B 3959 39.56 21.18 46.95
N GLN B 3960 40.56 20.85 47.75
CA GLN B 3960 40.85 19.46 48.05
C GLN B 3960 39.69 18.82 48.82
N VAL B 3961 39.10 19.57 49.75
CA VAL B 3961 37.94 19.05 50.48
C VAL B 3961 36.78 18.81 49.53
N PHE B 3962 36.49 19.79 48.67
CA PHE B 3962 35.40 19.62 47.72
C PHE B 3962 35.68 18.48 46.75
N ASN B 3963 36.93 18.34 46.33
CA ASN B 3963 37.29 17.18 45.50
C ASN B 3963 37.21 15.89 46.32
N SER B 3964 37.49 15.97 47.62
CA SER B 3964 37.40 14.77 48.45
C SER B 3964 35.96 14.28 48.57
N LEU B 3965 35.03 15.18 48.88
CA LEU B 3965 33.62 14.79 48.93
C LEU B 3965 33.12 14.39 47.56
N THR B 3966 33.76 14.88 46.49
CA THR B 3966 33.41 14.44 45.15
C THR B 3966 33.69 12.96 44.96
N GLU B 3967 34.82 12.49 45.48
CA GLU B 3967 35.22 11.10 45.25
C GLU B 3967 34.33 10.12 46.01
N TYR B 3968 33.87 10.50 47.20
CA TYR B 3968 33.05 9.58 47.99
C TYR B 3968 31.74 9.25 47.29
N ILE B 3969 31.31 10.10 46.36
CA ILE B 3969 30.01 9.99 45.72
C ILE B 3969 30.11 9.97 44.20
N GLN B 3970 31.31 9.77 43.65
CA GLN B 3970 31.50 9.80 42.21
C GLN B 3970 31.24 8.44 41.56
N GLY B 3971 30.97 7.41 42.35
CA GLY B 3971 30.74 6.08 41.83
C GLY B 3971 29.30 5.65 42.02
N PRO B 3972 28.36 6.55 41.73
CA PRO B 3972 26.98 6.39 42.22
C PRO B 3972 26.83 5.56 43.48
N CYS B 3973 27.63 5.85 44.49
CA CYS B 3973 27.58 5.15 45.77
C CYS B 3973 26.36 5.66 46.53
N THR B 3974 25.25 4.92 46.39
CA THR B 3974 24.00 5.31 47.01
C THR B 3974 24.13 5.36 48.53
N GLY B 3975 25.03 4.55 49.09
CA GLY B 3975 25.23 4.59 50.53
C GLY B 3975 25.77 5.92 51.02
N ASN B 3976 26.80 6.44 50.33
CA ASN B 3976 27.38 7.71 50.75
C ASN B 3976 26.52 8.89 50.33
N GLN B 3977 25.78 8.75 49.24
CA GLN B 3977 24.92 9.85 48.78
C GLN B 3977 23.86 10.18 49.81
N GLN B 3978 23.24 9.15 50.41
CA GLN B 3978 22.21 9.40 51.41
C GLN B 3978 22.81 9.93 52.71
N SER B 3979 24.04 9.50 53.03
CA SER B 3979 24.68 9.97 54.26
C SER B 3979 24.94 11.47 54.22
N LEU B 3980 25.36 11.98 53.08
CA LEU B 3980 25.62 13.42 52.97
C LEU B 3980 24.33 14.23 53.01
N ALA B 3981 23.20 13.61 52.68
CA ALA B 3981 21.93 14.34 52.68
C ALA B 3981 21.56 14.80 54.08
N HIS B 3982 21.75 13.94 55.08
CA HIS B 3982 21.39 14.27 56.45
C HIS B 3982 22.46 15.07 57.17
N SER B 3983 23.63 15.24 56.59
CA SER B 3983 24.72 15.97 57.23
C SER B 3983 24.47 17.47 57.13
N ARG B 3984 25.44 18.27 57.60
CA ARG B 3984 25.35 19.72 57.56
C ARG B 3984 25.90 20.31 56.28
N LEU B 3985 25.96 19.52 55.20
CA LEU B 3985 26.53 20.01 53.95
C LEU B 3985 25.73 21.18 53.39
N TRP B 3986 24.40 21.11 53.45
CA TRP B 3986 23.58 22.19 52.93
C TRP B 3986 23.83 23.48 53.69
N ASP B 3987 24.08 23.39 54.99
CA ASP B 3987 24.49 24.56 55.75
C ASP B 3987 25.83 25.09 55.25
N ALA B 3988 26.72 24.19 54.84
CA ALA B 3988 28.01 24.61 54.29
C ALA B 3988 27.86 25.18 52.89
N VAL B 3989 26.96 24.60 52.09
CA VAL B 3989 26.79 25.05 50.70
C VAL B 3989 26.34 26.50 50.64
N VAL B 3990 25.36 26.87 51.47
CA VAL B 3990 24.86 28.23 51.45
C VAL B 3990 25.94 29.20 51.94
N GLY B 3991 26.81 28.73 52.84
CA GLY B 3991 27.85 29.60 53.35
C GLY B 3991 28.83 30.05 52.30
N PHE B 3992 29.32 29.13 51.48
CA PHE B 3992 30.25 29.49 50.42
C PHE B 3992 29.57 30.30 49.32
N LEU B 3993 28.30 30.00 49.02
CA LEU B 3993 27.59 30.76 47.99
C LEU B 3993 27.45 32.22 48.38
N HIS B 3994 27.13 32.50 49.64
CA HIS B 3994 27.02 33.88 50.09
C HIS B 3994 28.37 34.60 50.02
N VAL B 3995 29.45 33.91 50.41
CA VAL B 3995 30.77 34.51 50.30
C VAL B 3995 31.15 34.73 48.85
N PHE B 3996 30.85 33.77 47.99
CA PHE B 3996 31.18 33.90 46.57
C PHE B 3996 30.45 35.06 45.93
N ALA B 3997 29.18 35.24 46.29
CA ALA B 3997 28.35 36.26 45.64
C ALA B 3997 28.88 37.67 45.92
N HIS B 3998 29.10 37.99 47.20
CA HIS B 3998 29.46 39.37 47.56
C HIS B 3998 30.91 39.68 47.23
N MET B 3999 31.81 38.70 47.35
CA MET B 3999 33.23 39.00 47.24
C MET B 3999 33.66 39.32 45.82
N MET B 4000 33.20 38.56 44.83
CA MET B 4000 33.77 38.69 43.49
C MET B 4000 33.44 40.04 42.86
N MET B 4001 32.26 40.60 43.18
CA MET B 4001 31.93 41.91 42.65
C MET B 4001 32.89 42.97 43.16
N LYS B 4002 33.28 42.87 44.42
CA LYS B 4002 34.31 43.76 44.95
C LYS B 4002 35.64 43.57 44.22
N LEU B 4003 36.00 42.31 43.95
CA LEU B 4003 37.25 42.02 43.27
C LEU B 4003 37.19 42.32 41.77
N ALA B 4004 36.00 42.19 41.16
CA ALA B 4004 35.88 42.43 39.72
C ALA B 4004 36.20 43.87 39.36
N GLN B 4005 35.69 44.83 40.14
CA GLN B 4005 35.98 46.23 39.87
C GLN B 4005 37.45 46.55 40.12
N ASP B 4006 38.03 45.97 41.15
CA ASP B 4006 39.42 46.26 41.49
C ASP B 4006 40.35 45.65 40.45
N SER B 4007 41.29 46.46 39.94
CA SER B 4007 42.26 45.95 38.98
C SER B 4007 43.31 45.08 39.65
N SER B 4008 43.77 45.50 40.85
CA SER B 4008 44.77 44.72 41.56
C SER B 4008 44.20 43.40 42.06
N GLN B 4009 42.93 43.40 42.49
CA GLN B 4009 42.30 42.20 43.01
C GLN B 4009 41.75 41.33 41.87
N ILE B 4010 42.66 40.95 40.98
CA ILE B 4010 42.33 40.07 39.87
C ILE B 4010 43.05 38.74 39.92
N GLU B 4011 44.26 38.66 40.48
CA GLU B 4011 44.96 37.39 40.57
C GLU B 4011 44.19 36.38 41.41
N LEU B 4012 43.63 36.83 42.55
CA LEU B 4012 42.87 35.92 43.40
C LEU B 4012 41.51 35.59 42.80
N LEU B 4013 40.99 36.45 41.92
CA LEU B 4013 39.64 36.27 41.41
C LEU B 4013 39.51 35.00 40.59
N LYS B 4014 40.54 34.67 39.80
CA LYS B 4014 40.43 33.51 38.91
C LYS B 4014 40.29 32.20 39.70
N GLU B 4015 41.01 32.06 40.81
CA GLU B 4015 40.83 30.87 41.63
C GLU B 4015 39.52 30.92 42.41
N LEU B 4016 38.97 32.11 42.62
CA LEU B 4016 37.69 32.21 43.33
C LEU B 4016 36.58 31.53 42.55
N LEU B 4017 36.54 31.74 41.23
CA LEU B 4017 35.56 31.05 40.40
C LEU B 4017 35.97 29.60 40.15
N ASP B 4018 37.27 29.32 40.11
CA ASP B 4018 37.72 27.94 39.91
C ASP B 4018 37.29 27.05 41.07
N LEU B 4019 37.39 27.56 42.31
CA LEU B 4019 36.95 26.77 43.45
C LEU B 4019 35.44 26.53 43.39
N GLN B 4020 34.68 27.57 43.04
CA GLN B 4020 33.24 27.41 42.89
C GLN B 4020 32.91 26.52 41.70
N LYS B 4021 33.76 26.51 40.68
CA LYS B 4021 33.61 25.57 39.59
C LYS B 4021 33.71 24.13 40.10
N ASP B 4022 34.65 23.89 41.01
CA ASP B 4022 34.73 22.58 41.66
C ASP B 4022 33.62 22.37 42.67
N MET B 4023 32.97 23.45 43.13
CA MET B 4023 31.88 23.29 44.08
C MET B 4023 30.65 22.70 43.42
N VAL B 4024 30.28 23.20 42.24
CA VAL B 4024 29.08 22.72 41.58
C VAL B 4024 29.26 21.30 41.04
N VAL B 4025 30.50 20.87 40.80
CA VAL B 4025 30.72 19.48 40.41
C VAL B 4025 30.32 18.55 41.56
N MET B 4026 30.61 18.95 42.80
CA MET B 4026 30.14 18.18 43.94
C MET B 4026 28.62 18.17 43.99
N LEU B 4027 27.98 19.31 43.69
CA LEU B 4027 26.53 19.34 43.60
C LEU B 4027 26.02 18.45 42.49
N LEU B 4028 26.67 18.50 41.32
CA LEU B 4028 26.25 17.66 40.20
C LEU B 4028 26.46 16.18 40.52
N SER B 4029 27.61 15.84 41.13
CA SER B 4029 27.87 14.45 41.49
C SER B 4029 26.90 13.97 42.56
N LEU B 4030 26.55 14.84 43.50
CA LEU B 4030 25.60 14.46 44.55
C LEU B 4030 24.22 14.22 43.95
N LEU B 4031 23.88 14.95 42.90
CA LEU B 4031 22.62 14.80 42.19
C LEU B 4031 22.62 13.63 41.21
N GLU B 4032 23.78 12.99 41.01
CA GLU B 4032 23.89 11.91 40.04
C GLU B 4032 22.96 10.76 40.38
N GLY B 4033 22.27 10.24 39.36
CA GLY B 4033 21.35 9.14 39.56
C GLY B 4033 20.14 9.50 40.40
N ASN B 4034 19.65 10.73 40.29
CA ASN B 4034 18.54 11.15 41.12
C ASN B 4034 17.23 10.54 40.63
N VAL B 4035 16.28 10.43 41.55
CA VAL B 4035 14.95 9.96 41.26
C VAL B 4035 13.99 11.14 41.37
N VAL B 4036 12.95 11.14 40.53
CA VAL B 4036 11.99 12.24 40.54
C VAL B 4036 11.35 12.33 41.91
N ASN B 4037 11.23 13.56 42.42
CA ASN B 4037 10.67 13.82 43.74
C ASN B 4037 11.44 13.07 44.83
N GLY B 4038 12.72 12.82 44.56
CA GLY B 4038 13.54 12.11 45.52
C GLY B 4038 14.03 13.01 46.65
N MET B 4039 14.59 12.38 47.67
CA MET B 4039 15.07 13.13 48.83
C MET B 4039 16.20 14.08 48.45
N ILE B 4040 17.11 13.63 47.57
CA ILE B 4040 18.25 14.46 47.20
C ILE B 4040 17.79 15.75 46.51
N ALA B 4041 16.85 15.64 45.57
CA ALA B 4041 16.35 16.83 44.90
C ALA B 4041 15.59 17.73 45.87
N ARG B 4042 14.80 17.14 46.77
CA ARG B 4042 14.05 17.94 47.73
C ARG B 4042 14.98 18.67 48.68
N GLN B 4043 16.10 18.04 49.06
CA GLN B 4043 17.07 18.72 49.90
C GLN B 4043 17.70 19.91 49.19
N MET B 4044 17.99 19.75 47.89
CA MET B 4044 18.62 20.84 47.15
C MET B 4044 17.68 22.02 46.94
N VAL B 4045 16.42 21.76 46.56
CA VAL B 4045 15.50 22.86 46.26
C VAL B 4045 15.25 23.68 47.53
N ASP B 4046 15.22 23.02 48.69
CA ASP B 4046 15.15 23.76 49.95
C ASP B 4046 16.38 24.64 50.14
N MET B 4047 17.54 24.16 49.70
CA MET B 4047 18.75 24.98 49.77
C MET B 4047 18.66 26.17 48.82
N LEU B 4048 18.13 25.96 47.61
CA LEU B 4048 18.05 27.04 46.64
C LEU B 4048 17.10 28.16 47.10
N VAL B 4049 15.94 27.79 47.66
CA VAL B 4049 14.92 28.80 47.99
C VAL B 4049 15.45 29.76 49.05
N GLU B 4050 16.12 29.24 50.08
CA GLU B 4050 16.75 30.11 51.05
C GLU B 4050 17.97 30.81 50.49
N SER B 4051 18.61 30.22 49.47
CA SER B 4051 19.75 30.83 48.80
C SER B 4051 19.35 31.64 47.57
N SER B 4052 18.03 31.76 47.30
CA SER B 4052 17.58 32.39 46.07
C SER B 4052 18.08 33.84 45.96
N SER B 4053 18.16 34.53 47.09
CA SER B 4053 18.72 35.89 47.08
C SER B 4053 20.17 35.87 46.62
N ASN B 4054 20.94 34.89 47.10
CA ASN B 4054 22.33 34.76 46.67
C ASN B 4054 22.42 34.17 45.26
N VAL B 4055 21.43 33.38 44.85
CA VAL B 4055 21.50 32.71 43.55
C VAL B 4055 21.52 33.74 42.43
N GLU B 4056 20.66 34.76 42.50
CA GLU B 4056 20.66 35.79 41.49
C GLU B 4056 21.71 36.83 41.85
N MET B 4057 22.92 36.36 42.16
CA MET B 4057 24.08 37.21 42.33
C MET B 4057 25.33 36.67 41.64
N ILE B 4058 25.41 35.36 41.37
CA ILE B 4058 26.55 34.80 40.65
C ILE B 4058 26.29 34.80 39.14
N LEU B 4059 25.02 34.70 38.73
CA LEU B 4059 24.72 34.59 37.31
C LEU B 4059 25.21 35.81 36.53
N LYS B 4060 25.00 37.00 37.07
CA LYS B 4060 25.49 38.22 36.44
C LYS B 4060 26.99 38.37 36.66
N PRO B 4176 20.59 25.16 24.06
CA PRO B 4176 21.65 25.77 23.25
C PRO B 4176 22.87 24.86 23.08
N TYR B 4177 23.71 24.78 24.12
CA TYR B 4177 24.89 23.93 24.11
C TYR B 4177 24.77 22.81 25.14
N LEU B 4178 23.55 22.41 25.46
CA LEU B 4178 23.28 21.39 26.47
C LEU B 4178 22.63 20.20 25.80
N GLY B 4179 23.15 19.01 26.10
CA GLY B 4179 22.68 17.77 25.49
C GLY B 4179 22.01 16.88 26.52
N ARG B 4180 20.95 16.19 26.10
CA ARG B 4180 20.18 15.30 26.95
C ARG B 4180 20.16 13.91 26.34
N ILE B 4181 20.29 12.89 27.19
CA ILE B 4181 20.20 11.49 26.77
C ILE B 4181 19.49 10.71 27.88
N GLU B 4182 19.15 9.46 27.56
CA GLU B 4182 18.59 8.52 28.51
C GLU B 4182 19.27 7.18 28.32
N ILE B 4183 19.73 6.59 29.43
CA ILE B 4183 20.42 5.30 29.38
C ILE B 4183 19.80 4.36 30.39
N MET B 4184 20.04 3.07 30.20
CA MET B 4184 19.71 2.04 31.20
C MET B 4184 20.90 1.94 32.14
N GLY B 4185 20.84 2.71 33.23
CA GLY B 4185 21.98 2.84 34.12
C GLY B 4185 22.24 1.58 34.93
N ALA B 4186 23.22 1.70 35.83
CA ALA B 4186 23.59 0.57 36.68
C ALA B 4186 22.44 0.15 37.58
N SER B 4187 21.57 1.08 37.96
CA SER B 4187 20.40 0.76 38.76
C SER B 4187 19.28 0.14 37.95
N ARG B 4188 19.53 -0.19 36.68
CA ARG B 4188 18.55 -0.80 35.78
C ARG B 4188 17.32 0.07 35.59
N ARG B 4189 17.46 1.39 35.72
CA ARG B 4189 16.39 2.34 35.48
C ARG B 4189 16.87 3.40 34.50
N ILE B 4190 15.92 3.99 33.77
CA ILE B 4190 16.26 5.01 32.80
C ILE B 4190 16.76 6.24 33.53
N GLU B 4191 17.97 6.68 33.19
CA GLU B 4191 18.62 7.82 33.85
C GLU B 4191 19.00 8.85 32.80
N ARG B 4192 18.90 10.12 33.16
CA ARG B 4192 19.22 11.21 32.26
C ARG B 4192 20.64 11.71 32.54
N ILE B 4193 21.39 11.95 31.48
CA ILE B 4193 22.77 12.44 31.56
C ILE B 4193 22.87 13.74 30.80
N TYR B 4194 23.52 14.74 31.39
CA TYR B 4194 23.72 16.04 30.79
C TYR B 4194 25.19 16.25 30.50
N PHE B 4195 25.49 16.99 29.43
CA PHE B 4195 26.86 17.28 29.04
C PHE B 4195 26.87 18.55 28.22
N GLU B 4196 28.05 18.89 27.70
CA GLU B 4196 28.28 20.14 26.98
C GLU B 4196 28.58 19.83 25.51
N ILE B 4197 27.99 20.62 24.61
CA ILE B 4197 28.15 20.46 23.17
C ILE B 4197 28.85 21.69 22.63
N SER B 4198 29.88 21.48 21.81
CA SER B 4198 30.68 22.57 21.28
C SER B 4198 30.03 23.21 20.06
N GLU B 4199 30.28 24.51 19.90
CA GLU B 4199 29.76 25.24 18.75
C GLU B 4199 30.32 24.70 17.44
N THR B 4200 31.62 24.39 17.42
CA THR B 4200 32.23 23.85 16.21
C THR B 4200 31.62 22.51 15.84
N ASN B 4201 31.43 21.64 16.83
CA ASN B 4201 30.81 20.34 16.57
C ASN B 4201 29.37 20.50 16.09
N ARG B 4202 28.62 21.42 16.69
CA ARG B 4202 27.26 21.67 16.22
C ARG B 4202 27.24 22.15 14.77
N ALA B 4203 28.14 23.08 14.43
CA ALA B 4203 28.20 23.55 13.05
C ALA B 4203 28.55 22.42 12.10
N GLN B 4204 29.49 21.55 12.51
CA GLN B 4204 29.79 20.36 11.72
C GLN B 4204 28.54 19.50 11.56
N TRP B 4205 27.69 19.46 12.58
CA TRP B 4205 26.48 18.66 12.51
C TRP B 4205 25.50 19.19 11.47
N GLU B 4206 25.22 20.50 11.51
CA GLU B 4206 24.35 21.02 10.45
C GLU B 4206 25.08 21.29 9.13
N MET B 4207 26.33 20.89 9.00
CA MET B 4207 26.93 20.88 7.66
C MET B 4207 26.11 19.99 6.73
N PRO B 4208 25.85 20.45 5.49
CA PRO B 4208 24.98 19.67 4.58
C PRO B 4208 25.54 18.30 4.21
N GLN B 4209 26.86 18.16 4.14
CA GLN B 4209 27.43 16.83 3.85
C GLN B 4209 27.08 15.84 4.95
N VAL B 4210 27.22 16.27 6.21
CA VAL B 4210 26.86 15.40 7.32
C VAL B 4210 25.37 15.14 7.35
N LYS B 4211 24.57 16.15 6.98
CA LYS B 4211 23.12 15.92 6.90
C LYS B 4211 22.79 14.84 5.86
N GLU B 4212 23.49 14.86 4.74
CA GLU B 4212 23.21 13.89 3.66
C GLU B 4212 23.64 12.51 4.16
N SER B 4213 24.79 12.45 4.80
CA SER B 4213 25.27 11.17 5.32
C SER B 4213 24.27 10.59 6.32
N LYS B 4214 23.74 11.45 7.20
CA LYS B 4214 22.73 10.99 8.16
C LYS B 4214 21.48 10.49 7.45
N ARG B 4215 21.02 11.21 6.42
CA ARG B 4215 19.84 10.77 5.68
C ARG B 4215 20.08 9.39 5.08
N GLN B 4216 21.23 9.19 4.44
CA GLN B 4216 21.53 7.90 3.84
C GLN B 4216 21.60 6.80 4.90
N PHE B 4217 22.22 7.09 6.05
CA PHE B 4217 22.33 6.08 7.10
C PHE B 4217 20.95 5.69 7.63
N ILE B 4218 20.08 6.68 7.87
CA ILE B 4218 18.73 6.38 8.34
C ILE B 4218 17.99 5.54 7.32
N PHE B 4219 18.05 5.92 6.05
CA PHE B 4219 17.33 5.16 5.03
C PHE B 4219 17.82 3.73 4.96
N ASP B 4220 19.15 3.54 4.94
CA ASP B 4220 19.72 2.21 4.82
C ASP B 4220 19.34 1.33 6.01
N VAL B 4221 19.47 1.88 7.22
CA VAL B 4221 19.20 1.07 8.41
C VAL B 4221 17.72 0.73 8.51
N VAL B 4222 16.84 1.70 8.28
CA VAL B 4222 15.41 1.42 8.38
C VAL B 4222 14.99 0.42 7.30
N ASN B 4223 15.60 0.49 6.12
CA ASN B 4223 15.14 -0.38 5.04
C ASN B 4223 15.68 -1.80 5.16
N GLU B 4224 16.95 -1.96 5.54
CA GLU B 4224 17.57 -3.29 5.61
C GLU B 4224 18.28 -3.48 6.95
N GLY B 4225 17.59 -3.19 8.05
CA GLY B 4225 18.20 -3.42 9.35
C GLY B 4225 17.25 -3.94 10.40
N GLY B 4226 17.63 -5.03 11.07
CA GLY B 4226 16.86 -5.52 12.19
C GLY B 4226 17.15 -4.75 13.48
N GLU B 4227 16.31 -4.98 14.48
CA GLU B 4227 16.46 -4.27 15.74
C GLU B 4227 17.66 -4.78 16.54
N ALA B 4228 18.11 -6.01 16.26
CA ALA B 4228 19.23 -6.57 17.02
C ALA B 4228 20.53 -5.83 16.71
N GLU B 4229 20.83 -5.63 15.43
CA GLU B 4229 22.07 -4.97 15.02
C GLU B 4229 21.88 -3.49 14.73
N LYS B 4230 20.68 -2.95 14.98
CA LYS B 4230 20.44 -1.54 14.69
C LYS B 4230 21.35 -0.64 15.53
N MET B 4231 21.53 -0.98 16.81
CA MET B 4231 22.42 -0.19 17.66
C MET B 4231 23.86 -0.31 17.20
N GLU B 4232 24.26 -1.49 16.73
CA GLU B 4232 25.61 -1.66 16.19
C GLU B 4232 25.83 -0.76 14.98
N LEU B 4233 24.88 -0.76 14.06
CA LEU B 4233 25.00 0.10 12.88
C LEU B 4233 25.01 1.57 13.27
N PHE B 4234 24.17 1.94 14.24
CA PHE B 4234 24.12 3.32 14.69
C PHE B 4234 25.45 3.76 15.31
N VAL B 4235 26.05 2.90 16.12
CA VAL B 4235 27.33 3.24 16.74
C VAL B 4235 28.43 3.33 15.69
N SER B 4236 28.42 2.42 14.71
CA SER B 4236 29.41 2.51 13.64
C SER B 4236 29.26 3.81 12.86
N PHE B 4237 28.02 4.20 12.55
CA PHE B 4237 27.80 5.45 11.85
C PHE B 4237 28.24 6.64 12.69
N CYS B 4238 27.98 6.59 14.01
CA CYS B 4238 28.42 7.67 14.88
C CYS B 4238 29.95 7.80 14.87
N GLU B 4239 30.66 6.68 14.93
CA GLU B 4239 32.12 6.72 14.88
C GLU B 4239 32.61 7.28 13.55
N ASP B 4240 32.00 6.85 12.45
CA ASP B 4240 32.38 7.39 11.14
C ASP B 4240 32.15 8.90 11.08
N THR B 4241 31.01 9.35 11.59
CA THR B 4241 30.73 10.78 11.59
C THR B 4241 31.71 11.56 12.45
N ILE B 4242 32.07 11.00 13.61
CA ILE B 4242 33.06 11.65 14.47
C ILE B 4242 34.38 11.81 13.74
N PHE B 4243 34.83 10.75 13.04
CA PHE B 4243 36.07 10.86 12.29
C PHE B 4243 35.94 11.91 11.18
N GLU B 4244 34.80 11.96 10.51
CA GLU B 4244 34.59 12.96 9.46
C GLU B 4244 34.69 14.38 10.01
N MET B 4245 34.06 14.65 11.15
CA MET B 4245 34.11 15.99 11.71
C MET B 4245 35.52 16.31 12.23
N GLN B 4246 36.24 15.32 12.74
CA GLN B 4246 37.62 15.56 13.12
C GLN B 4246 38.48 15.94 11.92
N ILE B 4247 38.31 15.22 10.80
CA ILE B 4247 39.06 15.55 9.59
C ILE B 4247 38.67 16.93 9.07
N ALA B 4248 37.38 17.26 9.12
CA ALA B 4248 36.94 18.58 8.67
C ALA B 4248 37.54 19.69 9.53
N ALA B 4249 37.56 19.50 10.84
CA ALA B 4249 38.18 20.48 11.73
C ALA B 4249 39.67 20.61 11.45
N GLN B 4250 40.34 19.48 11.18
CA GLN B 4250 41.76 19.52 10.89
C GLN B 4250 42.05 20.30 9.61
N ILE B 4251 41.28 20.04 8.55
CA ILE B 4251 41.57 20.69 7.27
C ILE B 4251 41.10 22.15 7.27
N SER B 4252 40.09 22.47 8.07
CA SER B 4252 39.57 23.83 8.10
C SER B 4252 40.58 24.78 8.72
N GLU B 4253 40.69 25.97 8.16
CA GLU B 4253 41.60 27.00 8.66
C GLU B 4253 40.81 28.25 9.00
N PRO B 4254 40.90 28.76 10.24
CA PRO B 4254 40.17 29.97 10.66
C PRO B 4254 40.84 31.26 10.18
N PHE B 4540 64.35 26.62 5.48
CA PHE B 4540 63.47 26.64 4.32
C PHE B 4540 62.55 25.43 4.33
N TRP B 4541 62.94 24.39 5.06
CA TRP B 4541 62.14 23.18 5.16
C TRP B 4541 60.78 23.44 5.82
N GLY B 4542 60.78 24.21 6.91
CA GLY B 4542 59.53 24.49 7.60
C GLY B 4542 58.55 25.27 6.75
N GLU B 4543 59.04 26.29 6.04
CA GLU B 4543 58.17 27.10 5.19
C GLU B 4543 57.58 26.27 4.06
N LEU B 4544 58.38 25.42 3.41
CA LEU B 4544 57.85 24.59 2.34
C LEU B 4544 56.87 23.57 2.88
N GLU B 4545 57.12 23.01 4.06
CA GLU B 4545 56.18 22.07 4.67
C GLU B 4545 54.86 22.76 4.98
N VAL B 4546 54.91 24.00 5.49
CA VAL B 4546 53.69 24.74 5.79
C VAL B 4546 52.92 25.02 4.49
N GLN B 4547 53.63 25.43 3.44
CA GLN B 4547 52.97 25.68 2.17
C GLN B 4547 52.34 24.41 1.62
N ARG B 4548 53.04 23.28 1.73
CA ARG B 4548 52.52 22.02 1.22
C ARG B 4548 51.27 21.58 1.97
N VAL B 4549 51.28 21.69 3.30
CA VAL B 4549 50.11 21.27 4.06
C VAL B 4549 48.94 22.21 3.82
N LYS B 4550 49.22 23.51 3.65
CA LYS B 4550 48.15 24.44 3.30
C LYS B 4550 47.54 24.10 1.95
N PHE B 4551 48.39 23.78 0.96
CA PHE B 4551 47.88 23.42 -0.36
C PHE B 4551 47.05 22.14 -0.30
N LEU B 4552 47.52 21.15 0.48
CA LEU B 4552 46.78 19.91 0.62
C LEU B 4552 45.43 20.16 1.29
N ASN B 4553 45.39 21.01 2.31
CA ASN B 4553 44.13 21.33 2.97
C ASN B 4553 43.20 22.06 2.01
N TYR B 4554 43.73 22.95 1.17
CA TYR B 4554 42.90 23.63 0.18
C TYR B 4554 42.30 22.62 -0.80
N LEU B 4555 43.11 21.67 -1.26
CA LEU B 4555 42.58 20.65 -2.16
C LEU B 4555 41.51 19.81 -1.47
N SER B 4556 41.73 19.45 -0.20
CA SER B 4556 40.75 18.66 0.52
C SER B 4556 39.43 19.42 0.69
N ARG B 4557 39.52 20.72 0.97
CA ARG B 4557 38.31 21.50 1.22
C ARG B 4557 37.58 21.80 -0.09
N ASN B 4558 38.30 21.89 -1.21
CA ASN B 4558 37.72 22.23 -2.49
C ASN B 4558 37.62 21.05 -3.44
N PHE B 4559 37.70 19.82 -2.93
CA PHE B 4559 37.51 18.64 -3.76
C PHE B 4559 36.22 18.71 -4.58
N TYR B 4560 35.11 19.04 -3.93
CA TYR B 4560 33.82 19.03 -4.64
C TYR B 4560 33.75 20.13 -5.70
N THR B 4561 34.28 21.32 -5.38
CA THR B 4561 34.32 22.39 -6.37
C THR B 4561 35.20 22.01 -7.54
N LEU B 4562 36.33 21.33 -7.28
CA LEU B 4562 37.18 20.87 -8.36
C LEU B 4562 36.47 19.84 -9.23
N ARG B 4563 35.69 18.95 -8.61
CA ARG B 4563 34.94 17.97 -9.39
C ARG B 4563 33.90 18.64 -10.27
N PHE B 4564 33.18 19.64 -9.73
CA PHE B 4564 32.23 20.37 -10.55
C PHE B 4564 32.93 21.10 -11.70
N LEU B 4565 34.09 21.68 -11.42
CA LEU B 4565 34.86 22.33 -12.48
C LEU B 4565 35.29 21.32 -13.54
N ALA B 4566 35.66 20.10 -13.12
CA ALA B 4566 36.02 19.07 -14.08
C ALA B 4566 34.83 18.70 -14.96
N LEU B 4567 33.64 18.62 -14.39
CA LEU B 4567 32.45 18.36 -15.19
C LEU B 4567 32.21 19.49 -16.20
N PHE B 4568 32.36 20.73 -15.75
CA PHE B 4568 32.20 21.85 -16.68
C PHE B 4568 33.23 21.80 -17.79
N LEU B 4569 34.47 21.43 -17.46
CA LEU B 4569 35.52 21.30 -18.48
C LEU B 4569 35.19 20.21 -19.47
N ALA B 4570 34.66 19.08 -18.98
CA ALA B 4570 34.26 18.01 -19.88
C ALA B 4570 33.18 18.47 -20.84
N PHE B 4571 32.17 19.18 -20.34
CA PHE B 4571 31.13 19.70 -21.22
C PHE B 4571 31.69 20.68 -22.23
N ALA B 4572 32.59 21.58 -21.79
CA ALA B 4572 33.16 22.55 -22.71
C ALA B 4572 33.99 21.88 -23.79
N ILE B 4573 34.80 20.90 -23.42
CA ILE B 4573 35.62 20.19 -24.40
C ILE B 4573 34.74 19.44 -25.38
N ASN B 4574 33.68 18.79 -24.90
CA ASN B 4574 32.78 18.07 -25.80
C ASN B 4574 32.08 19.03 -26.75
N PHE B 4575 31.64 20.18 -26.25
CA PHE B 4575 30.98 21.16 -27.11
C PHE B 4575 31.94 21.65 -28.19
N ILE B 4576 33.19 21.93 -27.83
CA ILE B 4576 34.16 22.36 -28.84
C ILE B 4576 34.41 21.23 -29.84
N LEU B 4577 34.46 19.98 -29.35
CA LEU B 4577 34.67 18.84 -30.24
C LEU B 4577 33.47 18.61 -31.15
N LEU B 4578 32.32 19.19 -30.82
CA LEU B 4578 31.17 19.02 -31.69
C LEU B 4578 31.30 19.75 -33.02
N PHE B 4579 32.43 20.42 -33.27
CA PHE B 4579 32.74 21.00 -34.57
C PHE B 4579 33.80 20.20 -35.31
N TYR B 4580 33.92 18.91 -34.98
CA TYR B 4580 34.76 17.99 -35.73
C TYR B 4580 34.28 17.83 -37.17
N LYS B 4581 35.23 17.70 -38.08
CA LYS B 4581 34.94 17.40 -39.47
C LYS B 4581 36.06 16.52 -40.02
N VAL B 4582 35.76 15.82 -41.11
CA VAL B 4582 36.70 14.89 -41.74
C VAL B 4582 36.96 15.38 -43.15
N SER B 4583 38.24 15.40 -43.54
CA SER B 4583 38.65 15.82 -44.87
C SER B 4583 39.88 15.03 -45.28
N ASP B 4584 39.77 14.32 -46.40
CA ASP B 4584 40.88 13.50 -46.88
C ASP B 4584 42.10 14.36 -47.21
N SER B 4585 41.89 15.50 -47.87
CA SER B 4585 42.99 16.40 -48.14
C SER B 4585 43.44 17.09 -46.86
N PRO B 4586 44.74 17.38 -46.74
CA PRO B 4586 45.23 18.08 -45.55
C PRO B 4586 44.58 19.44 -45.42
N PRO B 4587 44.27 19.88 -44.19
CA PRO B 4587 43.63 21.18 -43.96
C PRO B 4587 44.50 22.35 -44.37
N ASN B 4626 45.93 6.31 -47.59
CA ASN B 4626 44.59 6.90 -47.61
C ASN B 4626 44.17 7.38 -46.23
N MET B 4627 45.12 7.42 -45.30
CA MET B 4627 44.82 7.82 -43.93
C MET B 4627 44.46 9.31 -43.91
N VAL B 4628 43.35 9.62 -43.25
CA VAL B 4628 42.76 10.95 -43.30
C VAL B 4628 43.33 11.82 -42.20
N TYR B 4629 43.66 13.06 -42.58
CA TYR B 4629 44.21 14.05 -41.64
C TYR B 4629 43.02 14.76 -40.98
N TYR B 4630 42.78 14.43 -39.71
CA TYR B 4630 41.64 15.02 -39.02
C TYR B 4630 41.90 16.48 -38.68
N PHE B 4631 40.91 17.33 -38.92
CA PHE B 4631 41.03 18.75 -38.65
C PHE B 4631 39.70 19.27 -38.11
N LEU B 4632 39.77 20.31 -37.29
CA LEU B 4632 38.59 20.95 -36.72
C LEU B 4632 38.28 22.20 -37.52
N GLU B 4633 37.05 22.32 -37.99
CA GLU B 4633 36.66 23.38 -38.91
C GLU B 4633 35.93 24.49 -38.15
N GLU B 4634 36.42 25.71 -38.28
CA GLU B 4634 35.84 26.87 -37.62
C GLU B 4634 36.49 28.13 -38.15
N SER B 4635 35.69 29.20 -38.25
CA SER B 4635 36.15 30.44 -38.86
C SER B 4635 36.81 31.36 -37.83
N THR B 4636 36.42 31.24 -36.56
CA THR B 4636 36.88 32.20 -35.55
C THR B 4636 38.39 32.14 -35.38
N GLY B 4637 38.95 30.94 -35.25
CA GLY B 4637 40.38 30.76 -35.19
C GLY B 4637 40.97 30.55 -33.81
N TYR B 4638 40.27 30.94 -32.74
CA TYR B 4638 40.84 30.82 -31.41
C TYR B 4638 40.46 29.53 -30.72
N MET B 4639 39.55 28.73 -31.31
CA MET B 4639 39.01 27.59 -30.58
C MET B 4639 40.01 26.44 -30.49
N GLU B 4640 40.96 26.34 -31.42
CA GLU B 4640 42.01 25.33 -31.27
C GLU B 4640 42.91 25.63 -30.07
N PRO B 4641 43.47 26.84 -29.91
CA PRO B 4641 44.18 27.13 -28.64
C PRO B 4641 43.28 27.02 -27.43
N ALA B 4642 42.01 27.38 -27.57
CA ALA B 4642 41.08 27.21 -26.45
C ALA B 4642 40.98 25.74 -26.05
N LEU B 4643 40.88 24.85 -27.03
CA LEU B 4643 40.82 23.41 -26.74
C LEU B 4643 42.10 22.93 -26.10
N TRP B 4644 43.26 23.37 -26.60
CA TRP B 4644 44.52 22.92 -26.02
C TRP B 4644 44.63 23.34 -24.56
N CYS B 4645 44.34 24.62 -24.28
CA CYS B 4645 44.39 25.11 -22.91
C CYS B 4645 43.38 24.38 -22.03
N LEU B 4646 42.17 24.15 -22.55
CA LEU B 4646 41.15 23.45 -21.77
C LEU B 4646 41.56 22.01 -21.46
N SER B 4647 42.18 21.31 -22.42
CA SER B 4647 42.63 19.96 -22.15
C SER B 4647 43.73 19.93 -21.09
N LEU B 4648 44.70 20.84 -21.20
CA LEU B 4648 45.74 20.90 -20.18
C LEU B 4648 45.15 21.20 -18.81
N LEU B 4649 44.23 22.16 -18.75
CA LEU B 4649 43.65 22.55 -17.47
C LEU B 4649 42.77 21.44 -16.91
N HIS B 4650 42.11 20.67 -17.78
CA HIS B 4650 41.30 19.56 -17.32
C HIS B 4650 42.16 18.43 -16.74
N THR B 4651 43.28 18.12 -17.40
CA THR B 4651 44.18 17.12 -16.84
C THR B 4651 44.72 17.59 -15.49
N LEU B 4652 45.06 18.87 -15.38
CA LEU B 4652 45.49 19.41 -14.11
C LEU B 4652 44.40 19.26 -13.05
N VAL B 4653 43.16 19.59 -13.41
CA VAL B 4653 42.06 19.50 -12.45
C VAL B 4653 41.85 18.07 -12.01
N ALA B 4654 41.99 17.11 -12.93
CA ALA B 4654 41.87 15.70 -12.55
C ALA B 4654 42.97 15.30 -11.57
N PHE B 4655 44.19 15.75 -11.81
CA PHE B 4655 45.28 15.43 -10.90
C PHE B 4655 45.02 16.00 -9.50
N LEU B 4656 44.59 17.26 -9.43
CA LEU B 4656 44.27 17.84 -8.13
C LEU B 4656 43.07 17.15 -7.49
N CYS B 4657 42.11 16.68 -8.28
CA CYS B 4657 40.98 15.95 -7.72
C CYS B 4657 41.43 14.65 -7.07
N ILE B 4658 42.32 13.91 -7.73
CA ILE B 4658 42.81 12.67 -7.15
C ILE B 4658 43.61 12.94 -5.89
N ILE B 4659 44.46 13.98 -5.91
CA ILE B 4659 45.26 14.30 -4.72
C ILE B 4659 44.34 14.69 -3.57
N GLY B 4660 43.31 15.51 -3.85
CA GLY B 4660 42.38 15.90 -2.81
C GLY B 4660 41.61 14.72 -2.24
N TYR B 4661 41.19 13.79 -3.11
CA TYR B 4661 40.52 12.60 -2.62
C TYR B 4661 41.44 11.80 -1.70
N ASN B 4662 42.69 11.61 -2.12
CA ASN B 4662 43.64 10.87 -1.30
C ASN B 4662 43.85 11.54 0.05
N CYS B 4663 43.87 12.87 0.07
CA CYS B 4663 44.11 13.59 1.32
C CYS B 4663 42.86 13.75 2.17
N LEU B 4664 41.67 13.50 1.63
CA LEU B 4664 40.43 13.73 2.35
C LEU B 4664 39.68 12.45 2.69
N LYS B 4665 39.33 11.63 1.69
CA LYS B 4665 38.44 10.50 1.94
C LYS B 4665 39.17 9.20 2.21
N VAL B 4666 40.43 9.07 1.78
CA VAL B 4666 41.21 7.89 2.13
C VAL B 4666 41.30 7.66 3.63
N PRO B 4667 41.50 8.69 4.47
CA PRO B 4667 41.50 8.43 5.92
C PRO B 4667 40.24 7.75 6.43
N LEU B 4668 39.07 8.06 5.87
CA LEU B 4668 37.86 7.36 6.29
C LEU B 4668 37.96 5.87 6.00
N VAL B 4669 38.40 5.50 4.79
CA VAL B 4669 38.50 4.09 4.43
C VAL B 4669 39.52 3.39 5.30
N ILE B 4670 40.67 4.03 5.53
CA ILE B 4670 41.70 3.42 6.38
C ILE B 4670 41.18 3.22 7.79
N PHE B 4671 40.50 4.24 8.34
CA PHE B 4671 39.97 4.14 9.69
C PHE B 4671 38.93 3.04 9.79
N LYS B 4672 38.03 2.95 8.81
CA LYS B 4672 37.01 1.91 8.84
C LYS B 4672 37.63 0.52 8.78
N ARG B 4673 38.59 0.33 7.88
CA ARG B 4673 39.22 -0.99 7.75
C ARG B 4673 39.99 -1.36 9.01
N GLU B 4674 40.74 -0.41 9.58
CA GLU B 4674 41.49 -0.70 10.80
C GLU B 4674 40.55 -0.98 11.96
N LYS B 4675 39.46 -0.24 12.06
CA LYS B 4675 38.49 -0.46 13.14
C LYS B 4675 37.88 -1.85 13.02
N GLU B 4676 37.47 -2.24 11.81
CA GLU B 4676 36.89 -3.57 11.62
C GLU B 4676 37.91 -4.67 11.93
N LEU B 4677 39.16 -4.48 11.51
CA LEU B 4677 40.19 -5.46 11.83
C LEU B 4677 40.41 -5.57 13.33
N ALA B 4678 40.40 -4.44 14.04
CA ALA B 4678 40.57 -4.48 15.49
C ALA B 4678 39.41 -5.20 16.15
N ARG B 4679 38.17 -4.93 15.72
CA ARG B 4679 37.02 -5.62 16.28
C ARG B 4679 37.11 -7.12 16.05
N LYS B 4680 37.45 -7.53 14.83
CA LYS B 4680 37.52 -8.95 14.52
C LYS B 4680 38.70 -9.63 15.20
N LEU B 4681 39.77 -8.88 15.51
CA LEU B 4681 40.89 -9.45 16.24
C LEU B 4681 40.55 -9.63 17.72
N GLU B 4682 39.89 -8.64 18.31
CA GLU B 4682 39.65 -8.65 19.76
C GLU B 4682 38.43 -9.48 20.12
N PHE B 4683 37.26 -9.10 19.60
CA PHE B 4683 36.01 -9.72 20.00
C PHE B 4683 35.67 -10.96 19.20
N ASP B 4684 36.46 -11.31 18.19
CA ASP B 4684 36.19 -12.50 17.40
C ASP B 4684 37.38 -13.44 17.26
N GLY B 4685 38.62 -12.95 17.38
CA GLY B 4685 39.79 -13.78 17.21
C GLY B 4685 39.89 -14.37 15.81
N LEU B 4686 39.67 -13.52 14.80
CA LEU B 4686 39.66 -13.98 13.42
C LEU B 4686 41.02 -14.54 13.02
N TYR B 4687 42.10 -13.85 13.38
CA TYR B 4687 43.45 -14.31 13.11
C TYR B 4687 44.05 -15.11 14.25
N ILE B 4688 43.31 -15.31 15.34
CA ILE B 4688 43.82 -16.08 16.47
C ILE B 4688 43.33 -17.52 16.42
N THR B 4689 42.04 -17.72 16.18
CA THR B 4689 41.44 -19.05 16.16
C THR B 4689 40.78 -19.37 14.83
N GLU B 4690 40.09 -18.42 14.22
CA GLU B 4690 39.26 -18.74 13.05
C GLU B 4690 40.09 -19.06 11.83
N GLN B 4691 41.13 -18.26 11.52
CA GLN B 4691 42.03 -18.51 10.40
C GLN B 4691 41.27 -18.69 9.09
N PRO B 4692 40.81 -17.60 8.47
CA PRO B 4692 39.92 -17.72 7.30
C PRO B 4692 40.50 -18.63 6.23
N GLY B 4693 39.63 -19.42 5.62
CA GLY B 4693 40.05 -20.45 4.67
C GLY B 4693 40.37 -19.94 3.29
N ASP B 4694 41.17 -18.88 3.20
CA ASP B 4694 41.73 -18.39 1.95
C ASP B 4694 40.65 -17.90 0.98
N ASP B 4695 39.40 -17.82 1.44
CA ASP B 4695 38.31 -17.30 0.64
C ASP B 4695 38.02 -15.83 0.90
N ASP B 4696 38.82 -15.18 1.75
CA ASP B 4696 38.66 -13.77 2.07
C ASP B 4696 39.95 -13.05 1.65
N VAL B 4697 39.95 -12.48 0.45
CA VAL B 4697 41.12 -11.77 -0.03
C VAL B 4697 41.39 -10.55 0.84
N LYS B 4698 40.32 -9.91 1.33
CA LYS B 4698 40.49 -8.78 2.25
C LYS B 4698 41.18 -9.22 3.53
N GLY B 4699 40.77 -10.36 4.09
CA GLY B 4699 41.44 -10.87 5.28
C GLY B 4699 42.88 -11.23 5.02
N GLN B 4700 43.15 -11.86 3.87
CA GLN B 4700 44.53 -12.20 3.54
C GLN B 4700 45.39 -10.95 3.41
N TRP B 4701 44.84 -9.88 2.84
CA TRP B 4701 45.61 -8.64 2.70
C TRP B 4701 45.83 -7.97 4.06
N ASP B 4702 44.82 -7.97 4.92
CA ASP B 4702 44.98 -7.39 6.25
C ASP B 4702 45.87 -8.23 7.14
N ARG B 4703 46.12 -9.49 6.78
CA ARG B 4703 47.06 -10.30 7.55
C ARG B 4703 48.45 -9.68 7.59
N LEU B 4704 48.82 -8.91 6.56
CA LEU B 4704 50.16 -8.35 6.49
C LEU B 4704 50.40 -7.31 7.58
N VAL B 4705 49.39 -6.48 7.88
CA VAL B 4705 49.60 -5.31 8.73
C VAL B 4705 49.64 -5.66 10.21
N LEU B 4706 49.56 -6.95 10.56
CA LEU B 4706 49.50 -7.34 11.97
C LEU B 4706 50.75 -6.91 12.73
N ASN B 4707 51.93 -7.16 12.15
CA ASN B 4707 53.18 -6.91 12.85
C ASN B 4707 53.71 -5.50 12.65
N THR B 4708 52.96 -4.64 11.95
CA THR B 4708 53.39 -3.27 11.78
C THR B 4708 53.40 -2.53 13.11
N PRO B 4709 54.37 -1.64 13.33
CA PRO B 4709 54.41 -0.88 14.59
C PRO B 4709 53.20 0.02 14.77
N SER B 4710 52.94 0.87 13.78
CA SER B 4710 51.83 1.84 13.87
C SER B 4710 50.58 1.30 13.19
N PHE B 4711 50.10 0.16 13.71
CA PHE B 4711 48.84 -0.39 13.21
C PHE B 4711 47.65 0.53 13.43
N PRO B 4712 47.41 1.09 14.63
CA PRO B 4712 46.26 2.01 14.77
C PRO B 4712 46.66 3.45 14.46
N SER B 4713 46.85 3.74 13.17
CA SER B 4713 47.27 5.07 12.76
C SER B 4713 46.16 6.09 12.97
N ASN B 4714 44.95 5.78 12.53
CA ASN B 4714 43.82 6.69 12.65
C ASN B 4714 42.82 6.28 13.71
N TYR B 4715 42.59 4.98 13.89
CA TYR B 4715 41.64 4.51 14.89
C TYR B 4715 42.13 4.87 16.29
N TRP B 4716 41.20 5.38 17.12
CA TRP B 4716 41.58 5.97 18.39
C TRP B 4716 42.12 4.95 19.39
N ASP B 4717 41.59 3.74 19.42
CA ASP B 4717 41.98 2.74 20.42
C ASP B 4717 43.36 2.22 20.06
N LYS B 4718 44.39 2.89 20.57
CA LYS B 4718 45.76 2.47 20.34
C LYS B 4718 46.13 1.22 21.13
N PHE B 4719 45.34 0.86 22.15
CA PHE B 4719 45.62 -0.27 23.01
C PHE B 4719 44.98 -1.56 22.52
N VAL B 4720 44.68 -1.67 21.22
CA VAL B 4720 44.07 -2.88 20.70
C VAL B 4720 45.00 -4.07 20.87
N LYS B 4721 46.29 -3.88 20.65
CA LYS B 4721 47.26 -4.96 20.81
C LYS B 4721 47.29 -5.46 22.25
N ARG B 4722 47.36 -4.53 23.20
CA ARG B 4722 47.37 -4.92 24.62
C ARG B 4722 46.07 -5.60 25.02
N LYS B 4723 44.94 -5.09 24.55
CA LYS B 4723 43.66 -5.70 24.90
C LYS B 4723 43.53 -7.12 24.36
N VAL B 4724 43.90 -7.33 23.09
CA VAL B 4724 43.79 -8.67 22.52
C VAL B 4724 44.80 -9.60 23.18
N LEU B 4725 45.97 -9.09 23.54
CA LEU B 4725 46.94 -9.90 24.26
C LEU B 4725 46.37 -10.35 25.61
N ASP B 4726 45.82 -9.42 26.37
CA ASP B 4726 45.25 -9.77 27.67
C ASP B 4726 44.08 -10.73 27.52
N LYS B 4727 43.31 -10.61 26.44
CA LYS B 4727 42.15 -11.47 26.27
C LYS B 4727 42.53 -12.88 25.83
N HIS B 4728 43.55 -13.03 24.98
CA HIS B 4728 43.86 -14.31 24.37
C HIS B 4728 45.19 -14.89 24.82
N GLY B 4729 45.80 -14.36 25.89
CA GLY B 4729 47.08 -14.89 26.34
C GLY B 4729 47.02 -16.35 26.74
N ASP B 4730 46.13 -16.68 27.68
CA ASP B 4730 46.11 -18.02 28.24
C ASP B 4730 45.79 -19.09 27.20
N ILE B 4731 45.23 -18.71 26.06
CA ILE B 4731 44.93 -19.65 24.98
C ILE B 4731 46.05 -19.71 23.97
N PHE B 4732 46.58 -18.55 23.55
CA PHE B 4732 47.52 -18.56 22.43
C PHE B 4732 48.97 -18.68 22.90
N GLY B 4733 49.36 -17.91 23.91
CA GLY B 4733 50.77 -17.85 24.29
C GLY B 4733 51.22 -16.41 24.17
N ARG B 4734 51.79 -15.89 25.26
CA ARG B 4734 52.18 -14.49 25.30
C ARG B 4734 53.27 -14.18 24.28
N GLU B 4735 54.29 -15.05 24.21
CA GLU B 4735 55.38 -14.82 23.27
C GLU B 4735 54.90 -14.93 21.82
N ARG B 4736 53.98 -15.86 21.54
CA ARG B 4736 53.51 -16.03 20.18
C ARG B 4736 52.58 -14.90 19.77
N ILE B 4737 51.78 -14.40 20.70
CA ILE B 4737 51.00 -13.18 20.43
C ILE B 4737 51.93 -12.00 20.17
N ALA B 4738 52.99 -11.87 20.97
CA ALA B 4738 53.92 -10.77 20.78
C ALA B 4738 54.60 -10.83 19.42
N GLU B 4739 55.02 -12.03 19.00
CA GLU B 4739 55.67 -12.14 17.70
C GLU B 4739 54.67 -11.96 16.56
N LEU B 4740 53.41 -12.35 16.78
CA LEU B 4740 52.39 -12.12 15.76
C LEU B 4740 52.11 -10.64 15.57
N LEU B 4741 51.98 -9.89 16.67
CA LEU B 4741 51.60 -8.49 16.60
C LEU B 4741 52.79 -7.55 16.51
N GLY B 4742 54.02 -8.06 16.58
CA GLY B 4742 55.18 -7.19 16.58
C GLY B 4742 55.45 -6.51 17.91
N MET B 4743 54.74 -6.88 18.96
CA MET B 4743 54.93 -6.25 20.27
C MET B 4743 56.24 -6.69 20.89
N ASP B 4744 56.86 -5.78 21.64
CA ASP B 4744 58.07 -6.06 22.39
C ASP B 4744 57.65 -6.60 23.76
N LEU B 4745 57.56 -7.93 23.86
CA LEU B 4745 57.09 -8.55 25.09
C LEU B 4745 58.03 -8.28 26.25
N ALA B 4746 59.34 -8.35 26.01
CA ALA B 4746 60.31 -8.15 27.08
C ALA B 4746 60.29 -6.72 27.61
N SER B 4747 59.80 -5.78 26.81
CA SER B 4747 59.76 -4.38 27.21
C SER B 4747 58.45 -3.98 27.91
N LEU B 4748 57.54 -4.93 28.12
CA LEU B 4748 56.29 -4.63 28.81
C LEU B 4748 56.52 -4.49 30.31
N ASP B 4772 57.17 2.99 8.21
CA ASP B 4772 56.73 1.59 8.20
C ASP B 4772 56.43 1.14 6.78
N VAL B 4773 57.38 0.42 6.18
CA VAL B 4773 57.23 0.00 4.78
C VAL B 4773 56.06 -0.95 4.62
N LYS B 4774 55.90 -1.89 5.56
CA LYS B 4774 54.80 -2.84 5.47
C LYS B 4774 53.45 -2.14 5.58
N TYR B 4775 53.33 -1.20 6.53
CA TYR B 4775 52.08 -0.47 6.67
C TYR B 4775 51.79 0.37 5.44
N GLN B 4776 52.82 0.99 4.86
CA GLN B 4776 52.62 1.78 3.65
C GLN B 4776 52.17 0.90 2.50
N ILE B 4777 52.76 -0.30 2.36
CA ILE B 4777 52.35 -1.22 1.31
C ILE B 4777 50.90 -1.64 1.50
N TRP B 4778 50.52 -1.94 2.74
CA TRP B 4778 49.13 -2.33 3.01
C TRP B 4778 48.17 -1.19 2.70
N LYS B 4779 48.52 0.03 3.08
CA LYS B 4779 47.67 1.18 2.81
C LYS B 4779 47.53 1.41 1.31
N PHE B 4780 48.64 1.29 0.57
CA PHE B 4780 48.58 1.43 -0.88
C PHE B 4780 47.69 0.36 -1.51
N GLY B 4781 47.80 -0.87 -1.03
CA GLY B 4781 46.91 -1.91 -1.53
C GLY B 4781 45.45 -1.60 -1.28
N VAL B 4782 45.15 -1.11 -0.07
CA VAL B 4782 43.77 -0.78 0.28
C VAL B 4782 43.24 0.32 -0.62
N ILE B 4783 44.01 1.40 -0.79
CA ILE B 4783 43.53 2.53 -1.58
C ILE B 4783 43.43 2.15 -3.05
N PHE B 4784 44.34 1.29 -3.54
CA PHE B 4784 44.25 0.85 -4.91
C PHE B 4784 43.04 -0.05 -5.14
N THR B 4785 42.65 -0.83 -4.12
CA THR B 4785 41.42 -1.60 -4.21
C THR B 4785 40.18 -0.73 -4.12
N ASP B 4786 40.27 0.42 -3.44
CA ASP B 4786 39.12 1.28 -3.23
C ASP B 4786 38.47 1.70 -4.56
N ASN B 4787 37.15 1.57 -4.62
CA ASN B 4787 36.41 1.77 -5.87
C ASN B 4787 36.46 3.24 -6.32
N SER B 4788 36.27 4.17 -5.39
CA SER B 4788 36.28 5.58 -5.75
C SER B 4788 37.64 6.01 -6.25
N PHE B 4789 38.71 5.55 -5.59
CA PHE B 4789 40.05 5.86 -6.06
C PHE B 4789 40.30 5.24 -7.43
N LEU B 4790 39.79 4.03 -7.66
CA LEU B 4790 39.94 3.42 -8.98
C LEU B 4790 39.21 4.22 -10.05
N TYR B 4791 38.02 4.72 -9.72
CA TYR B 4791 37.27 5.52 -10.68
C TYR B 4791 37.99 6.83 -11.00
N LEU B 4792 38.55 7.47 -9.97
CA LEU B 4792 39.30 8.70 -10.22
C LEU B 4792 40.57 8.43 -11.03
N GLY B 4793 41.22 7.30 -10.76
CA GLY B 4793 42.37 6.92 -11.58
C GLY B 4793 42.00 6.69 -13.03
N TRP B 4794 40.86 6.04 -13.26
CA TRP B 4794 40.39 5.83 -14.64
C TRP B 4794 40.05 7.17 -15.30
N TYR B 4795 39.46 8.09 -14.54
CA TYR B 4795 39.20 9.43 -15.05
C TYR B 4795 40.49 10.10 -15.51
N MET B 4796 41.53 10.02 -14.68
CA MET B 4796 42.82 10.59 -15.06
C MET B 4796 43.43 9.88 -16.26
N VAL B 4797 43.31 8.55 -16.33
CA VAL B 4797 43.88 7.82 -17.46
C VAL B 4797 43.22 8.24 -18.76
N MET B 4798 41.89 8.34 -18.78
CA MET B 4798 41.21 8.81 -19.97
C MET B 4798 41.54 10.28 -20.27
N SER B 4799 41.72 11.11 -19.24
CA SER B 4799 42.13 12.48 -19.48
C SER B 4799 43.49 12.54 -20.15
N LEU B 4800 44.42 11.69 -19.72
CA LEU B 4800 45.74 11.64 -20.36
C LEU B 4800 45.62 11.14 -21.79
N LEU B 4801 44.84 10.07 -22.01
CA LEU B 4801 44.68 9.52 -23.35
C LEU B 4801 43.93 10.47 -24.27
N GLY B 4802 43.24 11.46 -23.73
CA GLY B 4802 42.68 12.50 -24.57
C GLY B 4802 43.74 13.25 -25.35
N HIS B 4803 44.89 13.51 -24.70
CA HIS B 4803 46.00 14.17 -25.38
C HIS B 4803 46.46 13.36 -26.60
N TYR B 4804 46.36 12.04 -26.51
CA TYR B 4804 46.71 11.19 -27.64
C TYR B 4804 45.61 11.22 -28.70
N ASN B 4805 44.37 10.94 -28.31
CA ASN B 4805 43.22 10.95 -29.20
C ASN B 4805 42.09 11.71 -28.53
N ASN B 4806 41.97 12.99 -28.86
CA ASN B 4806 40.98 13.94 -28.36
C ASN B 4806 39.59 13.34 -28.10
N PHE B 4807 39.12 12.44 -28.96
CA PHE B 4807 37.80 11.84 -28.73
C PHE B 4807 37.73 11.05 -27.42
N PHE B 4808 38.85 10.70 -26.81
CA PHE B 4808 38.79 10.08 -25.49
C PHE B 4808 38.17 11.01 -24.46
N PHE B 4809 38.21 12.33 -24.70
CA PHE B 4809 37.53 13.27 -23.82
C PHE B 4809 36.02 13.19 -23.92
N ALA B 4810 35.49 12.51 -24.92
CA ALA B 4810 34.05 12.33 -25.03
C ALA B 4810 33.52 11.21 -24.14
N ALA B 4811 34.41 10.44 -23.50
CA ALA B 4811 34.00 9.42 -22.56
C ALA B 4811 33.84 9.94 -21.14
N HIS B 4812 34.26 11.18 -20.88
CA HIS B 4812 34.06 11.81 -19.59
C HIS B 4812 32.67 12.39 -19.42
N LEU B 4813 31.90 12.50 -20.50
CA LEU B 4813 30.56 13.07 -20.41
C LEU B 4813 29.62 12.18 -19.61
N LEU B 4814 29.94 10.89 -19.49
CA LEU B 4814 29.14 9.98 -18.68
C LEU B 4814 29.40 10.12 -17.19
N ASP B 4815 30.29 11.02 -16.78
CA ASP B 4815 30.47 11.33 -15.37
C ASP B 4815 29.25 12.03 -14.77
N ILE B 4816 28.32 12.50 -15.61
CA ILE B 4816 27.09 13.10 -15.09
C ILE B 4816 26.30 12.09 -14.28
N ALA B 4817 26.42 10.80 -14.61
CA ALA B 4817 25.72 9.76 -13.87
C ALA B 4817 26.15 9.75 -12.40
N MET B 4818 27.46 9.86 -12.16
CA MET B 4818 27.96 9.92 -10.79
C MET B 4818 27.87 11.32 -10.20
N GLY B 4819 27.69 12.34 -11.04
CA GLY B 4819 27.65 13.70 -10.56
C GLY B 4819 26.29 14.20 -10.09
N VAL B 4820 25.26 14.05 -10.92
CA VAL B 4820 23.97 14.65 -10.65
C VAL B 4820 23.13 13.67 -9.83
N LYS B 4821 22.56 14.17 -8.73
CA LYS B 4821 21.81 13.29 -7.82
C LYS B 4821 20.56 12.72 -8.47
N THR B 4822 19.80 13.55 -9.20
CA THR B 4822 18.58 13.04 -9.83
C THR B 4822 18.92 12.04 -10.93
N LEU B 4823 19.99 12.28 -11.69
CA LEU B 4823 20.42 11.30 -12.68
C LEU B 4823 20.84 10.00 -12.01
N ARG B 4824 21.53 10.10 -10.87
CA ARG B 4824 21.93 8.89 -10.15
C ARG B 4824 20.71 8.11 -9.67
N THR B 4825 19.68 8.81 -9.19
CA THR B 4825 18.47 8.13 -8.76
C THR B 4825 17.75 7.46 -9.94
N ILE B 4826 17.66 8.16 -11.06
CA ILE B 4826 17.01 7.57 -12.24
C ILE B 4826 17.77 6.34 -12.72
N LEU B 4827 19.10 6.40 -12.73
CA LEU B 4827 19.87 5.24 -13.14
C LEU B 4827 19.81 4.12 -12.12
N SER B 4828 19.68 4.46 -10.83
CA SER B 4828 19.45 3.43 -9.83
C SER B 4828 18.12 2.73 -10.07
N SER B 4829 17.13 3.46 -10.56
CA SER B 4829 15.84 2.86 -10.89
C SER B 4829 15.96 1.72 -11.90
N VAL B 4830 16.95 1.75 -12.78
CA VAL B 4830 17.12 0.67 -13.75
C VAL B 4830 18.17 -0.33 -13.31
N THR B 4831 19.19 0.12 -12.56
CA THR B 4831 20.18 -0.83 -12.04
C THR B 4831 19.65 -1.62 -10.85
N HIS B 4832 18.48 -1.27 -10.32
CA HIS B 4832 17.88 -2.05 -9.25
C HIS B 4832 17.61 -3.48 -9.69
N ASN B 4833 17.21 -3.67 -10.94
CA ASN B 4833 16.88 -4.97 -11.49
C ASN B 4833 17.81 -5.34 -12.63
N GLY B 4834 19.11 -5.06 -12.48
CA GLY B 4834 20.07 -5.45 -13.49
C GLY B 4834 20.15 -6.95 -13.67
N LYS B 4835 20.09 -7.70 -12.56
CA LYS B 4835 20.12 -9.15 -12.64
C LYS B 4835 18.91 -9.67 -13.41
N GLN B 4836 17.72 -9.13 -13.11
CA GLN B 4836 16.52 -9.56 -13.81
C GLN B 4836 16.56 -9.19 -15.29
N LEU B 4837 17.10 -8.01 -15.60
CA LEU B 4837 17.22 -7.62 -17.01
C LEU B 4837 18.18 -8.54 -17.75
N VAL B 4838 19.29 -8.91 -17.13
CA VAL B 4838 20.20 -9.87 -17.76
C VAL B 4838 19.51 -11.20 -17.98
N MET B 4839 18.75 -11.66 -16.98
CA MET B 4839 18.05 -12.93 -17.10
C MET B 4839 17.04 -12.91 -18.24
N THR B 4840 16.28 -11.81 -18.37
CA THR B 4840 15.27 -11.77 -19.42
C THR B 4840 15.90 -11.56 -20.79
N VAL B 4841 17.06 -10.89 -20.87
CA VAL B 4841 17.76 -10.81 -22.15
C VAL B 4841 18.29 -12.17 -22.55
N GLY B 4842 18.79 -12.94 -21.58
CA GLY B 4842 19.18 -14.31 -21.88
C GLY B 4842 18.02 -15.17 -22.33
N LEU B 4843 16.85 -14.96 -21.71
CA LEU B 4843 15.65 -15.67 -22.16
C LEU B 4843 15.27 -15.28 -23.57
N LEU B 4844 15.39 -14.00 -23.90
CA LEU B 4844 15.12 -13.56 -25.27
C LEU B 4844 16.09 -14.21 -26.26
N ALA B 4845 17.38 -14.28 -25.89
CA ALA B 4845 18.35 -14.95 -26.74
C ALA B 4845 18.02 -16.42 -26.92
N VAL B 4846 17.58 -17.08 -25.84
CA VAL B 4846 17.23 -18.50 -25.92
C VAL B 4846 16.05 -18.71 -26.85
N VAL B 4847 15.00 -17.91 -26.70
CA VAL B 4847 13.81 -18.12 -27.51
C VAL B 4847 14.08 -17.76 -28.97
N VAL B 4848 14.89 -16.73 -29.21
CA VAL B 4848 15.24 -16.40 -30.59
C VAL B 4848 16.10 -17.50 -31.20
N TYR B 4849 16.96 -18.13 -30.41
CA TYR B 4849 17.71 -19.28 -30.92
C TYR B 4849 16.78 -20.44 -31.24
N LEU B 4850 15.77 -20.68 -30.41
CA LEU B 4850 14.82 -21.75 -30.70
C LEU B 4850 14.06 -21.47 -31.99
N TYR B 4851 13.62 -20.23 -32.18
CA TYR B 4851 12.97 -19.86 -33.43
C TYR B 4851 13.93 -19.97 -34.60
N THR B 4852 15.21 -19.67 -34.39
CA THR B 4852 16.21 -19.82 -35.45
C THR B 4852 16.36 -21.27 -35.87
N VAL B 4853 16.37 -22.18 -34.90
CA VAL B 4853 16.43 -23.61 -35.21
C VAL B 4853 15.18 -24.02 -35.99
N VAL B 4854 14.01 -23.57 -35.53
CA VAL B 4854 12.76 -23.88 -36.21
C VAL B 4854 12.78 -23.40 -37.65
N ALA B 4855 13.31 -22.19 -37.87
CA ALA B 4855 13.39 -21.66 -39.23
C ALA B 4855 14.43 -22.40 -40.06
N PHE B 4856 15.60 -22.68 -39.48
CA PHE B 4856 16.66 -23.34 -40.23
C PHE B 4856 16.22 -24.72 -40.71
N ASN B 4857 15.40 -25.41 -39.93
CA ASN B 4857 15.01 -26.75 -40.35
C ASN B 4857 13.91 -26.77 -41.42
N PHE B 4858 13.14 -25.69 -41.59
CA PHE B 4858 11.98 -25.78 -42.48
C PHE B 4858 11.82 -24.63 -43.49
N PHE B 4859 12.30 -23.43 -43.21
CA PHE B 4859 11.91 -22.23 -43.93
C PHE B 4859 13.12 -21.55 -44.56
N ARG B 4860 14.00 -22.34 -45.19
CA ARG B 4860 15.21 -21.77 -45.76
C ARG B 4860 14.93 -20.89 -46.97
N LYS B 4861 13.80 -21.12 -47.65
CA LYS B 4861 13.52 -20.38 -48.88
C LYS B 4861 13.32 -18.90 -48.62
N PHE B 4862 12.62 -18.55 -47.55
CA PHE B 4862 12.08 -17.19 -47.40
C PHE B 4862 13.14 -16.17 -47.02
N TYR B 4863 14.14 -16.55 -46.24
CA TYR B 4863 15.14 -15.60 -45.77
C TYR B 4863 16.10 -15.21 -46.88
N ASN B 4864 15.61 -14.52 -47.90
CA ASN B 4864 16.45 -14.04 -49.01
C ASN B 4864 16.30 -12.52 -49.11
N LYS B 4865 17.43 -11.83 -49.11
CA LYS B 4865 17.45 -10.37 -49.13
C LYS B 4865 18.04 -9.80 -50.42
N SER B 4866 18.29 -10.63 -51.43
CA SER B 4866 18.90 -10.19 -52.67
C SER B 4866 17.85 -10.20 -53.77
N GLU B 4867 17.59 -9.04 -54.37
CA GLU B 4867 16.68 -8.96 -55.50
C GLU B 4867 17.31 -9.56 -56.75
N ASP B 4868 18.63 -9.47 -56.86
CA ASP B 4868 19.33 -9.99 -58.04
C ASP B 4868 19.19 -11.50 -58.12
N GLU B 4869 18.79 -11.99 -59.30
CA GLU B 4869 18.60 -13.41 -59.50
C GLU B 4869 19.92 -14.15 -59.70
N ASP B 4870 20.93 -13.47 -60.24
CA ASP B 4870 22.20 -14.13 -60.53
C ASP B 4870 22.88 -14.62 -59.25
N GLU B 4871 22.87 -13.78 -58.22
CA GLU B 4871 23.51 -14.12 -56.94
C GLU B 4871 22.49 -13.90 -55.82
N PRO B 4872 21.64 -14.89 -55.57
CA PRO B 4872 20.72 -14.79 -54.43
C PRO B 4872 21.48 -14.86 -53.11
N ASP B 4873 20.95 -14.17 -52.11
CA ASP B 4873 21.54 -14.13 -50.78
C ASP B 4873 20.56 -14.73 -49.79
N MET B 4874 20.74 -16.00 -49.45
CA MET B 4874 19.93 -16.67 -48.45
C MET B 4874 20.57 -16.48 -47.08
N LYS B 4875 19.80 -15.96 -46.13
CA LYS B 4875 20.32 -15.61 -44.81
C LYS B 4875 19.94 -16.61 -43.74
N CYS B 4876 19.65 -17.86 -44.12
CA CYS B 4876 19.38 -18.89 -43.13
C CYS B 4876 20.02 -20.23 -43.47
N ASP B 4877 20.86 -20.31 -44.51
CA ASP B 4877 21.53 -21.57 -44.81
C ASP B 4877 22.49 -21.97 -43.69
N ASP B 4878 23.20 -21.00 -43.12
CA ASP B 4878 24.08 -21.26 -41.99
C ASP B 4878 23.35 -20.96 -40.69
N MET B 4879 23.55 -21.82 -39.69
CA MET B 4879 22.88 -21.63 -38.42
C MET B 4879 23.35 -20.33 -37.74
N MET B 4880 24.66 -20.08 -37.74
CA MET B 4880 25.17 -18.84 -37.15
C MET B 4880 24.63 -17.63 -37.89
N THR B 4881 24.59 -17.70 -39.23
CA THR B 4881 24.08 -16.58 -40.01
C THR B 4881 22.61 -16.33 -39.75
N CYS B 4882 21.79 -17.38 -39.67
CA CYS B 4882 20.37 -17.21 -39.40
C CYS B 4882 20.12 -16.67 -38.00
N TYR B 4883 20.88 -17.15 -37.01
CA TYR B 4883 20.76 -16.63 -35.66
C TYR B 4883 21.14 -15.16 -35.62
N LEU B 4884 22.23 -14.79 -36.31
CA LEU B 4884 22.63 -13.39 -36.35
C LEU B 4884 21.58 -12.53 -37.03
N PHE B 4885 20.99 -13.04 -38.12
CA PHE B 4885 19.94 -12.31 -38.80
C PHE B 4885 18.73 -12.10 -37.89
N HIS B 4886 18.32 -13.14 -37.17
CA HIS B 4886 17.19 -12.99 -36.26
C HIS B 4886 17.51 -11.97 -35.18
N MET B 4887 18.63 -12.16 -34.46
CA MET B 4887 18.99 -11.24 -33.39
C MET B 4887 19.16 -9.81 -33.89
N TYR B 4888 19.52 -9.63 -35.16
CA TYR B 4888 19.77 -8.30 -35.66
C TYR B 4888 18.49 -7.60 -36.10
N VAL B 4889 17.65 -8.26 -36.90
CA VAL B 4889 16.55 -7.59 -37.56
C VAL B 4889 15.20 -8.04 -37.04
N GLY B 4890 15.05 -9.31 -36.63
CA GLY B 4890 13.75 -9.78 -36.20
C GLY B 4890 13.27 -9.09 -34.94
N VAL B 4891 14.16 -8.92 -33.96
CA VAL B 4891 13.80 -8.23 -32.73
C VAL B 4891 13.59 -6.74 -33.00
N ARG B 4892 14.47 -6.13 -33.79
CA ARG B 4892 14.37 -4.71 -34.07
C ARG B 4892 13.26 -4.36 -35.04
N ALA B 4893 12.59 -5.34 -35.64
CA ALA B 4893 11.43 -5.05 -36.45
C ALA B 4893 10.21 -4.87 -35.56
N GLY B 4894 9.29 -4.02 -36.01
CA GLY B 4894 8.07 -3.77 -35.27
C GLY B 4894 6.95 -4.76 -35.52
N GLY B 4895 7.12 -5.65 -36.48
CA GLY B 4895 6.09 -6.60 -36.84
C GLY B 4895 6.59 -8.02 -36.97
N GLY B 4896 7.55 -8.41 -36.15
CA GLY B 4896 8.09 -9.75 -36.22
C GLY B 4896 9.05 -9.92 -37.38
N ILE B 4897 9.25 -11.18 -37.74
CA ILE B 4897 10.16 -11.50 -38.84
C ILE B 4897 9.42 -11.74 -40.16
N GLY B 4898 8.14 -12.10 -40.09
CA GLY B 4898 7.38 -12.32 -41.31
C GLY B 4898 7.23 -11.07 -42.16
N ASP B 4899 7.09 -9.91 -41.52
CA ASP B 4899 7.05 -8.66 -42.25
C ASP B 4899 8.41 -8.30 -42.82
N GLU B 4900 9.47 -8.86 -42.26
CA GLU B 4900 10.82 -8.53 -42.69
C GLU B 4900 11.31 -9.42 -43.82
N ILE B 4901 10.81 -10.65 -43.92
CA ILE B 4901 11.32 -11.59 -44.92
C ILE B 4901 10.21 -11.93 -45.92
N GLU B 4902 10.52 -12.85 -46.84
CA GLU B 4902 9.68 -13.11 -48.00
C GLU B 4902 8.24 -13.41 -47.60
N ASP B 4903 7.31 -12.94 -48.43
CA ASP B 4903 5.89 -13.12 -48.16
C ASP B 4903 5.52 -14.60 -48.20
N PRO B 4904 4.68 -15.07 -47.28
CA PRO B 4904 4.30 -16.49 -47.24
C PRO B 4904 3.15 -16.88 -48.15
N ALA B 4905 2.48 -15.94 -48.80
CA ALA B 4905 1.32 -16.29 -49.61
C ALA B 4905 1.72 -17.13 -50.82
N GLY B 4906 0.76 -17.91 -51.31
CA GLY B 4906 0.99 -18.78 -52.45
C GLY B 4906 1.98 -19.90 -52.18
N ASP B 4907 1.83 -20.57 -51.03
CA ASP B 4907 2.72 -21.65 -50.66
C ASP B 4907 1.92 -22.70 -49.90
N GLU B 4908 2.46 -23.92 -49.87
CA GLU B 4908 1.82 -25.01 -49.14
C GLU B 4908 1.98 -24.86 -47.63
N TYR B 4909 3.04 -24.19 -47.19
CA TYR B 4909 3.31 -23.98 -45.77
C TYR B 4909 2.70 -22.69 -45.24
N GLU B 4910 1.59 -22.23 -45.84
CA GLU B 4910 0.99 -20.97 -45.44
C GLU B 4910 0.62 -20.97 -43.96
N LEU B 4911 -0.11 -21.99 -43.52
CA LEU B 4911 -0.57 -22.03 -42.13
C LEU B 4911 0.61 -22.14 -41.17
N TYR B 4912 1.57 -23.00 -41.49
CA TYR B 4912 2.73 -23.16 -40.61
C TYR B 4912 3.49 -21.86 -40.47
N ARG B 4913 3.71 -21.16 -41.59
CA ARG B 4913 4.53 -19.95 -41.54
C ARG B 4913 3.78 -18.78 -40.90
N VAL B 4914 2.47 -18.69 -41.10
CA VAL B 4914 1.72 -17.62 -40.44
C VAL B 4914 1.67 -17.86 -38.94
N VAL B 4915 1.53 -19.12 -38.53
CA VAL B 4915 1.62 -19.44 -37.10
C VAL B 4915 3.00 -19.07 -36.56
N PHE B 4916 4.05 -19.40 -37.31
CA PHE B 4916 5.41 -19.03 -36.93
C PHE B 4916 5.55 -17.53 -36.72
N ASP B 4917 5.09 -16.74 -37.70
CA ASP B 4917 5.24 -15.30 -37.64
C ASP B 4917 4.44 -14.72 -36.48
N ILE B 4918 3.20 -15.16 -36.30
CA ILE B 4918 2.36 -14.61 -35.23
C ILE B 4918 2.92 -14.96 -33.87
N THR B 4919 3.37 -16.21 -33.68
CA THR B 4919 3.98 -16.58 -32.40
C THR B 4919 5.24 -15.77 -32.16
N PHE B 4920 6.03 -15.54 -33.21
CA PHE B 4920 7.20 -14.68 -33.06
C PHE B 4920 6.79 -13.28 -32.58
N PHE B 4921 5.77 -12.71 -33.22
CA PHE B 4921 5.33 -11.35 -32.88
C PHE B 4921 4.88 -11.27 -31.43
N PHE B 4922 4.07 -12.22 -30.99
CA PHE B 4922 3.58 -12.18 -29.60
C PHE B 4922 4.71 -12.47 -28.62
N PHE B 4923 5.33 -13.64 -28.73
CA PHE B 4923 6.21 -14.10 -27.67
C PHE B 4923 7.55 -13.36 -27.66
N VAL B 4924 7.98 -12.80 -28.79
CA VAL B 4924 9.33 -12.27 -28.91
C VAL B 4924 9.37 -10.75 -28.91
N ILE B 4925 8.36 -10.07 -29.45
CA ILE B 4925 8.39 -8.62 -29.53
C ILE B 4925 7.52 -8.00 -28.46
N VAL B 4926 6.26 -8.40 -28.40
CA VAL B 4926 5.34 -7.79 -27.44
C VAL B 4926 5.72 -8.13 -26.02
N ILE B 4927 5.71 -9.41 -25.67
CA ILE B 4927 5.91 -9.82 -24.28
C ILE B 4927 7.34 -9.56 -23.83
N LEU B 4928 8.31 -9.91 -24.65
CA LEU B 4928 9.71 -9.87 -24.23
C LEU B 4928 10.36 -8.52 -24.44
N LEU B 4929 9.62 -7.51 -24.89
CA LEU B 4929 10.02 -6.12 -24.76
C LEU B 4929 9.08 -5.32 -23.88
N ALA B 4930 7.97 -5.92 -23.45
CA ALA B 4930 7.15 -5.35 -22.40
C ALA B 4930 7.61 -5.77 -21.01
N ILE B 4931 8.33 -6.90 -20.91
CA ILE B 4931 8.87 -7.32 -19.62
C ILE B 4931 9.87 -6.30 -19.10
N ILE B 4932 10.70 -5.74 -19.98
CA ILE B 4932 11.67 -4.72 -19.54
C ILE B 4932 10.95 -3.47 -19.05
N GLN B 4933 9.92 -3.03 -19.77
CA GLN B 4933 9.16 -1.86 -19.33
C GLN B 4933 8.46 -2.13 -18.01
N GLY B 4934 7.90 -3.32 -17.84
CA GLY B 4934 7.30 -3.68 -16.56
C GLY B 4934 8.30 -3.71 -15.43
N LEU B 4935 9.51 -4.22 -15.71
CA LEU B 4935 10.56 -4.26 -14.69
C LEU B 4935 10.95 -2.85 -14.28
N ILE B 4936 11.10 -1.93 -15.23
CA ILE B 4936 11.46 -0.56 -14.89
C ILE B 4936 10.36 0.12 -14.10
N ILE B 4937 9.10 -0.05 -14.52
CA ILE B 4937 7.98 0.57 -13.81
C ILE B 4937 7.90 0.00 -12.40
N ASP B 4938 8.04 -1.32 -12.26
CA ASP B 4938 8.01 -1.93 -10.94
C ASP B 4938 9.16 -1.47 -10.07
N ALA B 4939 10.35 -1.25 -10.66
CA ALA B 4939 11.46 -0.74 -9.87
C ALA B 4939 11.18 0.67 -9.36
N PHE B 4940 10.63 1.54 -10.23
CA PHE B 4940 10.22 2.86 -9.77
C PHE B 4940 9.23 2.75 -8.63
N GLY B 4941 8.24 1.86 -8.76
CA GLY B 4941 7.26 1.70 -7.70
C GLY B 4941 7.88 1.22 -6.40
N GLU B 4942 8.74 0.20 -6.47
CA GLU B 4942 9.34 -0.35 -5.26
C GLU B 4942 10.22 0.68 -4.57
N LEU B 4943 10.95 1.48 -5.34
CA LEU B 4943 11.74 2.55 -4.74
C LEU B 4943 10.84 3.59 -4.06
N ARG B 4944 9.72 3.94 -4.69
CA ARG B 4944 8.81 4.90 -4.08
C ARG B 4944 8.24 4.35 -2.77
N ASP B 4945 7.85 3.08 -2.75
CA ASP B 4945 7.36 2.50 -1.50
C ASP B 4945 8.46 2.40 -0.45
N GLN B 4946 9.71 2.17 -0.87
CA GLN B 4946 10.80 2.17 0.11
C GLN B 4946 10.93 3.54 0.78
N GLN B 4947 10.90 4.60 -0.02
CA GLN B 4947 10.99 5.95 0.55
C GLN B 4947 9.78 6.25 1.44
N GLU B 4948 8.59 5.89 0.98
CA GLU B 4948 7.39 6.12 1.78
C GLU B 4948 7.46 5.36 3.10
N GLN B 4949 7.91 4.11 3.06
CA GLN B 4949 7.98 3.29 4.27
C GLN B 4949 8.99 3.85 5.26
N VAL B 4950 10.16 4.27 4.79
CA VAL B 4950 11.15 4.81 5.72
C VAL B 4950 10.64 6.12 6.33
N LYS B 4951 10.01 6.97 5.52
CA LYS B 4951 9.47 8.21 6.06
C LYS B 4951 8.38 7.94 7.09
N GLU B 4952 7.47 7.03 6.79
CA GLU B 4952 6.38 6.74 7.72
C GLU B 4952 6.90 6.10 9.00
N ASP B 4953 7.88 5.20 8.89
CA ASP B 4953 8.44 4.59 10.10
C ASP B 4953 9.12 5.64 10.97
N MET B 4954 9.88 6.56 10.37
CA MET B 4954 10.50 7.61 11.15
C MET B 4954 9.46 8.51 11.79
N GLU B 4955 8.36 8.78 11.08
CA GLU B 4955 7.32 9.63 11.64
C GLU B 4955 6.59 8.95 12.79
N THR B 4956 6.38 7.63 12.70
CA THR B 4956 5.50 6.95 13.64
C THR B 4956 6.22 6.30 14.81
N LYS B 4957 7.54 6.11 14.75
CA LYS B 4957 8.25 5.46 15.82
C LYS B 4957 9.49 6.26 16.21
N CYS B 4958 9.89 6.11 17.48
CA CYS B 4958 11.13 6.70 17.96
C CYS B 4958 12.30 5.79 17.59
N PHE B 4959 13.33 6.38 16.98
CA PHE B 4959 14.41 5.58 16.44
C PHE B 4959 15.18 4.84 17.53
N ILE B 4960 15.49 5.53 18.63
CA ILE B 4960 16.34 4.94 19.66
C ILE B 4960 15.59 3.87 20.44
N CYS B 4961 14.38 4.19 20.92
CA CYS B 4961 13.70 3.31 21.84
C CYS B 4961 12.71 2.38 21.16
N GLY B 4962 12.05 2.82 20.09
CA GLY B 4962 11.10 2.00 19.38
C GLY B 4962 9.67 2.12 19.86
N ILE B 4963 9.41 2.90 20.91
CA ILE B 4963 8.05 3.11 21.37
C ILE B 4963 7.26 3.89 20.32
N GLY B 4964 6.03 3.46 20.07
CA GLY B 4964 5.22 4.12 19.08
C GLY B 4964 4.85 5.54 19.46
N SER B 4965 4.53 6.34 18.45
CA SER B 4965 4.18 7.73 18.67
C SER B 4965 2.83 7.89 19.35
N ASP B 4966 1.98 6.85 19.31
CA ASP B 4966 0.65 6.97 19.89
C ASP B 4966 0.71 7.26 21.39
N TYR B 4967 1.67 6.66 22.09
CA TYR B 4967 1.85 6.97 23.50
C TYR B 4967 2.24 8.44 23.69
N PHE B 4968 3.19 8.93 22.89
CA PHE B 4968 3.70 10.27 23.11
C PHE B 4968 2.68 11.33 22.74
N ASP B 4969 1.78 11.06 21.80
CA ASP B 4969 0.78 12.05 21.45
C ASP B 4969 -0.30 12.22 22.51
N THR B 4970 -0.16 11.59 23.67
CA THR B 4970 -1.12 11.83 24.76
C THR B 4970 -1.08 13.29 25.18
N THR B 4971 0.10 13.86 25.32
CA THR B 4971 0.29 15.27 25.55
C THR B 4971 0.57 15.99 24.23
N PRO B 4972 0.15 17.24 24.08
CA PRO B 4972 0.39 17.96 22.83
C PRO B 4972 1.89 18.08 22.54
N HIS B 4973 2.24 17.90 21.27
CA HIS B 4973 3.63 17.95 20.80
C HIS B 4973 4.50 16.94 21.54
N GLY B 4974 3.89 15.86 22.05
CA GLY B 4974 4.63 14.92 22.87
C GLY B 4974 5.71 14.20 22.09
N PHE B 4975 5.38 13.70 20.90
CA PHE B 4975 6.36 12.98 20.12
C PHE B 4975 7.49 13.90 19.66
N GLU B 4976 7.15 15.12 19.25
CA GLU B 4976 8.18 16.07 18.85
C GLU B 4976 9.12 16.39 20.01
N THR B 4977 8.57 16.62 21.20
CA THR B 4977 9.40 16.89 22.36
C THR B 4977 10.28 15.69 22.70
N HIS B 4978 9.72 14.48 22.62
CA HIS B 4978 10.50 13.29 22.93
C HIS B 4978 11.65 13.09 21.94
N THR B 4979 11.39 13.32 20.65
CA THR B 4979 12.42 13.10 19.65
C THR B 4979 13.39 14.26 19.50
N LEU B 4980 13.08 15.42 20.07
CA LEU B 4980 14.00 16.55 20.02
C LEU B 4980 14.69 16.86 21.35
N GLU B 4981 14.26 16.23 22.44
CA GLU B 4981 14.87 16.49 23.74
C GLU B 4981 15.30 15.23 24.47
N GLU B 4982 14.56 14.14 24.35
CA GLU B 4982 14.82 12.95 25.16
C GLU B 4982 15.66 11.91 24.44
N HIS B 4983 15.25 11.50 23.25
CA HIS B 4983 15.92 10.40 22.56
C HIS B 4983 16.49 10.82 21.21
N ASN B 4984 17.19 11.97 21.18
CA ASN B 4984 17.73 12.47 19.93
C ASN B 4984 19.01 11.71 19.58
N LEU B 4985 19.03 11.10 18.40
CA LEU B 4985 20.22 10.38 17.95
C LEU B 4985 21.41 11.31 17.79
N ALA B 4986 21.15 12.56 17.40
CA ALA B 4986 22.23 13.55 17.36
C ALA B 4986 22.82 13.76 18.75
N ASN B 4987 21.96 13.83 19.77
CA ASN B 4987 22.45 13.98 21.13
C ASN B 4987 23.25 12.76 21.56
N TYR B 4988 22.81 11.56 21.16
CA TYR B 4988 23.55 10.35 21.50
C TYR B 4988 24.94 10.36 20.86
N MET B 4989 25.01 10.76 19.59
CA MET B 4989 26.31 10.84 18.92
C MET B 4989 27.20 11.88 19.58
N PHE B 4990 26.63 13.02 19.96
CA PHE B 4990 27.41 14.06 20.63
C PHE B 4990 27.93 13.57 21.97
N PHE B 4991 27.12 12.80 22.69
CA PHE B 4991 27.59 12.23 23.95
C PHE B 4991 28.72 11.24 23.72
N LEU B 4992 28.61 10.42 22.68
CA LEU B 4992 29.67 9.45 22.40
C LEU B 4992 30.98 10.15 22.06
N MET B 4993 30.92 11.17 21.21
CA MET B 4993 32.15 11.90 20.88
C MET B 4993 32.67 12.66 22.09
N TYR B 4994 31.78 13.10 22.97
CA TYR B 4994 32.20 13.77 24.20
C TYR B 4994 32.97 12.81 25.09
N LEU B 4995 32.49 11.56 25.22
CA LEU B 4995 33.22 10.57 25.98
C LEU B 4995 34.58 10.28 25.35
N ILE B 4996 34.62 10.17 24.02
CA ILE B 4996 35.90 9.89 23.36
C ILE B 4996 36.88 11.03 23.59
N ASN B 4997 36.41 12.28 23.49
CA ASN B 4997 37.30 13.42 23.62
C ASN B 4997 37.76 13.61 25.07
N LYS B 4998 36.87 13.48 26.02
CA LYS B 4998 37.21 13.74 27.42
C LYS B 4998 38.23 12.74 27.93
N ASP B 4999 39.24 13.26 28.62
CA ASP B 4999 40.29 12.41 29.16
C ASP B 4999 39.73 11.45 30.20
N GLU B 5000 40.28 10.24 30.24
CA GLU B 5000 39.84 9.26 31.23
C GLU B 5000 40.25 9.73 32.63
N THR B 5001 39.69 9.05 33.63
CA THR B 5001 39.84 9.36 35.05
C THR B 5001 39.18 10.71 35.39
N GLU B 5002 38.60 11.35 34.38
CA GLU B 5002 37.78 12.54 34.58
C GLU B 5002 36.31 12.26 34.36
N HIS B 5003 35.96 11.03 33.98
CA HIS B 5003 34.56 10.66 33.77
C HIS B 5003 33.80 10.65 35.09
N THR B 5004 32.52 10.98 35.02
CA THR B 5004 31.63 10.74 36.15
C THR B 5004 31.32 9.25 36.23
N GLY B 5005 30.48 8.89 37.21
CA GLY B 5005 30.13 7.48 37.35
C GLY B 5005 29.36 6.96 36.15
N GLN B 5006 28.35 7.71 35.71
CA GLN B 5006 27.58 7.30 34.55
C GLN B 5006 28.43 7.31 33.28
N GLU B 5007 29.31 8.31 33.14
CA GLU B 5007 30.20 8.35 31.99
C GLU B 5007 31.14 7.15 31.98
N SER B 5008 31.68 6.78 33.14
CA SER B 5008 32.53 5.59 33.21
C SER B 5008 31.75 4.32 32.88
N TYR B 5009 30.50 4.24 33.34
CA TYR B 5009 29.66 3.10 33.02
C TYR B 5009 29.45 2.97 31.52
N VAL B 5010 29.10 4.08 30.87
CA VAL B 5010 28.86 4.05 29.42
C VAL B 5010 30.16 3.77 28.67
N TRP B 5011 31.28 4.33 29.14
CA TRP B 5011 32.56 4.08 28.49
C TRP B 5011 32.96 2.61 28.59
N LYS B 5012 32.75 2.00 29.76
CA LYS B 5012 33.05 0.58 29.92
C LYS B 5012 32.16 -0.26 29.02
N MET B 5013 30.87 0.08 28.95
CA MET B 5013 29.98 -0.65 28.06
C MET B 5013 30.41 -0.52 26.61
N TYR B 5014 30.83 0.68 26.20
CA TYR B 5014 31.28 0.90 24.83
C TYR B 5014 32.54 0.11 24.52
N GLN B 5015 33.50 0.11 25.46
CA GLN B 5015 34.71 -0.67 25.27
C GLN B 5015 34.43 -2.16 25.22
N GLU B 5016 33.45 -2.64 25.97
CA GLU B 5016 33.04 -4.04 25.91
C GLU B 5016 32.07 -4.31 24.76
N ARG B 5017 31.66 -3.27 24.03
CA ARG B 5017 30.75 -3.40 22.91
C ARG B 5017 29.45 -4.09 23.31
N CYS B 5018 28.84 -3.62 24.39
CA CYS B 5018 27.54 -4.07 24.86
C CYS B 5018 26.59 -2.89 24.80
N TRP B 5019 25.51 -3.01 24.03
CA TRP B 5019 24.57 -1.92 23.80
C TRP B 5019 23.33 -2.04 24.65
N ASP B 5020 23.47 -2.54 25.88
CA ASP B 5020 22.33 -2.63 26.77
C ASP B 5020 21.93 -1.27 27.32
N PHE B 5021 22.87 -0.32 27.39
CA PHE B 5021 22.55 0.98 27.95
C PHE B 5021 21.60 1.79 27.09
N PHE B 5022 21.50 1.47 25.80
CA PHE B 5022 20.51 2.15 24.96
C PHE B 5022 19.11 1.74 25.38
N PRO B 5023 18.21 2.70 25.62
CA PRO B 5023 16.85 2.34 26.05
C PRO B 5023 16.08 1.64 24.93
N ALA B 5024 15.54 0.47 25.23
CA ALA B 5024 14.77 -0.31 24.28
C ALA B 5024 13.41 -0.61 24.88
N GLY B 5025 12.36 -0.09 24.25
CA GLY B 5025 11.01 -0.31 24.74
C GLY B 5025 10.71 0.35 26.07
N ASP B 5026 11.50 1.35 26.47
CA ASP B 5026 11.29 2.03 27.72
C ASP B 5026 11.83 3.45 27.60
N CYS B 5027 11.34 4.32 28.48
CA CYS B 5027 11.74 5.73 28.47
C CYS B 5027 11.46 6.31 29.85
N PHE B 5028 11.90 7.56 30.03
CA PHE B 5028 11.72 8.23 31.30
C PHE B 5028 10.24 8.41 31.63
N ARG B 5029 9.44 8.78 30.63
CA ARG B 5029 8.01 8.96 30.86
C ARG B 5029 7.33 7.65 31.23
N LYS B 5030 7.61 6.59 30.48
CA LYS B 5030 7.06 5.28 30.82
C LYS B 5030 7.51 4.84 32.21
N GLN B 5031 8.72 5.22 32.63
CA GLN B 5031 9.23 4.77 33.91
C GLN B 5031 8.59 5.53 35.07
N TYR B 5032 8.38 6.84 34.91
CA TYR B 5032 7.99 7.68 36.04
C TYR B 5032 6.68 8.42 35.80
N GLU B 5033 5.78 7.85 34.97
CA GLU B 5033 4.48 8.48 34.76
C GLU B 5033 3.69 8.58 36.07
N ASP B 5034 3.97 7.71 37.03
CA ASP B 5034 3.25 7.74 38.29
C ASP B 5034 3.46 9.06 39.02
N GLN B 5035 4.69 9.57 39.01
CA GLN B 5035 4.98 10.85 39.61
C GLN B 5035 4.80 12.02 38.66
N LEU B 5036 4.94 11.79 37.34
CA LEU B 5036 4.80 12.88 36.39
C LEU B 5036 3.35 13.27 36.19
N SER B 5037 2.42 12.33 36.32
CA SER B 5037 1.01 12.61 36.13
C SER B 5037 0.45 13.47 37.26
N ASN C 3950 -43.59 54.78 35.64
CA ASN C 3950 -43.05 54.15 36.85
C ASN C 3950 -42.35 52.86 36.52
N PHE C 3951 -43.02 52.00 35.74
CA PHE C 3951 -42.42 50.72 35.36
C PHE C 3951 -41.18 50.93 34.49
N SER C 3952 -41.26 51.86 33.53
CA SER C 3952 -40.13 52.09 32.63
C SER C 3952 -38.90 52.58 33.39
N LYS C 3953 -39.09 53.46 34.37
CA LYS C 3953 -37.95 53.99 35.13
C LYS C 3953 -37.24 52.89 35.90
N ALA C 3954 -38.01 51.97 36.51
CA ALA C 3954 -37.40 50.87 37.24
C ALA C 3954 -36.64 49.95 36.29
N MET C 3955 -37.08 49.86 35.03
CA MET C 3955 -36.40 49.01 34.06
C MET C 3955 -34.98 49.48 33.80
N SER C 3956 -34.79 50.80 33.69
CA SER C 3956 -33.45 51.33 33.45
C SER C 3956 -32.50 50.97 34.59
N VAL C 3957 -32.99 51.02 35.83
CA VAL C 3957 -32.18 50.62 36.97
C VAL C 3957 -31.85 49.13 36.89
N ALA C 3958 -32.85 48.31 36.54
CA ALA C 3958 -32.63 46.87 36.48
C ALA C 3958 -31.61 46.51 35.42
N LYS C 3959 -31.67 47.15 34.25
CA LYS C 3959 -30.71 46.87 33.19
C LYS C 3959 -29.28 47.19 33.65
N GLN C 3960 -29.10 48.33 34.32
CA GLN C 3960 -27.79 48.66 34.86
C GLN C 3960 -27.39 47.66 35.94
N VAL C 3961 -28.34 47.24 36.77
CA VAL C 3961 -28.04 46.23 37.79
C VAL C 3961 -27.65 44.92 37.12
N PHE C 3962 -28.42 44.48 36.13
CA PHE C 3962 -28.10 43.24 35.44
C PHE C 3962 -26.76 43.34 34.71
N ASN C 3963 -26.48 44.51 34.12
CA ASN C 3963 -25.16 44.71 33.53
C ASN C 3963 -24.08 44.78 34.60
N SER C 3964 -24.43 45.28 35.79
CA SER C 3964 -23.45 45.34 36.87
C SER C 3964 -23.05 43.94 37.33
N LEU C 3965 -24.03 43.07 37.60
CA LEU C 3965 -23.72 41.70 37.97
C LEU C 3965 -23.04 40.96 36.83
N THR C 3966 -23.27 41.41 35.59
CA THR C 3966 -22.56 40.83 34.45
C THR C 3966 -21.07 41.07 34.56
N GLU C 3967 -20.68 42.28 34.96
CA GLU C 3967 -19.26 42.63 34.98
C GLU C 3967 -18.50 41.88 36.07
N TYR C 3968 -19.14 41.64 37.21
CA TYR C 3968 -18.45 40.97 38.32
C TYR C 3968 -18.03 39.55 37.94
N ILE C 3969 -18.68 38.97 36.93
CA ILE C 3969 -18.48 37.58 36.57
C ILE C 3969 -18.13 37.41 35.10
N GLN C 3970 -17.77 38.49 34.41
CA GLN C 3970 -17.47 38.43 32.99
C GLN C 3970 -16.02 38.06 32.70
N GLY C 3971 -15.19 37.93 33.73
CA GLY C 3971 -13.80 37.61 33.57
C GLY C 3971 -13.47 36.23 34.09
N PRO C 3972 -14.32 35.25 33.77
CA PRO C 3972 -14.33 33.98 34.52
C PRO C 3972 -13.80 34.05 35.93
N CYS C 3973 -14.27 35.02 36.71
CA CYS C 3973 -13.87 35.19 38.10
C CYS C 3973 -14.57 34.12 38.92
N THR C 3974 -13.86 33.01 39.14
CA THR C 3974 -14.44 31.89 39.87
C THR C 3974 -14.80 32.28 41.29
N GLY C 3975 -14.10 33.26 41.85
CA GLY C 3975 -14.45 33.71 43.19
C GLY C 3975 -15.82 34.34 43.28
N ASN C 3976 -16.14 35.22 42.32
CA ASN C 3976 -17.45 35.88 42.35
C ASN C 3976 -18.54 34.96 41.83
N GLN C 3977 -18.20 34.03 40.94
CA GLN C 3977 -19.20 33.11 40.41
C GLN C 3977 -19.79 32.24 41.51
N GLN C 3978 -18.94 31.73 42.41
CA GLN C 3978 -19.44 30.90 43.49
C GLN C 3978 -20.22 31.72 44.52
N SER C 3979 -19.82 32.98 44.71
CA SER C 3979 -20.52 33.83 45.68
C SER C 3979 -21.97 34.08 45.27
N LEU C 3980 -22.20 34.30 43.99
CA LEU C 3980 -23.57 34.53 43.52
C LEU C 3980 -24.42 33.27 43.61
N ALA C 3981 -23.79 32.09 43.61
CA ALA C 3981 -24.54 30.85 43.68
C ALA C 3981 -25.32 30.73 44.98
N HIS C 3982 -24.68 31.10 46.09
CA HIS C 3982 -25.32 30.97 47.40
C HIS C 3982 -26.22 32.16 47.74
N SER C 3983 -26.21 33.21 46.94
CA SER C 3983 -27.02 34.39 47.21
C SER C 3983 -28.47 34.13 46.83
N ARG C 3984 -29.31 35.17 46.93
CA ARG C 3984 -30.72 35.07 46.59
C ARG C 3984 -30.99 35.39 45.13
N LEU C 3985 -29.99 35.26 44.26
CA LEU C 3985 -30.17 35.60 42.85
C LEU C 3985 -31.23 34.72 42.19
N TRP C 3986 -31.22 33.42 42.50
CA TRP C 3986 -32.19 32.52 41.91
C TRP C 3986 -33.61 32.90 42.30
N ASP C 3987 -33.79 33.37 43.53
CA ASP C 3987 -35.08 33.91 43.94
C ASP C 3987 -35.44 35.14 43.11
N ALA C 3988 -34.44 35.95 42.76
CA ALA C 3988 -34.68 37.12 41.92
C ALA C 3988 -34.93 36.73 40.47
N VAL C 3989 -34.23 35.70 39.99
CA VAL C 3989 -34.37 35.29 38.58
C VAL C 3989 -35.79 34.84 38.28
N VAL C 3990 -36.36 34.02 39.17
CA VAL C 3990 -37.72 33.53 38.93
C VAL C 3990 -38.72 34.67 39.00
N GLY C 3991 -38.43 35.68 39.82
CA GLY C 3991 -39.35 36.80 39.95
C GLY C 3991 -39.52 37.59 38.67
N PHE C 3992 -38.42 37.92 38.00
CA PHE C 3992 -38.51 38.65 36.74
C PHE C 3992 -39.09 37.79 35.62
N LEU C 3993 -38.78 36.48 35.62
CA LEU C 3993 -39.33 35.60 34.59
C LEU C 3993 -40.84 35.54 34.66
N HIS C 3994 -41.40 35.45 35.87
CA HIS C 3994 -42.85 35.42 36.01
C HIS C 3994 -43.48 36.73 35.55
N VAL C 3995 -42.85 37.86 35.90
CA VAL C 3995 -43.36 39.15 35.44
C VAL C 3995 -43.25 39.26 33.93
N PHE C 3996 -42.13 38.81 33.36
CA PHE C 3996 -41.94 38.90 31.91
C PHE C 3996 -42.97 38.06 31.17
N ALA C 3997 -43.27 36.87 31.70
CA ALA C 3997 -44.16 35.95 30.99
C ALA C 3997 -45.57 36.51 30.86
N HIS C 3998 -46.15 36.96 31.97
CA HIS C 3998 -47.54 37.37 31.96
C HIS C 3998 -47.73 38.74 31.32
N MET C 3999 -46.77 39.65 31.49
CA MET C 3999 -46.98 41.03 31.09
C MET C 3999 -46.96 41.21 29.57
N MET C 4000 -46.03 40.58 28.87
CA MET C 4000 -45.84 40.90 27.45
C MET C 4000 -47.03 40.47 26.61
N MET C 4001 -47.69 39.37 26.99
CA MET C 4001 -48.88 38.94 26.25
C MET C 4001 -49.98 39.99 26.35
N LYS C 4002 -50.14 40.59 27.52
CA LYS C 4002 -51.09 41.70 27.65
C LYS C 4002 -50.69 42.87 26.77
N LEU C 4003 -49.39 43.18 26.72
CA LEU C 4003 -48.91 44.29 25.91
C LEU C 4003 -48.87 43.97 24.42
N ALA C 4004 -48.67 42.69 24.07
CA ALA C 4004 -48.59 42.32 22.66
C ALA C 4004 -49.91 42.58 21.94
N GLN C 4005 -51.03 42.21 22.56
CA GLN C 4005 -52.33 42.45 21.94
C GLN C 4005 -52.64 43.93 21.86
N ASP C 4006 -52.27 44.69 22.88
CA ASP C 4006 -52.57 46.12 22.90
C ASP C 4006 -51.72 46.85 21.88
N SER C 4007 -52.36 47.69 21.05
CA SER C 4007 -51.62 48.47 20.08
C SER C 4007 -50.88 49.62 20.73
N SER C 4008 -51.52 50.29 21.71
CA SER C 4008 -50.88 51.39 22.40
C SER C 4008 -49.72 50.92 23.26
N GLN C 4009 -49.86 49.75 23.89
CA GLN C 4009 -48.82 49.21 24.77
C GLN C 4009 -47.76 48.48 23.96
N ILE C 4010 -47.16 49.22 23.02
CA ILE C 4010 -46.07 48.69 22.21
C ILE C 4010 -44.75 49.41 22.43
N GLU C 4011 -44.75 50.70 22.78
CA GLU C 4011 -43.51 51.41 23.03
C GLU C 4011 -42.73 50.79 24.19
N LEU C 4012 -43.44 50.44 25.27
CA LEU C 4012 -42.77 49.84 26.43
C LEU C 4012 -42.37 48.40 26.16
N LEU C 4013 -43.04 47.74 25.21
CA LEU C 4013 -42.80 46.31 24.99
C LEU C 4013 -41.39 46.04 24.50
N LYS C 4014 -40.85 46.91 23.64
CA LYS C 4014 -39.54 46.65 23.07
C LYS C 4014 -38.44 46.65 24.13
N GLU C 4015 -38.51 47.56 25.11
CA GLU C 4015 -37.54 47.53 26.18
C GLU C 4015 -37.80 46.37 27.15
N LEU C 4016 -39.03 45.86 27.18
CA LEU C 4016 -39.34 44.73 28.06
C LEU C 4016 -38.54 43.50 27.65
N LEU C 4017 -38.47 43.23 26.35
CA LEU C 4017 -37.65 42.12 25.87
C LEU C 4017 -36.17 42.47 25.87
N ASP C 4018 -35.83 43.75 25.68
CA ASP C 4018 -34.43 44.15 25.71
C ASP C 4018 -33.83 43.94 27.09
N LEU C 4019 -34.59 44.25 28.15
CA LEU C 4019 -34.08 44.02 29.51
C LEU C 4019 -33.90 42.52 29.75
N GLN C 4020 -34.87 41.72 29.32
CA GLN C 4020 -34.73 40.27 29.46
C GLN C 4020 -33.62 39.74 28.57
N LYS C 4021 -33.36 40.40 27.44
CA LYS C 4021 -32.20 40.05 26.63
C LYS C 4021 -30.91 40.24 27.41
N ASP C 4022 -30.83 41.33 28.19
CA ASP C 4022 -29.69 41.52 29.09
C ASP C 4022 -29.75 40.60 30.29
N MET C 4023 -30.93 40.05 30.61
CA MET C 4023 -31.03 39.14 31.74
C MET C 4023 -30.35 37.81 31.45
N VAL C 4024 -30.60 37.24 30.26
CA VAL C 4024 -30.03 35.94 29.94
C VAL C 4024 -28.53 36.02 29.71
N VAL C 4025 -28.01 37.20 29.36
CA VAL C 4025 -26.56 37.35 29.26
C VAL C 4025 -25.92 37.16 30.63
N MET C 4026 -26.56 37.66 31.68
CA MET C 4026 -26.08 37.40 33.03
C MET C 4026 -26.14 35.91 33.34
N LEU C 4027 -27.21 35.23 32.91
CA LEU C 4027 -27.27 33.78 33.07
C LEU C 4027 -26.19 33.09 32.28
N LEU C 4028 -25.96 33.52 31.03
CA LEU C 4028 -24.91 32.91 30.22
C LEU C 4028 -23.53 33.18 30.81
N SER C 4029 -23.29 34.41 31.28
CA SER C 4029 -21.99 34.73 31.88
C SER C 4029 -21.80 33.96 33.19
N LEU C 4030 -22.87 33.79 33.96
CA LEU C 4030 -22.76 33.03 35.21
C LEU C 4030 -22.45 31.57 34.92
N LEU C 4031 -22.94 31.05 33.81
CA LEU C 4031 -22.69 29.68 33.38
C LEU C 4031 -21.34 29.51 32.70
N GLU C 4032 -20.63 30.62 32.45
CA GLU C 4032 -19.37 30.56 31.74
C GLU C 4032 -18.35 29.70 32.47
N GLY C 4033 -17.65 28.85 31.73
CA GLY C 4033 -16.65 27.97 32.32
C GLY C 4033 -17.23 26.93 33.26
N ASN C 4034 -18.43 26.43 32.96
CA ASN C 4034 -19.07 25.48 33.85
C ASN C 4034 -18.41 24.10 33.75
N VAL C 4035 -18.55 23.33 34.82
CA VAL C 4035 -18.07 21.97 34.87
C VAL C 4035 -19.29 21.04 34.88
N VAL C 4036 -19.15 19.87 34.25
CA VAL C 4036 -20.25 18.93 34.18
C VAL C 4036 -20.67 18.54 35.59
N ASN C 4037 -21.98 18.51 35.83
CA ASN C 4037 -22.54 18.19 37.13
C ASN C 4037 -22.01 19.14 38.21
N GLY C 4038 -21.66 20.36 37.79
CA GLY C 4038 -21.15 21.33 38.72
C GLY C 4038 -22.25 22.01 39.53
N MET C 4039 -21.83 22.74 40.56
CA MET C 4039 -22.80 23.42 41.42
C MET C 4039 -23.60 24.47 40.65
N ILE C 4040 -22.94 25.20 39.75
CA ILE C 4040 -23.62 26.26 39.01
C ILE C 4040 -24.74 25.69 38.15
N ALA C 4041 -24.47 24.60 37.43
CA ALA C 4041 -25.51 23.99 36.61
C ALA C 4041 -26.63 23.41 37.47
N ARG C 4042 -26.28 22.79 38.60
CA ARG C 4042 -27.29 22.22 39.48
C ARG C 4042 -28.18 23.31 40.07
N GLN C 4043 -27.60 24.48 40.38
CA GLN C 4043 -28.41 25.58 40.88
C GLN C 4043 -29.39 26.07 39.82
N MET C 4044 -28.94 26.13 38.56
CA MET C 4044 -29.82 26.63 37.50
C MET C 4044 -30.96 25.66 37.20
N VAL C 4045 -30.68 24.36 37.10
CA VAL C 4045 -31.72 23.40 36.74
C VAL C 4045 -32.80 23.37 37.81
N ASP C 4046 -32.41 23.55 39.08
CA ASP C 4046 -33.41 23.70 40.14
C ASP C 4046 -34.26 24.94 39.91
N MET C 4047 -33.65 26.01 39.40
CA MET C 4047 -34.42 27.21 39.08
C MET C 4047 -35.38 26.96 37.92
N LEU C 4048 -34.93 26.22 36.90
CA LEU C 4048 -35.78 25.97 35.74
C LEU C 4048 -37.01 25.12 36.10
N VAL C 4049 -36.81 24.08 36.92
CA VAL C 4049 -37.91 23.14 37.19
C VAL C 4049 -39.05 23.84 37.90
N GLU C 4050 -38.74 24.68 38.89
CA GLU C 4050 -39.78 25.47 39.53
C GLU C 4050 -40.29 26.58 38.62
N SER C 4051 -39.47 27.03 37.66
CA SER C 4051 -39.88 28.03 36.69
C SER C 4051 -40.41 27.42 35.40
N SER C 4052 -40.53 26.08 35.34
CA SER C 4052 -40.89 25.42 34.09
C SER C 4052 -42.26 25.88 33.58
N SER C 4053 -43.18 26.16 34.51
CA SER C 4053 -44.47 26.71 34.10
C SER C 4053 -44.30 28.06 33.42
N ASN C 4054 -43.43 28.91 33.96
CA ASN C 4054 -43.15 30.20 33.33
C ASN C 4054 -42.26 30.04 32.10
N VAL C 4055 -41.44 28.99 32.05
CA VAL C 4055 -40.51 28.83 30.94
C VAL C 4055 -41.27 28.65 29.62
N GLU C 4056 -42.31 27.82 29.62
CA GLU C 4056 -43.09 27.65 28.42
C GLU C 4056 -44.15 28.74 28.36
N MET C 4057 -43.71 29.99 28.55
CA MET C 4057 -44.53 31.16 28.33
C MET C 4057 -43.81 32.27 27.57
N ILE C 4058 -42.47 32.30 27.59
CA ILE C 4058 -41.72 33.29 26.83
C ILE C 4058 -41.41 32.78 25.42
N LEU C 4059 -41.26 31.45 25.26
CA LEU C 4059 -40.85 30.91 23.97
C LEU C 4059 -41.86 31.25 22.87
N LYS C 4060 -43.15 31.14 23.17
CA LYS C 4060 -44.18 31.52 22.20
C LYS C 4060 -44.32 33.03 22.13
N PRO C 4176 -28.95 24.51 14.04
CA PRO C 4176 -29.33 25.41 12.94
C PRO C 4176 -28.36 26.58 12.78
N TYR C 4177 -28.47 27.59 13.64
CA TYR C 4177 -27.60 28.75 13.62
C TYR C 4177 -26.73 28.81 14.88
N LEU C 4178 -26.45 27.66 15.48
CA LEU C 4178 -25.70 27.58 16.72
C LEU C 4178 -24.41 26.82 16.46
N GLY C 4179 -23.29 27.38 16.91
CA GLY C 4179 -21.97 26.81 16.68
C GLY C 4179 -21.35 26.33 17.98
N ARG C 4180 -20.63 25.22 17.91
CA ARG C 4180 -19.97 24.61 19.06
C ARG C 4180 -18.48 24.48 18.78
N ILE C 4181 -17.67 24.76 19.80
CA ILE C 4181 -16.22 24.59 19.72
C ILE C 4181 -15.73 24.09 21.08
N GLU C 4182 -14.45 23.70 21.10
CA GLU C 4182 -13.77 23.31 22.32
C GLU C 4182 -12.39 23.95 22.32
N ILE C 4183 -12.03 24.60 23.44
CA ILE C 4183 -10.74 25.26 23.55
C ILE C 4183 -10.07 24.83 24.84
N MET C 4184 -8.75 25.04 24.89
CA MET C 4184 -7.99 24.89 26.14
C MET C 4184 -8.05 26.22 26.86
N GLY C 4185 -9.03 26.36 27.75
CA GLY C 4185 -9.31 27.63 28.37
C GLY C 4185 -8.25 28.03 29.38
N ALA C 4186 -8.52 29.15 30.06
CA ALA C 4186 -7.59 29.66 31.05
C ALA C 4186 -7.41 28.69 32.21
N SER C 4187 -8.44 27.90 32.52
CA SER C 4187 -8.34 26.89 33.56
C SER C 4187 -7.60 25.65 33.11
N ARG C 4188 -7.00 25.67 31.93
CA ARG C 4188 -6.24 24.54 31.36
C ARG C 4188 -7.11 23.30 31.20
N ARG C 4189 -8.41 23.47 31.01
CA ARG C 4189 -9.33 22.36 30.75
C ARG C 4189 -10.13 22.67 29.49
N ILE C 4190 -10.58 21.60 28.82
CA ILE C 4190 -11.36 21.77 27.61
C ILE C 4190 -12.70 22.39 27.95
N GLU C 4191 -13.01 23.53 27.33
CA GLU C 4191 -14.23 24.28 27.60
C GLU C 4191 -15.00 24.47 26.29
N ARG C 4192 -16.32 24.43 26.38
CA ARG C 4192 -17.17 24.59 25.22
C ARG C 4192 -17.67 26.04 25.14
N ILE C 4193 -17.64 26.59 23.93
CA ILE C 4193 -18.09 27.96 23.67
C ILE C 4193 -19.19 27.93 22.63
N TYR C 4194 -20.26 28.68 22.87
CA TYR C 4194 -21.39 28.77 21.97
C TYR C 4194 -21.48 30.17 21.39
N PHE C 4195 -21.96 30.27 20.15
CA PHE C 4195 -22.09 31.55 19.48
C PHE C 4195 -23.16 31.42 18.41
N GLU C 4196 -23.33 32.49 17.63
CA GLU C 4196 -24.38 32.59 16.63
C GLU C 4196 -23.75 32.62 15.23
N ILE C 4197 -24.35 31.89 14.30
CA ILE C 4197 -23.87 31.79 12.93
C ILE C 4197 -24.93 32.39 12.01
N SER C 4198 -24.50 33.25 11.10
CA SER C 4198 -25.43 33.95 10.21
C SER C 4198 -25.81 33.10 9.01
N GLU C 4199 -27.04 33.32 8.52
CA GLU C 4199 -27.52 32.60 7.35
C GLU C 4199 -26.68 32.92 6.12
N THR C 4200 -26.33 34.20 5.94
CA THR C 4200 -25.52 34.59 4.79
C THR C 4200 -24.15 33.92 4.84
N ASN C 4201 -23.51 33.90 6.02
CA ASN C 4201 -22.22 33.25 6.16
C ASN C 4201 -22.33 31.75 5.91
N ARG C 4202 -23.39 31.12 6.40
CA ARG C 4202 -23.58 29.69 6.14
C ARG C 4202 -23.74 29.43 4.64
N ALA C 4203 -24.54 30.24 3.96
CA ALA C 4203 -24.70 30.07 2.51
C ALA C 4203 -23.37 30.24 1.80
N GLN C 4204 -22.58 31.24 2.21
CA GLN C 4204 -21.24 31.40 1.67
C GLN C 4204 -20.41 30.13 1.92
N TRP C 4205 -20.63 29.48 3.06
CA TRP C 4205 -19.87 28.28 3.37
C TRP C 4205 -20.21 27.13 2.42
N GLU C 4206 -21.51 26.86 2.22
CA GLU C 4206 -21.81 25.81 1.23
C GLU C 4206 -21.76 26.30 -0.22
N MET C 4207 -21.30 27.51 -0.47
CA MET C 4207 -20.97 27.87 -1.86
C MET C 4207 -19.94 26.90 -2.42
N PRO C 4208 -20.12 26.42 -3.66
CA PRO C 4208 -19.20 25.40 -4.21
C PRO C 4208 -17.76 25.89 -4.36
N GLN C 4209 -17.56 27.18 -4.62
CA GLN C 4209 -16.19 27.70 -4.71
C GLN C 4209 -15.47 27.54 -3.37
N VAL C 4210 -16.15 27.90 -2.28
CA VAL C 4210 -15.56 27.74 -0.96
C VAL C 4210 -15.37 26.27 -0.62
N LYS C 4211 -16.30 25.42 -1.06
CA LYS C 4211 -16.12 23.98 -0.84
C LYS C 4211 -14.86 23.47 -1.54
N GLU C 4212 -14.61 23.96 -2.74
CA GLU C 4212 -13.43 23.50 -3.52
C GLU C 4212 -12.18 24.01 -2.81
N SER C 4213 -12.21 25.26 -2.38
CA SER C 4213 -11.06 25.82 -1.68
C SER C 4213 -10.75 25.01 -0.42
N LYS C 4214 -11.80 24.64 0.33
CA LYS C 4214 -11.59 23.82 1.53
C LYS C 4214 -11.01 22.46 1.16
N ARG C 4215 -11.51 21.82 0.10
CA ARG C 4215 -10.96 20.54 -0.31
C ARG C 4215 -9.47 20.66 -0.63
N GLN C 4216 -9.10 21.68 -1.40
CA GLN C 4216 -7.69 21.87 -1.74
C GLN C 4216 -6.85 22.13 -0.49
N PHE C 4217 -7.36 22.94 0.44
CA PHE C 4217 -6.60 23.23 1.65
C PHE C 4217 -6.39 21.97 2.48
N ILE C 4218 -7.44 21.16 2.65
CA ILE C 4218 -7.30 19.90 3.39
C ILE C 4218 -6.28 19.00 2.73
N PHE C 4219 -6.38 18.83 1.41
CA PHE C 4219 -5.45 17.95 0.72
C PHE C 4219 -4.01 18.42 0.89
N ASP C 4220 -3.78 19.72 0.68
CA ASP C 4220 -2.43 20.26 0.76
C ASP C 4220 -1.85 20.09 2.16
N VAL C 4221 -2.64 20.44 3.19
CA VAL C 4221 -2.12 20.38 4.55
C VAL C 4221 -1.86 18.94 4.98
N VAL C 4222 -2.80 18.03 4.69
CA VAL C 4222 -2.60 16.64 5.09
C VAL C 4222 -1.40 16.04 4.35
N ASN C 4223 -1.19 16.43 3.10
CA ASN C 4223 -0.13 15.78 2.33
C ASN C 4223 1.25 16.34 2.67
N GLU C 4224 1.37 17.66 2.85
CA GLU C 4224 2.68 18.28 3.11
C GLU C 4224 2.61 19.21 4.31
N GLY C 4225 2.06 18.73 5.42
CA GLY C 4225 2.03 19.56 6.62
C GLY C 4225 2.26 18.81 7.90
N GLY C 4226 3.19 19.30 8.72
CA GLY C 4226 3.40 18.74 10.04
C GLY C 4226 2.38 19.25 11.05
N GLU C 4227 2.36 18.59 12.21
CA GLU C 4227 1.40 18.97 13.24
C GLU C 4227 1.78 20.29 13.91
N ALA C 4228 3.04 20.68 13.84
CA ALA C 4228 3.47 21.92 14.49
C ALA C 4228 2.87 23.14 13.82
N GLU C 4229 2.96 23.22 12.49
CA GLU C 4229 2.46 24.36 11.74
C GLU C 4229 1.06 24.12 11.17
N LYS C 4230 0.44 22.99 11.50
CA LYS C 4230 -0.89 22.70 10.95
C LYS C 4230 -1.90 23.75 11.40
N MET C 4231 -1.85 24.15 12.68
CA MET C 4231 -2.77 25.17 13.16
C MET C 4231 -2.49 26.51 12.50
N GLU C 4232 -1.22 26.82 12.24
CA GLU C 4232 -0.89 28.05 11.53
C GLU C 4232 -1.49 28.06 10.13
N LEU C 4233 -1.33 26.96 9.41
CA LEU C 4233 -1.91 26.87 8.06
C LEU C 4233 -3.43 26.95 8.12
N PHE C 4234 -4.03 26.30 9.11
CA PHE C 4234 -5.48 26.33 9.25
C PHE C 4234 -5.99 27.75 9.52
N VAL C 4235 -5.30 28.48 10.38
CA VAL C 4235 -5.71 29.85 10.68
C VAL C 4235 -5.54 30.75 9.46
N SER C 4236 -4.43 30.57 8.73
CA SER C 4236 -4.25 31.35 7.51
C SER C 4236 -5.35 31.07 6.50
N PHE C 4237 -5.72 29.79 6.33
CA PHE C 4237 -6.80 29.45 5.42
C PHE C 4237 -8.12 30.03 5.89
N CYS C 4238 -8.37 30.01 7.21
CA CYS C 4238 -9.59 30.60 7.73
C CYS C 4238 -9.66 32.10 7.44
N GLU C 4239 -8.55 32.80 7.62
CA GLU C 4239 -8.52 34.24 7.31
C GLU C 4239 -8.76 34.48 5.83
N ASP C 4240 -8.13 33.69 4.96
CA ASP C 4240 -8.35 33.84 3.53
C ASP C 4240 -9.82 33.60 3.17
N THR C 4241 -10.42 32.57 3.76
CA THR C 4241 -11.83 32.29 3.49
C THR C 4241 -12.73 33.41 3.98
N ILE C 4242 -12.42 33.97 5.16
CA ILE C 4242 -13.21 35.09 5.67
C ILE C 4242 -13.15 36.27 4.70
N PHE C 4243 -11.95 36.58 4.19
CA PHE C 4243 -11.85 37.67 3.23
C PHE C 4243 -12.63 37.35 1.96
N GLU C 4244 -12.58 36.11 1.50
CA GLU C 4244 -13.34 35.72 0.31
C GLU C 4244 -14.84 35.92 0.51
N MET C 4245 -15.37 35.49 1.65
CA MET C 4245 -16.80 35.65 1.88
C MET C 4245 -17.17 37.12 2.07
N GLN C 4246 -16.28 37.92 2.65
CA GLN C 4246 -16.55 39.35 2.73
C GLN C 4246 -16.62 39.99 1.34
N ILE C 4247 -15.69 39.62 0.46
CA ILE C 4247 -15.72 40.15 -0.91
C ILE C 4247 -16.97 39.68 -1.64
N ALA C 4248 -17.35 38.41 -1.44
CA ALA C 4248 -18.56 37.89 -2.10
C ALA C 4248 -19.80 38.64 -1.62
N ALA C 4249 -19.90 38.89 -0.31
CA ALA C 4249 -21.03 39.66 0.21
C ALA C 4249 -21.03 41.08 -0.34
N GLN C 4250 -19.85 41.68 -0.46
CA GLN C 4250 -19.76 43.03 -0.99
C GLN C 4250 -20.24 43.09 -2.45
N ILE C 4251 -19.79 42.15 -3.28
CA ILE C 4251 -20.13 42.21 -4.69
C ILE C 4251 -21.57 41.75 -4.93
N SER C 4252 -22.09 40.89 -4.07
CA SER C 4252 -23.45 40.39 -4.25
C SER C 4252 -24.47 41.50 -4.03
N GLU C 4253 -25.51 41.51 -4.85
CA GLU C 4253 -26.59 42.49 -4.75
C GLU C 4253 -27.91 41.77 -4.57
N PRO C 4254 -28.67 42.08 -3.50
CA PRO C 4254 -29.97 41.43 -3.25
C PRO C 4254 -31.10 42.01 -4.10
N PHE C 4540 -24.64 64.32 -11.62
CA PHE C 4540 -24.43 63.26 -12.59
C PHE C 4540 -23.29 62.35 -12.16
N TRP C 4541 -22.42 62.86 -11.29
CA TRP C 4541 -21.29 62.09 -10.79
C TRP C 4541 -21.74 60.87 -9.98
N GLY C 4542 -22.73 61.06 -9.10
CA GLY C 4542 -23.20 59.95 -8.29
C GLY C 4542 -23.81 58.83 -9.11
N GLU C 4543 -24.63 59.20 -10.10
CA GLU C 4543 -25.28 58.19 -10.94
C GLU C 4543 -24.25 57.41 -11.75
N LEU C 4544 -23.25 58.09 -12.32
CA LEU C 4544 -22.22 57.38 -13.08
C LEU C 4544 -21.38 56.50 -12.16
N GLU C 4545 -21.09 56.96 -10.95
CA GLU C 4545 -20.34 56.14 -10.00
C GLU C 4545 -21.13 54.89 -9.63
N VAL C 4546 -22.45 55.03 -9.41
CA VAL C 4546 -23.28 53.88 -9.09
C VAL C 4546 -23.30 52.90 -10.26
N GLN C 4547 -23.45 53.41 -11.48
CA GLN C 4547 -23.44 52.54 -12.64
C GLN C 4547 -22.11 51.82 -12.79
N ARG C 4548 -21.01 52.53 -12.55
CA ARG C 4548 -19.68 51.93 -12.67
C ARG C 4548 -19.47 50.83 -11.64
N VAL C 4549 -19.86 51.08 -10.39
CA VAL C 4549 -19.66 50.06 -9.36
C VAL C 4549 -20.58 48.86 -9.61
N LYS C 4550 -21.79 49.10 -10.10
CA LYS C 4550 -22.67 47.99 -10.46
C LYS C 4550 -22.07 47.16 -11.58
N PHE C 4551 -21.52 47.82 -12.61
CA PHE C 4551 -20.89 47.09 -13.70
C PHE C 4551 -19.69 46.28 -13.22
N LEU C 4552 -18.87 46.88 -12.34
CA LEU C 4552 -17.72 46.17 -11.80
C LEU C 4552 -18.17 44.96 -10.98
N ASN C 4553 -19.22 45.11 -10.18
CA ASN C 4553 -19.73 43.98 -9.41
C ASN C 4553 -20.26 42.89 -10.32
N TYR C 4554 -20.92 43.27 -11.42
CA TYR C 4554 -21.41 42.28 -12.38
C TYR C 4554 -20.24 41.52 -12.99
N LEU C 4555 -19.17 42.22 -13.36
CA LEU C 4555 -18.00 41.55 -13.91
C LEU C 4555 -17.38 40.61 -12.89
N SER C 4556 -17.29 41.05 -11.62
CA SER C 4556 -16.72 40.21 -10.59
C SER C 4556 -17.55 38.95 -10.37
N ARG C 4557 -18.88 39.09 -10.40
CA ARG C 4557 -19.73 37.94 -10.13
C ARG C 4557 -19.77 36.99 -11.32
N ASN C 4558 -19.59 37.51 -12.54
CA ASN C 4558 -19.67 36.71 -13.75
C ASN C 4558 -18.31 36.44 -14.39
N PHE C 4559 -17.23 36.62 -13.63
CA PHE C 4559 -15.90 36.28 -14.14
C PHE C 4559 -15.84 34.87 -14.72
N TYR C 4560 -16.35 33.88 -13.98
CA TYR C 4560 -16.23 32.49 -14.44
C TYR C 4560 -17.08 32.23 -15.68
N THR C 4561 -18.29 32.81 -15.73
CA THR C 4561 -19.11 32.67 -16.92
C THR C 4561 -18.45 33.34 -18.12
N LEU C 4562 -17.81 34.49 -17.91
CA LEU C 4562 -17.09 35.15 -19.00
C LEU C 4562 -15.92 34.30 -19.47
N ARG C 4563 -15.22 33.64 -18.55
CA ARG C 4563 -14.13 32.76 -18.95
C ARG C 4563 -14.63 31.58 -19.78
N PHE C 4564 -15.74 30.97 -19.35
CA PHE C 4564 -16.32 29.88 -20.14
C PHE C 4564 -16.75 30.37 -21.52
N LEU C 4565 -17.34 31.57 -21.58
CA LEU C 4565 -17.71 32.14 -22.87
C LEU C 4565 -16.47 32.37 -23.74
N ALA C 4566 -15.37 32.81 -23.13
CA ALA C 4566 -14.13 32.99 -23.89
C ALA C 4566 -13.64 31.67 -24.45
N LEU C 4567 -13.73 30.60 -23.68
CA LEU C 4567 -13.34 29.29 -24.19
C LEU C 4567 -14.23 28.87 -25.36
N PHE C 4568 -15.54 29.10 -25.23
CA PHE C 4568 -16.44 28.78 -26.34
C PHE C 4568 -16.10 29.60 -27.58
N LEU C 4569 -15.77 30.88 -27.39
CA LEU C 4569 -15.38 31.73 -28.52
C LEU C 4569 -14.11 31.23 -29.17
N ALA C 4570 -13.14 30.80 -28.36
CA ALA C 4570 -11.91 30.24 -28.92
C ALA C 4570 -12.19 29.01 -29.76
N PHE C 4571 -13.04 28.11 -29.26
CA PHE C 4571 -13.40 26.93 -30.04
C PHE C 4571 -14.11 27.30 -31.33
N ALA C 4572 -15.05 28.27 -31.25
CA ALA C 4572 -15.78 28.67 -32.45
C ALA C 4572 -14.85 29.29 -33.49
N ILE C 4573 -13.95 30.16 -33.05
CA ILE C 4573 -13.00 30.79 -33.98
C ILE C 4573 -12.10 29.75 -34.60
N ASN C 4574 -11.61 28.80 -33.81
CA ASN C 4574 -10.76 27.76 -34.37
C ASN C 4574 -11.51 26.89 -35.37
N PHE C 4575 -12.76 26.55 -35.07
CA PHE C 4575 -13.55 25.75 -36.00
C PHE C 4575 -13.76 26.50 -37.31
N ILE C 4576 -14.06 27.79 -37.24
CA ILE C 4576 -14.22 28.58 -38.47
C ILE C 4576 -12.89 28.65 -39.22
N LEU C 4577 -11.77 28.78 -38.49
CA LEU C 4577 -10.46 28.83 -39.12
C LEU C 4577 -10.09 27.49 -39.74
N LEU C 4578 -10.77 26.42 -39.35
CA LEU C 4578 -10.47 25.13 -39.95
C LEU C 4578 -10.88 25.03 -41.42
N PHE C 4579 -11.43 26.09 -42.00
CA PHE C 4579 -11.71 26.17 -43.43
C PHE C 4579 -10.72 27.08 -44.14
N TYR C 4580 -9.54 27.26 -43.56
CA TYR C 4580 -8.45 27.96 -44.22
C TYR C 4580 -7.99 27.23 -45.49
N LYS C 4581 -7.63 28.01 -46.50
CA LYS C 4581 -7.04 27.47 -47.72
C LYS C 4581 -6.03 28.48 -48.25
N VAL C 4582 -5.11 27.98 -49.08
CA VAL C 4582 -4.04 28.81 -49.64
C VAL C 4582 -4.20 28.82 -51.15
N SER C 4583 -4.09 30.01 -51.75
CA SER C 4583 -4.19 30.18 -53.19
C SER C 4583 -3.28 31.31 -53.62
N ASP C 4584 -2.35 31.01 -54.52
CA ASP C 4584 -1.40 32.02 -54.99
C ASP C 4584 -2.12 33.17 -55.70
N SER C 4585 -3.10 32.84 -56.55
CA SER C 4585 -3.88 33.87 -57.21
C SER C 4585 -4.81 34.54 -56.21
N PRO C 4586 -5.07 35.84 -56.37
CA PRO C 4586 -5.99 36.53 -55.47
C PRO C 4586 -7.37 35.92 -55.53
N PRO C 4587 -8.07 35.83 -54.40
CA PRO C 4587 -9.42 35.24 -54.34
C PRO C 4587 -10.44 36.03 -55.15
N ASN C 4626 5.97 36.86 -54.95
CA ASN C 4626 5.34 35.54 -54.88
C ASN C 4626 4.55 35.37 -53.58
N MET C 4627 4.35 36.47 -52.86
CA MET C 4627 3.65 36.41 -51.58
C MET C 4627 2.18 36.06 -51.83
N VAL C 4628 1.69 35.09 -51.07
CA VAL C 4628 0.38 34.49 -51.31
C VAL C 4628 -0.69 35.25 -50.55
N TYR C 4629 -1.80 35.51 -51.24
CA TYR C 4629 -2.95 36.21 -50.65
C TYR C 4629 -3.83 35.16 -49.97
N TYR C 4630 -3.79 35.15 -48.64
CA TYR C 4630 -4.56 34.14 -47.91
C TYR C 4630 -6.05 34.47 -47.95
N PHE C 4631 -6.86 33.45 -48.20
CA PHE C 4631 -8.30 33.61 -48.27
C PHE C 4631 -8.98 32.40 -47.64
N LEU C 4632 -10.17 32.62 -47.10
CA LEU C 4632 -10.95 31.55 -46.48
C LEU C 4632 -12.02 31.11 -47.48
N GLU C 4633 -12.09 29.82 -47.74
CA GLU C 4633 -12.93 29.27 -48.80
C GLU C 4633 -14.21 28.68 -48.18
N GLU C 4634 -15.36 29.14 -48.66
CA GLU C 4634 -16.65 28.69 -48.18
C GLU C 4634 -17.74 29.23 -49.08
N SER C 4635 -18.79 28.43 -49.27
CA SER C 4635 -19.85 28.78 -50.21
C SER C 4635 -20.94 29.61 -49.54
N THR C 4636 -21.12 29.44 -48.23
CA THR C 4636 -22.26 30.08 -47.55
C THR C 4636 -22.18 31.59 -47.63
N GLY C 4637 -21.01 32.17 -47.34
CA GLY C 4637 -20.79 33.59 -47.49
C GLY C 4637 -20.86 34.41 -46.22
N TYR C 4638 -21.50 33.91 -45.15
CA TYR C 4638 -21.66 34.70 -43.94
C TYR C 4638 -20.56 34.45 -42.93
N MET C 4639 -19.69 33.45 -43.16
CA MET C 4639 -18.76 33.05 -42.13
C MET C 4639 -17.61 34.05 -41.96
N GLU C 4640 -17.28 34.82 -42.99
CA GLU C 4640 -16.29 35.88 -42.80
C GLU C 4640 -16.80 36.98 -41.87
N PRO C 4641 -17.99 37.56 -42.07
CA PRO C 4641 -18.52 38.48 -41.05
C PRO C 4641 -18.71 37.81 -39.70
N ALA C 4642 -19.09 36.52 -39.69
CA ALA C 4642 -19.20 35.81 -38.43
C ALA C 4642 -17.86 35.78 -37.70
N LEU C 4643 -16.78 35.51 -38.43
CA LEU C 4643 -15.44 35.50 -37.82
C LEU C 4643 -15.05 36.88 -37.32
N TRP C 4644 -15.34 37.93 -38.10
CA TRP C 4644 -14.97 39.27 -37.66
C TRP C 4644 -15.70 39.64 -36.37
N CYS C 4645 -17.01 39.40 -36.33
CA CYS C 4645 -17.78 39.69 -35.13
C CYS C 4645 -17.31 38.85 -33.96
N LEU C 4646 -17.01 37.57 -34.19
CA LEU C 4646 -16.54 36.70 -33.12
C LEU C 4646 -15.19 37.16 -32.58
N SER C 4647 -14.28 37.60 -33.44
CA SER C 4647 -13.00 38.09 -32.97
C SER C 4647 -13.16 39.36 -32.14
N LEU C 4648 -13.98 40.30 -32.61
CA LEU C 4648 -14.22 41.50 -31.81
C LEU C 4648 -14.83 41.15 -30.46
N LEU C 4649 -15.81 40.26 -30.46
CA LEU C 4649 -16.50 39.92 -29.22
C LEU C 4649 -15.57 39.15 -28.28
N HIS C 4650 -14.66 38.34 -28.84
CA HIS C 4650 -13.70 37.63 -28.01
C HIS C 4650 -12.70 38.58 -27.36
N THR C 4651 -12.21 39.56 -28.11
CA THR C 4651 -11.32 40.54 -27.51
C THR C 4651 -12.04 41.31 -26.41
N LEU C 4652 -13.31 41.67 -26.64
CA LEU C 4652 -14.09 42.32 -25.61
C LEU C 4652 -14.22 41.43 -24.37
N VAL C 4653 -14.51 40.14 -24.58
CA VAL C 4653 -14.68 39.23 -23.46
C VAL C 4653 -13.38 39.10 -22.68
N ALA C 4654 -12.24 39.08 -23.37
CA ALA C 4654 -10.96 39.02 -22.68
C ALA C 4654 -10.73 40.27 -21.84
N PHE C 4655 -11.08 41.44 -22.38
CA PHE C 4655 -10.92 42.68 -21.62
C PHE C 4655 -11.78 42.66 -20.35
N LEU C 4656 -13.04 42.25 -20.49
CA LEU C 4656 -13.91 42.16 -19.31
C LEU C 4656 -13.41 41.09 -18.34
N CYS C 4657 -12.82 40.01 -18.84
CA CYS C 4657 -12.28 38.99 -17.94
C CYS C 4657 -11.14 39.55 -17.11
N ILE C 4658 -10.24 40.31 -17.74
CA ILE C 4658 -9.13 40.90 -16.99
C ILE C 4658 -9.64 41.91 -15.98
N ILE C 4659 -10.61 42.74 -16.37
CA ILE C 4659 -11.15 43.73 -15.43
C ILE C 4659 -11.82 43.03 -14.26
N GLY C 4660 -12.60 41.97 -14.53
CA GLY C 4660 -13.24 41.24 -13.45
C GLY C 4660 -12.24 40.58 -12.52
N TYR C 4661 -11.18 40.02 -13.08
CA TYR C 4661 -10.14 39.44 -12.23
C TYR C 4661 -9.51 40.50 -11.33
N ASN C 4662 -9.20 41.67 -11.90
CA ASN C 4662 -8.61 42.74 -11.12
C ASN C 4662 -9.55 43.18 -10.00
N CYS C 4663 -10.85 43.21 -10.28
CA CYS C 4663 -11.81 43.66 -9.28
C CYS C 4663 -12.20 42.58 -8.28
N LEU C 4664 -11.88 41.31 -8.55
CA LEU C 4664 -12.32 40.22 -7.69
C LEU C 4664 -11.17 39.54 -6.95
N LYS C 4665 -10.17 39.02 -7.67
CA LYS C 4665 -9.16 38.19 -7.04
C LYS C 4665 -7.91 38.95 -6.61
N VAL C 4666 -7.65 40.12 -7.21
CA VAL C 4666 -6.54 40.95 -6.75
C VAL C 4666 -6.64 41.30 -5.27
N PRO C 4667 -7.82 41.64 -4.73
CA PRO C 4667 -7.88 41.90 -3.27
C PRO C 4667 -7.38 40.75 -2.42
N LEU C 4668 -7.61 39.50 -2.83
CA LEU C 4668 -7.06 38.38 -2.07
C LEU C 4668 -5.54 38.43 -2.03
N VAL C 4669 -4.90 38.65 -3.19
CA VAL C 4669 -3.44 38.68 -3.24
C VAL C 4669 -2.90 39.84 -2.42
N ILE C 4670 -3.54 41.01 -2.54
CA ILE C 4670 -3.09 42.17 -1.77
C ILE C 4670 -3.22 41.91 -0.28
N PHE C 4671 -4.36 41.34 0.14
CA PHE C 4671 -4.57 41.06 1.55
C PHE C 4671 -3.56 40.04 2.07
N LYS C 4672 -3.30 38.99 1.30
CA LYS C 4672 -2.33 37.99 1.74
C LYS C 4672 -0.94 38.59 1.88
N ARG C 4673 -0.52 39.38 0.89
CA ARG C 4673 0.82 39.97 0.95
C ARG C 4673 0.94 40.95 2.11
N GLU C 4674 -0.08 41.79 2.31
CA GLU C 4674 -0.04 42.74 3.42
C GLU C 4674 -0.05 42.02 4.76
N LYS C 4675 -0.84 40.96 4.88
CA LYS C 4675 -0.89 40.20 6.13
C LYS C 4675 0.47 39.58 6.43
N GLU C 4676 1.09 38.96 5.42
CA GLU C 4676 2.41 38.36 5.63
C GLU C 4676 3.45 39.41 5.99
N LEU C 4677 3.41 40.57 5.33
CA LEU C 4677 4.33 41.64 5.68
C LEU C 4677 4.13 42.12 7.11
N ALA C 4678 2.88 42.23 7.54
CA ALA C 4678 2.60 42.65 8.91
C ALA C 4678 3.11 41.63 9.91
N ARG C 4679 2.90 40.33 9.64
CA ARG C 4679 3.40 39.30 10.54
C ARG C 4679 4.92 39.35 10.63
N LYS C 4680 5.60 39.47 9.48
CA LYS C 4680 7.06 39.48 9.49
C LYS C 4680 7.62 40.77 10.10
N LEU C 4681 6.86 41.87 10.04
CA LEU C 4681 7.30 43.10 10.68
C LEU C 4681 7.14 43.02 12.20
N GLU C 4682 6.02 42.48 12.66
CA GLU C 4682 5.71 42.50 14.09
C GLU C 4682 6.39 41.36 14.83
N PHE C 4683 6.08 40.12 14.45
CA PHE C 4683 6.56 38.95 15.19
C PHE C 4683 7.94 38.48 14.75
N ASP C 4684 8.52 39.08 13.72
CA ASP C 4684 9.84 38.68 13.26
C ASP C 4684 10.83 39.83 13.13
N GLY C 4685 10.38 41.06 12.93
CA GLY C 4685 11.27 42.19 12.75
C GLY C 4685 12.15 42.04 11.52
N LEU C 4686 11.53 41.65 10.40
CA LEU C 4686 12.28 41.39 9.18
C LEU C 4686 12.97 42.66 8.68
N TYR C 4687 12.26 43.79 8.70
CA TYR C 4687 12.82 45.07 8.30
C TYR C 4687 13.38 45.86 9.47
N ILE C 4688 13.30 45.33 10.69
CA ILE C 4688 13.84 46.03 11.85
C ILE C 4688 15.23 45.53 12.20
N THR C 4689 15.42 44.22 12.24
CA THR C 4689 16.70 43.63 12.62
C THR C 4689 17.28 42.74 11.52
N GLU C 4690 16.45 41.95 10.85
CA GLU C 4690 16.98 40.94 9.94
C GLU C 4690 17.60 41.53 8.69
N GLN C 4691 16.92 42.50 8.05
CA GLN C 4691 17.45 43.19 6.87
C GLN C 4691 17.88 42.22 5.78
N PRO C 4692 16.94 41.66 5.02
CA PRO C 4692 17.26 40.58 4.08
C PRO C 4692 18.41 40.95 3.15
N GLY C 4693 19.28 39.99 2.89
CA GLY C 4693 20.50 40.23 2.14
C GLY C 4693 20.32 40.31 0.64
N ASP C 4694 19.34 41.09 0.19
CA ASP C 4694 19.15 41.41 -1.22
C ASP C 4694 18.84 40.18 -2.08
N ASP C 4695 18.61 39.03 -1.44
CA ASP C 4695 18.24 37.82 -2.13
C ASP C 4695 16.73 37.58 -2.16
N ASP C 4696 15.95 38.52 -1.62
CA ASP C 4696 14.50 38.42 -1.60
C ASP C 4696 13.94 39.61 -2.38
N VAL C 4697 13.65 39.40 -3.66
CA VAL C 4697 13.10 40.47 -4.48
C VAL C 4697 11.73 40.89 -3.96
N LYS C 4698 10.95 39.92 -3.44
CA LYS C 4698 9.67 40.25 -2.84
C LYS C 4698 9.84 41.16 -1.63
N GLY C 4699 10.82 40.85 -0.78
CA GLY C 4699 11.08 41.71 0.37
C GLY C 4699 11.55 43.09 -0.05
N GLN C 4700 12.42 43.15 -1.06
CA GLN C 4700 12.88 44.45 -1.54
C GLN C 4700 11.72 45.28 -2.08
N TRP C 4701 10.78 44.64 -2.78
CA TRP C 4701 9.63 45.37 -3.31
C TRP C 4701 8.70 45.83 -2.19
N ASP C 4702 8.46 44.98 -1.20
CA ASP C 4702 7.61 45.38 -0.07
C ASP C 4702 8.28 46.41 0.82
N ARG C 4703 9.60 46.59 0.70
CA ARG C 4703 10.26 47.64 1.46
C ARG C 4703 9.69 49.02 1.13
N LEU C 4704 9.18 49.20 -0.10
CA LEU C 4704 8.71 50.51 -0.52
C LEU C 4704 7.46 50.94 0.26
N VAL C 4705 6.55 50.00 0.53
CA VAL C 4705 5.23 50.36 1.06
C VAL C 4705 5.25 50.66 2.55
N LEU C 4706 6.43 50.64 3.19
CA LEU C 4706 6.50 50.83 4.64
C LEU C 4706 5.97 52.19 5.06
N ASN C 4707 6.38 53.25 4.35
CA ASN C 4707 6.04 54.61 4.75
C ASN C 4707 4.73 55.09 4.16
N THR C 4708 4.01 54.23 3.44
CA THR C 4708 2.72 54.63 2.89
C THR C 4708 1.71 54.87 4.01
N PRO C 4709 0.84 55.87 3.85
CA PRO C 4709 -0.18 56.12 4.89
C PRO C 4709 -1.14 54.96 5.07
N SER C 4710 -1.76 54.53 3.98
CA SER C 4710 -2.77 53.46 4.04
C SER C 4710 -2.14 52.11 3.73
N PHE C 4711 -1.17 51.73 4.56
CA PHE C 4711 -0.57 50.40 4.41
C PHE C 4711 -1.56 49.27 4.62
N PRO C 4712 -2.37 49.25 5.69
CA PRO C 4712 -3.35 48.14 5.82
C PRO C 4712 -4.68 48.48 5.14
N SER C 4713 -4.66 48.44 3.80
CA SER C 4713 -5.86 48.78 3.04
C SER C 4713 -6.95 47.73 3.21
N ASN C 4714 -6.59 46.45 3.06
CA ASN C 4714 -7.55 45.37 3.17
C ASN C 4714 -7.42 44.56 4.45
N TYR C 4715 -6.20 44.37 4.95
CA TYR C 4715 -5.99 43.61 6.18
C TYR C 4715 -6.63 44.33 7.36
N TRP C 4716 -7.34 43.57 8.20
CA TRP C 4716 -8.18 44.16 9.23
C TRP C 4716 -7.38 44.88 10.32
N ASP C 4717 -6.22 44.36 10.70
CA ASP C 4717 -5.45 44.91 11.82
C ASP C 4717 -4.81 46.21 11.36
N LYS C 4718 -5.54 47.32 11.52
CA LYS C 4718 -5.02 48.63 11.15
C LYS C 4718 -3.96 49.12 12.13
N PHE C 4719 -3.86 48.52 13.32
CA PHE C 4719 -2.94 48.95 14.35
C PHE C 4719 -1.59 48.23 14.27
N VAL C 4720 -1.22 47.72 13.09
CA VAL C 4720 0.05 47.02 12.97
C VAL C 4720 1.21 47.97 13.24
N LYS C 4721 1.12 49.20 12.76
CA LYS C 4721 2.18 50.17 12.98
C LYS C 4721 2.35 50.46 14.47
N ARG C 4722 1.24 50.70 15.17
CA ARG C 4722 1.32 50.96 16.61
C ARG C 4722 1.85 49.75 17.37
N LYS C 4723 1.41 48.55 17.00
CA LYS C 4723 1.87 47.35 17.69
C LYS C 4723 3.37 47.13 17.51
N VAL C 4724 3.86 47.27 16.27
CA VAL C 4724 5.29 47.06 16.04
C VAL C 4724 6.10 48.17 16.71
N LEU C 4725 5.56 49.39 16.74
CA LEU C 4725 6.24 50.47 17.44
C LEU C 4725 6.37 50.15 18.93
N ASP C 4726 5.27 49.73 19.56
CA ASP C 4726 5.31 49.40 20.97
C ASP C 4726 6.23 48.22 21.25
N LYS C 4727 6.31 47.28 20.31
CA LYS C 4727 7.15 46.10 20.53
C LYS C 4727 8.63 46.40 20.36
N HIS C 4728 9.00 47.25 19.40
CA HIS C 4728 10.40 47.45 19.05
C HIS C 4728 10.91 48.84 19.38
N GLY C 4729 10.19 49.63 20.18
CA GLY C 4729 10.66 50.96 20.51
C GLY C 4729 11.99 50.97 21.23
N ASP C 4730 12.08 50.26 22.36
CA ASP C 4730 13.27 50.34 23.20
C ASP C 4730 14.52 49.84 22.49
N ILE C 4731 14.37 49.10 21.40
CA ILE C 4731 15.51 48.61 20.63
C ILE C 4731 15.84 49.54 19.47
N PHE C 4732 14.81 49.98 18.72
CA PHE C 4732 15.10 50.71 17.49
C PHE C 4732 15.18 52.22 17.72
N GLY C 4733 14.22 52.78 18.45
CA GLY C 4733 14.13 54.24 18.56
C GLY C 4733 12.77 54.66 18.05
N ARG C 4734 12.05 55.41 18.89
CA ARG C 4734 10.69 55.81 18.56
C ARG C 4734 10.66 56.70 17.32
N GLU C 4735 11.56 57.69 17.27
CA GLU C 4735 11.58 58.59 16.13
C GLU C 4735 11.98 57.87 14.85
N ARG C 4736 12.92 56.92 14.94
CA ARG C 4736 13.36 56.22 13.75
C ARG C 4736 12.30 55.23 13.27
N ILE C 4737 11.58 54.60 14.19
CA ILE C 4737 10.42 53.79 13.79
C ILE C 4737 9.37 54.66 13.12
N ALA C 4738 9.11 55.84 13.68
CA ALA C 4738 8.11 56.73 13.10
C ALA C 4738 8.49 57.16 11.69
N GLU C 4739 9.77 57.50 11.47
CA GLU C 4739 10.19 57.91 10.14
C GLU C 4739 10.22 56.72 9.18
N LEU C 4740 10.50 55.52 9.69
CA LEU C 4740 10.46 54.34 8.83
C LEU C 4740 9.04 54.03 8.38
N LEU C 4741 8.08 54.10 9.28
CA LEU C 4741 6.70 53.71 8.98
C LEU C 4741 5.85 54.87 8.47
N GLY C 4742 6.38 56.09 8.45
CA GLY C 4742 5.58 57.24 8.06
C GLY C 4742 4.64 57.73 9.13
N MET C 4743 4.74 57.22 10.35
CA MET C 4743 3.85 57.63 11.43
C MET C 4743 4.20 59.03 11.90
N ASP C 4744 3.17 59.77 12.31
CA ASP C 4744 3.33 61.10 12.90
C ASP C 4744 3.55 60.92 14.40
N LEU C 4745 4.82 60.85 14.80
CA LEU C 4745 5.14 60.61 16.20
C LEU C 4745 4.66 61.74 17.10
N ALA C 4746 4.83 62.98 16.65
CA ALA C 4746 4.44 64.12 17.48
C ALA C 4746 2.93 64.20 17.67
N SER C 4747 2.17 63.58 16.78
CA SER C 4747 0.71 63.61 16.87
C SER C 4747 0.13 62.45 17.67
N LEU C 4748 0.97 61.58 18.24
CA LEU C 4748 0.48 60.48 19.05
C LEU C 4748 0.03 60.97 20.42
N ASP C 4772 -2.45 57.72 -2.56
CA ASP C 4772 -1.11 57.29 -2.19
C ASP C 4772 -0.37 56.75 -3.40
N VAL C 4773 0.50 57.57 -3.98
CA VAL C 4773 1.20 57.18 -5.21
C VAL C 4773 2.13 56.00 -4.96
N LYS C 4774 2.83 56.01 -3.81
CA LYS C 4774 3.73 54.91 -3.50
C LYS C 4774 2.98 53.60 -3.32
N TYR C 4775 1.85 53.65 -2.60
CA TYR C 4775 1.05 52.44 -2.41
C TYR C 4775 0.49 51.94 -3.73
N GLN C 4776 0.05 52.86 -4.59
CA GLN C 4776 -0.46 52.45 -5.90
C GLN C 4776 0.63 51.80 -6.73
N ILE C 4777 1.84 52.35 -6.70
CA ILE C 4777 2.96 51.77 -7.44
C ILE C 4777 3.27 50.37 -6.92
N TRP C 4778 3.28 50.21 -5.59
CA TRP C 4778 3.55 48.90 -5.01
C TRP C 4778 2.47 47.90 -5.39
N LYS C 4779 1.21 48.31 -5.36
CA LYS C 4779 0.11 47.43 -5.73
C LYS C 4779 0.20 47.02 -7.20
N PHE C 4780 0.53 47.98 -8.07
CA PHE C 4780 0.70 47.67 -9.48
C PHE C 4780 1.84 46.69 -9.70
N GLY C 4781 2.95 46.87 -8.98
CA GLY C 4781 4.04 45.91 -9.08
C GLY C 4781 3.62 44.52 -8.66
N VAL C 4782 2.87 44.43 -7.55
CA VAL C 4782 2.42 43.14 -7.05
C VAL C 4782 1.51 42.45 -8.07
N ILE C 4783 0.53 43.19 -8.61
CA ILE C 4783 -0.42 42.57 -9.53
C ILE C 4783 0.27 42.22 -10.83
N PHE C 4784 1.24 43.03 -11.27
CA PHE C 4784 1.97 42.70 -12.48
C PHE C 4784 2.85 41.46 -12.29
N THR C 4785 3.37 41.26 -11.08
CA THR C 4785 4.10 40.03 -10.78
C THR C 4785 3.18 38.83 -10.67
N ASP C 4786 1.91 39.04 -10.29
CA ASP C 4786 0.98 37.94 -10.09
C ASP C 4786 0.84 37.08 -11.34
N ASN C 4787 0.92 35.76 -11.14
CA ASN C 4787 0.97 34.82 -12.26
C ASN C 4787 -0.36 34.78 -13.02
N SER C 4788 -1.48 34.76 -12.30
CA SER C 4788 -2.77 34.70 -12.96
C SER C 4788 -3.04 35.96 -13.77
N PHE C 4789 -2.69 37.13 -13.21
CA PHE C 4789 -2.83 38.36 -13.97
C PHE C 4789 -1.93 38.37 -15.19
N LEU C 4790 -0.71 37.83 -15.05
CA LEU C 4790 0.18 37.75 -16.21
C LEU C 4790 -0.41 36.84 -17.29
N TYR C 4791 -1.01 35.72 -16.89
CA TYR C 4791 -1.61 34.81 -17.86
C TYR C 4791 -2.79 35.47 -18.57
N LEU C 4792 -3.62 36.20 -17.82
CA LEU C 4792 -4.73 36.90 -18.46
C LEU C 4792 -4.24 38.01 -19.40
N GLY C 4793 -3.17 38.69 -19.00
CA GLY C 4793 -2.58 39.68 -19.90
C GLY C 4793 -2.05 39.06 -21.17
N TRP C 4794 -1.41 37.90 -21.06
CA TRP C 4794 -0.94 37.19 -22.26
C TRP C 4794 -2.11 36.75 -23.13
N TYR C 4795 -3.20 36.30 -22.50
CA TYR C 4795 -4.40 35.95 -23.24
C TYR C 4795 -4.89 37.14 -24.05
N MET C 4796 -4.96 38.32 -23.41
CA MET C 4796 -5.39 39.51 -24.12
C MET C 4796 -4.41 39.91 -25.22
N VAL C 4797 -3.10 39.77 -24.98
CA VAL C 4797 -2.13 40.14 -26.00
C VAL C 4797 -2.27 39.26 -27.23
N MET C 4798 -2.43 37.94 -27.04
CA MET C 4798 -2.65 37.07 -28.18
C MET C 4798 -4.00 37.34 -28.84
N SER C 4799 -5.03 37.70 -28.06
CA SER C 4799 -6.30 38.06 -28.67
C SER C 4799 -6.16 39.28 -29.56
N LEU C 4800 -5.39 40.28 -29.12
CA LEU C 4800 -5.15 41.46 -29.95
C LEU C 4800 -4.35 41.09 -31.19
N LEU C 4801 -3.29 40.29 -31.03
CA LEU C 4801 -2.47 39.89 -32.17
C LEU C 4801 -3.23 38.99 -33.14
N GLY C 4802 -4.34 38.40 -32.71
CA GLY C 4802 -5.20 37.71 -33.66
C GLY C 4802 -5.72 38.62 -34.75
N HIS C 4803 -6.06 39.86 -34.38
CA HIS C 4803 -6.51 40.83 -35.37
C HIS C 4803 -5.44 41.07 -36.44
N TYR C 4804 -4.18 40.99 -36.05
CA TYR C 4804 -3.09 41.14 -37.01
C TYR C 4804 -2.93 39.87 -37.84
N ASN C 4805 -2.79 38.72 -37.19
CA ASN C 4805 -2.65 37.43 -37.85
C ASN C 4805 -3.59 36.43 -37.18
N ASN C 4806 -4.78 36.26 -37.76
CA ASN C 4806 -5.84 35.37 -37.32
C ASN C 4806 -5.37 34.05 -36.71
N PHE C 4807 -4.32 33.43 -37.24
CA PHE C 4807 -3.84 32.18 -36.67
C PHE C 4807 -3.35 32.33 -35.23
N PHE C 4808 -3.11 33.55 -34.75
CA PHE C 4808 -2.79 33.71 -33.34
C PHE C 4808 -3.95 33.29 -32.45
N PHE C 4809 -5.18 33.28 -32.98
CA PHE C 4809 -6.31 32.77 -32.22
C PHE C 4809 -6.27 31.27 -32.04
N ALA C 4810 -5.41 30.56 -32.76
CA ALA C 4810 -5.26 29.13 -32.58
C ALA C 4810 -4.38 28.77 -31.39
N ALA C 4811 -3.74 29.75 -30.76
CA ALA C 4811 -2.97 29.51 -29.56
C ALA C 4811 -3.79 29.61 -28.29
N HIS C 4812 -5.03 30.07 -28.38
CA HIS C 4812 -5.94 30.10 -27.25
C HIS C 4812 -6.60 28.76 -26.97
N LEU C 4813 -6.50 27.81 -27.91
CA LEU C 4813 -7.12 26.51 -27.71
C LEU C 4813 -6.47 25.72 -26.59
N LEU C 4814 -5.23 26.05 -26.24
CA LEU C 4814 -4.54 25.41 -25.13
C LEU C 4814 -4.99 25.93 -23.77
N ASP C 4815 -5.93 26.88 -23.73
CA ASP C 4815 -6.52 27.30 -22.47
C ASP C 4815 -7.38 26.21 -21.84
N ILE C 4816 -7.70 25.15 -22.60
CA ILE C 4816 -8.44 24.03 -22.02
C ILE C 4816 -7.66 23.39 -20.88
N ALA C 4817 -6.34 23.46 -20.93
CA ALA C 4817 -5.51 22.89 -19.87
C ALA C 4817 -5.79 23.57 -18.53
N MET C 4818 -5.90 24.90 -18.55
CA MET C 4818 -6.24 25.63 -17.33
C MET C 4818 -7.75 25.65 -17.06
N GLY C 4819 -8.55 25.33 -18.06
CA GLY C 4819 -9.99 25.37 -17.89
C GLY C 4819 -10.63 24.12 -17.32
N VAL C 4820 -10.35 22.96 -17.91
CA VAL C 4820 -11.04 21.73 -17.55
C VAL C 4820 -10.30 21.05 -16.41
N LYS C 4821 -11.04 20.68 -15.37
CA LYS C 4821 -10.42 20.10 -14.17
C LYS C 4821 -9.76 18.76 -14.46
N THR C 4822 -10.44 17.88 -15.21
CA THR C 4822 -9.86 16.57 -15.50
C THR C 4822 -8.63 16.71 -16.39
N LEU C 4823 -8.66 17.63 -17.35
CA LEU C 4823 -7.47 17.89 -18.16
C LEU C 4823 -6.33 18.41 -17.30
N ARG C 4824 -6.65 19.29 -16.35
CA ARG C 4824 -5.61 19.81 -15.46
C ARG C 4824 -5.00 18.70 -14.62
N THR C 4825 -5.83 17.77 -14.14
CA THR C 4825 -5.30 16.65 -13.36
C THR C 4825 -4.42 15.74 -14.23
N ILE C 4826 -4.87 15.44 -15.44
CA ILE C 4826 -4.07 14.60 -16.33
C ILE C 4826 -2.73 15.26 -16.65
N LEU C 4827 -2.74 16.57 -16.91
CA LEU C 4827 -1.48 17.26 -17.18
C LEU C 4827 -0.62 17.37 -15.94
N SER C 4828 -1.23 17.47 -14.75
CA SER C 4828 -0.45 17.42 -13.53
C SER C 4828 0.23 16.07 -13.37
N SER C 4829 -0.42 15.01 -13.84
CA SER C 4829 0.20 13.69 -13.80
C SER C 4829 1.53 13.63 -14.54
N VAL C 4830 1.73 14.45 -15.56
CA VAL C 4830 3.00 14.44 -16.29
C VAL C 4830 3.92 15.55 -15.82
N THR C 4831 3.36 16.68 -15.38
CA THR C 4831 4.20 17.75 -14.83
C THR C 4831 4.70 17.44 -13.42
N HIS C 4832 4.20 16.38 -12.79
CA HIS C 4832 4.70 15.98 -11.49
C HIS C 4832 6.18 15.64 -11.55
N ASN C 4833 6.62 15.02 -12.64
CA ASN C 4833 8.00 14.60 -12.83
C ASN C 4833 8.65 15.31 -14.00
N GLY C 4834 8.39 16.62 -14.14
CA GLY C 4834 9.03 17.39 -15.19
C GLY C 4834 10.53 17.43 -15.04
N LYS C 4835 11.02 17.57 -13.81
CA LYS C 4835 12.46 17.58 -13.57
C LYS C 4835 13.08 16.25 -13.98
N GLN C 4836 12.44 15.14 -13.61
CA GLN C 4836 12.97 13.83 -13.98
C GLN C 4836 12.93 13.61 -15.49
N LEU C 4837 11.87 14.09 -16.15
CA LEU C 4837 11.79 13.96 -17.60
C LEU C 4837 12.89 14.77 -18.28
N VAL C 4838 13.16 15.97 -17.79
CA VAL C 4838 14.27 16.76 -18.34
C VAL C 4838 15.59 16.04 -18.13
N MET C 4839 15.78 15.47 -16.95
CA MET C 4839 17.02 14.76 -16.66
C MET C 4839 17.21 13.57 -17.59
N THR C 4840 16.14 12.79 -17.82
CA THR C 4840 16.29 11.61 -18.67
C THR C 4840 16.42 11.99 -20.14
N VAL C 4841 15.81 13.12 -20.57
CA VAL C 4841 16.04 13.58 -21.93
C VAL C 4841 17.48 14.04 -22.11
N GLY C 4842 18.04 14.70 -21.09
CA GLY C 4842 19.45 15.04 -21.14
C GLY C 4842 20.34 13.81 -21.19
N LEU C 4843 19.96 12.77 -20.44
CA LEU C 4843 20.71 11.51 -20.50
C LEU C 4843 20.62 10.88 -21.88
N LEU C 4844 19.44 10.94 -22.51
CA LEU C 4844 19.30 10.44 -23.87
C LEU C 4844 20.18 11.22 -24.84
N ALA C 4845 20.22 12.55 -24.69
CA ALA C 4845 21.10 13.36 -25.52
C ALA C 4845 22.56 13.00 -25.32
N VAL C 4846 22.95 12.76 -24.06
CA VAL C 4846 24.34 12.40 -23.77
C VAL C 4846 24.70 11.07 -24.41
N VAL C 4847 23.84 10.07 -24.26
CA VAL C 4847 24.18 8.75 -24.79
C VAL C 4847 24.16 8.76 -26.32
N VAL C 4848 23.23 9.52 -26.92
CA VAL C 4848 23.23 9.62 -28.37
C VAL C 4848 24.47 10.36 -28.86
N TYR C 4849 24.94 11.35 -28.11
CA TYR C 4849 26.20 11.99 -28.47
C TYR C 4849 27.37 11.02 -28.37
N LEU C 4850 27.38 10.17 -27.35
CA LEU C 4850 28.45 9.19 -27.23
C LEU C 4850 28.43 8.21 -28.40
N TYR C 4851 27.24 7.74 -28.78
CA TYR C 4851 27.13 6.88 -29.95
C TYR C 4851 27.53 7.62 -31.22
N THR C 4852 27.24 8.92 -31.29
CA THR C 4852 27.65 9.72 -32.45
C THR C 4852 29.16 9.79 -32.56
N VAL C 4853 29.84 9.97 -31.43
CA VAL C 4853 31.31 9.97 -31.43
C VAL C 4853 31.83 8.61 -31.87
N VAL C 4854 31.24 7.54 -31.33
CA VAL C 4854 31.65 6.18 -31.69
C VAL C 4854 31.48 5.96 -33.19
N ALA C 4855 30.38 6.44 -33.76
CA ALA C 4855 30.16 6.28 -35.20
C ALA C 4855 31.10 7.16 -36.01
N PHE C 4856 31.29 8.41 -35.59
CA PHE C 4856 32.14 9.32 -36.35
C PHE C 4856 33.57 8.81 -36.43
N ASN C 4857 34.05 8.13 -35.39
CA ASN C 4857 35.43 7.67 -35.42
C ASN C 4857 35.64 6.40 -36.26
N PHE C 4858 34.59 5.62 -36.53
CA PHE C 4858 34.82 4.32 -37.17
C PHE C 4858 33.92 3.99 -38.36
N PHE C 4859 32.70 4.50 -38.44
CA PHE C 4859 31.67 4.00 -39.33
C PHE C 4859 31.20 5.08 -40.29
N ARG C 4860 32.13 5.84 -40.87
CA ARG C 4860 31.75 6.93 -41.76
C ARG C 4860 31.14 6.44 -43.05
N LYS C 4861 31.46 5.21 -43.47
CA LYS C 4861 31.01 4.72 -44.76
C LYS C 4861 29.49 4.57 -44.81
N PHE C 4862 28.90 4.06 -43.74
CA PHE C 4862 27.52 3.56 -43.80
C PHE C 4862 26.48 4.67 -43.84
N TYR C 4863 26.72 5.79 -43.18
CA TYR C 4863 25.73 6.85 -43.11
C TYR C 4863 25.63 7.61 -44.43
N ASN C 4864 25.15 6.94 -45.48
CA ASN C 4864 24.96 7.58 -46.79
C ASN C 4864 23.50 7.42 -47.19
N LYS C 4865 22.86 8.53 -47.54
CA LYS C 4865 21.45 8.55 -47.88
C LYS C 4865 21.19 8.90 -49.34
N SER C 4866 22.23 8.97 -50.17
CA SER C 4866 22.10 9.35 -51.57
C SER C 4866 22.30 8.12 -52.44
N GLU C 4867 21.29 7.76 -53.23
CA GLU C 4867 21.43 6.67 -54.18
C GLU C 4867 22.31 7.06 -55.36
N ASP C 4868 22.30 8.35 -55.71
CA ASP C 4868 23.09 8.83 -56.84
C ASP C 4868 24.57 8.68 -56.57
N GLU C 4869 25.28 8.08 -57.53
CA GLU C 4869 26.71 7.85 -57.37
C GLU C 4869 27.53 9.12 -57.62
N ASP C 4870 27.02 10.02 -58.47
CA ASP C 4870 27.77 11.22 -58.82
C ASP C 4870 28.00 12.11 -57.60
N GLU C 4871 26.96 12.28 -56.78
CA GLU C 4871 27.03 13.14 -55.60
C GLU C 4871 26.53 12.33 -54.39
N PRO C 4872 27.42 11.54 -53.79
CA PRO C 4872 27.03 10.83 -52.56
C PRO C 4872 26.85 11.81 -51.41
N ASP C 4873 25.94 11.47 -50.51
CA ASP C 4873 25.64 12.28 -49.34
C ASP C 4873 25.96 11.48 -48.09
N MET C 4874 27.14 11.72 -47.52
CA MET C 4874 27.54 11.10 -46.26
C MET C 4874 27.08 11.97 -45.10
N LYS C 4875 26.35 11.39 -44.17
CA LYS C 4875 25.73 12.13 -43.08
C LYS C 4875 26.47 11.94 -41.76
N CYS C 4876 27.76 11.59 -41.80
CA CYS C 4876 28.54 11.49 -40.58
C CYS C 4876 29.94 12.06 -40.72
N ASP C 4877 30.27 12.70 -41.84
CA ASP C 4877 31.60 13.31 -41.97
C ASP C 4877 31.78 14.45 -40.96
N ASP C 4878 30.74 15.26 -40.76
CA ASP C 4878 30.78 16.32 -39.76
C ASP C 4878 30.19 15.83 -38.46
N MET C 4879 30.81 16.20 -37.34
CA MET C 4879 30.31 15.77 -36.05
C MET C 4879 28.93 16.35 -35.76
N MET C 4880 28.74 17.64 -36.04
CA MET C 4880 27.42 18.24 -35.84
C MET C 4880 26.38 17.58 -36.72
N THR C 4881 26.73 17.31 -37.98
CA THR C 4881 25.78 16.67 -38.89
C THR C 4881 25.43 15.27 -38.44
N CYS C 4882 26.41 14.47 -38.00
CA CYS C 4882 26.12 13.12 -37.54
C CYS C 4882 25.28 13.12 -36.27
N TYR C 4883 25.57 14.05 -35.34
CA TYR C 4883 24.76 14.16 -34.13
C TYR C 4883 23.33 14.55 -34.48
N LEU C 4884 23.17 15.50 -35.41
CA LEU C 4884 21.82 15.89 -35.83
C LEU C 4884 21.10 14.73 -36.49
N PHE C 4885 21.81 13.96 -37.33
CA PHE C 4885 21.20 12.80 -37.97
C PHE C 4885 20.75 11.78 -36.93
N HIS C 4886 21.60 11.50 -35.94
CA HIS C 4886 21.21 10.55 -34.90
C HIS C 4886 19.99 11.05 -34.14
N MET C 4887 20.07 12.28 -33.60
CA MET C 4887 18.95 12.83 -32.84
C MET C 4887 17.67 12.90 -33.67
N TYR C 4888 17.79 13.03 -34.98
CA TYR C 4888 16.60 13.20 -35.80
C TYR C 4888 15.96 11.87 -36.16
N VAL C 4889 16.74 10.90 -36.63
CA VAL C 4889 16.19 9.69 -37.23
C VAL C 4889 16.47 8.46 -36.40
N GLY C 4890 17.61 8.38 -35.70
CA GLY C 4890 17.92 7.17 -34.96
C GLY C 4890 16.96 6.92 -33.83
N VAL C 4891 16.61 7.97 -33.08
CA VAL C 4891 15.67 7.83 -31.98
C VAL C 4891 14.27 7.57 -32.53
N ARG C 4892 13.87 8.31 -33.57
CA ARG C 4892 12.54 8.16 -34.14
C ARG C 4892 12.37 6.90 -34.96
N ALA C 4893 13.43 6.14 -35.20
CA ALA C 4893 13.28 4.85 -35.84
C ALA C 4893 12.85 3.80 -34.82
N GLY C 4894 12.10 2.82 -35.28
CA GLY C 4894 11.64 1.75 -34.42
C GLY C 4894 12.61 0.60 -34.25
N GLY C 4895 13.70 0.60 -35.01
CA GLY C 4895 14.66 -0.48 -34.96
C GLY C 4895 16.10 -0.01 -34.87
N GLY C 4896 16.33 1.08 -34.15
CA GLY C 4896 17.68 1.60 -34.02
C GLY C 4896 18.14 2.34 -35.26
N ILE C 4897 19.45 2.47 -35.36
CA ILE C 4897 20.04 3.18 -36.51
C ILE C 4897 20.52 2.22 -37.59
N GLY C 4898 20.81 0.96 -37.23
CA GLY C 4898 21.26 0.01 -38.22
C GLY C 4898 20.22 -0.29 -39.28
N ASP C 4899 18.95 -0.32 -38.90
CA ASP C 4899 17.88 -0.49 -39.87
C ASP C 4899 17.71 0.75 -40.73
N GLU C 4900 18.18 1.90 -40.25
CA GLU C 4900 18.00 3.15 -40.97
C GLU C 4900 19.13 3.43 -41.94
N ILE C 4901 20.33 2.93 -41.68
CA ILE C 4901 21.48 3.24 -42.52
C ILE C 4901 21.99 1.98 -43.22
N GLU C 4902 23.10 2.13 -43.95
CA GLU C 4902 23.57 1.09 -44.86
C GLU C 4902 23.72 -0.26 -44.17
N ASP C 4903 23.41 -1.31 -44.91
CA ASP C 4903 23.47 -2.67 -44.37
C ASP C 4903 24.91 -3.04 -44.01
N PRO C 4904 25.13 -3.71 -42.88
CA PRO C 4904 26.49 -4.07 -42.47
C PRO C 4904 27.03 -5.36 -43.06
N ALA C 4905 26.23 -6.14 -43.78
CA ALA C 4905 26.70 -7.43 -44.27
C ALA C 4905 27.79 -7.25 -45.33
N GLY C 4906 28.62 -8.27 -45.46
CA GLY C 4906 29.72 -8.25 -46.40
C GLY C 4906 30.80 -7.23 -46.06
N ASP C 4907 31.20 -7.17 -44.79
CA ASP C 4907 32.21 -6.24 -44.35
C ASP C 4907 33.03 -6.88 -43.25
N GLU C 4908 34.24 -6.35 -43.04
CA GLU C 4908 35.12 -6.85 -41.99
C GLU C 4908 34.65 -6.43 -40.60
N TYR C 4909 33.95 -5.30 -40.51
CA TYR C 4909 33.44 -4.80 -39.24
C TYR C 4909 32.04 -5.30 -38.91
N GLU C 4910 31.69 -6.50 -39.40
CA GLU C 4910 30.35 -7.02 -39.18
C GLU C 4910 30.01 -7.13 -37.70
N LEU C 4911 30.88 -7.76 -36.93
CA LEU C 4911 30.60 -7.97 -35.51
C LEU C 4911 30.53 -6.64 -34.77
N TYR C 4912 31.49 -5.75 -35.04
CA TYR C 4912 31.50 -4.46 -34.36
C TYR C 4912 30.23 -3.69 -34.65
N ARG C 4913 29.80 -3.67 -35.91
CA ARG C 4913 28.64 -2.85 -36.27
C ARG C 4913 27.34 -3.47 -35.79
N VAL C 4914 27.24 -4.80 -35.78
CA VAL C 4914 26.02 -5.42 -35.25
C VAL C 4914 25.93 -5.20 -33.74
N VAL C 4915 27.07 -5.27 -33.05
CA VAL C 4915 27.07 -4.93 -31.62
C VAL C 4915 26.64 -3.48 -31.42
N PHE C 4916 27.17 -2.58 -32.25
CA PHE C 4916 26.78 -1.17 -32.19
C PHE C 4916 25.28 -1.00 -32.35
N ASP C 4917 24.70 -1.62 -33.39
CA ASP C 4917 23.29 -1.46 -33.67
C ASP C 4917 22.44 -2.04 -32.55
N ILE C 4918 22.78 -3.23 -32.07
CA ILE C 4918 21.99 -3.87 -31.02
C ILE C 4918 22.05 -3.08 -29.72
N THR C 4919 23.24 -2.60 -29.35
CA THR C 4919 23.36 -1.79 -28.14
C THR C 4919 22.56 -0.49 -28.30
N PHE C 4920 22.59 0.10 -29.50
CA PHE C 4920 21.76 1.28 -29.75
C PHE C 4920 20.28 0.96 -29.53
N PHE C 4921 19.83 -0.16 -30.08
CA PHE C 4921 18.41 -0.53 -29.99
C PHE C 4921 18.00 -0.73 -28.54
N PHE C 4922 18.80 -1.45 -27.76
CA PHE C 4922 18.44 -1.68 -26.36
C PHE C 4922 18.55 -0.40 -25.54
N PHE C 4923 19.74 0.19 -25.49
CA PHE C 4923 19.99 1.25 -24.53
C PHE C 4923 19.31 2.57 -24.91
N VAL C 4924 19.04 2.79 -26.19
CA VAL C 4924 18.60 4.10 -26.66
C VAL C 4924 17.12 4.14 -27.00
N ILE C 4925 16.54 3.05 -27.49
CA ILE C 4925 15.14 3.07 -27.90
C ILE C 4925 14.27 2.40 -26.85
N VAL C 4926 14.60 1.17 -26.49
CA VAL C 4926 13.76 0.43 -25.55
C VAL C 4926 13.79 1.06 -24.17
N ILE C 4927 14.97 1.11 -23.56
CA ILE C 4927 15.08 1.54 -22.17
C ILE C 4927 14.78 3.03 -22.03
N LEU C 4928 15.34 3.85 -22.91
CA LEU C 4928 15.26 5.30 -22.76
C LEU C 4928 14.02 5.91 -23.36
N LEU C 4929 13.10 5.09 -23.89
CA LEU C 4929 11.73 5.52 -24.15
C LEU C 4929 10.72 4.74 -23.31
N ALA C 4930 11.17 3.72 -22.58
CA ALA C 4930 10.36 3.11 -21.55
C ALA C 4930 10.49 3.80 -20.21
N ILE C 4931 11.58 4.53 -19.99
CA ILE C 4931 11.74 5.28 -18.74
C ILE C 4931 10.67 6.36 -18.64
N ILE C 4932 10.35 7.03 -19.75
CA ILE C 4932 9.30 8.05 -19.72
C ILE C 4932 7.95 7.43 -19.40
N GLN C 4933 7.63 6.29 -20.02
CA GLN C 4933 6.37 5.62 -19.72
C GLN C 4933 6.31 5.17 -18.27
N GLY C 4934 7.41 4.64 -17.76
CA GLY C 4934 7.47 4.28 -16.35
C GLY C 4934 7.29 5.46 -15.42
N LEU C 4935 7.89 6.60 -15.79
CA LEU C 4935 7.75 7.81 -14.98
C LEU C 4935 6.30 8.27 -14.96
N ILE C 4936 5.62 8.25 -16.11
CA ILE C 4936 4.23 8.67 -16.14
C ILE C 4936 3.34 7.72 -15.34
N ILE C 4937 3.55 6.41 -15.49
CA ILE C 4937 2.75 5.44 -14.75
C ILE C 4937 3.00 5.60 -13.26
N ASP C 4938 4.26 5.76 -12.86
CA ASP C 4938 4.57 5.96 -11.45
C ASP C 4938 3.98 7.25 -10.92
N ALA C 4939 3.94 8.31 -11.73
CA ALA C 4939 3.31 9.54 -11.28
C ALA C 4939 1.82 9.36 -11.05
N PHE C 4940 1.14 8.67 -11.98
CA PHE C 4940 -0.27 8.34 -11.76
C PHE C 4940 -0.45 7.57 -10.47
N GLY C 4941 0.40 6.57 -10.23
CA GLY C 4941 0.29 5.79 -9.01
C GLY C 4941 0.50 6.64 -7.77
N GLU C 4942 1.55 7.47 -7.75
CA GLU C 4942 1.85 8.27 -6.57
C GLU C 4942 0.73 9.25 -6.28
N LEU C 4943 0.14 9.84 -7.33
CA LEU C 4943 -1.00 10.72 -7.12
C LEU C 4943 -2.19 9.96 -6.54
N ARG C 4944 -2.45 8.75 -7.04
CA ARG C 4944 -3.55 7.96 -6.50
C ARG C 4944 -3.32 7.63 -5.03
N ASP C 4945 -2.10 7.25 -4.67
CA ASP C 4945 -1.83 6.98 -3.25
C ASP C 4945 -1.91 8.25 -2.41
N GLN C 4946 -1.54 9.41 -2.97
CA GLN C 4946 -1.72 10.65 -2.22
C GLN C 4946 -3.19 10.89 -1.90
N GLN C 4947 -4.06 10.73 -2.90
CA GLN C 4947 -5.49 10.91 -2.66
C GLN C 4947 -6.03 9.89 -1.67
N GLU C 4948 -5.62 8.63 -1.83
CA GLU C 4948 -6.07 7.59 -0.90
C GLU C 4948 -5.61 7.89 0.52
N GLN C 4949 -4.37 8.33 0.68
CA GLN C 4949 -3.82 8.60 2.01
C GLN C 4949 -4.55 9.78 2.66
N VAL C 4950 -4.81 10.84 1.92
CA VAL C 4950 -5.50 11.99 2.52
C VAL C 4950 -6.92 11.59 2.91
N LYS C 4951 -7.61 10.83 2.05
CA LYS C 4951 -8.96 10.39 2.39
C LYS C 4951 -8.96 9.50 3.62
N GLU C 4952 -8.03 8.55 3.70
CA GLU C 4952 -8.00 7.64 4.84
C GLU C 4952 -7.63 8.37 6.12
N ASP C 4953 -6.69 9.32 6.05
CA ASP C 4953 -6.34 10.09 7.24
C ASP C 4953 -7.52 10.91 7.73
N MET C 4954 -8.25 11.55 6.82
CA MET C 4954 -9.43 12.30 7.24
C MET C 4954 -10.49 11.39 7.83
N GLU C 4955 -10.64 10.18 7.28
CA GLU C 4955 -11.63 9.25 7.80
C GLU C 4955 -11.24 8.74 9.18
N THR C 4956 -9.95 8.51 9.42
CA THR C 4956 -9.52 7.81 10.62
C THR C 4956 -9.11 8.73 11.77
N LYS C 4957 -8.86 10.02 11.52
CA LYS C 4957 -8.43 10.91 12.58
C LYS C 4957 -9.25 12.19 12.57
N CYS C 4958 -9.36 12.81 13.74
CA CYS C 4958 -9.99 14.11 13.87
C CYS C 4958 -8.98 15.20 13.51
N PHE C 4959 -9.38 16.11 12.62
CA PHE C 4959 -8.44 17.08 12.09
C PHE C 4959 -7.92 18.02 13.17
N ILE C 4960 -8.82 18.52 14.02
CA ILE C 4960 -8.44 19.54 14.99
C ILE C 4960 -7.59 18.94 16.11
N CYS C 4961 -8.06 17.84 16.70
CA CYS C 4961 -7.42 17.32 17.90
C CYS C 4961 -6.40 16.22 17.62
N GLY C 4962 -6.63 15.40 16.61
CA GLY C 4962 -5.71 14.33 16.27
C GLY C 4962 -6.00 13.01 16.95
N ILE C 4963 -6.99 12.93 17.83
CA ILE C 4963 -7.35 11.68 18.46
C ILE C 4963 -7.91 10.72 17.41
N GLY C 4964 -7.49 9.46 17.48
CA GLY C 4964 -7.95 8.49 16.52
C GLY C 4964 -9.43 8.20 16.64
N SER C 4965 -10.00 7.70 15.54
CA SER C 4965 -11.42 7.40 15.51
C SER C 4965 -11.78 6.19 16.36
N ASP C 4966 -10.79 5.35 16.70
CA ASP C 4966 -11.09 4.13 17.46
C ASP C 4966 -11.69 4.46 18.82
N TYR C 4967 -11.22 5.53 19.46
CA TYR C 4967 -11.82 5.96 20.72
C TYR C 4967 -13.28 6.37 20.51
N PHE C 4968 -13.55 7.17 19.47
CA PHE C 4968 -14.88 7.71 19.29
C PHE C 4968 -15.88 6.64 18.88
N ASP C 4969 -15.44 5.59 18.19
CA ASP C 4969 -16.38 4.54 17.81
C ASP C 4969 -16.81 3.66 18.97
N THR C 4970 -16.44 4.00 20.21
CA THR C 4970 -16.95 3.26 21.36
C THR C 4970 -18.46 3.36 21.44
N THR C 4971 -19.00 4.55 21.25
CA THR C 4971 -20.42 4.78 21.13
C THR C 4971 -20.82 4.83 19.65
N PRO C 4972 -22.03 4.39 19.30
CA PRO C 4972 -22.45 4.41 17.90
C PRO C 4972 -22.45 5.83 17.34
N HIS C 4973 -21.99 5.95 16.09
CA HIS C 4973 -21.87 7.24 15.40
C HIS C 4973 -21.01 8.22 16.18
N GLY C 4974 -20.10 7.71 17.02
CA GLY C 4974 -19.33 8.58 17.88
C GLY C 4974 -18.41 9.51 17.11
N PHE C 4975 -17.68 8.97 16.14
CA PHE C 4975 -16.77 9.80 15.37
C PHE C 4975 -17.52 10.83 14.54
N GLU C 4976 -18.64 10.43 13.93
CA GLU C 4976 -19.44 11.37 13.16
C GLU C 4976 -19.97 12.50 14.04
N THR C 4977 -20.47 12.17 15.23
CA THR C 4977 -20.95 13.19 16.14
C THR C 4977 -19.82 14.12 16.58
N HIS C 4978 -18.65 13.55 16.86
CA HIS C 4978 -17.52 14.37 17.29
C HIS C 4978 -17.07 15.33 16.19
N THR C 4979 -17.03 14.85 14.94
CA THR C 4979 -16.55 15.68 13.86
C THR C 4979 -17.61 16.61 13.30
N LEU C 4980 -18.88 16.41 13.64
CA LEU C 4980 -19.94 17.31 13.18
C LEU C 4980 -20.49 18.22 14.27
N GLU C 4981 -20.14 17.99 15.53
CA GLU C 4981 -20.64 18.82 16.62
C GLU C 4981 -19.56 19.37 17.53
N GLU C 4982 -18.50 18.61 17.78
CA GLU C 4982 -17.51 19.02 18.77
C GLU C 4982 -16.30 19.72 18.16
N HIS C 4983 -15.66 19.10 17.18
CA HIS C 4983 -14.41 19.63 16.65
C HIS C 4983 -14.51 19.97 15.16
N ASN C 4984 -15.59 20.65 14.76
CA ASN C 4984 -15.79 20.96 13.36
C ASN C 4984 -14.92 22.16 12.97
N LEU C 4985 -14.06 21.97 11.96
CA LEU C 4985 -13.22 23.06 11.49
C LEU C 4985 -14.05 24.21 10.93
N ALA C 4986 -15.19 23.89 10.32
CA ALA C 4986 -16.11 24.94 9.88
C ALA C 4986 -16.59 25.76 11.07
N ASN C 4987 -16.92 25.10 12.17
CA ASN C 4987 -17.34 25.82 13.37
C ASN C 4987 -16.21 26.68 13.92
N TYR C 4988 -14.97 26.18 13.87
CA TYR C 4988 -13.84 26.97 14.33
C TYR C 4988 -13.65 28.22 13.48
N MET C 4989 -13.76 28.07 12.16
CA MET C 4989 -13.64 29.23 11.28
C MET C 4989 -14.77 30.22 11.52
N PHE C 4990 -15.99 29.73 11.74
CA PHE C 4990 -17.12 30.62 12.02
C PHE C 4990 -16.90 31.36 13.32
N PHE C 4991 -16.35 30.69 14.33
CA PHE C 4991 -16.04 31.37 15.58
C PHE C 4991 -14.98 32.44 15.39
N LEU C 4992 -13.96 32.15 14.59
CA LEU C 4992 -12.91 33.15 14.34
C LEU C 4992 -13.47 34.38 13.65
N MET C 4993 -14.28 34.17 12.61
CA MET C 4993 -14.87 35.32 11.93
C MET C 4993 -15.86 36.05 12.83
N TYR C 4994 -16.51 35.32 13.73
CA TYR C 4994 -17.41 35.96 14.69
C TYR C 4994 -16.64 36.87 15.63
N LEU C 4995 -15.47 36.42 16.11
CA LEU C 4995 -14.63 37.27 16.93
C LEU C 4995 -14.17 38.50 16.15
N ILE C 4996 -13.77 38.31 14.90
CA ILE C 4996 -13.30 39.45 14.11
C ILE C 4996 -14.43 40.45 13.91
N ASN C 4997 -15.64 39.97 13.61
CA ASN C 4997 -16.75 40.88 13.34
C ASN C 4997 -17.23 41.59 14.61
N LYS C 4998 -17.34 40.87 15.71
CA LYS C 4998 -17.89 41.45 16.93
C LYS C 4998 -16.99 42.55 17.46
N ASP C 4999 -17.60 43.67 17.85
CA ASP C 4999 -16.85 44.80 18.37
C ASP C 4999 -16.16 44.42 19.68
N GLU C 5000 -14.97 44.97 19.89
CA GLU C 5000 -14.24 44.71 21.13
C GLU C 5000 -14.98 45.36 22.30
N THR C 5001 -14.55 44.98 23.51
CA THR C 5001 -15.17 45.39 24.77
C THR C 5001 -16.58 44.79 24.92
N GLU C 5002 -17.01 44.05 23.90
CA GLU C 5002 -18.25 43.27 23.97
C GLU C 5002 -17.98 41.79 24.08
N HIS C 5003 -16.71 41.37 24.04
CA HIS C 5003 -16.37 39.96 24.16
C HIS C 5003 -16.67 39.44 25.56
N THR C 5004 -17.03 38.17 25.64
CA THR C 5004 -17.08 37.50 26.93
C THR C 5004 -15.65 37.20 27.40
N GLY C 5005 -15.54 36.55 28.56
CA GLY C 5005 -14.21 36.23 29.06
C GLY C 5005 -13.47 35.26 28.16
N GLN C 5006 -14.16 34.19 27.74
CA GLN C 5006 -13.53 33.22 26.84
C GLN C 5006 -13.23 33.84 25.48
N GLU C 5007 -14.14 34.68 24.98
CA GLU C 5007 -13.89 35.35 23.71
C GLU C 5007 -12.69 36.28 23.80
N SER C 5008 -12.55 37.01 24.91
CA SER C 5008 -11.38 37.86 25.09
C SER C 5008 -10.10 37.03 25.19
N TYR C 5009 -10.17 35.88 25.86
CA TYR C 5009 -9.02 35.00 25.95
C TYR C 5009 -8.57 34.53 24.57
N VAL C 5010 -9.53 34.07 23.76
CA VAL C 5010 -9.20 33.58 22.42
C VAL C 5010 -8.71 34.73 21.54
N TRP C 5011 -9.32 35.92 21.68
CA TRP C 5011 -8.88 37.06 20.88
C TRP C 5011 -7.46 37.47 21.24
N LYS C 5012 -7.12 37.47 22.53
CA LYS C 5012 -5.76 37.79 22.95
C LYS C 5012 -4.78 36.76 22.42
N MET C 5013 -5.14 35.48 22.50
CA MET C 5013 -4.27 34.43 21.96
C MET C 5013 -4.07 34.61 20.46
N TYR C 5014 -5.13 34.95 19.73
CA TYR C 5014 -5.03 35.15 18.29
C TYR C 5014 -4.15 36.34 17.95
N GLN C 5015 -4.31 37.45 18.69
CA GLN C 5015 -3.46 38.61 18.47
C GLN C 5015 -2.01 38.33 18.80
N GLU C 5016 -1.74 37.49 19.79
CA GLU C 5016 -0.38 37.08 20.11
C GLU C 5016 0.10 35.92 19.24
N ARG C 5017 -0.78 35.39 18.38
CA ARG C 5017 -0.44 34.29 17.48
C ARG C 5017 0.09 33.08 18.25
N CYS C 5018 -0.63 32.68 19.28
CA CYS C 5018 -0.34 31.48 20.05
C CYS C 5018 -1.52 30.53 19.90
N TRP C 5019 -1.27 29.34 19.37
CA TRP C 5019 -2.33 28.37 19.07
C TRP C 5019 -2.44 27.30 20.13
N ASP C 5020 -2.21 27.65 21.40
CA ASP C 5020 -2.36 26.68 22.47
C ASP C 5020 -3.82 26.38 22.76
N PHE C 5021 -4.72 27.32 22.45
CA PHE C 5021 -6.13 27.11 22.77
C PHE C 5021 -6.77 26.02 21.92
N PHE C 5022 -6.19 25.70 20.77
CA PHE C 5022 -6.70 24.58 19.98
C PHE C 5022 -6.45 23.27 20.72
N PRO C 5023 -7.47 22.43 20.89
CA PRO C 5023 -7.27 21.16 21.61
C PRO C 5023 -6.38 20.21 20.82
N ALA C 5024 -5.32 19.73 21.46
CA ALA C 5024 -4.38 18.80 20.86
C ALA C 5024 -4.27 17.57 21.73
N GLY C 5025 -4.68 16.42 21.19
CA GLY C 5025 -4.63 15.19 21.94
C GLY C 5025 -5.57 15.12 23.12
N ASP C 5026 -6.60 15.97 23.15
CA ASP C 5026 -7.55 15.99 24.24
C ASP C 5026 -8.88 16.49 23.72
N CYS C 5027 -9.95 16.17 24.46
CA CYS C 5027 -11.30 16.57 24.07
C CYS C 5027 -12.18 16.52 25.31
N PHE C 5028 -13.42 17.00 25.13
CA PHE C 5028 -14.35 17.04 26.24
C PHE C 5028 -14.66 15.64 26.77
N ARG C 5029 -14.83 14.67 25.86
CA ARG C 5029 -15.12 13.31 26.28
C ARG C 5029 -13.94 12.70 27.05
N LYS C 5030 -12.74 12.85 26.51
CA LYS C 5030 -11.55 12.37 27.23
C LYS C 5030 -11.41 13.06 28.58
N GLN C 5031 -11.82 14.32 28.69
CA GLN C 5031 -11.64 15.04 29.94
C GLN C 5031 -12.67 14.62 30.98
N TYR C 5032 -13.91 14.39 30.59
CA TYR C 5032 -14.99 14.20 31.55
C TYR C 5032 -15.71 12.86 31.38
N GLU C 5033 -15.01 11.84 30.86
CA GLU C 5033 -15.63 10.52 30.75
C GLU C 5033 -16.05 9.97 32.11
N ASP C 5034 -15.39 10.41 33.18
CA ASP C 5034 -15.72 9.93 34.51
C ASP C 5034 -17.16 10.26 34.88
N GLN C 5035 -17.61 11.48 34.55
CA GLN C 5035 -18.98 11.86 34.80
C GLN C 5035 -19.92 11.52 33.65
N LEU C 5036 -19.40 11.43 32.42
CA LEU C 5036 -20.26 11.13 31.29
C LEU C 5036 -20.67 9.66 31.25
N SER C 5037 -19.80 8.77 31.74
CA SER C 5037 -20.09 7.34 31.74
C SER C 5037 -21.20 7.00 32.74
N ASN D 3950 -62.87 -36.63 29.62
CA ASN D 3950 -62.50 -35.88 30.83
C ASN D 3950 -61.13 -35.25 30.68
N PHE D 3951 -60.16 -36.05 30.23
CA PHE D 3951 -58.80 -35.52 30.05
C PHE D 3951 -58.77 -34.46 28.95
N SER D 3952 -59.48 -34.70 27.84
CA SER D 3952 -59.46 -33.75 26.73
C SER D 3952 -60.06 -32.41 27.14
N LYS D 3953 -61.13 -32.42 27.92
CA LYS D 3953 -61.76 -31.16 28.34
C LYS D 3953 -60.83 -30.33 29.20
N ALA D 3954 -60.10 -30.98 30.12
CA ALA D 3954 -59.16 -30.25 30.96
C ALA D 3954 -58.03 -29.67 30.12
N MET D 3955 -57.68 -30.33 29.01
CA MET D 3955 -56.61 -29.83 28.15
C MET D 3955 -56.96 -28.47 27.54
N SER D 3956 -58.22 -28.30 27.12
CA SER D 3956 -58.63 -27.03 26.54
C SER D 3956 -58.49 -25.89 27.55
N VAL D 3957 -58.83 -26.16 28.81
CA VAL D 3957 -58.65 -25.16 29.86
C VAL D 3957 -57.17 -24.85 30.06
N ALA D 3958 -56.33 -25.89 30.07
CA ALA D 3958 -54.90 -25.70 30.29
C ALA D 3958 -54.28 -24.87 29.18
N LYS D 3959 -54.66 -25.13 27.92
CA LYS D 3959 -54.12 -24.38 26.81
C LYS D 3959 -54.48 -22.89 26.93
N GLN D 3960 -55.72 -22.60 27.29
CA GLN D 3960 -56.11 -21.21 27.52
C GLN D 3960 -55.35 -20.63 28.71
N VAL D 3961 -55.16 -21.42 29.76
CA VAL D 3961 -54.38 -20.94 30.90
C VAL D 3961 -52.94 -20.67 30.49
N PHE D 3962 -52.33 -21.61 29.76
CA PHE D 3962 -50.96 -21.42 29.32
C PHE D 3962 -50.85 -20.23 28.37
N ASN D 3963 -51.85 -20.05 27.50
CA ASN D 3963 -51.87 -18.86 26.65
C ASN D 3963 -52.12 -17.61 27.49
N SER D 3964 -52.88 -17.74 28.58
CA SER D 3964 -53.14 -16.59 29.43
C SER D 3964 -51.86 -16.11 30.12
N LEU D 3965 -51.11 -17.03 30.73
CA LEU D 3965 -49.83 -16.66 31.34
C LEU D 3965 -48.84 -16.20 30.29
N THR D 3966 -49.02 -16.64 29.04
CA THR D 3966 -48.18 -16.14 27.95
C THR D 3966 -48.38 -14.65 27.74
N GLU D 3967 -49.63 -14.19 27.80
CA GLU D 3967 -49.92 -12.79 27.50
C GLU D 3967 -49.39 -11.85 28.58
N TYR D 3968 -49.43 -12.29 29.84
CA TYR D 3968 -48.99 -11.41 30.93
C TYR D 3968 -47.51 -11.07 30.81
N ILE D 3969 -46.75 -11.88 30.07
CA ILE D 3969 -45.31 -11.75 30.00
C ILE D 3969 -44.81 -11.66 28.56
N GLN D 3970 -45.70 -11.43 27.60
CA GLN D 3970 -45.32 -11.39 26.20
C GLN D 3970 -44.84 -10.01 25.76
N GLY D 3971 -44.90 -9.01 26.64
CA GLY D 3971 -44.50 -7.67 26.31
C GLY D 3971 -43.26 -7.25 27.06
N PRO D 3972 -42.27 -8.15 27.12
CA PRO D 3972 -41.19 -8.03 28.11
C PRO D 3972 -41.54 -7.26 29.37
N CYS D 3973 -42.68 -7.59 29.98
CA CYS D 3973 -43.13 -6.94 31.21
C CYS D 3973 -42.29 -7.49 32.35
N THR D 3974 -41.23 -6.76 32.69
CA THR D 3974 -40.31 -7.19 33.73
C THR D 3974 -41.02 -7.30 35.07
N GLY D 3975 -42.07 -6.51 35.28
CA GLY D 3975 -42.81 -6.62 36.52
C GLY D 3975 -43.49 -7.96 36.70
N ASN D 3976 -44.16 -8.44 35.65
CA ASN D 3976 -44.86 -9.72 35.75
C ASN D 3976 -43.89 -10.89 35.65
N GLN D 3977 -42.78 -10.71 34.94
CA GLN D 3977 -41.81 -11.79 34.80
C GLN D 3977 -41.22 -12.18 36.14
N GLN D 3978 -40.90 -11.18 36.98
CA GLN D 3978 -40.33 -11.48 38.29
C GLN D 3978 -41.38 -12.07 39.23
N SER D 3979 -42.64 -11.64 39.06
CA SER D 3979 -43.71 -12.16 39.93
C SER D 3979 -43.92 -13.65 39.73
N LEU D 3980 -43.86 -14.11 38.49
CA LEU D 3980 -44.04 -15.54 38.22
C LEU D 3980 -42.86 -16.36 38.73
N ALA D 3981 -41.69 -15.74 38.89
CA ALA D 3981 -40.52 -16.48 39.35
C ALA D 3981 -40.71 -17.01 40.76
N HIS D 3982 -41.29 -16.19 41.64
CA HIS D 3982 -41.48 -16.58 43.03
C HIS D 3982 -42.74 -17.41 43.25
N SER D 3983 -43.59 -17.54 42.25
CA SER D 3983 -44.84 -18.29 42.38
C SER D 3983 -44.56 -19.78 42.32
N ARG D 3984 -45.63 -20.59 42.33
CA ARG D 3984 -45.52 -22.04 42.27
C ARG D 3984 -45.52 -22.57 40.85
N LEU D 3985 -45.16 -21.73 39.87
CA LEU D 3985 -45.20 -22.16 38.48
C LEU D 3985 -44.24 -23.31 38.21
N TRP D 3986 -43.04 -23.25 38.80
CA TRP D 3986 -42.06 -24.32 38.59
C TRP D 3986 -42.58 -25.64 39.13
N ASP D 3987 -43.31 -25.60 40.24
CA ASP D 3987 -43.98 -26.81 40.73
C ASP D 3987 -45.01 -27.30 39.72
N ALA D 3988 -45.68 -26.37 39.04
CA ALA D 3988 -46.66 -26.76 38.01
C ALA D 3988 -45.97 -27.26 36.75
N VAL D 3989 -44.83 -26.66 36.39
CA VAL D 3989 -44.14 -27.04 35.16
C VAL D 3989 -43.69 -28.49 35.22
N VAL D 3990 -43.10 -28.90 36.35
CA VAL D 3990 -42.62 -30.28 36.46
C VAL D 3990 -43.79 -31.25 36.45
N GLY D 3991 -44.95 -30.82 36.96
CA GLY D 3991 -46.10 -31.70 36.99
C GLY D 3991 -46.59 -32.10 35.62
N PHE D 3992 -46.73 -31.13 34.71
CA PHE D 3992 -47.17 -31.44 33.36
C PHE D 3992 -46.11 -32.21 32.58
N LEU D 3993 -44.83 -31.90 32.80
CA LEU D 3993 -43.77 -32.62 32.10
C LEU D 3993 -43.78 -34.10 32.44
N HIS D 3994 -43.97 -34.43 33.72
CA HIS D 3994 -44.04 -35.84 34.12
C HIS D 3994 -45.24 -36.54 33.49
N VAL D 3995 -46.39 -35.86 33.47
CA VAL D 3995 -47.57 -36.44 32.83
C VAL D 3995 -47.35 -36.60 31.34
N PHE D 3996 -46.74 -35.60 30.70
CA PHE D 3996 -46.51 -35.66 29.25
C PHE D 3996 -45.57 -36.80 28.91
N ALA D 3997 -44.53 -37.01 29.72
CA ALA D 3997 -43.51 -38.01 29.40
C ALA D 3997 -44.09 -39.42 29.39
N HIS D 3998 -44.79 -39.80 30.47
CA HIS D 3998 -45.25 -41.17 30.60
C HIS D 3998 -46.45 -41.47 29.71
N MET D 3999 -47.33 -40.49 29.52
CA MET D 3999 -48.60 -40.76 28.86
C MET D 3999 -48.45 -41.02 27.36
N MET D 4000 -47.64 -40.22 26.66
CA MET D 4000 -47.64 -40.29 25.20
C MET D 4000 -47.09 -41.61 24.69
N MET D 4001 -46.12 -42.19 25.42
CA MET D 4001 -45.59 -43.49 25.00
C MET D 4001 -46.68 -44.55 25.05
N LYS D 4002 -47.53 -44.50 26.07
CA LYS D 4002 -48.67 -45.41 26.11
C LYS D 4002 -49.61 -45.17 24.94
N LEU D 4003 -49.85 -43.91 24.60
CA LEU D 4003 -50.74 -43.58 23.50
C LEU D 4003 -50.10 -43.80 22.14
N ALA D 4004 -48.77 -43.66 22.04
CA ALA D 4004 -48.10 -43.83 20.75
C ALA D 4004 -48.24 -45.26 20.23
N GLN D 4005 -48.06 -46.26 21.10
CA GLN D 4005 -48.21 -47.64 20.68
C GLN D 4005 -49.65 -47.96 20.32
N ASP D 4006 -50.61 -47.41 21.07
CA ASP D 4006 -52.01 -47.71 20.83
C ASP D 4006 -52.47 -47.05 19.54
N SER D 4007 -53.13 -47.82 18.67
CA SER D 4007 -53.65 -47.26 17.44
C SER D 4007 -54.89 -46.42 17.69
N SER D 4008 -55.78 -46.88 18.59
CA SER D 4008 -56.98 -46.13 18.90
C SER D 4008 -56.66 -44.83 19.63
N GLN D 4009 -55.66 -44.86 20.52
CA GLN D 4009 -55.28 -43.69 21.31
C GLN D 4009 -54.35 -42.78 20.50
N ILE D 4010 -54.85 -42.36 19.34
CA ILE D 4010 -54.11 -41.43 18.49
C ILE D 4010 -54.81 -40.09 18.32
N GLU D 4011 -56.15 -40.03 18.37
CA GLU D 4011 -56.84 -38.76 18.24
C GLU D 4011 -56.46 -37.79 19.36
N LEU D 4012 -56.39 -38.30 20.59
CA LEU D 4012 -56.02 -37.44 21.72
C LEU D 4012 -54.54 -37.09 21.71
N LEU D 4013 -53.71 -37.92 21.06
CA LEU D 4013 -52.27 -37.72 21.12
C LEU D 4013 -51.84 -36.42 20.47
N LYS D 4014 -52.49 -36.03 19.36
CA LYS D 4014 -52.06 -34.85 18.64
C LYS D 4014 -52.24 -33.58 19.48
N GLU D 4015 -53.34 -33.48 20.23
CA GLU D 4015 -53.51 -32.33 21.10
C GLU D 4015 -52.60 -32.42 22.32
N LEU D 4016 -52.16 -33.63 22.68
CA LEU D 4016 -51.26 -33.77 23.83
C LEU D 4016 -49.93 -33.07 23.57
N LEU D 4017 -49.38 -33.22 22.36
CA LEU D 4017 -48.17 -32.50 22.01
C LEU D 4017 -48.46 -31.04 21.68
N ASP D 4018 -49.65 -30.74 21.15
CA ASP D 4018 -49.99 -29.36 20.86
C ASP D 4018 -50.06 -28.52 22.13
N LEU D 4019 -50.62 -29.08 23.21
CA LEU D 4019 -50.66 -28.35 24.47
C LEU D 4019 -49.26 -28.13 25.01
N GLN D 4020 -48.42 -29.15 24.94
CA GLN D 4020 -47.03 -29.00 25.37
C GLN D 4020 -46.28 -28.06 24.44
N LYS D 4021 -46.66 -28.00 23.17
CA LYS D 4021 -46.10 -27.01 22.26
C LYS D 4021 -46.41 -25.59 22.75
N ASP D 4022 -47.63 -25.38 23.25
CA ASP D 4022 -47.97 -24.10 23.87
C ASP D 4022 -47.34 -23.95 25.24
N MET D 4023 -46.91 -25.05 25.87
CA MET D 4023 -46.27 -24.95 27.17
C MET D 4023 -44.89 -24.34 27.07
N VAL D 4024 -44.08 -24.79 26.10
CA VAL D 4024 -42.73 -24.29 25.98
C VAL D 4024 -42.69 -22.85 25.48
N VAL D 4025 -43.75 -22.39 24.79
CA VAL D 4025 -43.81 -20.99 24.42
C VAL D 4025 -43.90 -20.12 25.66
N MET D 4026 -44.64 -20.56 26.68
CA MET D 4026 -44.66 -19.85 27.94
C MET D 4026 -43.28 -19.86 28.58
N LEU D 4027 -42.57 -20.99 28.50
CA LEU D 4027 -41.19 -21.02 28.99
C LEU D 4027 -40.30 -20.09 28.20
N LEU D 4028 -40.44 -20.09 26.86
CA LEU D 4028 -39.63 -19.20 26.04
C LEU D 4028 -39.96 -17.74 26.31
N SER D 4029 -41.26 -17.41 26.44
CA SER D 4029 -41.65 -16.03 26.73
C SER D 4029 -41.18 -15.62 28.12
N LEU D 4030 -41.22 -16.53 29.08
CA LEU D 4030 -40.75 -16.20 30.43
C LEU D 4030 -39.24 -15.95 30.43
N LEU D 4031 -38.52 -16.63 29.56
CA LEU D 4031 -37.08 -16.46 29.40
C LEU D 4031 -36.71 -15.25 28.55
N GLU D 4032 -37.71 -14.59 27.95
CA GLU D 4032 -37.45 -13.48 27.06
C GLU D 4032 -36.72 -12.35 27.78
N GLY D 4033 -35.71 -11.78 27.13
CA GLY D 4033 -34.93 -10.71 27.72
C GLY D 4033 -34.16 -11.11 28.95
N ASN D 4034 -33.65 -12.34 28.99
CA ASN D 4034 -32.94 -12.81 30.16
C ASN D 4034 -31.54 -12.18 30.25
N VAL D 4035 -31.03 -12.13 31.47
CA VAL D 4035 -29.69 -11.65 31.74
C VAL D 4035 -28.84 -12.85 32.16
N VAL D 4036 -27.56 -12.82 31.79
CA VAL D 4036 -26.67 -13.93 32.12
C VAL D 4036 -26.61 -14.08 33.63
N ASN D 4037 -26.68 -15.34 34.09
CA ASN D 4037 -26.68 -15.66 35.51
C ASN D 4037 -27.82 -14.95 36.25
N GLY D 4038 -28.90 -14.68 35.51
CA GLY D 4038 -30.03 -14.01 36.11
C GLY D 4038 -30.91 -14.95 36.92
N MET D 4039 -31.82 -14.36 37.68
CA MET D 4039 -32.72 -15.16 38.52
C MET D 4039 -33.60 -16.08 37.68
N ILE D 4040 -34.10 -15.59 36.55
CA ILE D 4040 -35.00 -16.39 35.72
C ILE D 4040 -34.30 -17.65 35.21
N ALA D 4041 -33.07 -17.51 34.72
CA ALA D 4041 -32.33 -18.67 34.24
C ALA D 4041 -32.00 -19.62 35.38
N ARG D 4042 -31.63 -19.08 36.54
CA ARG D 4042 -31.30 -19.92 37.69
C ARG D 4042 -32.52 -20.69 38.17
N GLN D 4043 -33.70 -20.07 38.11
CA GLN D 4043 -34.93 -20.78 38.48
C GLN D 4043 -35.22 -21.92 37.53
N MET D 4044 -34.98 -21.71 36.22
CA MET D 4044 -35.27 -22.76 35.25
C MET D 4044 -34.30 -23.93 35.37
N VAL D 4045 -33.00 -23.67 35.52
CA VAL D 4045 -32.03 -24.76 35.56
C VAL D 4045 -32.28 -25.64 36.78
N ASP D 4046 -32.71 -25.03 37.89
CA ASP D 4046 -33.13 -25.83 39.04
C ASP D 4046 -34.33 -26.70 38.70
N MET D 4047 -35.23 -26.20 37.87
CA MET D 4047 -36.36 -27.01 37.42
C MET D 4047 -35.90 -28.15 36.53
N LEU D 4048 -34.95 -27.90 35.64
CA LEU D 4048 -34.48 -28.94 34.73
C LEU D 4048 -33.78 -30.08 35.47
N VAL D 4049 -32.93 -29.75 36.45
CA VAL D 4049 -32.11 -30.77 37.10
C VAL D 4049 -33.00 -31.78 37.83
N GLU D 4050 -34.02 -31.30 38.54
CA GLU D 4050 -34.97 -32.21 39.16
C GLU D 4050 -35.88 -32.87 38.13
N SER D 4051 -36.07 -32.23 36.97
CA SER D 4051 -36.85 -32.80 35.88
C SER D 4051 -36.00 -33.55 34.88
N SER D 4052 -34.69 -33.68 35.13
CA SER D 4052 -33.79 -34.26 34.14
C SER D 4052 -34.19 -35.69 33.78
N SER D 4053 -34.69 -36.44 34.77
CA SER D 4053 -35.19 -37.78 34.47
C SER D 4053 -36.35 -37.73 33.49
N ASN D 4054 -37.26 -36.77 33.68
CA ASN D 4054 -38.37 -36.61 32.74
C ASN D 4054 -37.92 -35.95 31.44
N VAL D 4055 -36.85 -35.15 31.48
CA VAL D 4055 -36.41 -34.43 30.29
C VAL D 4055 -35.99 -35.41 29.20
N GLU D 4056 -35.22 -36.43 29.56
CA GLU D 4056 -34.82 -37.42 28.58
C GLU D 4056 -35.92 -38.47 28.46
N MET D 4057 -37.15 -38.00 28.29
CA MET D 4057 -38.28 -38.84 27.96
C MET D 4057 -39.17 -38.27 26.87
N ILE D 4058 -39.15 -36.95 26.65
CA ILE D 4058 -39.92 -36.34 25.57
C ILE D 4058 -39.10 -36.28 24.28
N LEU D 4059 -37.77 -36.17 24.39
CA LEU D 4059 -36.94 -36.00 23.21
C LEU D 4059 -37.07 -37.18 22.25
N LYS D 4060 -37.09 -38.39 22.78
CA LYS D 4060 -37.29 -39.58 21.94
C LYS D 4060 -38.76 -39.72 21.56
N PRO D 4176 -28.08 -26.02 13.04
CA PRO D 4176 -28.74 -26.58 11.85
C PRO D 4176 -29.81 -25.66 11.27
N TYR D 4177 -30.99 -25.62 11.90
CA TYR D 4177 -32.08 -24.76 11.47
C TYR D 4177 -32.39 -23.68 12.52
N LEU D 4178 -31.38 -23.31 13.30
CA LEU D 4178 -31.53 -22.35 14.38
C LEU D 4178 -30.69 -21.12 14.07
N GLY D 4179 -31.29 -19.94 14.19
CA GLY D 4179 -30.63 -18.69 13.88
C GLY D 4179 -30.42 -17.85 15.12
N ARG D 4180 -29.29 -17.15 15.17
CA ARG D 4180 -28.92 -16.30 16.30
C ARG D 4180 -28.67 -14.89 15.81
N ILE D 4181 -29.14 -13.90 16.58
CA ILE D 4181 -28.90 -12.50 16.30
C ILE D 4181 -28.68 -11.77 17.62
N GLU D 4182 -28.26 -10.51 17.51
CA GLU D 4182 -28.12 -9.62 18.66
C GLU D 4182 -28.69 -8.27 18.28
N ILE D 4183 -29.55 -7.72 19.15
CA ILE D 4183 -30.17 -6.42 18.89
C ILE D 4183 -30.00 -5.53 20.11
N MET D 4184 -30.16 -4.23 19.89
CA MET D 4184 -30.26 -3.26 20.98
C MET D 4184 -31.71 -3.19 21.40
N GLY D 4185 -32.08 -4.00 22.39
CA GLY D 4185 -33.47 -4.17 22.75
C GLY D 4185 -34.03 -2.94 23.45
N ALA D 4186 -35.28 -3.09 23.90
CA ALA D 4186 -35.96 -2.00 24.59
C ALA D 4186 -35.26 -1.62 25.88
N SER D 4187 -34.59 -2.58 26.53
CA SER D 4187 -33.83 -2.30 27.73
C SER D 4187 -32.49 -1.66 27.45
N ARG D 4188 -32.23 -1.27 26.20
CA ARG D 4188 -30.98 -0.63 25.78
C ARG D 4188 -29.77 -1.50 26.04
N ARG D 4189 -29.94 -2.82 26.05
CA ARG D 4189 -28.85 -3.77 26.20
C ARG D 4189 -28.90 -4.78 25.06
N ILE D 4190 -27.73 -5.34 24.73
CA ILE D 4190 -27.67 -6.32 23.66
C ILE D 4190 -28.40 -7.58 24.09
N GLU D 4191 -29.38 -7.99 23.29
CA GLU D 4191 -30.22 -9.15 23.59
C GLU D 4191 -30.16 -10.13 22.43
N ARG D 4192 -30.19 -11.42 22.75
CA ARG D 4192 -30.13 -12.46 21.74
C ARG D 4192 -31.54 -12.96 21.43
N ILE D 4193 -31.82 -13.15 20.14
CA ILE D 4193 -33.12 -13.63 19.67
C ILE D 4193 -32.90 -14.90 18.86
N TYR D 4194 -33.73 -15.91 19.11
CA TYR D 4194 -33.66 -17.18 18.42
C TYR D 4194 -34.91 -17.37 17.57
N PHE D 4195 -34.76 -18.06 16.45
CA PHE D 4195 -35.86 -18.31 15.54
C PHE D 4195 -35.55 -19.55 14.72
N GLU D 4196 -36.43 -19.85 13.77
CA GLU D 4196 -36.35 -21.06 12.96
C GLU D 4196 -36.05 -20.69 11.51
N ILE D 4197 -35.16 -21.45 10.88
CA ILE D 4197 -34.74 -21.22 9.50
C ILE D 4197 -35.17 -22.42 8.67
N SER D 4198 -35.80 -22.15 7.53
CA SER D 4198 -36.32 -23.22 6.68
C SER D 4198 -35.25 -23.81 5.78
N GLU D 4199 -35.42 -25.10 5.47
CA GLU D 4199 -34.47 -25.78 4.59
C GLU D 4199 -34.49 -25.18 3.19
N THR D 4200 -35.68 -24.86 2.68
CA THR D 4200 -35.78 -24.26 1.35
C THR D 4200 -35.08 -22.91 1.31
N ASN D 4201 -35.30 -22.07 2.33
CA ASN D 4201 -34.64 -20.78 2.39
C ASN D 4201 -33.13 -20.93 2.50
N ARG D 4202 -32.66 -21.89 3.30
CA ARG D 4202 -31.22 -22.12 3.39
C ARG D 4202 -30.64 -22.54 2.04
N ALA D 4203 -31.32 -23.45 1.34
CA ALA D 4203 -30.84 -23.86 0.02
C ALA D 4203 -30.81 -22.68 -0.94
N GLN D 4204 -31.84 -21.82 -0.89
CA GLN D 4204 -31.82 -20.60 -1.67
C GLN D 4204 -30.61 -19.74 -1.30
N TRP D 4205 -30.22 -19.75 -0.03
CA TRP D 4205 -29.09 -18.96 0.41
C TRP D 4205 -27.78 -19.45 -0.19
N GLU D 4206 -27.52 -20.77 -0.11
CA GLU D 4206 -26.30 -21.25 -0.77
C GLU D 4206 -26.46 -21.45 -2.28
N MET D 4207 -27.57 -21.04 -2.87
CA MET D 4207 -27.60 -20.96 -4.33
C MET D 4207 -26.49 -20.04 -4.83
N PRO D 4208 -25.77 -20.44 -5.89
CA PRO D 4208 -24.62 -19.62 -6.35
C PRO D 4208 -25.01 -18.24 -6.85
N GLN D 4209 -26.20 -18.08 -7.42
CA GLN D 4209 -26.63 -16.75 -7.85
C GLN D 4209 -26.73 -15.80 -6.66
N VAL D 4210 -27.34 -16.29 -5.57
CA VAL D 4210 -27.46 -15.47 -4.37
C VAL D 4210 -26.10 -15.23 -3.75
N LYS D 4211 -25.20 -16.21 -3.85
CA LYS D 4211 -23.84 -15.96 -3.33
C LYS D 4211 -23.26 -14.78 -4.12
N GLU D 4212 -23.46 -14.74 -5.42
CA GLU D 4212 -22.88 -13.67 -6.26
C GLU D 4212 -23.52 -12.33 -5.90
N SER D 4213 -24.84 -12.29 -5.72
CA SER D 4213 -25.48 -11.03 -5.29
C SER D 4213 -24.82 -10.60 -4.00
N LYS D 4214 -24.57 -11.54 -3.09
CA LYS D 4214 -24.02 -11.13 -1.80
C LYS D 4214 -22.59 -10.62 -1.95
N ARG D 4215 -21.76 -11.30 -2.74
CA ARG D 4215 -20.40 -10.83 -2.95
C ARG D 4215 -20.39 -9.43 -3.53
N GLN D 4216 -21.21 -9.19 -4.56
CA GLN D 4216 -21.26 -7.87 -5.17
C GLN D 4216 -21.74 -6.82 -4.18
N PHE D 4217 -22.76 -7.15 -3.37
CA PHE D 4217 -23.28 -6.19 -2.40
C PHE D 4217 -22.22 -5.84 -1.36
N ILE D 4218 -21.50 -6.85 -0.84
CA ILE D 4218 -20.44 -6.58 0.12
C ILE D 4218 -19.37 -5.70 -0.49
N PHE D 4219 -18.92 -6.02 -1.70
CA PHE D 4219 -17.88 -5.22 -2.33
C PHE D 4219 -18.32 -3.78 -2.52
N ASP D 4220 -19.53 -3.59 -3.04
CA ASP D 4220 -20.02 -2.24 -3.31
C ASP D 4220 -20.14 -1.43 -2.03
N VAL D 4221 -20.73 -2.02 -0.99
CA VAL D 4221 -20.95 -1.28 0.25
C VAL D 4221 -19.63 -0.95 0.93
N VAL D 4222 -18.71 -1.92 1.01
CA VAL D 4222 -17.44 -1.66 1.67
C VAL D 4222 -16.64 -0.61 0.89
N ASN D 4223 -16.74 -0.62 -0.44
CA ASN D 4223 -15.91 0.29 -1.22
C ASN D 4223 -16.47 1.71 -1.25
N GLU D 4224 -17.79 1.86 -1.39
CA GLU D 4224 -18.40 3.19 -1.50
C GLU D 4224 -19.57 3.34 -0.54
N GLY D 4225 -19.37 2.99 0.73
CA GLY D 4225 -20.43 3.17 1.70
C GLY D 4225 -19.97 3.63 3.06
N GLY D 4226 -20.59 4.68 3.58
CA GLY D 4226 -20.31 5.12 4.93
C GLY D 4226 -21.08 4.29 5.96
N GLU D 4227 -20.69 4.47 7.23
CA GLU D 4227 -21.32 3.71 8.30
C GLU D 4227 -22.73 4.20 8.58
N ALA D 4228 -23.05 5.44 8.21
CA ALA D 4228 -24.38 5.98 8.50
C ALA D 4228 -25.46 5.26 7.68
N GLU D 4229 -25.24 5.12 6.38
CA GLU D 4229 -26.21 4.49 5.49
C GLU D 4229 -25.91 3.02 5.23
N LYS D 4230 -24.90 2.46 5.90
CA LYS D 4230 -24.55 1.06 5.66
C LYS D 4230 -25.71 0.14 6.04
N MET D 4231 -26.37 0.42 7.17
CA MET D 4231 -27.51 -0.40 7.56
C MET D 4231 -28.66 -0.25 6.59
N GLU D 4232 -28.87 0.96 6.06
CA GLU D 4232 -29.90 1.17 5.05
C GLU D 4232 -29.63 0.32 3.81
N LEU D 4233 -28.39 0.36 3.32
CA LEU D 4233 -28.04 -0.45 2.15
C LEU D 4233 -28.18 -1.94 2.44
N PHE D 4234 -27.78 -2.35 3.65
CA PHE D 4234 -27.90 -3.76 4.02
C PHE D 4234 -29.36 -4.21 4.05
N VAL D 4235 -30.24 -3.38 4.61
CA VAL D 4235 -31.65 -3.73 4.66
C VAL D 4235 -32.26 -3.77 3.26
N SER D 4236 -31.88 -2.82 2.41
CA SER D 4236 -32.38 -2.85 1.03
C SER D 4236 -31.92 -4.11 0.31
N PHE D 4237 -30.66 -4.50 0.50
CA PHE D 4237 -30.17 -5.73 -0.12
C PHE D 4237 -30.89 -6.94 0.43
N CYS D 4238 -31.16 -6.96 1.74
CA CYS D 4238 -31.90 -8.07 2.33
C CYS D 4238 -33.30 -8.18 1.72
N GLU D 4239 -33.98 -7.06 1.55
CA GLU D 4239 -35.31 -7.09 0.93
C GLU D 4239 -35.24 -7.58 -0.50
N ASP D 4240 -34.26 -7.11 -1.26
CA ASP D 4240 -34.10 -7.59 -2.64
C ASP D 4240 -33.85 -9.09 -2.67
N THR D 4241 -32.99 -9.58 -1.78
CA THR D 4241 -32.71 -11.02 -1.73
C THR D 4241 -33.95 -11.82 -1.36
N ILE D 4242 -34.74 -11.30 -0.41
CA ILE D 4242 -35.98 -11.99 -0.03
C ILE D 4242 -36.91 -12.10 -1.22
N PHE D 4243 -37.05 -11.01 -1.99
CA PHE D 4243 -37.91 -11.08 -3.16
C PHE D 4243 -37.36 -12.07 -4.19
N GLU D 4244 -36.04 -12.11 -4.36
CA GLU D 4244 -35.43 -13.06 -5.29
C GLU D 4244 -35.73 -14.50 -4.88
N MET D 4245 -35.58 -14.82 -3.61
CA MET D 4245 -35.84 -16.19 -3.17
C MET D 4245 -37.33 -16.52 -3.25
N GLN D 4246 -38.20 -15.54 -3.02
CA GLN D 4246 -39.63 -15.79 -3.21
C GLN D 4246 -39.95 -16.11 -4.67
N ILE D 4247 -39.36 -15.34 -5.60
CA ILE D 4247 -39.58 -15.61 -7.02
C ILE D 4247 -39.01 -16.98 -7.41
N ALA D 4248 -37.83 -17.32 -6.87
CA ALA D 4248 -37.24 -18.62 -7.18
C ALA D 4248 -38.11 -19.76 -6.67
N ALA D 4249 -38.65 -19.63 -5.46
CA ALA D 4249 -39.55 -20.65 -4.93
C ALA D 4249 -40.82 -20.74 -5.77
N GLN D 4250 -41.34 -19.60 -6.23
CA GLN D 4250 -42.54 -19.61 -7.05
C GLN D 4250 -42.30 -20.33 -8.38
N ILE D 4251 -41.18 -20.03 -9.04
CA ILE D 4251 -40.95 -20.62 -10.36
C ILE D 4251 -40.50 -22.08 -10.24
N SER D 4252 -39.87 -22.44 -9.13
CA SER D 4252 -39.40 -23.81 -8.96
C SER D 4252 -40.56 -24.78 -8.82
N GLU D 4253 -40.43 -25.94 -9.44
CA GLU D 4253 -41.46 -26.99 -9.37
C GLU D 4253 -40.85 -28.26 -8.81
N PRO D 4254 -41.41 -28.82 -7.72
CA PRO D 4254 -40.89 -30.05 -7.11
C PRO D 4254 -41.31 -31.31 -7.87
N PHE D 4540 -61.19 -26.26 -21.11
CA PHE D 4540 -59.93 -26.23 -21.84
C PHE D 4540 -59.09 -25.03 -21.42
N TRP D 4541 -59.75 -24.03 -20.85
CA TRP D 4541 -59.06 -22.82 -20.39
C TRP D 4541 -58.07 -23.13 -19.27
N GLY D 4542 -58.47 -23.95 -18.30
CA GLY D 4542 -57.59 -24.26 -17.19
C GLY D 4542 -56.34 -25.01 -17.63
N GLU D 4543 -56.52 -26.00 -18.53
CA GLU D 4543 -55.38 -26.78 -19.00
C GLU D 4543 -54.40 -25.90 -19.78
N LEU D 4544 -54.90 -25.02 -20.64
CA LEU D 4544 -54.01 -24.14 -21.39
C LEU D 4544 -53.31 -23.16 -20.46
N GLU D 4545 -54.01 -22.65 -19.45
CA GLU D 4545 -53.39 -21.75 -18.49
C GLU D 4545 -52.28 -22.47 -17.72
N VAL D 4546 -52.52 -23.72 -17.32
CA VAL D 4546 -51.50 -24.49 -16.61
C VAL D 4546 -50.29 -24.72 -17.51
N GLN D 4547 -50.53 -25.08 -18.77
CA GLN D 4547 -49.42 -25.27 -19.70
C GLN D 4547 -48.64 -23.98 -19.91
N ARG D 4548 -49.35 -22.86 -20.02
CA ARG D 4548 -48.68 -21.57 -20.24
C ARG D 4548 -47.82 -21.19 -19.04
N VAL D 4549 -48.35 -21.35 -17.83
CA VAL D 4549 -47.57 -20.98 -16.65
C VAL D 4549 -46.39 -21.92 -16.47
N LYS D 4550 -46.56 -23.20 -16.79
CA LYS D 4550 -45.44 -24.13 -16.73
C LYS D 4550 -44.35 -23.74 -17.73
N PHE D 4551 -44.76 -23.37 -18.96
CA PHE D 4551 -43.78 -22.95 -19.95
C PHE D 4551 -43.05 -21.68 -19.52
N LEU D 4552 -43.79 -20.72 -18.94
CA LEU D 4552 -43.16 -19.50 -18.46
C LEU D 4552 -42.18 -19.79 -17.34
N ASN D 4553 -42.54 -20.68 -16.43
CA ASN D 4553 -41.63 -21.05 -15.34
C ASN D 4553 -40.39 -21.74 -15.89
N TYR D 4554 -40.55 -22.58 -16.91
CA TYR D 4554 -39.40 -23.22 -17.53
C TYR D 4554 -38.47 -22.18 -18.16
N LEU D 4555 -39.04 -21.20 -18.85
CA LEU D 4555 -38.22 -20.15 -19.43
C LEU D 4555 -37.50 -19.35 -18.35
N SER D 4556 -38.21 -19.04 -17.25
CA SER D 4556 -37.59 -18.30 -16.16
C SER D 4556 -36.43 -19.08 -15.53
N ARG D 4557 -36.61 -20.39 -15.36
CA ARG D 4557 -35.59 -21.18 -14.71
C ARG D 4557 -34.40 -21.43 -15.63
N ASN D 4558 -34.64 -21.47 -16.95
CA ASN D 4558 -33.60 -21.76 -17.92
C ASN D 4558 -33.15 -20.53 -18.71
N PHE D 4559 -33.44 -19.33 -18.21
CA PHE D 4559 -32.94 -18.11 -18.84
C PHE D 4559 -31.44 -18.16 -19.10
N TYR D 4560 -30.65 -18.54 -18.09
CA TYR D 4560 -29.20 -18.50 -18.24
C TYR D 4560 -28.71 -19.55 -19.24
N THR D 4561 -29.31 -20.75 -19.20
CA THR D 4561 -28.95 -21.77 -20.17
C THR D 4561 -29.31 -21.33 -21.58
N LEU D 4562 -30.46 -20.66 -21.75
CA LEU D 4562 -30.83 -20.14 -23.06
C LEU D 4562 -29.86 -19.08 -23.53
N ARG D 4563 -29.38 -18.23 -22.62
CA ARG D 4563 -28.40 -17.22 -23.00
C ARG D 4563 -27.09 -17.86 -23.44
N PHE D 4564 -26.64 -18.88 -22.71
CA PHE D 4564 -25.43 -19.59 -23.13
C PHE D 4564 -25.61 -20.26 -24.49
N LEU D 4565 -26.80 -20.84 -24.71
CA LEU D 4565 -27.10 -21.43 -26.02
C LEU D 4565 -27.08 -20.37 -27.11
N ALA D 4566 -27.59 -19.18 -26.81
CA ALA D 4566 -27.56 -18.09 -27.79
C ALA D 4566 -26.13 -17.70 -28.12
N LEU D 4567 -25.26 -17.66 -27.13
CA LEU D 4567 -23.85 -17.37 -27.40
C LEU D 4567 -23.22 -18.45 -28.28
N PHE D 4568 -23.52 -19.72 -27.98
CA PHE D 4568 -23.01 -20.80 -28.82
C PHE D 4568 -23.53 -20.68 -30.25
N LEU D 4569 -24.80 -20.32 -30.40
CA LEU D 4569 -25.37 -20.14 -31.74
C LEU D 4569 -24.69 -19.00 -32.48
N ALA D 4570 -24.41 -17.90 -31.77
CA ALA D 4570 -23.70 -16.79 -32.40
C ALA D 4570 -22.32 -17.22 -32.88
N PHE D 4571 -21.58 -17.97 -32.06
CA PHE D 4571 -20.28 -18.45 -32.49
C PHE D 4571 -20.39 -19.38 -33.69
N ALA D 4572 -21.39 -20.29 -33.66
CA ALA D 4572 -21.55 -21.22 -34.78
C ALA D 4572 -21.89 -20.49 -36.07
N ILE D 4573 -22.80 -19.52 -35.99
CA ILE D 4573 -23.17 -18.75 -37.18
C ILE D 4573 -21.99 -17.97 -37.71
N ASN D 4574 -21.22 -17.35 -36.83
CA ASN D 4574 -20.05 -16.61 -37.28
C ASN D 4574 -19.01 -17.53 -37.92
N PHE D 4575 -18.79 -18.70 -37.34
CA PHE D 4575 -17.85 -19.65 -37.92
C PHE D 4575 -18.30 -20.09 -39.31
N ILE D 4576 -19.59 -20.36 -39.48
CA ILE D 4576 -20.09 -20.74 -40.80
C ILE D 4576 -19.95 -19.57 -41.76
N LEU D 4577 -20.19 -18.34 -41.28
CA LEU D 4577 -20.05 -17.16 -42.13
C LEU D 4577 -18.59 -16.90 -42.49
N LEU D 4578 -17.66 -17.50 -41.76
CA LEU D 4578 -16.26 -17.31 -42.11
C LEU D 4578 -15.86 -17.97 -43.42
N PHE D 4579 -16.79 -18.62 -44.13
CA PHE D 4579 -16.57 -19.14 -45.46
C PHE D 4579 -17.27 -18.29 -46.52
N TYR D 4580 -17.52 -17.03 -46.21
CA TYR D 4580 -18.01 -16.07 -47.18
C TYR D 4580 -17.01 -15.84 -48.31
N LYS D 4581 -17.54 -15.66 -49.51
CA LYS D 4581 -16.73 -15.30 -50.67
C LYS D 4581 -17.56 -14.40 -51.57
N VAL D 4582 -16.87 -13.63 -52.42
CA VAL D 4582 -17.50 -12.68 -53.32
C VAL D 4582 -17.19 -13.10 -54.75
N SER D 4583 -18.21 -13.10 -55.60
CA SER D 4583 -18.07 -13.46 -57.01
C SER D 4583 -19.05 -12.63 -57.83
N ASP D 4584 -18.52 -11.87 -58.79
CA ASP D 4584 -19.37 -11.02 -59.62
C ASP D 4584 -20.36 -11.86 -60.44
N SER D 4585 -19.89 -12.96 -61.01
CA SER D 4585 -20.79 -13.85 -61.73
C SER D 4585 -21.71 -14.58 -60.76
N PRO D 4586 -22.94 -14.87 -61.16
CA PRO D 4586 -23.85 -15.62 -60.29
C PRO D 4586 -23.29 -16.99 -59.97
N PRO D 4587 -23.48 -17.48 -58.75
CA PRO D 4587 -22.96 -18.80 -58.34
C PRO D 4587 -23.60 -19.95 -59.11
N ASN D 4626 -23.81 -3.76 -61.91
CA ASN D 4626 -22.56 -4.36 -61.44
C ASN D 4626 -22.70 -4.91 -60.02
N MET D 4627 -23.95 -4.98 -59.54
CA MET D 4627 -24.19 -5.44 -58.18
C MET D 4627 -23.85 -6.93 -58.09
N VAL D 4628 -23.09 -7.29 -57.06
CA VAL D 4628 -22.51 -8.62 -56.94
C VAL D 4628 -23.46 -9.54 -56.19
N TYR D 4629 -23.60 -10.75 -56.72
CA TYR D 4629 -24.46 -11.78 -56.11
C TYR D 4629 -23.62 -12.53 -55.08
N TYR D 4630 -23.88 -12.26 -53.80
CA TYR D 4630 -23.10 -12.88 -52.75
C TYR D 4630 -23.46 -14.36 -52.60
N PHE D 4631 -22.45 -15.20 -52.48
CA PHE D 4631 -22.65 -16.64 -52.34
C PHE D 4631 -21.63 -17.19 -51.35
N LEU D 4632 -22.01 -18.27 -50.67
CA LEU D 4632 -21.13 -18.93 -49.71
C LEU D 4632 -20.52 -20.16 -50.39
N GLU D 4633 -19.21 -20.27 -50.35
CA GLU D 4633 -18.47 -21.29 -51.09
C GLU D 4633 -18.09 -22.44 -50.15
N GLU D 4634 -18.48 -23.65 -50.52
CA GLU D 4634 -18.19 -24.84 -49.74
C GLU D 4634 -18.57 -26.07 -50.54
N SER D 4635 -17.78 -27.14 -50.36
CA SER D 4635 -17.97 -28.35 -51.16
C SER D 4635 -18.97 -29.30 -50.51
N THR D 4636 -19.09 -29.25 -49.19
CA THR D 4636 -19.91 -30.25 -48.47
C THR D 4636 -21.36 -30.19 -48.90
N GLY D 4637 -21.94 -28.99 -48.95
CA GLY D 4637 -23.28 -28.79 -49.44
C GLY D 4637 -24.37 -28.64 -48.39
N TYR D 4638 -24.13 -29.08 -47.15
CA TYR D 4638 -25.17 -29.02 -46.13
C TYR D 4638 -25.10 -27.76 -45.29
N MET D 4639 -24.04 -26.95 -45.45
CA MET D 4639 -23.84 -25.85 -44.52
C MET D 4639 -24.80 -24.69 -44.77
N GLU D 4640 -25.32 -24.54 -46.00
CA GLU D 4640 -26.36 -23.53 -46.21
C GLU D 4640 -27.65 -23.87 -45.47
N PRO D 4641 -28.22 -25.09 -45.59
CA PRO D 4641 -29.36 -25.42 -44.72
C PRO D 4641 -29.00 -25.38 -43.25
N ALA D 4642 -27.77 -25.74 -42.90
CA ALA D 4642 -27.35 -25.63 -41.50
C ALA D 4642 -27.43 -24.18 -41.03
N LEU D 4643 -26.96 -23.25 -41.85
CA LEU D 4643 -27.03 -21.83 -41.49
C LEU D 4643 -28.47 -21.36 -41.39
N TRP D 4644 -29.33 -21.78 -42.31
CA TRP D 4644 -30.73 -21.34 -42.25
C TRP D 4644 -31.40 -21.82 -40.97
N CYS D 4645 -31.22 -23.11 -40.65
CA CYS D 4645 -31.79 -23.66 -39.44
C CYS D 4645 -31.21 -22.98 -38.20
N LEU D 4646 -29.90 -22.73 -38.20
CA LEU D 4646 -29.27 -22.09 -37.05
C LEU D 4646 -29.78 -20.66 -36.87
N SER D 4647 -29.99 -19.91 -37.95
CA SER D 4647 -30.51 -18.57 -37.83
C SER D 4647 -31.94 -18.58 -37.28
N LEU D 4648 -32.79 -19.47 -37.79
CA LEU D 4648 -34.14 -19.56 -37.25
C LEU D 4648 -34.12 -19.93 -35.78
N LEU D 4649 -33.29 -20.90 -35.41
CA LEU D 4649 -33.25 -21.35 -34.02
C LEU D 4649 -32.67 -20.27 -33.12
N HIS D 4650 -31.72 -19.47 -33.63
CA HIS D 4650 -31.17 -18.39 -32.84
C HIS D 4650 -32.20 -17.29 -32.59
N THR D 4651 -32.98 -16.93 -33.62
CA THR D 4651 -34.03 -15.95 -33.41
C THR D 4651 -35.04 -16.47 -32.40
N LEU D 4652 -35.39 -17.76 -32.48
CA LEU D 4652 -36.28 -18.35 -31.50
C LEU D 4652 -35.68 -18.26 -30.10
N VAL D 4653 -34.40 -18.58 -29.97
CA VAL D 4653 -33.75 -18.55 -28.65
C VAL D 4653 -33.75 -17.14 -28.10
N ALA D 4654 -33.53 -16.13 -28.96
CA ALA D 4654 -33.58 -14.75 -28.50
C ALA D 4654 -34.97 -14.38 -28.00
N PHE D 4655 -36.00 -14.81 -28.72
CA PHE D 4655 -37.37 -14.52 -28.29
C PHE D 4655 -37.66 -15.15 -26.92
N LEU D 4656 -37.28 -16.42 -26.75
CA LEU D 4656 -37.49 -17.06 -25.45
C LEU D 4656 -36.63 -16.40 -24.37
N CYS D 4657 -35.45 -15.91 -24.71
CA CYS D 4657 -34.62 -15.22 -23.72
C CYS D 4657 -35.31 -13.95 -23.24
N ILE D 4658 -35.88 -13.17 -24.16
CA ILE D 4658 -36.57 -11.95 -23.76
C ILE D 4658 -37.79 -12.27 -22.92
N ILE D 4659 -38.56 -13.30 -23.32
CA ILE D 4659 -39.75 -13.66 -22.54
C ILE D 4659 -39.35 -14.12 -21.15
N GLY D 4660 -38.28 -14.93 -21.04
CA GLY D 4660 -37.83 -15.38 -19.74
C GLY D 4660 -37.35 -14.23 -18.87
N TYR D 4661 -36.64 -13.28 -19.46
CA TYR D 4661 -36.22 -12.11 -18.69
C TYR D 4661 -37.42 -11.34 -18.17
N ASN D 4662 -38.42 -11.13 -19.03
CA ASN D 4662 -39.61 -10.41 -18.62
C ASN D 4662 -40.33 -11.13 -17.48
N CYS D 4663 -40.35 -12.47 -17.54
CA CYS D 4663 -41.04 -13.24 -16.51
C CYS D 4663 -40.22 -13.45 -15.25
N LEU D 4664 -38.91 -13.18 -15.27
CA LEU D 4664 -38.04 -13.46 -14.13
C LEU D 4664 -37.50 -12.20 -13.47
N LYS D 4665 -36.80 -11.34 -14.22
CA LYS D 4665 -36.09 -10.23 -13.60
C LYS D 4665 -36.87 -8.93 -13.58
N VAL D 4666 -37.87 -8.78 -14.45
CA VAL D 4666 -38.74 -7.61 -14.38
C VAL D 4666 -39.39 -7.45 -13.02
N PRO D 4667 -39.90 -8.50 -12.37
CA PRO D 4667 -40.47 -8.31 -11.02
C PRO D 4667 -39.51 -7.67 -10.04
N LEU D 4668 -38.22 -7.97 -10.11
CA LEU D 4668 -37.27 -7.29 -9.23
C LEU D 4668 -37.26 -5.79 -9.47
N VAL D 4669 -37.20 -5.37 -10.73
CA VAL D 4669 -37.16 -3.94 -11.04
C VAL D 4669 -38.45 -3.26 -10.60
N ILE D 4670 -39.59 -3.91 -10.87
CA ILE D 4670 -40.87 -3.33 -10.46
C ILE D 4670 -40.94 -3.20 -8.95
N PHE D 4671 -40.53 -4.25 -8.23
CA PHE D 4671 -40.55 -4.21 -6.77
C PHE D 4671 -39.65 -3.12 -6.23
N LYS D 4672 -38.44 -3.00 -6.78
CA LYS D 4672 -37.52 -1.97 -6.30
C LYS D 4672 -38.08 -0.57 -6.54
N ARG D 4673 -38.62 -0.33 -7.73
CA ARG D 4673 -39.16 1.00 -8.03
C ARG D 4673 -40.37 1.31 -7.16
N GLU D 4674 -41.27 0.35 -6.97
CA GLU D 4674 -42.43 0.59 -6.12
C GLU D 4674 -42.02 0.81 -4.68
N LYS D 4675 -41.04 0.05 -4.19
CA LYS D 4675 -40.58 0.22 -2.82
C LYS D 4675 -39.98 1.61 -2.62
N GLU D 4676 -39.14 2.04 -3.57
CA GLU D 4676 -38.54 3.38 -3.46
C GLU D 4676 -39.60 4.47 -3.52
N LEU D 4677 -40.60 4.31 -4.40
CA LEU D 4677 -41.68 5.29 -4.46
C LEU D 4677 -42.46 5.33 -3.16
N ALA D 4678 -42.72 4.18 -2.56
CA ALA D 4678 -43.44 4.15 -1.28
C ALA D 4678 -42.63 4.83 -0.19
N ARG D 4679 -41.32 4.57 -0.12
CA ARG D 4679 -40.49 5.22 0.88
C ARG D 4679 -40.50 6.74 0.70
N LYS D 4680 -40.33 7.20 -0.54
CA LYS D 4680 -40.29 8.63 -0.79
C LYS D 4680 -41.66 9.29 -0.59
N LEU D 4681 -42.75 8.54 -0.76
CA LEU D 4681 -44.07 9.09 -0.49
C LEU D 4681 -44.33 9.19 1.01
N GLU D 4682 -43.95 8.17 1.77
CA GLU D 4682 -44.29 8.12 3.19
C GLU D 4682 -43.31 8.92 4.04
N PHE D 4683 -42.03 8.55 3.99
CA PHE D 4683 -41.03 9.14 4.88
C PHE D 4683 -40.42 10.42 4.33
N ASP D 4684 -40.76 10.81 3.11
CA ASP D 4684 -40.22 12.04 2.53
C ASP D 4684 -41.27 12.99 1.98
N GLY D 4685 -42.45 12.51 1.59
CA GLY D 4685 -43.47 13.36 1.02
C GLY D 4685 -43.02 14.01 -0.28
N LEU D 4686 -42.43 13.20 -1.16
CA LEU D 4686 -41.89 13.72 -2.41
C LEU D 4686 -42.99 14.32 -3.28
N TYR D 4687 -44.12 13.62 -3.39
CA TYR D 4687 -45.26 14.10 -4.15
C TYR D 4687 -46.27 14.86 -3.30
N ILE D 4688 -46.01 14.99 -2.00
CA ILE D 4688 -46.92 15.73 -1.13
C ILE D 4688 -46.46 17.16 -0.92
N THR D 4689 -45.18 17.35 -0.62
CA THR D 4689 -44.64 18.68 -0.35
C THR D 4689 -43.51 19.06 -1.31
N GLU D 4690 -42.63 18.12 -1.64
CA GLU D 4690 -41.42 18.49 -2.38
C GLU D 4690 -41.71 18.88 -3.82
N GLN D 4691 -42.54 18.09 -4.53
CA GLN D 4691 -42.94 18.41 -5.90
C GLN D 4691 -41.73 18.64 -6.81
N PRO D 4692 -41.06 17.57 -7.26
CA PRO D 4692 -39.79 17.73 -7.98
C PRO D 4692 -39.91 18.69 -9.15
N GLY D 4693 -38.88 19.51 -9.33
CA GLY D 4693 -38.91 20.58 -10.32
C GLY D 4693 -38.66 20.14 -11.74
N ASP D 4694 -39.36 19.09 -12.18
CA ASP D 4694 -39.38 18.66 -13.58
C ASP D 4694 -38.01 18.20 -14.07
N ASP D 4695 -37.03 18.09 -13.17
CA ASP D 4695 -35.71 17.60 -13.50
C ASP D 4695 -35.53 16.11 -13.22
N ASP D 4696 -36.60 15.44 -12.77
CA ASP D 4696 -36.56 14.01 -12.48
C ASP D 4696 -37.57 13.33 -13.40
N VAL D 4697 -37.10 12.82 -14.53
CA VAL D 4697 -37.99 12.13 -15.46
C VAL D 4697 -38.57 10.87 -14.82
N LYS D 4698 -37.76 10.20 -13.98
CA LYS D 4698 -38.27 9.04 -13.25
C LYS D 4698 -39.41 9.42 -12.32
N GLY D 4699 -39.26 10.53 -11.60
CA GLY D 4699 -40.34 10.99 -10.73
C GLY D 4699 -41.57 11.38 -11.51
N GLN D 4700 -41.38 12.06 -12.65
CA GLN D 4700 -42.52 12.43 -13.48
C GLN D 4700 -43.25 11.20 -13.98
N TRP D 4701 -42.52 10.15 -14.35
CA TRP D 4701 -43.16 8.92 -14.82
C TRP D 4701 -43.88 8.20 -13.69
N ASP D 4702 -43.28 8.14 -12.51
CA ASP D 4702 -43.95 7.51 -11.37
C ASP D 4702 -45.12 8.32 -10.85
N ARG D 4703 -45.22 9.60 -11.23
CA ARG D 4703 -46.39 10.38 -10.85
C ARG D 4703 -47.68 9.77 -11.38
N LEU D 4704 -47.61 9.05 -12.50
CA LEU D 4704 -48.82 8.50 -13.12
C LEU D 4704 -49.46 7.42 -12.25
N VAL D 4705 -48.63 6.56 -11.62
CA VAL D 4705 -49.14 5.36 -10.97
C VAL D 4705 -49.77 5.64 -9.61
N LEU D 4706 -49.83 6.92 -9.19
CA LEU D 4706 -50.33 7.24 -7.86
C LEU D 4706 -51.77 6.80 -7.66
N ASN D 4707 -52.63 7.07 -8.64
CA ASN D 4707 -54.06 6.81 -8.50
C ASN D 4707 -54.45 5.42 -8.95
N THR D 4708 -53.49 4.58 -9.33
CA THR D 4708 -53.80 3.22 -9.73
C THR D 4708 -54.33 2.42 -8.53
N PRO D 4709 -55.30 1.53 -8.75
CA PRO D 4709 -55.81 0.71 -7.64
C PRO D 4709 -54.76 -0.20 -7.05
N SER D 4710 -54.13 -1.01 -7.89
CA SER D 4710 -53.13 -1.99 -7.43
C SER D 4710 -51.72 -1.43 -7.54
N PHE D 4711 -51.49 -0.32 -6.82
CA PHE D 4711 -50.14 0.24 -6.77
C PHE D 4711 -49.12 -0.70 -6.15
N PRO D 4712 -49.36 -1.31 -4.97
CA PRO D 4712 -48.35 -2.25 -4.44
C PRO D 4712 -48.59 -3.68 -4.94
N SER D 4713 -48.26 -3.90 -6.22
CA SER D 4713 -48.47 -5.21 -6.82
C SER D 4713 -47.52 -6.25 -6.24
N ASN D 4714 -46.23 -5.93 -6.16
CA ASN D 4714 -45.24 -6.85 -5.66
C ASN D 4714 -44.72 -6.50 -4.27
N TYR D 4715 -44.60 -5.21 -3.96
CA TYR D 4715 -44.11 -4.79 -2.65
C TYR D 4715 -45.10 -5.21 -1.56
N TRP D 4716 -44.57 -5.76 -0.47
CA TRP D 4716 -45.40 -6.41 0.53
C TRP D 4716 -46.30 -5.43 1.28
N ASP D 4717 -45.83 -4.23 1.57
CA ASP D 4717 -46.59 -3.27 2.39
C ASP D 4717 -47.73 -2.72 1.55
N LYS D 4718 -48.87 -3.40 1.59
CA LYS D 4718 -50.05 -2.96 0.86
C LYS D 4718 -50.70 -1.74 1.50
N PHE D 4719 -50.37 -1.44 2.76
CA PHE D 4719 -50.98 -0.35 3.50
C PHE D 4719 -50.20 0.96 3.35
N VAL D 4720 -49.43 1.12 2.27
CA VAL D 4720 -48.67 2.35 2.09
C VAL D 4720 -49.61 3.54 1.94
N LYS D 4721 -50.71 3.37 1.22
CA LYS D 4721 -51.67 4.45 1.04
C LYS D 4721 -52.26 4.88 2.38
N ARG D 4722 -52.69 3.91 3.19
CA ARG D 4722 -53.26 4.24 4.50
C ARG D 4722 -52.22 4.89 5.41
N LYS D 4723 -50.99 4.39 5.39
CA LYS D 4723 -49.95 4.97 6.24
C LYS D 4723 -49.64 6.41 5.85
N VAL D 4724 -49.49 6.68 4.55
CA VAL D 4724 -49.17 8.05 4.13
C VAL D 4724 -50.37 8.96 4.39
N LEU D 4725 -51.59 8.44 4.24
CA LEU D 4725 -52.77 9.23 4.56
C LEU D 4725 -52.77 9.62 6.04
N ASP D 4726 -52.54 8.65 6.92
CA ASP D 4726 -52.52 8.94 8.35
C ASP D 4726 -51.40 9.89 8.71
N LYS D 4727 -50.27 9.81 8.01
CA LYS D 4727 -49.14 10.67 8.34
C LYS D 4727 -49.33 12.10 7.85
N HIS D 4728 -49.94 12.29 6.68
CA HIS D 4728 -50.01 13.61 6.06
C HIS D 4728 -51.42 14.17 5.98
N GLY D 4729 -52.38 13.60 6.70
CA GLY D 4729 -53.74 14.12 6.64
C GLY D 4729 -53.85 15.56 7.10
N ASP D 4730 -53.40 15.84 8.33
CA ASP D 4730 -53.61 17.17 8.91
C ASP D 4730 -52.92 18.27 8.13
N ILE D 4731 -51.97 17.93 7.27
CA ILE D 4731 -51.28 18.91 6.45
C ILE D 4731 -51.92 19.04 5.07
N PHE D 4732 -52.23 17.90 4.43
CA PHE D 4732 -52.67 17.96 3.04
C PHE D 4732 -54.18 18.08 2.91
N GLY D 4733 -54.93 17.26 3.66
CA GLY D 4733 -56.38 17.20 3.46
C GLY D 4733 -56.73 15.77 3.11
N ARG D 4734 -57.67 15.21 3.87
CA ARG D 4734 -58.04 13.82 3.70
C ARG D 4734 -58.64 13.57 2.31
N GLU D 4735 -59.56 14.44 1.89
CA GLU D 4735 -60.20 14.26 0.60
C GLU D 4735 -59.20 14.43 -0.54
N ARG D 4736 -58.25 15.37 -0.40
CA ARG D 4736 -57.29 15.60 -1.47
C ARG D 4736 -56.27 14.47 -1.53
N ILE D 4737 -55.88 13.92 -0.39
CA ILE D 4737 -55.05 12.71 -0.39
C ILE D 4737 -55.79 11.56 -1.05
N ALA D 4738 -57.08 11.40 -0.73
CA ALA D 4738 -57.86 10.32 -1.31
C ALA D 4738 -57.96 10.45 -2.83
N GLU D 4739 -58.19 11.66 -3.32
CA GLU D 4739 -58.28 11.84 -4.77
C GLU D 4739 -56.91 11.70 -5.43
N LEU D 4740 -55.85 12.07 -4.73
CA LEU D 4740 -54.51 11.88 -5.28
C LEU D 4740 -54.16 10.40 -5.41
N LEU D 4741 -54.46 9.61 -4.38
CA LEU D 4741 -54.08 8.20 -4.36
C LEU D 4741 -55.13 7.27 -4.95
N GLY D 4742 -56.30 7.79 -5.34
CA GLY D 4742 -57.36 6.94 -5.83
C GLY D 4742 -58.11 6.20 -4.74
N MET D 4743 -57.87 6.52 -3.48
CA MET D 4743 -58.54 5.83 -2.38
C MET D 4743 -60.00 6.26 -2.29
N ASP D 4744 -60.85 5.32 -1.89
CA ASP D 4744 -62.26 5.58 -1.64
C ASP D 4744 -62.41 6.06 -0.20
N LEU D 4745 -62.37 7.38 -0.01
CA LEU D 4745 -62.43 7.94 1.33
C LEU D 4745 -63.74 7.62 2.02
N ALA D 4746 -64.86 7.71 1.29
CA ALA D 4746 -66.16 7.47 1.90
C ALA D 4746 -66.34 6.02 2.33
N SER D 4747 -65.57 5.11 1.74
CA SER D 4747 -65.67 3.70 2.06
C SER D 4747 -64.74 3.26 3.19
N LEU D 4748 -63.99 4.19 3.78
CA LEU D 4748 -63.10 3.85 4.89
C LEU D 4748 -63.90 3.64 6.18
N ASP D 4772 -55.84 -2.84 -14.76
CA ASP D 4772 -55.45 -1.44 -14.54
C ASP D 4772 -54.63 -0.93 -15.70
N VAL D 4773 -55.28 -0.17 -16.59
CA VAL D 4773 -54.60 0.30 -17.80
C VAL D 4773 -53.46 1.25 -17.46
N LYS D 4774 -53.69 2.14 -16.48
CA LYS D 4774 -52.66 3.09 -16.10
C LYS D 4774 -51.45 2.37 -15.50
N TYR D 4775 -51.70 1.39 -14.63
CA TYR D 4775 -50.59 0.64 -14.04
C TYR D 4775 -49.84 -0.14 -15.11
N GLN D 4776 -50.56 -0.73 -16.06
CA GLN D 4776 -49.90 -1.46 -17.14
C GLN D 4776 -49.04 -0.54 -17.98
N ILE D 4777 -49.54 0.67 -18.28
CA ILE D 4777 -48.77 1.63 -19.05
C ILE D 4777 -47.50 2.02 -18.30
N TRP D 4778 -47.64 2.27 -16.99
CA TRP D 4778 -46.47 2.64 -16.19
C TRP D 4778 -45.45 1.51 -16.15
N LYS D 4779 -45.91 0.27 -16.00
CA LYS D 4779 -45.02 -0.88 -15.96
C LYS D 4779 -44.30 -1.04 -17.30
N PHE D 4780 -45.04 -0.87 -18.41
CA PHE D 4780 -44.42 -0.95 -19.72
C PHE D 4780 -43.37 0.14 -19.92
N GLY D 4781 -43.66 1.35 -19.45
CA GLY D 4781 -42.66 2.40 -19.52
C GLY D 4781 -41.41 2.07 -18.74
N VAL D 4782 -41.59 1.52 -17.53
CA VAL D 4782 -40.45 1.16 -16.69
C VAL D 4782 -39.60 0.09 -17.36
N ILE D 4783 -40.24 -0.96 -17.87
CA ILE D 4783 -39.48 -2.06 -18.46
C ILE D 4783 -38.82 -1.62 -19.75
N PHE D 4784 -39.48 -0.74 -20.52
CA PHE D 4784 -38.87 -0.23 -21.73
C PHE D 4784 -37.67 0.67 -21.42
N THR D 4785 -37.72 1.40 -20.30
CA THR D 4785 -36.55 2.17 -19.88
C THR D 4785 -35.44 1.27 -19.35
N ASP D 4786 -35.78 0.09 -18.81
CA ASP D 4786 -34.79 -0.79 -18.21
C ASP D 4786 -33.67 -1.14 -19.20
N ASN D 4787 -32.43 -1.03 -18.73
CA ASN D 4787 -31.27 -1.18 -19.61
C ASN D 4787 -31.12 -2.62 -20.11
N SER D 4788 -31.30 -3.60 -19.22
CA SER D 4788 -31.15 -4.98 -19.62
C SER D 4788 -32.21 -5.39 -20.63
N PHE D 4789 -33.45 -4.95 -20.41
CA PHE D 4789 -34.50 -5.22 -21.38
C PHE D 4789 -34.21 -4.54 -22.71
N LEU D 4790 -33.67 -3.32 -22.67
CA LEU D 4790 -33.30 -2.65 -23.91
C LEU D 4790 -32.20 -3.42 -24.65
N TYR D 4791 -31.22 -3.94 -23.91
CA TYR D 4791 -30.15 -4.70 -24.54
C TYR D 4791 -30.68 -5.99 -25.17
N LEU D 4792 -31.59 -6.67 -24.47
CA LEU D 4792 -32.17 -7.88 -25.04
C LEU D 4792 -33.04 -7.56 -26.27
N GLY D 4793 -33.75 -6.44 -26.23
CA GLY D 4793 -34.50 -6.02 -27.41
C GLY D 4793 -33.59 -5.72 -28.59
N TRP D 4794 -32.46 -5.07 -28.33
CA TRP D 4794 -31.49 -4.81 -29.41
C TRP D 4794 -30.91 -6.12 -29.94
N TYR D 4795 -30.66 -7.08 -29.06
CA TYR D 4795 -30.20 -8.39 -29.48
C TYR D 4795 -31.20 -9.02 -30.44
N MET D 4796 -32.49 -8.98 -30.07
CA MET D 4796 -33.52 -9.52 -30.95
C MET D 4796 -33.63 -8.76 -32.26
N VAL D 4797 -33.50 -7.42 -32.22
CA VAL D 4797 -33.60 -6.64 -33.45
C VAL D 4797 -32.47 -7.01 -34.41
N MET D 4798 -31.24 -7.12 -33.91
CA MET D 4798 -30.15 -7.54 -34.77
C MET D 4798 -30.32 -8.99 -35.24
N SER D 4799 -30.89 -9.86 -34.39
CA SER D 4799 -31.16 -11.22 -34.83
C SER D 4799 -32.15 -11.23 -35.98
N LEU D 4800 -33.19 -10.40 -35.91
CA LEU D 4800 -34.15 -10.31 -37.01
C LEU D 4800 -33.49 -9.74 -38.26
N LEU D 4801 -32.70 -8.67 -38.11
CA LEU D 4801 -32.04 -8.06 -39.26
C LEU D 4801 -30.98 -8.98 -39.86
N GLY D 4802 -30.54 -10.00 -39.13
CA GLY D 4802 -29.69 -11.01 -39.74
C GLY D 4802 -30.36 -11.71 -40.90
N HIS D 4803 -31.66 -11.99 -40.76
CA HIS D 4803 -32.41 -12.60 -41.85
C HIS D 4803 -32.38 -11.74 -43.10
N TYR D 4804 -32.33 -10.42 -42.93
CA TYR D 4804 -32.23 -9.53 -44.07
C TYR D 4804 -30.80 -9.51 -44.62
N ASN D 4805 -29.81 -9.26 -43.76
CA ASN D 4805 -28.40 -9.24 -44.14
C ASN D 4805 -27.61 -10.04 -43.11
N ASN D 4806 -27.37 -11.32 -43.43
CA ASN D 4806 -26.64 -12.29 -42.63
C ASN D 4806 -25.47 -11.71 -41.83
N PHE D 4807 -24.71 -10.78 -42.39
CA PHE D 4807 -23.59 -10.21 -41.64
C PHE D 4807 -24.03 -9.47 -40.38
N PHE D 4808 -25.31 -9.14 -40.23
CA PHE D 4808 -25.77 -8.58 -38.96
C PHE D 4808 -25.59 -9.57 -37.82
N PHE D 4809 -25.52 -10.87 -38.12
CA PHE D 4809 -25.23 -11.85 -37.08
C PHE D 4809 -23.80 -11.79 -36.59
N ALA D 4810 -22.92 -11.06 -37.27
CA ALA D 4810 -21.56 -10.89 -36.81
C ALA D 4810 -21.43 -9.81 -35.73
N ALA D 4811 -22.50 -9.06 -35.46
CA ALA D 4811 -22.50 -8.10 -34.38
C ALA D 4811 -22.90 -8.68 -33.04
N HIS D 4812 -23.37 -9.93 -33.02
CA HIS D 4812 -23.68 -10.61 -31.78
C HIS D 4812 -22.46 -11.22 -31.11
N LEU D 4813 -21.33 -11.28 -31.81
CA LEU D 4813 -20.13 -11.87 -31.23
C LEU D 4813 -19.58 -11.03 -30.09
N LEU D 4814 -19.93 -9.74 -30.04
CA LEU D 4814 -19.52 -8.87 -28.95
C LEU D 4814 -20.34 -9.07 -27.68
N ASP D 4815 -21.30 -9.99 -27.69
CA ASP D 4815 -22.01 -10.36 -26.48
C ASP D 4815 -21.11 -11.09 -25.49
N ILE D 4816 -19.93 -11.54 -25.92
CA ILE D 4816 -18.99 -12.16 -24.99
C ILE D 4816 -18.59 -11.20 -23.89
N ALA D 4817 -18.59 -9.90 -24.18
CA ALA D 4817 -18.24 -8.90 -23.18
C ALA D 4817 -19.20 -8.95 -22.00
N MET D 4818 -20.50 -9.06 -22.28
CA MET D 4818 -21.49 -9.18 -21.22
C MET D 4818 -21.63 -10.61 -20.71
N GLY D 4819 -21.12 -11.58 -21.46
CA GLY D 4819 -21.26 -12.97 -21.06
C GLY D 4819 -20.19 -13.49 -20.12
N VAL D 4820 -18.92 -13.32 -20.48
CA VAL D 4820 -17.82 -13.94 -19.75
C VAL D 4820 -17.38 -13.01 -18.63
N LYS D 4821 -17.27 -13.56 -17.42
CA LYS D 4821 -16.94 -12.73 -16.25
C LYS D 4821 -15.55 -12.14 -16.34
N THR D 4822 -14.55 -12.94 -16.75
CA THR D 4822 -13.19 -12.42 -16.85
C THR D 4822 -13.08 -11.37 -17.94
N LEU D 4823 -13.77 -11.57 -19.07
CA LEU D 4823 -13.80 -10.54 -20.10
C LEU D 4823 -14.46 -9.27 -19.59
N ARG D 4824 -15.53 -9.41 -18.81
CA ARG D 4824 -16.19 -8.23 -18.25
C ARG D 4824 -15.26 -7.49 -17.30
N THR D 4825 -14.50 -8.21 -16.49
CA THR D 4825 -13.55 -7.56 -15.59
C THR D 4825 -12.44 -6.85 -16.37
N ILE D 4826 -11.91 -7.50 -17.40
CA ILE D 4826 -10.86 -6.86 -18.20
C ILE D 4826 -11.39 -5.61 -18.88
N LEU D 4827 -12.60 -5.66 -19.42
CA LEU D 4827 -13.17 -4.47 -20.04
C LEU D 4827 -13.52 -3.40 -19.03
N SER D 4828 -13.89 -3.79 -17.81
CA SER D 4828 -14.08 -2.81 -16.75
C SER D 4828 -12.77 -2.11 -16.42
N SER D 4829 -11.65 -2.83 -16.53
CA SER D 4829 -10.35 -2.22 -16.30
C SER D 4829 -10.08 -1.04 -17.23
N VAL D 4830 -10.65 -1.03 -18.42
CA VAL D 4830 -10.43 0.10 -19.33
C VAL D 4830 -11.59 1.09 -19.29
N THR D 4831 -12.81 0.62 -19.02
CA THR D 4831 -13.94 1.54 -18.88
C THR D 4831 -13.92 2.27 -17.54
N HIS D 4832 -13.04 1.90 -16.61
CA HIS D 4832 -12.92 2.62 -15.36
C HIS D 4832 -12.52 4.07 -15.60
N ASN D 4833 -11.65 4.30 -16.58
CA ASN D 4833 -11.14 5.63 -16.91
C ASN D 4833 -11.57 6.06 -18.30
N GLY D 4834 -12.82 5.78 -18.67
CA GLY D 4834 -13.31 6.23 -19.97
C GLY D 4834 -13.33 7.74 -20.09
N LYS D 4835 -13.71 8.43 -19.02
CA LYS D 4835 -13.72 9.89 -19.03
C LYS D 4835 -12.31 10.43 -19.25
N GLN D 4836 -11.33 9.87 -18.53
CA GLN D 4836 -9.95 10.32 -18.69
C GLN D 4836 -9.41 10.01 -20.09
N LEU D 4837 -9.77 8.86 -20.64
CA LEU D 4837 -9.34 8.52 -22.00
C LEU D 4837 -9.94 9.48 -23.02
N VAL D 4838 -11.21 9.84 -22.86
CA VAL D 4838 -11.82 10.83 -23.75
C VAL D 4838 -11.10 12.17 -23.62
N MET D 4839 -10.80 12.57 -22.38
CA MET D 4839 -10.12 13.84 -22.16
C MET D 4839 -8.74 13.86 -22.82
N THR D 4840 -7.98 12.77 -22.70
CA THR D 4840 -6.64 12.76 -23.27
C THR D 4840 -6.69 12.63 -24.80
N VAL D 4841 -7.71 11.96 -25.34
CA VAL D 4841 -7.87 11.94 -26.80
C VAL D 4841 -8.22 13.33 -27.31
N GLY D 4842 -9.06 14.06 -26.58
CA GLY D 4842 -9.32 15.45 -26.95
C GLY D 4842 -8.08 16.31 -26.87
N LEU D 4843 -7.24 16.07 -25.86
CA LEU D 4843 -5.97 16.79 -25.77
C LEU D 4843 -5.06 16.46 -26.94
N LEU D 4844 -5.03 15.19 -27.35
CA LEU D 4844 -4.25 14.82 -28.53
C LEU D 4844 -4.77 15.51 -29.78
N ALA D 4845 -6.10 15.58 -29.94
CA ALA D 4845 -6.68 16.29 -31.07
C ALA D 4845 -6.31 17.76 -31.04
N VAL D 4846 -6.33 18.37 -29.85
CA VAL D 4846 -5.99 19.79 -29.72
C VAL D 4846 -4.54 20.04 -30.11
N VAL D 4847 -3.63 19.22 -29.60
CA VAL D 4847 -2.21 19.45 -29.88
C VAL D 4847 -1.89 19.17 -31.34
N VAL D 4848 -2.54 18.15 -31.92
CA VAL D 4848 -2.32 17.89 -33.34
C VAL D 4848 -2.89 19.02 -34.19
N TYR D 4849 -4.00 19.63 -33.76
CA TYR D 4849 -4.50 20.80 -34.47
C TYR D 4849 -3.53 21.96 -34.36
N LEU D 4850 -2.92 22.16 -33.19
CA LEU D 4850 -1.94 23.23 -33.04
C LEU D 4850 -0.74 23.00 -33.95
N TYR D 4851 -0.24 21.77 -34.01
CA TYR D 4851 0.84 21.45 -34.92
C TYR D 4851 0.41 21.62 -36.37
N THR D 4852 -0.85 21.33 -36.68
CA THR D 4852 -1.36 21.53 -38.04
C THR D 4852 -1.35 23.00 -38.42
N VAL D 4853 -1.75 23.86 -37.49
CA VAL D 4853 -1.69 25.31 -37.74
C VAL D 4853 -0.24 25.74 -37.94
N VAL D 4854 0.66 25.25 -37.09
CA VAL D 4854 2.08 25.59 -37.21
C VAL D 4854 2.61 25.17 -38.58
N ALA D 4855 2.23 23.98 -39.04
CA ALA D 4855 2.68 23.51 -40.34
C ALA D 4855 2.04 24.29 -41.48
N PHE D 4856 0.74 24.56 -41.39
CA PHE D 4856 0.04 25.26 -42.46
C PHE D 4856 0.62 26.66 -42.67
N ASN D 4857 1.07 27.31 -41.60
CA ASN D 4857 1.58 28.66 -41.77
C ASN D 4857 3.01 28.72 -42.33
N PHE D 4858 3.79 27.63 -42.24
CA PHE D 4858 5.21 27.75 -42.60
C PHE D 4858 5.75 26.66 -43.52
N PHE D 4859 5.22 25.45 -43.50
CA PHE D 4859 5.87 24.28 -44.07
C PHE D 4859 5.00 23.64 -45.15
N ARG D 4860 4.43 24.45 -46.03
CA ARG D 4860 3.54 23.93 -47.06
C ARG D 4860 4.28 23.10 -48.09
N LYS D 4861 5.57 23.34 -48.28
CA LYS D 4861 6.32 22.67 -49.34
C LYS D 4861 6.41 21.17 -49.09
N PHE D 4862 6.66 20.77 -47.84
CA PHE D 4862 7.11 19.40 -47.56
C PHE D 4862 5.99 18.37 -47.66
N TYR D 4863 4.76 18.73 -47.31
CA TYR D 4863 3.67 17.76 -47.31
C TYR D 4863 3.21 17.43 -48.73
N ASN D 4864 4.07 16.78 -49.51
CA ASN D 4864 3.73 16.36 -50.87
C ASN D 4864 3.91 14.85 -50.97
N LYS D 4865 2.88 14.16 -51.44
CA LYS D 4865 2.88 12.71 -51.54
C LYS D 4865 2.84 12.20 -52.97
N SER D 4866 3.00 13.08 -53.96
CA SER D 4866 2.92 12.70 -55.36
C SER D 4866 4.32 12.75 -55.97
N GLU D 4867 4.79 11.62 -56.47
CA GLU D 4867 6.08 11.58 -57.16
C GLU D 4867 5.98 12.24 -58.53
N ASP D 4868 4.80 12.17 -59.15
CA ASP D 4868 4.61 12.75 -60.48
C ASP D 4868 4.76 14.26 -60.44
N GLU D 4869 5.58 14.79 -61.35
CA GLU D 4869 5.82 16.22 -61.39
C GLU D 4869 4.68 16.98 -62.05
N ASP D 4870 3.96 16.34 -62.98
CA ASP D 4870 2.90 17.01 -63.71
C ASP D 4870 1.77 17.46 -62.77
N GLU D 4871 1.38 16.57 -61.85
CA GLU D 4871 0.29 16.85 -60.91
C GLU D 4871 0.80 16.58 -59.49
N PRO D 4872 1.48 17.55 -58.89
CA PRO D 4872 1.89 17.39 -57.49
C PRO D 4872 0.68 17.41 -56.57
N ASP D 4873 0.78 16.67 -55.47
CA ASP D 4873 -0.27 16.58 -54.47
C ASP D 4873 0.24 17.12 -53.15
N MET D 4874 -0.08 18.38 -52.86
CA MET D 4874 0.28 19.00 -51.59
C MET D 4874 -0.84 18.75 -50.59
N LYS D 4875 -0.50 18.18 -49.44
CA LYS D 4875 -1.48 17.77 -48.44
C LYS D 4875 -1.56 18.73 -47.26
N CYS D 4876 -1.15 19.99 -47.45
CA CYS D 4876 -1.30 20.97 -46.38
C CYS D 4876 -1.77 22.33 -46.88
N ASP D 4877 -2.13 22.46 -48.16
CA ASP D 4877 -2.65 23.74 -48.64
C ASP D 4877 -3.97 24.10 -47.96
N ASP D 4878 -4.84 23.11 -47.76
CA ASP D 4878 -6.10 23.33 -47.05
C ASP D 4878 -5.92 22.97 -45.59
N MET D 4879 -6.50 23.78 -44.70
CA MET D 4879 -6.38 23.52 -43.28
C MET D 4879 -7.06 22.21 -42.90
N MET D 4880 -8.27 21.97 -43.42
CA MET D 4880 -8.95 20.71 -43.13
C MET D 4880 -8.15 19.53 -43.65
N THR D 4881 -7.60 19.66 -44.86
CA THR D 4881 -6.82 18.55 -45.43
C THR D 4881 -5.56 18.29 -44.63
N CYS D 4882 -4.85 19.33 -44.20
CA CYS D 4882 -3.64 19.13 -43.41
C CYS D 4882 -3.95 18.53 -42.05
N TYR D 4883 -5.04 18.98 -41.41
CA TYR D 4883 -5.45 18.39 -40.14
C TYR D 4883 -5.80 16.92 -40.31
N LEU D 4884 -6.54 16.60 -41.39
CA LEU D 4884 -6.88 15.20 -41.64
C LEU D 4884 -5.63 14.37 -41.90
N PHE D 4885 -4.67 14.92 -42.65
CA PHE D 4885 -3.43 14.21 -42.91
C PHE D 4885 -2.67 13.95 -41.61
N HIS D 4886 -2.58 14.95 -40.74
CA HIS D 4886 -1.89 14.75 -39.47
C HIS D 4886 -2.59 13.68 -38.64
N MET D 4887 -3.91 13.86 -38.41
CA MET D 4887 -4.65 12.89 -37.60
C MET D 4887 -4.59 11.49 -38.20
N TYR D 4888 -4.43 11.38 -39.51
CA TYR D 4888 -4.46 10.06 -40.13
C TYR D 4888 -3.11 9.36 -40.07
N VAL D 4889 -2.03 10.05 -40.45
CA VAL D 4889 -0.75 9.41 -40.66
C VAL D 4889 0.29 9.83 -39.64
N GLY D 4890 0.26 11.07 -39.14
CA GLY D 4890 1.29 11.51 -38.22
C GLY D 4890 1.25 10.76 -36.91
N VAL D 4891 0.05 10.55 -36.36
CA VAL D 4891 -0.09 9.81 -35.12
C VAL D 4891 0.22 8.34 -35.35
N ARG D 4892 -0.28 7.76 -36.44
CA ARG D 4892 -0.07 6.35 -36.73
C ARG D 4892 1.34 6.04 -37.21
N ALA D 4893 2.17 7.04 -37.45
CA ALA D 4893 3.56 6.78 -37.76
C ALA D 4893 4.34 6.54 -36.48
N GLY D 4894 5.38 5.71 -36.57
CA GLY D 4894 6.21 5.42 -35.43
C GLY D 4894 7.33 6.40 -35.18
N GLY D 4895 7.54 7.34 -36.10
CA GLY D 4895 8.62 8.29 -35.98
C GLY D 4895 8.20 9.72 -36.23
N GLY D 4896 6.99 10.08 -35.83
CA GLY D 4896 6.51 11.43 -36.05
C GLY D 4896 6.08 11.66 -37.48
N ILE D 4897 6.02 12.94 -37.84
CA ILE D 4897 5.60 13.32 -39.19
C ILE D 4897 6.79 13.60 -40.10
N GLY D 4898 7.94 13.95 -39.52
CA GLY D 4898 9.12 14.22 -40.34
C GLY D 4898 9.59 13.01 -41.12
N ASP D 4899 9.48 11.82 -40.53
CA ASP D 4899 9.82 10.60 -41.24
C ASP D 4899 8.79 10.28 -42.31
N GLU D 4900 7.58 10.83 -42.18
CA GLU D 4900 6.52 10.53 -43.12
C GLU D 4900 6.49 11.47 -44.30
N ILE D 4901 6.98 12.70 -44.15
CA ILE D 4901 6.89 13.68 -45.22
C ILE D 4901 8.30 14.06 -45.71
N GLU D 4902 8.36 15.02 -46.63
CA GLU D 4902 9.59 15.33 -47.36
C GLU D 4902 10.75 15.60 -46.42
N ASP D 4903 11.93 15.16 -46.84
CA ASP D 4903 13.14 15.31 -46.04
C ASP D 4903 13.48 16.79 -45.86
N PRO D 4904 13.90 17.20 -44.67
CA PRO D 4904 14.22 18.62 -44.43
C PRO D 4904 15.62 19.05 -44.79
N ALA D 4905 16.50 18.13 -45.18
CA ALA D 4905 17.89 18.50 -45.45
C ALA D 4905 17.98 19.39 -46.69
N GLY D 4906 19.04 20.19 -46.73
CA GLY D 4906 19.27 21.11 -47.83
C GLY D 4906 18.24 22.23 -47.92
N ASP D 4907 17.93 22.84 -46.77
CA ASP D 4907 16.96 23.92 -46.73
C ASP D 4907 17.38 24.93 -45.67
N GLU D 4908 16.86 26.15 -45.80
CA GLU D 4908 17.16 27.19 -44.82
C GLU D 4908 16.43 26.98 -43.51
N TYR D 4909 15.29 26.30 -43.54
CA TYR D 4909 14.50 26.03 -42.35
C TYR D 4909 14.86 24.71 -41.68
N GLU D 4910 16.12 24.27 -41.83
CA GLU D 4910 16.53 22.99 -41.27
C GLU D 4910 16.30 22.92 -39.77
N LEU D 4911 16.79 23.91 -39.04
CA LEU D 4911 16.67 23.88 -37.58
C LEU D 4911 15.21 23.95 -37.15
N TYR D 4912 14.44 24.85 -37.78
CA TYR D 4912 13.03 24.97 -37.40
C TYR D 4912 12.29 23.67 -37.63
N ARG D 4913 12.53 23.03 -38.78
CA ARG D 4913 11.77 21.82 -39.11
C ARG D 4913 12.21 20.62 -38.28
N VAL D 4914 13.51 20.53 -37.96
CA VAL D 4914 13.95 19.42 -37.11
C VAL D 4914 13.41 19.60 -35.70
N VAL D 4915 13.36 20.84 -35.21
CA VAL D 4915 12.73 21.09 -33.91
C VAL D 4915 11.25 20.71 -33.97
N PHE D 4916 10.57 21.08 -35.05
CA PHE D 4916 9.17 20.71 -35.24
C PHE D 4916 8.98 19.21 -35.17
N ASP D 4917 9.79 18.45 -35.94
CA ASP D 4917 9.64 17.01 -36.00
C ASP D 4917 9.92 16.37 -34.65
N ILE D 4918 11.00 16.80 -33.98
CA ILE D 4918 11.36 16.19 -32.70
C ILE D 4918 10.32 16.49 -31.64
N THR D 4919 9.81 17.73 -31.59
CA THR D 4919 8.76 18.05 -30.63
C THR D 4919 7.50 17.24 -30.94
N PHE D 4920 7.18 17.06 -32.22
CA PHE D 4920 6.06 16.19 -32.58
C PHE D 4920 6.26 14.78 -32.04
N PHE D 4921 7.46 14.23 -32.25
CA PHE D 4921 7.74 12.86 -31.84
C PHE D 4921 7.60 12.70 -30.33
N PHE D 4922 8.17 13.63 -29.56
CA PHE D 4922 8.07 13.52 -28.10
C PHE D 4922 6.66 13.78 -27.62
N PHE D 4923 6.11 14.95 -27.90
CA PHE D 4923 4.88 15.37 -27.25
C PHE D 4923 3.65 14.64 -27.79
N VAL D 4924 3.70 14.15 -29.03
CA VAL D 4924 2.51 13.63 -29.69
C VAL D 4924 2.48 12.11 -29.77
N ILE D 4925 3.63 11.45 -29.90
CA ILE D 4925 3.64 10.00 -30.06
C ILE D 4925 4.03 9.33 -28.76
N VAL D 4926 5.18 9.72 -28.19
CA VAL D 4926 5.66 9.05 -26.99
C VAL D 4926 4.75 9.33 -25.81
N ILE D 4927 4.61 10.60 -25.43
CA ILE D 4927 3.89 10.95 -24.21
C ILE D 4927 2.40 10.68 -24.35
N LEU D 4928 1.81 11.08 -25.47
CA LEU D 4928 0.37 11.03 -25.63
C LEU D 4928 -0.15 9.70 -26.14
N LEU D 4929 0.73 8.70 -26.31
CA LEU D 4929 0.31 7.31 -26.41
C LEU D 4929 0.85 6.46 -25.26
N ALA D 4930 1.70 7.03 -24.41
CA ALA D 4930 2.05 6.41 -23.16
C ALA D 4930 1.09 6.78 -22.03
N ILE D 4931 0.37 7.89 -22.17
CA ILE D 4931 -0.63 8.27 -21.17
C ILE D 4931 -1.75 7.23 -21.13
N ILE D 4932 -2.17 6.72 -22.29
CA ILE D 4932 -3.22 5.70 -22.31
C ILE D 4932 -2.73 4.42 -21.63
N GLN D 4933 -1.50 4.00 -21.92
CA GLN D 4933 -0.96 2.81 -21.26
C GLN D 4933 -0.84 3.01 -19.77
N GLY D 4934 -0.39 4.18 -19.34
CA GLY D 4934 -0.33 4.48 -17.92
C GLY D 4934 -1.70 4.47 -17.26
N LEU D 4935 -2.71 5.00 -17.96
CA LEU D 4935 -4.06 5.00 -17.43
C LEU D 4935 -4.58 3.58 -17.26
N ILE D 4936 -4.34 2.71 -18.25
CA ILE D 4936 -4.80 1.34 -18.14
C ILE D 4936 -4.07 0.60 -17.01
N ILE D 4937 -2.75 0.78 -16.90
CA ILE D 4937 -2.00 0.12 -15.83
C ILE D 4937 -2.47 0.62 -14.48
N ASP D 4938 -2.67 1.93 -14.34
CA ASP D 4938 -3.16 2.49 -13.09
C ASP D 4938 -4.55 2.00 -12.76
N ALA D 4939 -5.41 1.82 -13.77
CA ALA D 4939 -6.74 1.28 -13.50
C ALA D 4939 -6.66 -0.15 -12.99
N PHE D 4940 -5.81 -0.97 -13.61
CA PHE D 4940 -5.60 -2.33 -13.09
C PHE D 4940 -5.13 -2.28 -11.64
N GLY D 4941 -4.18 -1.40 -11.34
CA GLY D 4941 -3.69 -1.29 -9.98
C GLY D 4941 -4.77 -0.87 -9.01
N GLU D 4942 -5.54 0.17 -9.35
CA GLU D 4942 -6.57 0.67 -8.45
C GLU D 4942 -7.64 -0.38 -8.20
N LEU D 4943 -8.01 -1.15 -9.23
CA LEU D 4943 -8.96 -2.23 -9.03
C LEU D 4943 -8.39 -3.30 -8.10
N ARG D 4944 -7.11 -3.64 -8.27
CA ARG D 4944 -6.50 -4.63 -7.39
C ARG D 4944 -6.48 -4.15 -5.94
N ASP D 4945 -6.14 -2.88 -5.72
CA ASP D 4945 -6.18 -2.37 -4.35
C ASP D 4945 -7.60 -2.30 -3.81
N GLN D 4946 -8.59 -2.04 -4.66
CA GLN D 4946 -9.97 -2.08 -4.19
C GLN D 4946 -10.34 -3.47 -3.68
N GLN D 4947 -9.99 -4.50 -4.45
CA GLN D 4947 -10.28 -5.87 -4.02
C GLN D 4947 -9.52 -6.22 -2.75
N GLU D 4948 -8.24 -5.85 -2.69
CA GLU D 4948 -7.44 -6.13 -1.50
C GLU D 4948 -8.03 -5.43 -0.28
N GLN D 4949 -8.44 -4.18 -0.44
CA GLN D 4949 -8.98 -3.41 0.69
C GLN D 4949 -10.29 -4.00 1.18
N VAL D 4950 -11.18 -4.39 0.28
CA VAL D 4950 -12.45 -4.97 0.72
C VAL D 4950 -12.20 -6.30 1.43
N LYS D 4951 -11.30 -7.12 0.88
CA LYS D 4951 -11.01 -8.39 1.54
C LYS D 4951 -10.40 -8.18 2.92
N GLU D 4952 -9.46 -7.26 3.04
CA GLU D 4952 -8.81 -7.02 4.33
C GLU D 4952 -9.79 -6.44 5.34
N ASP D 4953 -10.66 -5.52 4.90
CA ASP D 4953 -11.66 -4.96 5.81
C ASP D 4953 -12.61 -6.04 6.31
N MET D 4954 -13.07 -6.92 5.42
CA MET D 4954 -13.93 -8.01 5.85
C MET D 4954 -13.22 -8.94 6.80
N GLU D 4955 -11.92 -9.20 6.57
CA GLU D 4955 -11.17 -10.07 7.45
C GLU D 4955 -10.96 -9.45 8.82
N THR D 4956 -10.74 -8.13 8.87
CA THR D 4956 -10.29 -7.50 10.11
C THR D 4956 -11.42 -6.90 10.94
N LYS D 4957 -12.62 -6.69 10.38
CA LYS D 4957 -13.69 -6.08 11.12
C LYS D 4957 -14.98 -6.89 10.96
N CYS D 4958 -15.84 -6.79 11.98
CA CYS D 4958 -17.16 -7.39 11.92
C CYS D 4958 -18.10 -6.46 11.16
N PHE D 4959 -18.81 -7.01 10.18
CA PHE D 4959 -19.61 -6.17 9.29
C PHE D 4959 -20.75 -5.48 10.04
N ILE D 4960 -21.45 -6.21 10.90
CA ILE D 4960 -22.64 -5.66 11.54
C ILE D 4960 -22.26 -4.63 12.60
N CYS D 4961 -21.34 -4.99 13.49
CA CYS D 4961 -21.07 -4.16 14.65
C CYS D 4961 -19.90 -3.20 14.45
N GLY D 4962 -18.88 -3.60 13.69
CA GLY D 4962 -17.73 -2.76 13.44
C GLY D 4962 -16.60 -2.92 14.43
N ILE D 4963 -16.75 -3.74 15.47
CA ILE D 4963 -15.68 -3.99 16.41
C ILE D 4963 -14.54 -4.72 15.72
N GLY D 4964 -13.31 -4.30 15.98
CA GLY D 4964 -12.17 -4.92 15.35
C GLY D 4964 -11.97 -6.36 15.79
N SER D 4965 -11.27 -7.11 14.94
CA SER D 4965 -11.02 -8.52 15.22
C SER D 4965 -10.04 -8.72 16.37
N ASP D 4966 -9.26 -7.69 16.70
CA ASP D 4966 -8.25 -7.85 17.75
C ASP D 4966 -8.89 -8.20 19.09
N TYR D 4967 -10.05 -7.62 19.39
CA TYR D 4967 -10.77 -7.99 20.61
C TYR D 4967 -11.18 -9.46 20.56
N PHE D 4968 -11.74 -9.91 19.44
CA PHE D 4968 -12.29 -11.26 19.38
C PHE D 4968 -11.19 -12.31 19.39
N ASP D 4969 -10.00 -12.00 18.88
CA ASP D 4969 -8.93 -12.99 18.90
C ASP D 4969 -8.34 -13.21 20.29
N THR D 4970 -8.93 -12.63 21.34
CA THR D 4970 -8.48 -12.93 22.70
C THR D 4970 -8.65 -14.41 23.01
N THR D 4971 -9.79 -14.97 22.65
CA THR D 4971 -10.04 -16.39 22.73
C THR D 4971 -9.78 -17.05 21.37
N PRO D 4972 -9.33 -18.30 21.34
CA PRO D 4972 -9.06 -18.96 20.06
C PRO D 4972 -10.32 -19.05 19.22
N HIS D 4973 -10.15 -18.81 17.91
CA HIS D 4973 -11.25 -18.82 16.94
C HIS D 4973 -12.35 -17.84 17.32
N GLY D 4974 -12.00 -16.79 18.08
CA GLY D 4974 -13.01 -15.88 18.59
C GLY D 4974 -13.71 -15.12 17.49
N PHE D 4975 -12.94 -14.57 16.54
CA PHE D 4975 -13.55 -13.81 15.47
C PHE D 4975 -14.40 -14.69 14.57
N GLU D 4976 -13.93 -15.90 14.27
CA GLU D 4976 -14.71 -16.82 13.46
C GLU D 4976 -16.02 -17.19 14.15
N THR D 4977 -15.97 -17.47 15.45
CA THR D 4977 -17.19 -17.78 16.18
C THR D 4977 -18.14 -16.59 16.20
N HIS D 4978 -17.60 -15.39 16.40
CA HIS D 4978 -18.46 -14.20 16.44
C HIS D 4978 -19.13 -13.96 15.10
N THR D 4979 -18.39 -14.13 14.00
CA THR D 4979 -18.95 -13.85 12.68
C THR D 4979 -19.78 -15.00 12.12
N LEU D 4980 -19.70 -16.19 12.71
CA LEU D 4980 -20.52 -17.30 12.26
C LEU D 4980 -21.67 -17.66 13.20
N GLU D 4981 -21.70 -17.09 14.40
CA GLU D 4981 -22.77 -17.39 15.35
C GLU D 4981 -23.46 -16.17 15.91
N GLU D 4982 -22.74 -15.08 16.14
CA GLU D 4982 -23.31 -13.93 16.83
C GLU D 4982 -23.81 -12.85 15.89
N HIS D 4983 -22.97 -12.39 14.97
CA HIS D 4983 -23.33 -11.25 14.13
C HIS D 4983 -23.33 -11.61 12.65
N ASN D 4984 -23.95 -12.74 12.29
CA ASN D 4984 -23.96 -13.18 10.91
C ASN D 4984 -25.01 -12.40 10.13
N LEU D 4985 -24.58 -11.73 9.06
CA LEU D 4985 -25.50 -10.99 8.21
C LEU D 4985 -26.53 -11.90 7.57
N ALA D 4986 -26.13 -13.13 7.25
CA ALA D 4986 -27.10 -14.11 6.76
C ALA D 4986 -28.18 -14.38 7.80
N ASN D 4987 -27.78 -14.50 9.06
CA ASN D 4987 -28.77 -14.71 10.12
C ASN D 4987 -29.68 -13.50 10.26
N TYR D 4988 -29.13 -12.29 10.11
CA TYR D 4988 -29.95 -11.09 10.19
C TYR D 4988 -30.98 -11.06 9.06
N MET D 4989 -30.55 -11.40 7.85
CA MET D 4989 -31.49 -11.44 6.73
C MET D 4989 -32.56 -12.50 6.94
N PHE D 4990 -32.17 -13.66 7.46
CA PHE D 4990 -33.14 -14.72 7.73
C PHE D 4990 -34.15 -14.28 8.78
N PHE D 4991 -33.69 -13.56 9.80
CA PHE D 4991 -34.61 -13.04 10.80
C PHE D 4991 -35.57 -12.02 10.20
N LEU D 4992 -35.07 -11.16 9.32
CA LEU D 4992 -35.95 -10.17 8.68
C LEU D 4992 -37.02 -10.85 7.84
N MET D 4993 -36.63 -11.83 7.03
CA MET D 4993 -37.62 -12.53 6.22
C MET D 4993 -38.57 -13.34 7.09
N TYR D 4994 -38.08 -13.83 8.23
CA TYR D 4994 -38.94 -14.54 9.17
C TYR D 4994 -40.00 -13.62 9.73
N LEU D 4995 -39.62 -12.38 10.09
CA LEU D 4995 -40.60 -11.41 10.55
C LEU D 4995 -41.61 -11.09 9.46
N ILE D 4996 -41.14 -10.92 8.23
CA ILE D 4996 -42.06 -10.60 7.13
C ILE D 4996 -43.04 -11.74 6.92
N ASN D 4997 -42.56 -12.99 6.95
CA ASN D 4997 -43.42 -14.13 6.67
C ASN D 4997 -44.41 -14.37 7.82
N LYS D 4998 -43.95 -14.29 9.05
CA LYS D 4998 -44.80 -14.62 10.19
C LYS D 4998 -45.95 -13.63 10.31
N ASP D 4999 -47.15 -14.17 10.53
CA ASP D 4999 -48.34 -13.34 10.66
C ASP D 4999 -48.22 -12.43 11.88
N GLU D 5000 -48.76 -11.22 11.76
CA GLU D 5000 -48.76 -10.29 12.88
C GLU D 5000 -49.66 -10.81 13.99
N THR D 5001 -49.54 -10.17 15.16
CA THR D 5001 -50.23 -10.56 16.39
C THR D 5001 -49.74 -11.92 16.90
N GLU D 5002 -48.81 -12.53 16.16
CA GLU D 5002 -48.12 -13.73 16.61
C GLU D 5002 -46.68 -13.45 17.00
N HIS D 5003 -46.22 -12.21 16.84
CA HIS D 5003 -44.86 -11.85 17.20
C HIS D 5003 -44.67 -11.90 18.71
N THR D 5004 -43.46 -12.24 19.13
CA THR D 5004 -43.08 -12.06 20.53
C THR D 5004 -42.84 -10.58 20.79
N GLY D 5005 -42.45 -10.27 22.03
CA GLY D 5005 -42.19 -8.87 22.36
C GLY D 5005 -41.02 -8.30 21.58
N GLN D 5006 -39.92 -9.05 21.53
CA GLN D 5006 -38.76 -8.59 20.78
C GLN D 5006 -39.05 -8.53 19.28
N GLU D 5007 -39.80 -9.51 18.77
CA GLU D 5007 -40.17 -9.49 17.36
C GLU D 5007 -41.05 -8.29 17.03
N SER D 5008 -41.99 -7.96 17.91
CA SER D 5008 -42.82 -6.77 17.70
C SER D 5008 -41.98 -5.50 17.76
N TYR D 5009 -41.00 -5.45 18.67
CA TYR D 5009 -40.12 -4.30 18.75
C TYR D 5009 -39.35 -4.10 17.45
N VAL D 5010 -38.76 -5.19 16.95
CA VAL D 5010 -37.98 -5.10 15.71
C VAL D 5010 -38.88 -4.78 14.52
N TRP D 5011 -40.10 -5.34 14.50
CA TRP D 5011 -41.03 -5.05 13.41
C TRP D 5011 -41.45 -3.59 13.42
N LYS D 5012 -41.71 -3.04 14.60
CA LYS D 5012 -42.06 -1.62 14.70
C LYS D 5012 -40.90 -0.75 14.25
N MET D 5013 -39.68 -1.09 14.67
CA MET D 5013 -38.52 -0.33 14.23
C MET D 5013 -38.36 -0.40 12.72
N TYR D 5014 -38.57 -1.57 12.13
CA TYR D 5014 -38.45 -1.72 10.68
C TYR D 5014 -39.51 -0.91 9.95
N GLN D 5015 -40.75 -0.94 10.44
CA GLN D 5015 -41.80 -0.15 9.83
C GLN D 5015 -41.54 1.34 9.95
N GLU D 5016 -40.93 1.78 11.05
CA GLU D 5016 -40.54 3.17 11.21
C GLU D 5016 -39.21 3.49 10.55
N ARG D 5017 -38.53 2.48 9.99
CA ARG D 5017 -37.25 2.65 9.31
C ARG D 5017 -36.22 3.31 10.22
N CYS D 5018 -36.08 2.78 11.43
CA CYS D 5018 -35.06 3.20 12.38
C CYS D 5018 -34.15 2.02 12.65
N TRP D 5019 -32.87 2.17 12.36
CA TRP D 5019 -31.90 1.07 12.46
C TRP D 5019 -31.08 1.15 13.74
N ASP D 5020 -31.70 1.59 14.84
CA ASP D 5020 -30.99 1.64 16.10
C ASP D 5020 -30.82 0.25 16.70
N PHE D 5021 -31.70 -0.69 16.35
CA PHE D 5021 -31.62 -2.02 16.94
C PHE D 5021 -30.40 -2.80 16.48
N PHE D 5022 -29.81 -2.43 15.35
CA PHE D 5022 -28.57 -3.07 14.92
C PHE D 5022 -27.44 -2.70 15.87
N PRO D 5023 -26.70 -3.68 16.40
CA PRO D 5023 -25.61 -3.35 17.34
C PRO D 5023 -24.48 -2.61 16.64
N ALA D 5024 -24.11 -1.46 17.18
CA ALA D 5024 -23.03 -0.64 16.64
C ALA D 5024 -22.01 -0.38 17.73
N GLY D 5025 -20.79 -0.88 17.53
CA GLY D 5025 -19.75 -0.70 18.51
C GLY D 5025 -19.98 -1.41 19.83
N ASP D 5026 -20.86 -2.42 19.84
CA ASP D 5026 -21.14 -3.17 21.05
C ASP D 5026 -21.58 -4.57 20.67
N CYS D 5027 -21.46 -5.49 21.63
CA CYS D 5027 -21.82 -6.89 21.40
C CYS D 5027 -22.08 -7.53 22.75
N PHE D 5028 -22.55 -8.79 22.69
CA PHE D 5028 -22.88 -9.51 23.90
C PHE D 5028 -21.63 -9.73 24.77
N ARG D 5029 -20.50 -10.05 24.14
CA ARG D 5029 -19.27 -10.26 24.90
C ARG D 5029 -18.80 -8.97 25.56
N LYS D 5030 -18.78 -7.87 24.81
CA LYS D 5030 -18.42 -6.58 25.40
C LYS D 5030 -19.38 -6.21 26.52
N GLN D 5031 -20.65 -6.59 26.42
CA GLN D 5031 -21.62 -6.20 27.43
C GLN D 5031 -21.48 -7.02 28.70
N TYR D 5032 -21.20 -8.32 28.58
CA TYR D 5032 -21.28 -9.21 29.73
C TYR D 5032 -19.97 -9.95 29.99
N GLU D 5033 -18.83 -9.35 29.60
CA GLU D 5033 -17.54 -9.98 29.89
C GLU D 5033 -17.32 -10.15 31.39
N ASP D 5034 -17.95 -9.32 32.21
CA ASP D 5034 -17.78 -9.41 33.65
C ASP D 5034 -18.25 -10.77 34.18
N GLN D 5035 -19.37 -11.26 33.66
CA GLN D 5035 -19.86 -12.57 34.05
C GLN D 5035 -19.31 -13.69 33.19
N LEU D 5036 -18.94 -13.40 31.93
CA LEU D 5036 -18.43 -14.44 31.06
C LEU D 5036 -17.01 -14.85 31.42
N SER D 5037 -16.21 -13.91 31.94
CA SER D 5037 -14.83 -14.20 32.31
C SER D 5037 -14.75 -15.12 33.52
#